data_6ADJ
#
_entry.id   6ADJ
#
_cell.length_a   98.836
_cell.length_b   138.665
_cell.length_c   222.463
_cell.angle_alpha   90.00
_cell.angle_beta   90.00
_cell.angle_gamma   90.00
#
_symmetry.space_group_name_H-M   'P 21 21 21'
#
loop_
_entity.id
_entity.type
_entity.pdbx_description
1 polymer 'Xanthine dehydrogenase/oxidase'
2 non-polymer 'FE2/S2 (INORGANIC) CLUSTER'
3 non-polymer 'CALCIUM ION'
4 non-polymer 'FLAVIN-ADENINE DINUCLEOTIDE'
5 water water
#
_entity_poly.entity_id   1
_entity_poly.type   'polypeptide(L)'
_entity_poly.pdbx_seq_one_letter_code
;MTADELVFFVNGKKVVEKNADPETTLLVYLRRKLGLCGTKLGCGEGGCGACTVMISKYDRLQNKIVHFSVNACLAPICSL
HHVAVTTVEGIGNTQKLHPVQERIARSHGSQCGFCTPGIVMSMYTLLRNQPEPTVEEIENAFQGNLCRCTGYRPILQGFR
TFAKDGGCCGGSGNNPNCCMNQTKDQTVSLSPSLFNPEDFKPLDPTQEPIFPPELLRLKDTPQKKLRFEGERVTWIQAST
MEELLDLKAQHPDAKLVVGNTEIGIEMKFKNMLFPLIVCPAWIPELNSVVHGPEGISFGASCPLSLVESVLAEEIAKLPE
QKTEVFRGVMEQLRWFAGKQVKSVASIGGNIITASPISDLNPVFMASGAKLTLVSRGTRRTVRMDHTFFPGYRKTLLRPE
EILLSIEIPYSKEGEFFSAFKQASRREEDIAKVTSGMRVLFKPGTIEVQELSLCFGGMADRTISALKTTPKQLSKSWNEE
LLQSVCAGLAEELQLAPDAPGGMVEFRRTLTLSFFFKFYLTVLQKLGRADLEDMCGKLDPTFASATLLFQKDPPANVQLF
QEVPKDQSEEDMVGRPLPHLAANMQASGEAVYCDDIPRYENELSLRLVTSTRAHAKITSIDTSEAKKVPGFVCFLTAEDV
PNSNATGLFNDETVFAKDEVTCVGHIIGAVVADTPEHAQRAARGVKITYEDLPAIITIQDAINNNSFYGSEIKIEKGDLK
KGFSEADNVVSGELYIGGQEHFYLETNCTIAVPKGEAGEMELFVSTQNTMKTQSFVAKMLGVPDNRIVVRVKRMGGGFGG
KETRSTVVSTALALAAHKTGRPVRCMLDRDEDMLITGGRHPFLAKYKVGFMKTGTVVALEVAHFSNGGNTEDLSRSIMER
ALFHMDNAYKIPNIRGTGRICKTNLPSNTAFRGFGGPQGMLIAEYWMSEVAITCGLPAEEVRRKNMYKEGDLTHFNQKLE
GFTLPRCWDECIASSQYLARKREVEKFNRENCWKKRGLCIIPTKFGISFTLPFLNQGGALVHVYTDGSVLLTHGGTEMGQ
GLHTKMVQVASRALKIPTSKIHISETSTNTVPNTSPTAASASADLNGQGVYEACQTILKRLEPFKKKKPTGPWEAWVMDA
YTSAVSLSATGFYKTPNLGYSFETNSGNPFHYFSYGVACSEVEIDCLTGDHKNLRTDIVMDVGSSLNPAIDIGQVEGAFV
QGLGLFTMEELHYSPEGSLHTRGPSTYKIPAFGSIPIEFRVSLLRDCPNKRAIYASKAVGEPPLFLASSIFFAIKDAIRA
ARAQHGDNAKQLFQLDSPATPEKIRNACVDQFTTLCVTGVPENCKSWSVRI
;
_entity_poly.pdbx_strand_id   A,B
#
loop_
_chem_comp.id
_chem_comp.type
_chem_comp.name
_chem_comp.formula
CA non-polymer 'CALCIUM ION' 'Ca 2'
FAD non-polymer 'FLAVIN-ADENINE DINUCLEOTIDE' 'C27 H33 N9 O15 P2'
FES non-polymer 'FE2/S2 (INORGANIC) CLUSTER' 'Fe2 S2'
#
# COMPACT_ATOMS: atom_id res chain seq x y z
N ALA A 3 -37.83 16.87 -5.04
CA ALA A 3 -36.41 17.31 -4.83
C ALA A 3 -35.48 16.29 -5.47
N ASP A 4 -34.29 16.13 -4.84
CA ASP A 4 -33.09 15.69 -5.49
C ASP A 4 -31.98 15.24 -4.50
N GLU A 5 -32.10 15.47 -3.18
CA GLU A 5 -31.26 14.68 -2.24
C GLU A 5 -31.80 13.24 -2.16
N LEU A 6 -30.92 12.23 -2.23
CA LEU A 6 -31.24 10.81 -1.93
C LEU A 6 -30.78 10.53 -0.50
N VAL A 7 -31.70 9.99 0.30
CA VAL A 7 -31.46 9.82 1.72
C VAL A 7 -31.84 8.40 2.13
N PHE A 8 -30.85 7.66 2.64
CA PHE A 8 -31.07 6.31 3.15
C PHE A 8 -30.05 6.01 4.25
N PHE A 9 -30.18 4.81 4.84
CA PHE A 9 -29.38 4.38 5.97
C PHE A 9 -28.60 3.11 5.63
N VAL A 10 -27.35 3.05 6.10
CA VAL A 10 -26.48 1.90 5.92
C VAL A 10 -25.91 1.54 7.30
N ASN A 11 -26.29 0.37 7.80
CA ASN A 11 -25.85 -0.14 9.10
C ASN A 11 -26.14 0.91 10.17
N GLY A 12 -27.29 1.55 10.04
CA GLY A 12 -27.80 2.48 11.09
C GLY A 12 -27.32 3.91 10.89
N LYS A 13 -26.38 4.14 9.97
CA LYS A 13 -25.82 5.47 9.75
C LYS A 13 -26.50 6.12 8.54
N LYS A 14 -26.83 7.40 8.70
CA LYS A 14 -27.50 8.13 7.69
C LYS A 14 -26.56 8.44 6.54
N VAL A 15 -27.04 8.23 5.31
CA VAL A 15 -26.37 8.63 4.08
C VAL A 15 -27.22 9.67 3.34
N VAL A 16 -26.60 10.82 3.06
CA VAL A 16 -27.20 11.88 2.27
C VAL A 16 -26.37 12.04 0.99
N GLU A 17 -26.93 11.61 -0.14
CA GLU A 17 -26.25 11.71 -1.41
C GLU A 17 -26.87 12.88 -2.20
N LYS A 18 -26.09 13.95 -2.40
CA LYS A 18 -26.63 15.21 -3.01
C LYS A 18 -26.64 15.11 -4.54
N ASN A 19 -25.85 14.21 -5.13
CA ASN A 19 -25.80 14.07 -6.58
C ASN A 19 -25.83 12.60 -6.99
N ALA A 20 -26.93 11.90 -6.67
CA ALA A 20 -27.03 10.50 -7.00
C ALA A 20 -27.11 10.32 -8.52
N ASP A 21 -26.27 9.43 -9.04
CA ASP A 21 -26.27 8.99 -10.41
C ASP A 21 -27.15 7.74 -10.54
N PRO A 22 -28.20 7.76 -11.36
CA PRO A 22 -29.08 6.61 -11.50
C PRO A 22 -28.39 5.33 -11.98
N GLU A 23 -27.20 5.47 -12.54
CA GLU A 23 -26.44 4.30 -12.97
C GLU A 23 -25.68 3.68 -11.80
N THR A 24 -25.64 4.33 -10.63
CA THR A 24 -24.88 3.80 -9.47
C THR A 24 -25.67 2.67 -8.79
N THR A 25 -25.07 1.49 -8.76
CA THR A 25 -25.63 0.37 -7.99
C THR A 25 -25.29 0.51 -6.49
N LEU A 26 -26.09 -0.13 -5.63
CA LEU A 26 -25.82 -0.22 -4.21
C LEU A 26 -24.46 -0.87 -3.95
N LEU A 27 -24.14 -1.93 -4.69
CA LEU A 27 -22.89 -2.66 -4.51
C LEU A 27 -21.71 -1.70 -4.69
N VAL A 28 -21.70 -0.97 -5.82
CA VAL A 28 -20.61 0.02 -6.05
C VAL A 28 -20.65 1.12 -4.98
N TYR A 29 -21.83 1.58 -4.52
CA TYR A 29 -21.86 2.64 -3.49
C TYR A 29 -21.27 2.16 -2.16
N LEU A 30 -21.71 0.96 -1.73
CA LEU A 30 -21.17 0.37 -0.50
C LEU A 30 -19.64 0.23 -0.59
N ARG A 31 -19.13 -0.34 -1.68
CA ARG A 31 -17.72 -0.72 -1.73
C ARG A 31 -16.83 0.50 -1.97
N ARG A 32 -17.17 1.31 -2.96
CA ARG A 32 -16.29 2.39 -3.44
C ARG A 32 -16.62 3.70 -2.72
N LYS A 33 -17.88 3.98 -2.38
CA LYS A 33 -18.16 5.24 -1.70
C LYS A 33 -18.06 5.11 -0.18
N LEU A 34 -18.60 4.04 0.44
CA LEU A 34 -18.60 3.93 1.89
C LEU A 34 -17.44 3.05 2.35
N GLY A 35 -16.76 2.38 1.43
CA GLY A 35 -15.61 1.55 1.83
C GLY A 35 -15.98 0.25 2.56
N LEU A 36 -17.23 -0.17 2.48
CA LEU A 36 -17.71 -1.40 3.15
C LEU A 36 -17.57 -2.58 2.18
N CYS A 37 -16.46 -3.30 2.25
CA CYS A 37 -16.15 -4.26 1.20
C CYS A 37 -16.54 -5.71 1.57
N GLY A 38 -17.33 -5.92 2.63
CA GLY A 38 -17.82 -7.27 3.00
C GLY A 38 -18.67 -7.88 1.91
N THR A 39 -19.50 -7.01 1.30
CA THR A 39 -20.38 -7.33 0.16
C THR A 39 -19.53 -7.43 -1.11
N LYS A 40 -19.64 -8.55 -1.84
CA LYS A 40 -18.72 -8.91 -2.92
C LYS A 40 -19.43 -8.84 -4.29
N LEU A 41 -18.63 -8.61 -5.34
CA LEU A 41 -18.99 -8.86 -6.72
C LEU A 41 -18.55 -10.26 -7.10
N GLY A 42 -19.53 -11.11 -7.43
CA GLY A 42 -19.27 -12.47 -7.97
C GLY A 42 -19.71 -12.61 -9.43
N CYS A 43 -20.67 -11.80 -9.88
CA CYS A 43 -21.24 -12.03 -11.25
C CYS A 43 -21.89 -10.78 -11.87
N GLY A 44 -22.45 -9.86 -11.08
CA GLY A 44 -23.15 -8.65 -11.61
C GLY A 44 -24.47 -8.96 -12.35
N GLU A 45 -25.01 -10.15 -12.16
CA GLU A 45 -26.11 -10.69 -12.94
C GLU A 45 -27.28 -11.19 -12.07
N GLY A 46 -27.15 -11.16 -10.74
CA GLY A 46 -28.18 -11.64 -9.84
C GLY A 46 -28.14 -13.15 -9.60
N GLY A 47 -27.19 -13.88 -10.19
CA GLY A 47 -27.21 -15.35 -10.08
C GLY A 47 -26.43 -15.92 -8.88
N CYS A 48 -25.42 -15.22 -8.32
CA CYS A 48 -24.51 -15.88 -7.36
C CYS A 48 -24.80 -15.50 -5.91
N GLY A 49 -25.41 -14.35 -5.68
CA GLY A 49 -25.79 -13.91 -4.31
C GLY A 49 -24.65 -13.38 -3.45
N ALA A 50 -23.43 -13.27 -3.98
CA ALA A 50 -22.28 -12.78 -3.18
C ALA A 50 -22.46 -11.33 -2.68
N CYS A 51 -23.29 -10.57 -3.37
CA CYS A 51 -23.64 -9.22 -3.10
C CYS A 51 -24.93 -9.08 -2.26
N THR A 52 -25.44 -10.19 -1.70
CA THR A 52 -26.70 -10.13 -0.91
C THR A 52 -26.58 -9.22 0.31
N VAL A 53 -27.55 -8.31 0.46
CA VAL A 53 -27.68 -7.46 1.64
C VAL A 53 -29.14 -7.43 2.06
N MET A 54 -29.42 -6.85 3.22
CA MET A 54 -30.79 -6.78 3.67
C MET A 54 -31.25 -5.33 3.57
N ILE A 55 -32.53 -5.17 3.26
CA ILE A 55 -33.25 -3.92 3.25
C ILE A 55 -34.36 -3.99 4.29
N SER A 56 -34.53 -2.91 5.07
CA SER A 56 -35.65 -2.69 5.95
C SER A 56 -36.34 -1.39 5.52
N LYS A 57 -37.66 -1.34 5.59
CA LYS A 57 -38.42 -0.10 5.39
C LYS A 57 -39.71 -0.13 6.21
N TYR A 58 -40.31 1.04 6.47
CA TYR A 58 -41.68 1.06 6.91
C TYR A 58 -42.57 0.93 5.68
N ASP A 59 -43.32 -0.17 5.58
CA ASP A 59 -44.25 -0.39 4.49
C ASP A 59 -45.55 0.33 4.86
N ARG A 60 -45.96 1.29 4.00
CA ARG A 60 -47.09 2.18 4.25
C ARG A 60 -48.42 1.47 4.02
N LEU A 61 -48.43 0.52 3.06
CA LEU A 61 -49.64 -0.25 2.67
C LEU A 61 -49.94 -1.36 3.70
N GLN A 62 -48.90 -1.96 4.31
CA GLN A 62 -49.12 -3.00 5.36
C GLN A 62 -48.98 -2.41 6.77
N ASN A 63 -48.52 -1.16 6.86
CA ASN A 63 -48.32 -0.40 8.12
C ASN A 63 -47.44 -1.09 9.15
N LYS A 64 -46.22 -1.46 8.74
CA LYS A 64 -45.23 -2.09 9.65
C LYS A 64 -43.82 -2.11 9.01
N ILE A 65 -42.83 -2.38 9.87
CA ILE A 65 -41.44 -2.52 9.43
C ILE A 65 -41.31 -3.89 8.75
N VAL A 66 -40.78 -3.89 7.52
CA VAL A 66 -40.51 -5.11 6.81
C VAL A 66 -39.01 -5.21 6.52
N HIS A 67 -38.55 -6.44 6.26
CA HIS A 67 -37.17 -6.77 5.93
C HIS A 67 -37.16 -7.81 4.83
N PHE A 68 -36.31 -7.62 3.82
CA PHE A 68 -36.13 -8.55 2.72
C PHE A 68 -34.70 -8.44 2.21
N SER A 69 -34.27 -9.47 1.48
CA SER A 69 -32.94 -9.52 0.92
C SER A 69 -32.95 -9.03 -0.52
N VAL A 70 -31.85 -8.41 -0.95
CA VAL A 70 -31.69 -7.98 -2.34
C VAL A 70 -30.27 -8.29 -2.83
N ASN A 71 -30.13 -8.39 -4.16
CA ASN A 71 -28.83 -8.32 -4.79
C ASN A 71 -28.37 -6.86 -4.87
N ALA A 72 -27.35 -6.48 -4.11
CA ALA A 72 -26.81 -5.12 -4.19
C ALA A 72 -26.30 -4.83 -5.62
N CYS A 73 -25.84 -5.84 -6.36
CA CYS A 73 -25.29 -5.62 -7.72
C CYS A 73 -26.35 -5.08 -8.72
N LEU A 74 -27.65 -5.21 -8.40
CA LEU A 74 -28.69 -4.85 -9.31
C LEU A 74 -29.62 -3.79 -8.75
N ALA A 75 -29.45 -3.40 -7.48
CA ALA A 75 -30.25 -2.38 -6.89
C ALA A 75 -29.65 -1.02 -7.20
N PRO A 76 -30.36 -0.16 -7.96
CA PRO A 76 -29.97 1.24 -8.12
C PRO A 76 -30.19 1.98 -6.79
N ILE A 77 -29.20 2.76 -6.37
CA ILE A 77 -29.33 3.49 -5.13
C ILE A 77 -30.52 4.45 -5.23
N CYS A 78 -30.84 4.89 -6.45
CA CYS A 78 -31.94 5.81 -6.65
C CYS A 78 -33.30 5.18 -6.32
N SER A 79 -33.39 3.83 -6.25
CA SER A 79 -34.61 3.14 -5.84
C SER A 79 -34.71 3.04 -4.30
N LEU A 80 -33.69 3.49 -3.57
CA LEU A 80 -33.54 3.14 -2.13
C LEU A 80 -33.79 4.35 -1.21
N HIS A 81 -34.47 5.39 -1.68
CA HIS A 81 -34.80 6.52 -0.78
C HIS A 81 -35.67 6.05 0.39
N HIS A 82 -35.27 6.43 1.61
CA HIS A 82 -35.96 6.18 2.90
C HIS A 82 -36.05 4.69 3.20
N VAL A 83 -34.99 3.96 2.81
CA VAL A 83 -34.81 2.56 3.15
C VAL A 83 -33.59 2.45 4.10
N ALA A 84 -33.47 1.32 4.80
CA ALA A 84 -32.34 1.04 5.70
C ALA A 84 -31.66 -0.23 5.22
N VAL A 85 -30.39 -0.10 4.84
CA VAL A 85 -29.59 -1.22 4.37
C VAL A 85 -28.79 -1.83 5.53
N THR A 86 -28.81 -3.14 5.59
CA THR A 86 -27.90 -3.87 6.50
C THR A 86 -26.99 -4.76 5.67
N THR A 87 -25.68 -4.59 5.87
CA THR A 87 -24.63 -5.45 5.27
C THR A 87 -24.07 -6.40 6.34
N VAL A 88 -23.20 -7.32 5.93
CA VAL A 88 -22.50 -8.25 6.82
C VAL A 88 -21.82 -7.49 7.96
N GLU A 89 -21.26 -6.29 7.69
CA GLU A 89 -20.62 -5.47 8.74
C GLU A 89 -21.65 -4.99 9.78
N GLY A 90 -22.92 -4.93 9.39
CA GLY A 90 -23.94 -4.34 10.20
C GLY A 90 -24.42 -5.29 11.30
N ILE A 91 -24.17 -6.58 11.18
CA ILE A 91 -24.77 -7.56 12.07
C ILE A 91 -23.77 -8.04 13.15
N GLY A 92 -22.47 -7.83 12.94
CA GLY A 92 -21.43 -8.28 13.84
C GLY A 92 -20.05 -8.26 13.19
N ASN A 93 -19.03 -8.64 13.96
CA ASN A 93 -17.65 -8.56 13.54
C ASN A 93 -16.90 -9.54 14.44
N THR A 94 -15.60 -9.71 14.22
CA THR A 94 -14.89 -10.75 14.99
C THR A 94 -14.83 -10.40 16.49
N GLN A 95 -15.03 -9.15 16.89
CA GLN A 95 -15.09 -8.81 18.31
C GLN A 95 -16.43 -9.28 18.91
N LYS A 96 -17.48 -9.35 18.08
CA LYS A 96 -18.79 -9.88 18.53
C LYS A 96 -19.56 -10.39 17.33
N LEU A 97 -19.40 -11.68 17.04
CA LEU A 97 -19.99 -12.30 15.89
C LEU A 97 -21.48 -12.49 16.14
N HIS A 98 -22.27 -12.26 15.09
CA HIS A 98 -23.67 -12.67 15.13
C HIS A 98 -23.72 -14.18 15.12
N PRO A 99 -24.71 -14.81 15.80
CA PRO A 99 -24.86 -16.25 15.76
C PRO A 99 -24.75 -16.81 14.33
N VAL A 100 -25.29 -16.10 13.33
CA VAL A 100 -25.24 -16.64 11.92
C VAL A 100 -23.76 -16.76 11.49
N GLN A 101 -22.97 -15.74 11.79
CA GLN A 101 -21.56 -15.70 11.43
C GLN A 101 -20.78 -16.79 12.16
N GLU A 102 -20.98 -16.85 13.49
CA GLU A 102 -20.36 -17.84 14.33
C GLU A 102 -20.58 -19.27 13.82
N ARG A 103 -21.82 -19.61 13.49
CA ARG A 103 -22.19 -21.00 13.17
C ARG A 103 -21.66 -21.43 11.81
N ILE A 104 -21.65 -20.53 10.82
CA ILE A 104 -21.14 -20.90 9.49
C ILE A 104 -19.62 -21.08 9.57
N ALA A 105 -18.97 -20.25 10.37
CA ALA A 105 -17.51 -20.35 10.58
C ALA A 105 -17.17 -21.68 11.28
N ARG A 106 -17.78 -21.89 12.44
CA ARG A 106 -17.42 -23.03 13.31
C ARG A 106 -17.84 -24.38 12.71
N SER A 107 -18.81 -24.39 11.79
CA SER A 107 -19.26 -25.62 11.19
C SER A 107 -18.45 -25.96 9.93
N HIS A 108 -17.38 -25.24 9.63
CA HIS A 108 -16.54 -25.47 8.45
C HIS A 108 -17.32 -25.16 7.18
N GLY A 109 -18.19 -24.15 7.28
CA GLY A 109 -19.06 -23.71 6.19
C GLY A 109 -18.42 -22.65 5.30
N SER A 110 -17.22 -22.17 5.66
CA SER A 110 -16.48 -21.18 4.89
C SER A 110 -15.11 -21.74 4.49
N GLN A 111 -14.81 -21.81 3.19
CA GLN A 111 -13.50 -22.29 2.73
C GLN A 111 -12.74 -21.06 2.18
N CYS A 112 -12.97 -20.69 0.92
CA CYS A 112 -12.30 -19.51 0.34
C CYS A 112 -12.87 -18.24 0.97
N GLY A 113 -14.15 -18.31 1.37
CA GLY A 113 -14.81 -17.28 2.17
C GLY A 113 -15.55 -16.24 1.33
N PHE A 114 -15.50 -16.33 -0.01
CA PHE A 114 -15.94 -15.18 -0.84
C PHE A 114 -17.47 -15.14 -0.90
N CYS A 115 -18.12 -16.31 -0.83
CA CYS A 115 -19.57 -16.41 -0.78
C CYS A 115 -20.16 -16.20 0.63
N THR A 116 -19.30 -16.21 1.66
CA THR A 116 -19.78 -16.34 3.03
C THR A 116 -20.62 -15.13 3.44
N PRO A 117 -20.22 -13.88 3.17
CA PRO A 117 -21.06 -12.74 3.54
C PRO A 117 -22.48 -12.80 2.96
N GLY A 118 -22.58 -13.23 1.70
CA GLY A 118 -23.84 -13.26 1.00
C GLY A 118 -24.75 -14.34 1.58
N ILE A 119 -24.15 -15.48 1.91
CA ILE A 119 -24.89 -16.57 2.54
C ILE A 119 -25.30 -16.15 3.94
N VAL A 120 -24.39 -15.52 4.70
CA VAL A 120 -24.70 -14.97 6.02
C VAL A 120 -25.90 -14.04 5.92
N MET A 121 -25.95 -13.19 4.90
CA MET A 121 -27.01 -12.23 4.83
C MET A 121 -28.34 -12.90 4.41
N SER A 122 -28.33 -13.91 3.55
CA SER A 122 -29.53 -14.66 3.27
C SER A 122 -30.11 -15.31 4.54
N MET A 123 -29.25 -15.97 5.34
CA MET A 123 -29.68 -16.66 6.57
C MET A 123 -30.15 -15.62 7.60
N TYR A 124 -29.44 -14.49 7.68
CA TYR A 124 -29.76 -13.45 8.63
C TYR A 124 -31.16 -12.87 8.34
N THR A 125 -31.44 -12.61 7.07
CA THR A 125 -32.70 -12.04 6.65
C THR A 125 -33.85 -13.02 6.99
N LEU A 126 -33.69 -14.30 6.69
CA LEU A 126 -34.67 -15.33 7.00
C LEU A 126 -34.97 -15.26 8.50
N LEU A 127 -33.94 -15.14 9.36
CA LEU A 127 -34.18 -15.12 10.79
C LEU A 127 -34.89 -13.85 11.23
N ARG A 128 -34.67 -12.71 10.55
CA ARG A 128 -35.36 -11.48 10.91
C ARG A 128 -36.87 -11.60 10.57
N ASN A 129 -37.24 -12.46 9.61
CA ASN A 129 -38.62 -12.68 9.15
C ASN A 129 -39.26 -13.87 9.87
N GLN A 130 -38.45 -14.87 10.26
CA GLN A 130 -38.96 -16.11 10.84
C GLN A 130 -37.91 -16.63 11.81
N PRO A 131 -37.99 -16.26 13.11
CA PRO A 131 -36.94 -16.62 14.07
C PRO A 131 -36.84 -18.14 14.33
N GLU A 132 -37.83 -18.91 13.91
CA GLU A 132 -37.84 -20.35 14.04
C GLU A 132 -38.16 -21.00 12.71
N PRO A 133 -37.26 -20.96 11.72
CA PRO A 133 -37.57 -21.56 10.41
C PRO A 133 -37.59 -23.09 10.46
N THR A 134 -38.14 -23.70 9.42
CA THR A 134 -37.98 -25.12 9.15
C THR A 134 -36.67 -25.35 8.38
N VAL A 135 -36.24 -26.60 8.36
CA VAL A 135 -35.12 -27.07 7.53
C VAL A 135 -35.35 -26.61 6.08
N GLU A 136 -36.58 -26.83 5.62
CA GLU A 136 -36.99 -26.56 4.26
C GLU A 136 -36.84 -25.06 3.99
N GLU A 137 -37.34 -24.23 4.91
CA GLU A 137 -37.23 -22.77 4.77
C GLU A 137 -35.74 -22.36 4.70
N ILE A 138 -34.87 -23.04 5.45
CA ILE A 138 -33.42 -22.73 5.47
C ILE A 138 -32.80 -23.04 4.10
N GLU A 139 -33.10 -24.19 3.51
CA GLU A 139 -32.54 -24.48 2.18
C GLU A 139 -33.05 -23.48 1.14
N ASN A 140 -34.34 -23.13 1.23
CA ASN A 140 -34.99 -22.23 0.27
C ASN A 140 -34.38 -20.82 0.33
N ALA A 141 -33.77 -20.48 1.48
CA ALA A 141 -33.22 -19.14 1.62
C ALA A 141 -32.00 -18.97 0.70
N PHE A 142 -31.42 -20.07 0.19
CA PHE A 142 -30.13 -19.99 -0.56
C PHE A 142 -30.26 -20.38 -2.04
N GLN A 143 -31.48 -20.38 -2.61
CA GLN A 143 -31.64 -20.63 -4.04
C GLN A 143 -30.81 -19.60 -4.85
N GLY A 144 -30.61 -18.42 -4.27
CA GLY A 144 -29.88 -17.35 -4.95
C GLY A 144 -28.41 -17.25 -4.56
N ASN A 145 -27.87 -18.24 -3.83
CA ASN A 145 -26.46 -18.17 -3.38
C ASN A 145 -25.69 -19.39 -3.88
N LEU A 146 -24.52 -19.13 -4.47
CA LEU A 146 -23.65 -20.14 -4.98
C LEU A 146 -22.38 -20.20 -4.14
N CYS A 147 -21.90 -21.42 -3.93
CA CYS A 147 -20.60 -21.66 -3.31
C CYS A 147 -19.88 -22.72 -4.14
N ARG A 148 -18.61 -22.46 -4.49
CA ARG A 148 -17.85 -23.34 -5.36
C ARG A 148 -16.96 -24.29 -4.56
N CYS A 149 -16.80 -24.05 -3.26
CA CYS A 149 -15.80 -24.78 -2.50
C CYS A 149 -16.39 -25.87 -1.57
N THR A 150 -17.49 -25.56 -0.86
CA THR A 150 -17.85 -26.30 0.30
C THR A 150 -18.64 -27.55 -0.07
N GLY A 151 -19.29 -27.57 -1.22
CA GLY A 151 -20.23 -28.66 -1.49
C GLY A 151 -21.50 -28.54 -0.66
N TYR A 152 -21.70 -27.36 -0.04
CA TYR A 152 -22.94 -26.89 0.60
C TYR A 152 -23.33 -27.62 1.90
N ARG A 153 -23.00 -28.91 2.02
CA ARG A 153 -23.39 -29.74 3.19
C ARG A 153 -23.11 -29.00 4.51
N PRO A 154 -21.88 -28.53 4.80
CA PRO A 154 -21.60 -27.93 6.12
C PRO A 154 -22.40 -26.65 6.41
N ILE A 155 -22.72 -25.88 5.36
CA ILE A 155 -23.49 -24.65 5.57
C ILE A 155 -24.87 -25.05 6.14
N LEU A 156 -25.56 -25.97 5.48
CA LEU A 156 -26.91 -26.38 5.89
C LEU A 156 -26.84 -27.07 7.28
N GLN A 157 -25.79 -27.86 7.51
CA GLN A 157 -25.66 -28.57 8.75
C GLN A 157 -25.48 -27.61 9.92
N GLY A 158 -24.59 -26.60 9.78
CA GLY A 158 -24.45 -25.58 10.81
C GLY A 158 -25.74 -24.78 11.05
N PHE A 159 -26.44 -24.42 9.97
CA PHE A 159 -27.65 -23.59 10.08
C PHE A 159 -28.89 -24.39 10.54
N ARG A 160 -28.89 -25.73 10.36
CA ARG A 160 -30.01 -26.63 10.81
C ARG A 160 -30.26 -26.40 12.32
N THR A 161 -29.23 -25.97 13.05
CA THR A 161 -29.32 -25.70 14.48
C THR A 161 -30.29 -24.56 14.76
N PHE A 162 -30.59 -23.69 13.78
CA PHE A 162 -31.65 -22.67 13.95
C PHE A 162 -33.06 -23.29 13.72
N ALA A 163 -33.18 -24.50 13.17
CA ALA A 163 -34.49 -25.04 12.73
C ALA A 163 -35.35 -25.54 13.89
N LYS A 164 -36.69 -25.34 13.80
CA LYS A 164 -37.72 -26.07 14.63
C LYS A 164 -37.53 -25.76 16.11
N PRO A 192 -16.07 -39.23 16.73
CA PRO A 192 -15.82 -37.83 17.13
C PRO A 192 -16.51 -36.84 16.17
N SER A 193 -16.63 -35.58 16.61
CA SER A 193 -17.47 -34.57 15.95
C SER A 193 -16.63 -33.51 15.23
N LEU A 194 -17.11 -32.99 14.09
CA LEU A 194 -16.41 -31.90 13.36
C LEU A 194 -16.58 -30.54 14.07
N PHE A 195 -17.71 -30.36 14.74
CA PHE A 195 -17.96 -29.14 15.49
C PHE A 195 -18.95 -29.48 16.61
N ASN A 196 -19.12 -28.57 17.57
CA ASN A 196 -20.00 -28.78 18.73
C ASN A 196 -21.11 -27.72 18.74
N PRO A 197 -22.33 -28.03 18.24
CA PRO A 197 -23.43 -27.06 18.25
C PRO A 197 -23.81 -26.54 19.65
N GLU A 198 -23.53 -27.34 20.67
CA GLU A 198 -23.76 -26.99 22.08
C GLU A 198 -22.95 -25.76 22.50
N ASP A 199 -21.83 -25.42 21.85
CA ASP A 199 -21.02 -24.28 22.27
C ASP A 199 -21.46 -22.99 21.55
N PHE A 200 -22.43 -23.09 20.65
CA PHE A 200 -22.93 -21.96 19.86
C PHE A 200 -23.74 -21.05 20.78
N LYS A 201 -23.45 -19.76 20.72
CA LYS A 201 -24.17 -18.81 21.53
C LYS A 201 -25.59 -18.68 20.99
N PRO A 202 -26.55 -18.45 21.92
CA PRO A 202 -27.97 -18.36 21.58
C PRO A 202 -28.29 -17.02 20.93
N LEU A 203 -29.36 -17.03 20.15
CA LEU A 203 -29.90 -15.87 19.48
C LEU A 203 -30.78 -15.05 20.44
N ASP A 204 -30.47 -13.76 20.60
CA ASP A 204 -31.32 -12.77 21.28
C ASP A 204 -31.80 -11.73 20.26
N PRO A 205 -33.01 -11.89 19.70
CA PRO A 205 -33.55 -10.92 18.72
C PRO A 205 -33.67 -9.46 19.16
N THR A 206 -33.72 -9.21 20.48
CA THR A 206 -33.81 -7.84 20.96
C THR A 206 -32.49 -7.10 20.76
N GLN A 207 -31.41 -7.82 20.44
CA GLN A 207 -30.12 -7.16 20.30
C GLN A 207 -29.85 -6.82 18.82
N GLU A 208 -30.80 -7.07 17.91
CA GLU A 208 -30.60 -6.70 16.49
C GLU A 208 -30.66 -5.18 16.34
N PRO A 209 -30.11 -4.58 15.25
CA PRO A 209 -30.10 -3.14 15.12
C PRO A 209 -31.53 -2.55 15.00
N ILE A 210 -31.76 -1.49 15.77
CA ILE A 210 -32.96 -0.66 15.74
C ILE A 210 -33.26 -0.24 14.30
N PHE A 211 -34.55 -0.13 13.99
CA PHE A 211 -34.97 0.45 12.75
C PHE A 211 -34.76 1.95 12.87
N PRO A 212 -33.96 2.63 12.00
CA PRO A 212 -33.58 4.04 12.20
C PRO A 212 -34.78 4.92 12.53
N PRO A 213 -34.82 5.53 13.74
CA PRO A 213 -36.02 6.22 14.20
C PRO A 213 -36.44 7.36 13.26
N GLU A 214 -35.47 7.99 12.60
CA GLU A 214 -35.76 9.05 11.66
C GLU A 214 -36.72 8.54 10.58
N LEU A 215 -36.53 7.29 10.11
CA LEU A 215 -37.35 6.77 9.04
C LEU A 215 -38.80 6.55 9.50
N LEU A 216 -38.99 6.27 10.79
CA LEU A 216 -40.30 6.08 11.37
C LEU A 216 -41.01 7.42 11.45
N ARG A 217 -40.25 8.50 11.70
CA ARG A 217 -40.83 9.87 11.76
C ARG A 217 -41.32 10.29 10.36
N LEU A 218 -40.61 9.85 9.32
CA LEU A 218 -40.82 10.31 7.95
C LEU A 218 -41.97 9.59 7.24
N LYS A 219 -42.43 8.45 7.78
CA LYS A 219 -43.56 7.73 7.14
C LYS A 219 -44.87 8.48 7.44
N ASP A 220 -44.83 9.50 8.31
CA ASP A 220 -45.97 10.39 8.52
C ASP A 220 -46.06 11.39 7.35
N THR A 221 -44.98 12.16 7.11
CA THR A 221 -44.94 13.11 5.99
C THR A 221 -45.20 12.37 4.67
N PRO A 222 -45.91 12.98 3.68
CA PRO A 222 -46.30 12.25 2.48
C PRO A 222 -45.09 12.21 1.53
N GLN A 223 -45.01 11.18 0.69
CA GLN A 223 -43.88 11.01 -0.21
C GLN A 223 -44.16 11.79 -1.50
N LYS A 224 -43.17 12.59 -1.92
CA LYS A 224 -43.27 13.38 -3.14
C LYS A 224 -42.24 12.90 -4.17
N LYS A 225 -42.49 13.28 -5.43
CA LYS A 225 -41.72 12.86 -6.55
C LYS A 225 -40.27 13.35 -6.42
N LEU A 226 -39.31 12.55 -6.86
CA LEU A 226 -37.90 12.93 -6.85
C LEU A 226 -37.35 12.82 -8.27
N ARG A 227 -36.27 13.56 -8.51
CA ARG A 227 -35.54 13.54 -9.77
C ARG A 227 -34.06 13.48 -9.42
N PHE A 228 -33.35 12.56 -10.06
CA PHE A 228 -31.94 12.39 -9.93
C PHE A 228 -31.38 12.47 -11.34
N GLU A 229 -30.28 13.22 -11.46
CA GLU A 229 -29.63 13.52 -12.73
C GLU A 229 -28.18 13.04 -12.65
N GLY A 230 -27.84 12.07 -13.49
CA GLY A 230 -26.49 11.54 -13.58
C GLY A 230 -25.73 12.05 -14.79
N GLU A 231 -24.61 11.38 -15.07
CA GLU A 231 -23.74 11.68 -16.21
C GLU A 231 -24.53 11.52 -17.53
N ARG A 232 -25.45 10.54 -17.61
CA ARG A 232 -26.18 10.27 -18.83
C ARG A 232 -27.65 9.94 -18.58
N VAL A 233 -28.06 9.68 -17.33
CA VAL A 233 -29.39 9.11 -17.11
C VAL A 233 -30.13 10.00 -16.13
N THR A 234 -31.41 10.26 -16.42
CA THR A 234 -32.30 10.93 -15.52
C THR A 234 -33.29 9.90 -14.99
N TRP A 235 -33.48 9.90 -13.66
CA TRP A 235 -34.36 9.02 -12.92
C TRP A 235 -35.46 9.82 -12.22
N ILE A 236 -36.73 9.47 -12.48
CA ILE A 236 -37.85 10.08 -11.76
C ILE A 236 -38.50 9.01 -10.86
N GLN A 237 -38.52 9.26 -9.56
CA GLN A 237 -39.28 8.42 -8.65
C GLN A 237 -40.69 8.99 -8.53
N ALA A 238 -41.65 8.37 -9.22
CA ALA A 238 -43.02 8.86 -9.25
C ALA A 238 -43.74 8.53 -7.94
N SER A 239 -44.41 9.52 -7.34
CA SER A 239 -45.19 9.34 -6.09
C SER A 239 -46.66 8.97 -6.36
N THR A 240 -47.26 9.38 -7.51
CA THR A 240 -48.70 9.10 -7.80
C THR A 240 -48.89 8.52 -9.21
N MET A 241 -50.01 7.81 -9.38
CA MET A 241 -50.45 7.32 -10.68
C MET A 241 -50.55 8.50 -11.67
N GLU A 242 -51.12 9.63 -11.22
CA GLU A 242 -51.28 10.82 -12.06
C GLU A 242 -49.94 11.26 -12.64
N GLU A 243 -48.90 11.40 -11.79
CA GLU A 243 -47.53 11.82 -12.23
C GLU A 243 -46.96 10.83 -13.25
N LEU A 244 -47.21 9.53 -13.06
CA LEU A 244 -46.62 8.51 -13.92
C LEU A 244 -47.25 8.56 -15.33
N LEU A 245 -48.59 8.63 -15.37
CA LEU A 245 -49.38 8.78 -16.62
C LEU A 245 -49.00 10.09 -17.37
N ASP A 246 -48.97 11.23 -16.64
CA ASP A 246 -48.56 12.54 -17.24
C ASP A 246 -47.22 12.39 -17.98
N LEU A 247 -46.25 11.83 -17.26
CA LEU A 247 -44.88 11.64 -17.75
C LEU A 247 -44.89 10.74 -18.99
N LYS A 248 -45.61 9.62 -18.91
CA LYS A 248 -45.62 8.66 -20.01
C LYS A 248 -46.29 9.25 -21.27
N ALA A 249 -47.35 10.05 -21.06
CA ALA A 249 -48.05 10.80 -22.14
C ALA A 249 -47.09 11.82 -22.78
N GLN A 250 -46.46 12.67 -21.95
CA GLN A 250 -45.51 13.71 -22.39
C GLN A 250 -44.24 13.11 -22.98
N HIS A 251 -43.73 12.01 -22.40
CA HIS A 251 -42.46 11.34 -22.83
C HIS A 251 -42.61 9.82 -22.79
N PRO A 252 -43.18 9.16 -23.82
CA PRO A 252 -43.36 7.71 -23.80
C PRO A 252 -42.05 6.91 -23.89
N ASP A 253 -40.96 7.60 -24.22
CA ASP A 253 -39.59 7.06 -24.24
C ASP A 253 -39.16 6.64 -22.80
N ALA A 254 -39.71 7.32 -21.78
CA ALA A 254 -39.41 7.13 -20.35
C ALA A 254 -39.52 5.66 -19.95
N LYS A 255 -38.40 5.05 -19.55
CA LYS A 255 -38.32 3.62 -19.28
C LYS A 255 -38.76 3.31 -17.83
N LEU A 256 -39.86 2.59 -17.69
CA LEU A 256 -40.30 2.04 -16.40
C LEU A 256 -39.19 1.13 -15.86
N VAL A 257 -38.79 1.40 -14.62
CA VAL A 257 -37.92 0.47 -13.85
C VAL A 257 -38.61 0.23 -12.50
N VAL A 258 -38.81 -1.06 -12.17
CA VAL A 258 -39.35 -1.42 -10.90
C VAL A 258 -38.23 -2.12 -10.10
N GLY A 259 -38.04 -3.43 -10.30
CA GLY A 259 -36.97 -4.17 -9.57
C GLY A 259 -35.61 -4.10 -10.22
N ASN A 260 -35.55 -3.71 -11.50
CA ASN A 260 -34.30 -3.54 -12.25
C ASN A 260 -33.61 -4.89 -12.49
N THR A 261 -34.33 -6.00 -12.33
CA THR A 261 -33.70 -7.31 -12.47
C THR A 261 -33.59 -7.72 -13.95
N GLU A 262 -34.31 -7.01 -14.84
CA GLU A 262 -34.16 -7.16 -16.29
C GLU A 262 -33.39 -5.96 -16.83
N ILE A 263 -33.86 -4.75 -16.51
CA ILE A 263 -33.22 -3.54 -17.03
C ILE A 263 -31.74 -3.49 -16.62
N GLY A 264 -31.41 -3.94 -15.39
CA GLY A 264 -30.00 -3.98 -14.94
C GLY A 264 -29.13 -4.79 -15.88
N ILE A 265 -29.67 -5.91 -16.38
CA ILE A 265 -28.94 -6.83 -17.27
C ILE A 265 -28.78 -6.17 -18.66
N GLU A 266 -29.87 -5.55 -19.15
CA GLU A 266 -29.81 -4.85 -20.43
C GLU A 266 -28.72 -3.77 -20.34
N MET A 267 -28.67 -3.00 -19.25
CA MET A 267 -27.72 -1.84 -19.16
C MET A 267 -26.27 -2.33 -19.02
N LYS A 268 -26.03 -3.30 -18.15
CA LYS A 268 -24.68 -3.74 -17.77
C LYS A 268 -24.03 -4.57 -18.88
N PHE A 269 -24.81 -5.44 -19.55
CA PHE A 269 -24.28 -6.51 -20.42
C PHE A 269 -24.61 -6.31 -21.91
N LYS A 270 -25.75 -5.69 -22.25
CA LYS A 270 -26.14 -5.43 -23.65
C LYS A 270 -25.86 -3.96 -24.03
N ASN A 271 -25.27 -3.19 -23.10
CA ASN A 271 -24.83 -1.77 -23.28
C ASN A 271 -25.99 -0.88 -23.74
N MET A 272 -27.22 -1.19 -23.30
CA MET A 272 -28.40 -0.35 -23.57
C MET A 272 -28.39 0.83 -22.59
N LEU A 273 -28.65 2.01 -23.13
CA LEU A 273 -28.79 3.21 -22.33
C LEU A 273 -30.21 3.74 -22.51
N PHE A 274 -30.94 3.83 -21.41
CA PHE A 274 -32.23 4.51 -21.33
C PHE A 274 -32.02 5.84 -20.59
N PRO A 275 -31.96 6.99 -21.32
CA PRO A 275 -31.56 8.27 -20.72
C PRO A 275 -32.62 8.87 -19.79
N LEU A 276 -33.89 8.45 -19.93
CA LEU A 276 -34.92 8.81 -18.98
C LEU A 276 -35.58 7.55 -18.39
N ILE A 277 -35.53 7.42 -17.05
CA ILE A 277 -36.06 6.25 -16.32
C ILE A 277 -37.16 6.80 -15.41
N VAL A 278 -38.29 6.08 -15.33
CA VAL A 278 -39.24 6.37 -14.25
C VAL A 278 -39.42 5.12 -13.36
N CYS A 279 -39.27 5.28 -12.04
CA CYS A 279 -39.54 4.23 -11.05
C CYS A 279 -40.90 4.44 -10.38
N PRO A 280 -41.89 3.56 -10.65
CA PRO A 280 -43.23 3.72 -10.06
C PRO A 280 -43.54 2.85 -8.83
N ALA A 281 -42.49 2.32 -8.19
CA ALA A 281 -42.60 1.32 -7.15
C ALA A 281 -43.40 1.85 -5.97
N TRP A 282 -43.42 3.18 -5.78
CA TRP A 282 -44.10 3.76 -4.61
C TRP A 282 -45.63 3.83 -4.77
N ILE A 283 -46.14 3.71 -5.99
CA ILE A 283 -47.54 4.06 -6.29
C ILE A 283 -48.47 3.00 -5.73
N PRO A 284 -49.41 3.36 -4.82
CA PRO A 284 -50.30 2.39 -4.17
C PRO A 284 -51.04 1.44 -5.12
N GLU A 285 -51.48 1.99 -6.26
CA GLU A 285 -52.34 1.31 -7.19
C GLU A 285 -51.56 0.19 -7.87
N LEU A 286 -50.24 0.37 -8.01
CA LEU A 286 -49.39 -0.66 -8.63
C LEU A 286 -48.98 -1.76 -7.62
N ASN A 287 -49.43 -1.68 -6.37
CA ASN A 287 -48.95 -2.52 -5.28
C ASN A 287 -50.09 -3.24 -4.57
N SER A 288 -51.33 -3.04 -5.04
CA SER A 288 -52.52 -3.49 -4.34
C SER A 288 -52.82 -4.94 -4.70
N VAL A 289 -53.55 -5.59 -3.80
CA VAL A 289 -54.02 -6.93 -3.97
C VAL A 289 -55.52 -6.91 -3.69
N VAL A 290 -56.36 -7.21 -4.68
CA VAL A 290 -57.82 -7.14 -4.46
C VAL A 290 -58.41 -8.52 -4.81
N HIS A 291 -59.19 -9.05 -3.87
CA HIS A 291 -59.95 -10.29 -4.07
C HIS A 291 -61.29 -9.96 -4.74
N GLY A 292 -61.49 -10.46 -5.96
CA GLY A 292 -62.76 -10.33 -6.69
C GLY A 292 -63.44 -11.70 -6.88
N PRO A 293 -64.61 -11.73 -7.58
CA PRO A 293 -65.30 -13.00 -7.83
C PRO A 293 -64.60 -13.97 -8.79
N GLU A 294 -63.94 -13.44 -9.84
CA GLU A 294 -63.27 -14.27 -10.87
C GLU A 294 -61.83 -14.64 -10.47
N GLY A 295 -61.28 -14.00 -9.42
CA GLY A 295 -59.84 -14.21 -9.09
C GLY A 295 -59.23 -13.09 -8.28
N ILE A 296 -57.88 -13.09 -8.23
CA ILE A 296 -57.11 -12.14 -7.47
C ILE A 296 -56.29 -11.24 -8.40
N SER A 297 -56.46 -9.92 -8.21
CA SER A 297 -55.78 -8.86 -8.97
C SER A 297 -54.54 -8.37 -8.22
N PHE A 298 -53.40 -8.38 -8.92
CA PHE A 298 -52.13 -7.92 -8.38
C PHE A 298 -51.68 -6.68 -9.13
N GLY A 299 -51.56 -5.57 -8.40
CA GLY A 299 -50.84 -4.43 -8.94
C GLY A 299 -49.58 -4.91 -9.63
N ALA A 300 -49.17 -4.21 -10.68
CA ALA A 300 -48.15 -4.76 -11.62
C ALA A 300 -46.75 -4.67 -11.01
N SER A 301 -46.59 -3.85 -9.96
CA SER A 301 -45.28 -3.61 -9.30
C SER A 301 -45.17 -4.51 -8.07
N CYS A 302 -46.21 -5.29 -7.75
CA CYS A 302 -46.14 -6.25 -6.67
C CYS A 302 -44.96 -7.19 -6.92
N PRO A 303 -44.05 -7.38 -5.94
CA PRO A 303 -42.95 -8.32 -6.12
C PRO A 303 -43.45 -9.75 -6.15
N LEU A 304 -42.66 -10.62 -6.78
CA LEU A 304 -43.05 -12.01 -6.90
C LEU A 304 -43.12 -12.66 -5.51
N SER A 305 -42.32 -12.15 -4.56
CA SER A 305 -42.41 -12.66 -3.16
C SER A 305 -43.82 -12.41 -2.57
N LEU A 306 -44.49 -11.32 -2.95
CA LEU A 306 -45.83 -11.01 -2.44
C LEU A 306 -46.86 -11.91 -3.15
N VAL A 307 -46.72 -12.09 -4.45
CA VAL A 307 -47.58 -13.00 -5.19
C VAL A 307 -47.54 -14.38 -4.52
N GLU A 308 -46.31 -14.84 -4.25
CA GLU A 308 -46.09 -16.11 -3.62
C GLU A 308 -46.84 -16.20 -2.30
N SER A 309 -46.69 -15.20 -1.43
CA SER A 309 -47.25 -15.29 -0.11
C SER A 309 -48.79 -15.26 -0.16
N VAL A 310 -49.40 -14.43 -1.01
CA VAL A 310 -50.86 -14.39 -0.95
C VAL A 310 -51.42 -15.63 -1.65
N LEU A 311 -50.78 -16.12 -2.72
CA LEU A 311 -51.29 -17.31 -3.37
C LEU A 311 -51.16 -18.52 -2.44
N ALA A 312 -50.06 -18.61 -1.66
CA ALA A 312 -49.91 -19.72 -0.71
C ALA A 312 -51.01 -19.66 0.37
N GLU A 313 -51.33 -18.45 0.86
CA GLU A 313 -52.44 -18.29 1.81
C GLU A 313 -53.72 -18.86 1.18
N GLU A 314 -53.98 -18.49 -0.08
CA GLU A 314 -55.22 -18.80 -0.76
C GLU A 314 -55.31 -20.29 -1.00
N ILE A 315 -54.23 -20.92 -1.49
CA ILE A 315 -54.34 -22.36 -1.82
C ILE A 315 -54.46 -23.16 -0.51
N ALA A 316 -53.87 -22.66 0.58
CA ALA A 316 -53.99 -23.28 1.92
C ALA A 316 -55.46 -23.34 2.36
N LYS A 317 -56.22 -22.26 2.09
CA LYS A 317 -57.51 -22.06 2.76
C LYS A 317 -58.71 -22.34 1.82
N LEU A 318 -58.53 -22.25 0.49
CA LEU A 318 -59.63 -22.41 -0.45
C LEU A 318 -59.75 -23.86 -0.86
N PRO A 319 -60.91 -24.25 -1.44
CA PRO A 319 -61.06 -25.56 -2.07
C PRO A 319 -60.13 -25.74 -3.28
N GLU A 320 -59.59 -26.95 -3.40
CA GLU A 320 -58.70 -27.39 -4.45
C GLU A 320 -59.29 -27.07 -5.83
N GLN A 321 -60.61 -27.19 -5.97
CA GLN A 321 -61.16 -27.04 -7.31
C GLN A 321 -61.02 -25.59 -7.79
N LYS A 322 -60.92 -24.61 -6.88
CA LYS A 322 -60.78 -23.20 -7.23
C LYS A 322 -59.31 -22.75 -7.42
N THR A 323 -58.31 -23.57 -7.06
CA THR A 323 -56.92 -23.07 -6.96
C THR A 323 -55.96 -23.70 -7.97
N GLU A 324 -56.48 -24.35 -9.02
CA GLU A 324 -55.64 -25.01 -10.01
C GLU A 324 -54.63 -24.03 -10.67
N VAL A 325 -55.05 -22.80 -10.99
CA VAL A 325 -54.19 -21.84 -11.72
C VAL A 325 -53.19 -21.30 -10.70
N PHE A 326 -53.66 -20.97 -9.51
CA PHE A 326 -52.82 -20.50 -8.42
C PHE A 326 -51.64 -21.45 -8.21
N ARG A 327 -51.92 -22.76 -8.03
CA ARG A 327 -50.88 -23.80 -7.84
C ARG A 327 -49.96 -23.91 -9.07
N GLY A 328 -50.48 -23.59 -10.27
CA GLY A 328 -49.63 -23.62 -11.47
C GLY A 328 -48.56 -22.53 -11.41
N VAL A 329 -48.95 -21.36 -10.91
CA VAL A 329 -48.07 -20.18 -10.78
C VAL A 329 -47.04 -20.50 -9.70
N MET A 330 -47.51 -21.05 -8.57
CA MET A 330 -46.62 -21.47 -7.46
C MET A 330 -45.59 -22.48 -7.96
N GLU A 331 -45.99 -23.40 -8.85
CA GLU A 331 -45.06 -24.46 -9.30
C GLU A 331 -43.93 -23.82 -10.10
N GLN A 332 -44.26 -22.80 -10.91
CA GLN A 332 -43.26 -22.05 -11.68
C GLN A 332 -42.37 -21.21 -10.74
N LEU A 333 -42.97 -20.53 -9.76
CA LEU A 333 -42.22 -19.67 -8.83
C LEU A 333 -41.26 -20.42 -7.91
N ARG A 334 -41.47 -21.74 -7.75
CA ARG A 334 -40.58 -22.61 -7.01
C ARG A 334 -39.17 -22.58 -7.58
N TRP A 335 -39.08 -22.57 -8.92
CA TRP A 335 -37.83 -22.80 -9.61
C TRP A 335 -37.33 -21.49 -10.25
N PHE A 336 -37.91 -20.38 -9.77
CA PHE A 336 -37.77 -19.05 -10.29
C PHE A 336 -36.80 -18.25 -9.41
N ALA A 337 -35.52 -18.16 -9.80
CA ALA A 337 -34.49 -17.39 -9.04
C ALA A 337 -34.57 -17.68 -7.54
N GLY A 338 -33.98 -16.80 -6.71
CA GLY A 338 -33.98 -16.93 -5.27
C GLY A 338 -34.64 -15.75 -4.56
N LYS A 339 -34.59 -15.79 -3.22
CA LYS A 339 -35.34 -14.80 -2.40
C LYS A 339 -34.98 -13.37 -2.82
N GLN A 340 -33.69 -13.17 -3.18
CA GLN A 340 -33.10 -11.87 -3.43
C GLN A 340 -33.74 -11.22 -4.65
N VAL A 341 -33.96 -12.03 -5.69
CA VAL A 341 -34.57 -11.56 -6.94
C VAL A 341 -36.08 -11.38 -6.74
N LYS A 342 -36.72 -12.37 -6.13
CA LYS A 342 -38.17 -12.35 -5.99
C LYS A 342 -38.67 -11.25 -5.06
N SER A 343 -37.81 -10.75 -4.19
CA SER A 343 -38.13 -9.64 -3.34
C SER A 343 -38.41 -8.37 -4.12
N VAL A 344 -37.80 -8.20 -5.29
CA VAL A 344 -37.92 -6.89 -5.97
C VAL A 344 -38.41 -7.06 -7.41
N ALA A 345 -38.18 -8.22 -8.03
CA ALA A 345 -38.78 -8.57 -9.36
C ALA A 345 -40.31 -8.53 -9.29
N SER A 346 -40.92 -7.67 -10.10
CA SER A 346 -42.39 -7.52 -10.16
C SER A 346 -43.03 -8.51 -11.16
N ILE A 347 -44.30 -8.87 -10.94
CA ILE A 347 -45.09 -9.67 -11.91
C ILE A 347 -45.15 -8.88 -13.22
N GLY A 348 -45.56 -7.60 -13.13
CA GLY A 348 -45.65 -6.73 -14.28
C GLY A 348 -44.38 -6.75 -15.09
N GLY A 349 -43.23 -6.74 -14.41
CA GLY A 349 -41.92 -6.73 -15.09
C GLY A 349 -41.66 -7.98 -15.90
N ASN A 350 -42.04 -9.13 -15.34
CA ASN A 350 -41.90 -10.39 -16.06
C ASN A 350 -42.80 -10.38 -17.30
N ILE A 351 -44.05 -9.92 -17.14
CA ILE A 351 -45.02 -9.93 -18.23
C ILE A 351 -44.54 -9.03 -19.38
N ILE A 352 -44.18 -7.78 -19.06
CA ILE A 352 -43.81 -6.80 -20.09
C ILE A 352 -42.44 -7.15 -20.67
N THR A 353 -41.55 -7.73 -19.88
CA THR A 353 -40.24 -8.14 -20.43
C THR A 353 -40.47 -8.99 -21.69
N ALA A 354 -41.48 -9.86 -21.65
CA ALA A 354 -41.87 -10.63 -22.83
C ALA A 354 -40.71 -11.50 -23.32
N SER A 355 -39.97 -12.06 -22.37
CA SER A 355 -38.92 -12.97 -22.76
C SER A 355 -39.57 -14.22 -23.35
N PRO A 356 -38.95 -14.82 -24.39
CA PRO A 356 -39.41 -16.11 -24.91
C PRO A 356 -39.46 -17.19 -23.82
N ILE A 357 -38.57 -17.10 -22.82
CA ILE A 357 -38.45 -18.14 -21.76
C ILE A 357 -39.10 -17.68 -20.44
N SER A 358 -39.94 -16.63 -20.44
CA SER A 358 -40.73 -16.32 -19.28
C SER A 358 -41.42 -17.59 -18.80
N ASP A 359 -41.37 -17.86 -17.50
CA ASP A 359 -42.03 -18.99 -16.95
C ASP A 359 -43.47 -18.67 -16.58
N LEU A 360 -43.79 -17.38 -16.46
CA LEU A 360 -45.08 -16.93 -16.02
C LEU A 360 -46.04 -16.65 -17.19
N ASN A 361 -45.53 -16.15 -18.30
CA ASN A 361 -46.39 -15.74 -19.43
C ASN A 361 -47.14 -16.97 -19.97
N PRO A 362 -46.54 -18.17 -20.08
CA PRO A 362 -47.28 -19.34 -20.59
C PRO A 362 -48.45 -19.70 -19.67
N VAL A 363 -48.28 -19.47 -18.36
CA VAL A 363 -49.29 -19.75 -17.40
C VAL A 363 -50.40 -18.69 -17.45
N PHE A 364 -50.02 -17.41 -17.54
CA PHE A 364 -50.98 -16.35 -17.66
C PHE A 364 -51.74 -16.47 -19.00
N MET A 365 -51.04 -16.88 -20.07
CA MET A 365 -51.69 -17.05 -21.37
C MET A 365 -52.65 -18.26 -21.35
N ALA A 366 -52.21 -19.41 -20.83
CA ALA A 366 -53.02 -20.60 -20.80
C ALA A 366 -54.27 -20.38 -19.96
N SER A 367 -54.16 -19.55 -18.92
CA SER A 367 -55.29 -19.28 -18.01
C SER A 367 -56.13 -18.06 -18.42
N GLY A 368 -55.81 -17.40 -19.54
CA GLY A 368 -56.59 -16.21 -19.96
C GLY A 368 -56.61 -15.10 -18.91
N ALA A 369 -55.49 -14.90 -18.21
CA ALA A 369 -55.40 -13.87 -17.17
C ALA A 369 -55.74 -12.50 -17.75
N LYS A 370 -56.50 -11.73 -16.95
CA LYS A 370 -57.03 -10.44 -17.31
C LYS A 370 -56.03 -9.32 -16.90
N LEU A 371 -55.54 -8.59 -17.91
CA LEU A 371 -54.59 -7.45 -17.76
C LEU A 371 -55.31 -6.12 -17.97
N THR A 372 -55.18 -5.21 -17.00
CA THR A 372 -55.68 -3.86 -17.13
C THR A 372 -54.52 -2.92 -17.50
N LEU A 373 -54.65 -2.23 -18.65
CA LEU A 373 -53.72 -1.23 -19.16
C LEU A 373 -54.36 0.17 -19.04
N VAL A 374 -53.53 1.18 -18.75
CA VAL A 374 -53.94 2.58 -18.60
C VAL A 374 -52.88 3.48 -19.26
N SER A 375 -53.37 4.62 -19.76
CA SER A 375 -52.59 5.84 -20.05
C SER A 375 -53.36 7.04 -19.49
N ARG A 376 -52.76 8.24 -19.60
CA ARG A 376 -53.42 9.44 -19.10
C ARG A 376 -54.84 9.48 -19.69
N GLY A 377 -55.85 9.32 -18.82
CA GLY A 377 -57.29 9.37 -19.20
C GLY A 377 -57.76 8.25 -20.13
N THR A 378 -57.09 7.08 -20.16
CA THR A 378 -57.65 5.86 -20.84
C THR A 378 -57.43 4.62 -19.97
N ARG A 379 -58.16 3.56 -20.31
CA ARG A 379 -58.25 2.33 -19.54
C ARG A 379 -58.89 1.24 -20.39
N ARG A 380 -58.18 0.13 -20.58
CA ARG A 380 -58.72 -1.03 -21.25
C ARG A 380 -58.28 -2.32 -20.55
N THR A 381 -59.11 -3.35 -20.69
CA THR A 381 -58.92 -4.67 -20.16
C THR A 381 -58.72 -5.63 -21.35
N VAL A 382 -57.72 -6.53 -21.25
CA VAL A 382 -57.53 -7.62 -22.22
C VAL A 382 -57.24 -8.92 -21.47
N ARG A 383 -57.65 -10.03 -22.07
CA ARG A 383 -57.32 -11.37 -21.64
C ARG A 383 -56.07 -11.77 -22.42
N MET A 384 -54.99 -12.10 -21.72
CA MET A 384 -53.75 -12.56 -22.37
C MET A 384 -54.08 -13.73 -23.30
N ASP A 385 -53.60 -13.62 -24.54
CA ASP A 385 -53.73 -14.63 -25.57
C ASP A 385 -52.61 -14.32 -26.55
N HIS A 386 -52.50 -15.08 -27.65
CA HIS A 386 -51.36 -15.01 -28.58
C HIS A 386 -51.12 -13.58 -29.10
N THR A 387 -52.18 -12.77 -29.16
CA THR A 387 -52.13 -11.39 -29.70
C THR A 387 -51.41 -10.43 -28.72
N PHE A 388 -51.41 -10.77 -27.44
CA PHE A 388 -50.77 -9.93 -26.43
C PHE A 388 -49.26 -9.82 -26.72
N PHE A 389 -48.69 -10.85 -27.34
CA PHE A 389 -47.28 -10.92 -27.62
C PHE A 389 -47.08 -11.03 -29.13
N PRO A 390 -46.99 -9.89 -29.86
CA PRO A 390 -46.99 -9.90 -31.33
C PRO A 390 -45.63 -10.07 -32.02
N GLY A 391 -44.55 -10.21 -31.25
CA GLY A 391 -43.21 -10.17 -31.81
C GLY A 391 -42.16 -10.13 -30.71
N TYR A 392 -40.89 -10.30 -31.11
CA TYR A 392 -39.81 -10.52 -30.21
C TYR A 392 -39.74 -9.36 -29.20
N ARG A 393 -40.07 -9.68 -27.94
CA ARG A 393 -39.91 -8.78 -26.80
C ARG A 393 -40.87 -7.59 -26.91
N LYS A 394 -41.95 -7.78 -27.66
CA LYS A 394 -42.95 -6.75 -27.87
C LYS A 394 -44.24 -7.18 -27.17
N THR A 395 -45.05 -6.20 -26.78
CA THR A 395 -46.42 -6.44 -26.36
C THR A 395 -47.40 -5.48 -27.08
N LEU A 396 -48.69 -5.73 -26.81
CA LEU A 396 -49.91 -4.95 -27.21
C LEU A 396 -49.92 -3.53 -26.66
N LEU A 397 -48.99 -3.17 -25.78
CA LEU A 397 -49.08 -1.89 -25.13
C LEU A 397 -48.70 -0.81 -26.13
N ARG A 398 -49.41 0.32 -26.03
CA ARG A 398 -49.02 1.53 -26.75
C ARG A 398 -47.86 2.18 -25.98
N PRO A 399 -46.95 2.92 -26.67
CA PRO A 399 -45.78 3.50 -26.02
C PRO A 399 -46.07 4.27 -24.72
N GLU A 400 -47.26 4.88 -24.65
CA GLU A 400 -47.65 5.71 -23.56
C GLU A 400 -48.50 4.96 -22.51
N GLU A 401 -48.74 3.65 -22.71
CA GLU A 401 -49.50 2.81 -21.74
C GLU A 401 -48.55 2.12 -20.74
N ILE A 402 -49.03 1.94 -19.50
CA ILE A 402 -48.39 1.04 -18.51
C ILE A 402 -49.38 -0.05 -18.09
N LEU A 403 -48.85 -1.22 -17.71
CA LEU A 403 -49.66 -2.28 -17.12
C LEU A 403 -50.00 -1.91 -15.67
N LEU A 404 -51.30 -1.87 -15.34
CA LEU A 404 -51.76 -1.55 -14.02
C LEU A 404 -51.85 -2.79 -13.12
N SER A 405 -52.44 -3.88 -13.62
CA SER A 405 -52.71 -5.06 -12.79
C SER A 405 -52.96 -6.31 -13.66
N ILE A 406 -52.82 -7.50 -13.02
CA ILE A 406 -53.10 -8.89 -13.53
C ILE A 406 -54.11 -9.48 -12.56
N GLU A 407 -55.19 -10.06 -13.11
CA GLU A 407 -56.04 -10.91 -12.36
C GLU A 407 -55.64 -12.36 -12.65
N ILE A 408 -55.18 -13.06 -11.60
CA ILE A 408 -54.94 -14.50 -11.70
C ILE A 408 -56.26 -15.17 -11.31
N PRO A 409 -56.86 -15.93 -12.23
CA PRO A 409 -58.22 -16.46 -12.06
C PRO A 409 -58.34 -17.70 -11.17
N TYR A 410 -59.49 -17.80 -10.48
CA TYR A 410 -59.93 -19.03 -9.88
C TYR A 410 -60.16 -20.04 -11.01
N SER A 411 -59.93 -21.31 -10.70
CA SER A 411 -60.33 -22.36 -11.61
C SER A 411 -61.80 -22.69 -11.33
N LYS A 412 -62.48 -23.22 -12.35
CA LYS A 412 -63.88 -23.67 -12.23
C LYS A 412 -63.96 -25.20 -12.07
N GLU A 413 -65.17 -25.64 -11.69
CA GLU A 413 -65.54 -27.03 -11.64
C GLU A 413 -65.24 -27.64 -13.01
N GLY A 414 -64.50 -28.76 -13.01
CA GLY A 414 -64.11 -29.47 -14.23
C GLY A 414 -63.02 -28.76 -15.01
N GLU A 415 -62.30 -27.81 -14.39
CA GLU A 415 -61.16 -27.09 -15.03
C GLU A 415 -59.87 -27.49 -14.31
N PHE A 416 -58.89 -28.03 -15.06
CA PHE A 416 -57.64 -28.50 -14.46
C PHE A 416 -56.46 -27.81 -15.13
N PHE A 417 -55.39 -27.61 -14.33
CA PHE A 417 -54.18 -26.87 -14.76
C PHE A 417 -52.89 -27.58 -14.31
N SER A 418 -51.91 -27.62 -15.22
CA SER A 418 -50.53 -27.97 -14.97
C SER A 418 -49.59 -26.92 -15.60
N ALA A 419 -48.51 -26.59 -14.86
CA ALA A 419 -47.36 -25.84 -15.31
C ALA A 419 -46.12 -26.72 -15.26
N PHE A 420 -45.22 -26.53 -16.22
CA PHE A 420 -44.01 -27.28 -16.41
C PHE A 420 -42.88 -26.31 -16.79
N LYS A 421 -41.66 -26.74 -16.47
CA LYS A 421 -40.40 -26.00 -16.72
C LYS A 421 -39.31 -27.07 -16.81
N GLN A 422 -38.56 -27.13 -17.90
CA GLN A 422 -37.35 -27.89 -17.78
C GLN A 422 -36.21 -27.00 -18.23
N ALA A 423 -35.21 -26.91 -17.33
CA ALA A 423 -33.97 -26.16 -17.50
C ALA A 423 -32.78 -27.14 -17.59
N SER A 424 -31.58 -26.62 -17.29
CA SER A 424 -30.34 -27.40 -17.11
C SER A 424 -30.20 -27.85 -15.63
N ARG A 425 -30.58 -26.94 -14.72
CA ARG A 425 -30.58 -27.12 -13.26
C ARG A 425 -31.95 -26.68 -12.72
N ARG A 426 -32.36 -27.22 -11.57
CA ARG A 426 -33.72 -26.98 -11.04
C ARG A 426 -33.89 -25.52 -10.56
N GLU A 427 -32.92 -25.04 -9.76
CA GLU A 427 -33.06 -23.77 -9.01
C GLU A 427 -32.33 -22.65 -9.76
N GLU A 428 -32.97 -21.47 -9.75
CA GLU A 428 -32.48 -20.25 -10.40
C GLU A 428 -31.80 -20.60 -11.74
N ASP A 429 -32.60 -21.02 -12.72
CA ASP A 429 -32.14 -21.27 -14.09
C ASP A 429 -33.15 -20.71 -15.10
N ILE A 430 -32.65 -20.53 -16.32
CA ILE A 430 -33.41 -20.16 -17.49
C ILE A 430 -34.05 -21.44 -18.08
N ALA A 431 -35.39 -21.41 -18.23
CA ALA A 431 -36.16 -22.48 -18.84
C ALA A 431 -35.73 -22.74 -20.29
N LYS A 432 -35.52 -24.02 -20.66
CA LYS A 432 -35.43 -24.46 -22.10
C LYS A 432 -36.82 -24.40 -22.71
N VAL A 433 -37.72 -25.26 -22.21
CA VAL A 433 -39.10 -25.25 -22.49
C VAL A 433 -39.83 -25.02 -21.16
N THR A 434 -40.82 -24.11 -21.20
CA THR A 434 -41.71 -23.83 -20.12
C THR A 434 -43.14 -23.88 -20.66
N SER A 435 -44.13 -24.24 -19.82
CA SER A 435 -45.51 -24.40 -20.33
C SER A 435 -46.56 -24.22 -19.23
N GLY A 436 -47.65 -23.55 -19.60
CA GLY A 436 -48.92 -23.65 -18.89
C GLY A 436 -49.93 -24.46 -19.71
N MET A 437 -50.74 -25.30 -19.05
CA MET A 437 -51.71 -26.18 -19.72
C MET A 437 -53.02 -26.19 -18.94
N ARG A 438 -54.12 -26.01 -19.68
CA ARG A 438 -55.48 -25.89 -19.12
C ARG A 438 -56.47 -26.72 -19.96
N VAL A 439 -57.30 -27.50 -19.27
CA VAL A 439 -58.47 -28.17 -19.86
C VAL A 439 -59.70 -27.81 -19.04
N LEU A 440 -60.82 -27.59 -19.71
CA LEU A 440 -62.16 -27.48 -19.10
C LEU A 440 -63.06 -28.55 -19.73
N PHE A 441 -63.75 -29.31 -18.88
CA PHE A 441 -64.65 -30.36 -19.31
C PHE A 441 -66.10 -29.86 -19.28
N LYS A 442 -66.92 -30.36 -20.23
CA LYS A 442 -68.38 -30.14 -20.22
C LYS A 442 -68.89 -30.79 -18.94
N PRO A 443 -69.74 -30.11 -18.14
CA PRO A 443 -70.08 -30.61 -16.81
C PRO A 443 -70.68 -32.03 -16.90
N GLY A 444 -70.26 -32.90 -15.97
CA GLY A 444 -70.69 -34.30 -15.93
C GLY A 444 -69.94 -35.22 -16.88
N THR A 445 -69.10 -34.67 -17.78
CA THR A 445 -68.41 -35.45 -18.84
C THR A 445 -66.87 -35.40 -18.67
N ILE A 446 -66.22 -36.17 -19.56
CA ILE A 446 -64.80 -36.17 -19.84
C ILE A 446 -64.60 -35.66 -21.27
N GLU A 447 -65.56 -34.87 -21.74
CA GLU A 447 -65.50 -34.23 -23.04
C GLU A 447 -64.94 -32.82 -22.87
N VAL A 448 -64.03 -32.46 -23.77
CA VAL A 448 -63.27 -31.22 -23.71
C VAL A 448 -64.14 -30.05 -24.23
N GLN A 449 -64.40 -29.05 -23.37
CA GLN A 449 -65.04 -27.78 -23.76
C GLN A 449 -63.99 -26.75 -24.20
N GLU A 450 -62.89 -26.66 -23.43
CA GLU A 450 -61.77 -25.75 -23.71
C GLU A 450 -60.44 -26.48 -23.44
N LEU A 451 -59.45 -26.22 -24.29
CA LEU A 451 -58.08 -26.74 -24.15
C LEU A 451 -57.10 -25.66 -24.62
N SER A 452 -56.07 -25.41 -23.79
CA SER A 452 -55.07 -24.34 -23.95
C SER A 452 -53.69 -24.87 -23.53
N LEU A 453 -52.80 -25.00 -24.50
CA LEU A 453 -51.44 -25.46 -24.30
C LEU A 453 -50.49 -24.35 -24.74
N CYS A 454 -49.85 -23.66 -23.79
CA CYS A 454 -48.97 -22.53 -24.12
C CYS A 454 -47.52 -22.81 -23.70
N PHE A 455 -46.57 -22.24 -24.45
CA PHE A 455 -45.17 -22.62 -24.35
C PHE A 455 -44.24 -21.41 -24.48
N GLY A 456 -43.21 -21.40 -23.62
CA GLY A 456 -41.99 -20.67 -23.82
C GLY A 456 -40.87 -21.55 -24.32
N GLY A 457 -39.84 -20.91 -24.85
CA GLY A 457 -38.64 -21.58 -25.28
C GLY A 457 -38.77 -22.31 -26.59
N MET A 458 -39.93 -22.17 -27.25
CA MET A 458 -40.16 -22.86 -28.51
C MET A 458 -40.25 -21.89 -29.70
N ALA A 459 -40.15 -20.58 -29.44
CA ALA A 459 -40.15 -19.54 -30.51
C ALA A 459 -39.66 -18.23 -29.90
N ASP A 460 -39.76 -17.13 -30.66
CA ASP A 460 -39.26 -15.85 -30.23
C ASP A 460 -40.28 -15.17 -29.32
N ARG A 461 -41.27 -15.91 -28.81
CA ARG A 461 -42.28 -15.34 -27.94
C ARG A 461 -43.02 -16.50 -27.24
N THR A 462 -43.81 -16.17 -26.22
CA THR A 462 -44.75 -17.14 -25.67
C THR A 462 -45.83 -17.40 -26.72
N ILE A 463 -45.98 -18.67 -27.15
CA ILE A 463 -47.01 -19.05 -28.18
C ILE A 463 -48.06 -19.99 -27.57
N SER A 464 -49.20 -20.06 -28.25
CA SER A 464 -50.27 -21.02 -27.92
C SER A 464 -50.33 -22.01 -29.08
N ALA A 465 -50.60 -23.28 -28.79
CA ALA A 465 -50.72 -24.30 -29.85
C ALA A 465 -52.15 -24.23 -30.44
N LEU A 466 -52.40 -23.13 -31.16
CA LEU A 466 -53.72 -22.69 -31.64
C LEU A 466 -54.24 -23.55 -32.79
N LYS A 467 -53.37 -24.16 -33.60
CA LYS A 467 -53.76 -25.13 -34.64
C LYS A 467 -54.12 -26.50 -34.02
N THR A 468 -53.46 -26.88 -32.91
CA THR A 468 -53.61 -28.25 -32.36
C THR A 468 -54.85 -28.35 -31.44
N THR A 469 -55.08 -27.37 -30.56
CA THR A 469 -56.07 -27.56 -29.51
C THR A 469 -57.52 -27.49 -30.03
N PRO A 470 -57.87 -26.66 -31.04
CA PRO A 470 -59.24 -26.66 -31.58
C PRO A 470 -59.75 -28.05 -32.03
N LYS A 471 -58.88 -28.85 -32.68
CA LYS A 471 -59.23 -30.21 -33.19
C LYS A 471 -59.70 -31.17 -32.08
N GLN A 472 -59.53 -30.77 -30.82
CA GLN A 472 -59.70 -31.61 -29.66
C GLN A 472 -61.03 -31.31 -28.97
N LEU A 473 -61.69 -30.22 -29.37
CA LEU A 473 -62.92 -29.78 -28.73
C LEU A 473 -64.01 -30.84 -28.96
N SER A 474 -64.71 -31.17 -27.88
CA SER A 474 -65.75 -32.20 -27.84
C SER A 474 -65.19 -33.64 -27.86
N LYS A 475 -63.87 -33.86 -28.00
CA LYS A 475 -63.32 -35.21 -27.83
C LYS A 475 -63.34 -35.62 -26.36
N SER A 476 -63.42 -36.95 -26.13
CA SER A 476 -63.28 -37.54 -24.77
C SER A 476 -61.79 -37.63 -24.39
N TRP A 477 -61.48 -37.49 -23.09
CA TRP A 477 -60.08 -37.53 -22.60
C TRP A 477 -59.55 -38.98 -22.61
N ASN A 478 -58.90 -39.38 -23.70
CA ASN A 478 -58.60 -40.79 -23.90
C ASN A 478 -57.35 -40.95 -24.77
N GLU A 479 -56.97 -42.19 -25.01
CA GLU A 479 -55.73 -42.54 -25.64
C GLU A 479 -55.63 -41.82 -27.00
N GLU A 480 -56.73 -41.70 -27.75
CA GLU A 480 -56.60 -41.14 -29.12
C GLU A 480 -56.46 -39.60 -29.05
N LEU A 481 -57.00 -38.96 -28.01
CA LEU A 481 -56.75 -37.53 -27.77
C LEU A 481 -55.26 -37.35 -27.44
N LEU A 482 -54.69 -38.23 -26.61
CA LEU A 482 -53.24 -38.26 -26.37
C LEU A 482 -52.49 -38.28 -27.71
N GLN A 483 -52.88 -39.21 -28.61
CA GLN A 483 -52.08 -39.40 -29.84
C GLN A 483 -52.23 -38.18 -30.75
N SER A 484 -53.42 -37.57 -30.74
CA SER A 484 -53.76 -36.49 -31.68
C SER A 484 -53.01 -35.21 -31.31
N VAL A 485 -53.11 -34.84 -30.02
CA VAL A 485 -52.39 -33.69 -29.47
C VAL A 485 -50.90 -33.90 -29.69
N CYS A 486 -50.35 -35.08 -29.42
CA CYS A 486 -48.90 -35.28 -29.65
C CYS A 486 -48.54 -35.10 -31.13
N ALA A 487 -49.30 -35.71 -32.06
CA ALA A 487 -49.01 -35.54 -33.50
C ALA A 487 -49.11 -34.05 -33.88
N GLY A 488 -50.13 -33.36 -33.35
CA GLY A 488 -50.34 -31.92 -33.63
C GLY A 488 -49.18 -31.04 -33.16
N LEU A 489 -48.75 -31.27 -31.90
CA LEU A 489 -47.63 -30.53 -31.27
C LEU A 489 -46.35 -30.72 -32.08
N ALA A 490 -46.04 -31.95 -32.47
CA ALA A 490 -44.82 -32.26 -33.21
C ALA A 490 -44.79 -31.51 -34.56
N GLU A 491 -45.97 -31.26 -35.14
CA GLU A 491 -46.10 -30.58 -36.43
C GLU A 491 -46.15 -29.06 -36.25
N GLU A 492 -46.97 -28.56 -35.32
CA GLU A 492 -47.16 -27.11 -35.10
C GLU A 492 -45.86 -26.45 -34.58
N LEU A 493 -45.18 -27.11 -33.63
CA LEU A 493 -44.07 -26.51 -32.87
C LEU A 493 -42.72 -26.96 -33.43
N GLN A 494 -42.58 -27.00 -34.75
CA GLN A 494 -41.38 -27.56 -35.38
C GLN A 494 -40.21 -26.59 -35.12
N LEU A 495 -38.97 -27.06 -35.34
CA LEU A 495 -37.83 -26.23 -35.01
C LEU A 495 -36.80 -26.19 -36.13
N ALA A 496 -36.29 -24.97 -36.34
CA ALA A 496 -35.23 -24.63 -37.24
C ALA A 496 -33.89 -25.11 -36.66
N PRO A 497 -33.25 -26.17 -37.24
CA PRO A 497 -31.85 -26.44 -37.00
C PRO A 497 -30.99 -25.29 -36.43
N ASP A 498 -31.15 -24.07 -36.94
CA ASP A 498 -30.36 -22.90 -36.47
C ASP A 498 -31.07 -22.17 -35.30
N ALA A 499 -32.07 -22.80 -34.68
CA ALA A 499 -32.89 -22.08 -33.74
C ALA A 499 -32.04 -21.61 -32.56
N PRO A 500 -32.21 -20.35 -32.11
CA PRO A 500 -31.52 -19.91 -30.91
C PRO A 500 -31.59 -21.05 -29.88
N GLY A 501 -30.43 -21.37 -29.27
CA GLY A 501 -30.31 -22.34 -28.16
C GLY A 501 -29.92 -23.75 -28.59
N GLY A 502 -30.20 -24.13 -29.85
CA GLY A 502 -30.07 -25.52 -30.32
C GLY A 502 -30.94 -26.47 -29.51
N MET A 503 -30.46 -27.71 -29.33
CA MET A 503 -31.19 -28.76 -28.55
C MET A 503 -32.61 -28.95 -29.08
N VAL A 504 -32.75 -29.12 -30.41
CA VAL A 504 -34.09 -29.08 -31.04
C VAL A 504 -34.85 -30.38 -30.76
N GLU A 505 -34.19 -31.52 -30.85
CA GLU A 505 -34.83 -32.83 -30.48
C GLU A 505 -35.35 -32.80 -29.03
N PHE A 506 -34.52 -32.32 -28.10
CA PHE A 506 -34.86 -32.36 -26.68
C PHE A 506 -36.07 -31.47 -26.42
N ARG A 507 -36.02 -30.27 -26.99
CA ARG A 507 -37.06 -29.28 -26.76
C ARG A 507 -38.39 -29.82 -27.27
N ARG A 508 -38.37 -30.45 -28.43
CA ARG A 508 -39.57 -30.99 -29.06
C ARG A 508 -40.09 -32.18 -28.23
N THR A 509 -39.16 -33.08 -27.87
CA THR A 509 -39.48 -34.18 -26.97
C THR A 509 -40.12 -33.67 -25.67
N LEU A 510 -39.71 -32.50 -25.16
CA LEU A 510 -40.24 -31.99 -23.87
C LEU A 510 -41.69 -31.52 -24.07
N THR A 511 -42.02 -30.90 -25.23
CA THR A 511 -43.41 -30.42 -25.41
C THR A 511 -44.37 -31.63 -25.36
N LEU A 512 -43.99 -32.73 -25.99
CA LEU A 512 -44.83 -33.94 -25.99
C LEU A 512 -44.83 -34.55 -24.58
N SER A 513 -43.64 -34.60 -23.97
CA SER A 513 -43.47 -35.27 -22.69
C SER A 513 -44.26 -34.48 -21.64
N PHE A 514 -44.22 -33.14 -21.71
CA PHE A 514 -45.00 -32.35 -20.73
C PHE A 514 -46.50 -32.58 -20.96
N PHE A 515 -46.94 -32.62 -22.24
CA PHE A 515 -48.36 -32.87 -22.54
C PHE A 515 -48.79 -34.21 -21.89
N PHE A 516 -47.98 -35.26 -22.12
CA PHE A 516 -48.19 -36.59 -21.56
C PHE A 516 -48.37 -36.52 -20.05
N LYS A 517 -47.50 -35.79 -19.36
CA LYS A 517 -47.68 -35.71 -17.91
C LYS A 517 -49.03 -35.06 -17.61
N PHE A 518 -49.39 -34.03 -18.40
CA PHE A 518 -50.63 -33.29 -18.13
C PHE A 518 -51.82 -34.22 -18.39
N TYR A 519 -51.74 -35.02 -19.45
CA TYR A 519 -52.78 -36.02 -19.84
C TYR A 519 -53.00 -37.02 -18.68
N LEU A 520 -51.92 -37.55 -18.12
CA LEU A 520 -51.99 -38.52 -17.03
C LEU A 520 -52.52 -37.85 -15.76
N THR A 521 -52.05 -36.62 -15.52
CA THR A 521 -52.47 -35.84 -14.37
C THR A 521 -53.99 -35.64 -14.43
N VAL A 522 -54.49 -35.32 -15.64
CA VAL A 522 -55.90 -35.05 -15.79
C VAL A 522 -56.69 -36.37 -15.61
N LEU A 523 -56.19 -37.48 -16.17
CA LEU A 523 -56.79 -38.81 -15.91
C LEU A 523 -57.02 -38.96 -14.41
N GLN A 524 -56.00 -38.66 -13.61
CA GLN A 524 -56.05 -38.83 -12.16
C GLN A 524 -57.05 -37.86 -11.54
N LYS A 525 -57.08 -36.62 -12.02
CA LYS A 525 -57.92 -35.62 -11.37
C LYS A 525 -59.41 -35.97 -11.66
N LEU A 526 -59.67 -36.48 -12.88
CA LEU A 526 -60.98 -37.01 -13.25
C LEU A 526 -61.37 -38.18 -12.33
N GLY A 527 -60.42 -39.07 -12.04
CA GLY A 527 -60.59 -40.12 -11.03
C GLY A 527 -61.09 -39.55 -9.72
N ARG A 528 -60.50 -38.44 -9.26
CA ARG A 528 -60.82 -37.88 -7.94
C ARG A 528 -62.21 -37.21 -7.98
N ALA A 529 -62.77 -36.97 -9.18
CA ALA A 529 -64.13 -36.43 -9.33
C ALA A 529 -65.16 -37.52 -9.64
N ASP A 530 -64.82 -38.81 -9.41
CA ASP A 530 -65.70 -40.03 -9.49
C ASP A 530 -66.03 -40.41 -10.94
N LEU A 531 -65.14 -40.06 -11.87
CA LEU A 531 -65.33 -40.28 -13.32
C LEU A 531 -64.33 -41.34 -13.81
N GLU A 532 -63.85 -42.15 -12.85
CA GLU A 532 -62.90 -43.24 -13.08
C GLU A 532 -63.45 -44.21 -14.13
N ASP A 533 -64.75 -44.48 -14.06
CA ASP A 533 -65.43 -45.43 -14.96
C ASP A 533 -65.46 -44.92 -16.40
N MET A 534 -65.56 -43.60 -16.60
CA MET A 534 -65.58 -43.05 -17.97
C MET A 534 -64.15 -42.99 -18.54
N CYS A 535 -63.17 -42.41 -17.81
CA CYS A 535 -61.78 -42.20 -18.38
C CYS A 535 -60.84 -43.38 -18.11
N GLY A 536 -61.16 -44.22 -17.11
CA GLY A 536 -60.32 -45.35 -16.69
C GLY A 536 -59.41 -45.00 -15.51
N LYS A 537 -58.87 -46.03 -14.84
CA LYS A 537 -57.84 -45.88 -13.82
C LYS A 537 -56.51 -45.69 -14.52
N LEU A 538 -55.58 -44.99 -13.84
CA LEU A 538 -54.17 -44.98 -14.21
C LEU A 538 -53.54 -46.34 -13.84
N ASP A 539 -52.80 -46.95 -14.77
CA ASP A 539 -51.86 -48.04 -14.45
C ASP A 539 -50.93 -47.59 -13.30
N PRO A 540 -50.78 -48.38 -12.21
CA PRO A 540 -50.05 -47.91 -11.03
C PRO A 540 -48.55 -47.67 -11.31
N THR A 541 -47.99 -48.31 -12.35
CA THR A 541 -46.59 -48.09 -12.78
C THR A 541 -46.43 -46.74 -13.51
N PHE A 542 -47.51 -46.00 -13.77
CA PHE A 542 -47.47 -44.71 -14.45
C PHE A 542 -47.59 -43.55 -13.43
N ALA A 543 -47.99 -43.85 -12.18
CA ALA A 543 -48.35 -42.83 -11.19
C ALA A 543 -47.17 -41.93 -10.86
N SER A 544 -45.95 -42.47 -10.85
CA SER A 544 -44.78 -41.68 -10.45
C SER A 544 -44.52 -40.59 -11.50
N ALA A 545 -44.95 -40.81 -12.75
CA ALA A 545 -44.84 -39.82 -13.83
C ALA A 545 -45.43 -38.44 -13.45
N THR A 546 -46.46 -38.40 -12.62
CA THR A 546 -47.21 -37.16 -12.42
C THR A 546 -46.86 -36.48 -11.09
N LEU A 547 -45.97 -37.06 -10.30
CA LEU A 547 -45.66 -36.47 -8.97
C LEU A 547 -44.92 -35.14 -9.18
N LEU A 548 -45.28 -34.14 -8.37
CA LEU A 548 -44.57 -32.87 -8.30
C LEU A 548 -43.27 -33.07 -7.50
N PHE A 549 -42.19 -32.40 -7.93
CA PHE A 549 -40.87 -32.61 -7.37
C PHE A 549 -40.95 -32.44 -5.83
N GLN A 550 -40.47 -33.45 -5.08
CA GLN A 550 -40.17 -33.29 -3.64
C GLN A 550 -38.87 -34.04 -3.34
N LYS A 551 -38.07 -33.47 -2.42
CA LYS A 551 -36.82 -34.05 -1.90
C LYS A 551 -37.06 -34.58 -0.48
N ASP A 552 -36.51 -35.76 -0.16
CA ASP A 552 -36.49 -36.24 1.21
C ASP A 552 -35.67 -35.28 2.08
N PRO A 553 -35.83 -35.30 3.42
CA PRO A 553 -34.98 -34.48 4.28
C PRO A 553 -33.52 -34.97 4.18
N PRO A 554 -32.51 -34.08 4.15
CA PRO A 554 -31.13 -34.53 3.99
C PRO A 554 -30.70 -35.35 5.22
N ALA A 555 -29.76 -36.28 5.03
CA ALA A 555 -29.11 -37.02 6.11
C ALA A 555 -27.62 -37.13 5.78
N ASN A 556 -26.76 -36.62 6.67
CA ASN A 556 -25.34 -36.56 6.38
C ASN A 556 -24.58 -37.32 7.45
N VAL A 557 -23.44 -37.91 7.06
CA VAL A 557 -22.56 -38.55 8.00
C VAL A 557 -21.11 -38.14 7.65
N GLN A 558 -20.33 -37.76 8.67
CA GLN A 558 -18.91 -37.53 8.51
C GLN A 558 -18.15 -38.38 9.53
N LEU A 559 -17.37 -39.34 9.02
CA LEU A 559 -16.62 -40.21 9.89
C LEU A 559 -15.13 -39.97 9.66
N PHE A 560 -14.40 -39.88 10.76
CA PHE A 560 -12.95 -39.67 10.74
C PHE A 560 -12.34 -40.25 12.02
N GLN A 561 -11.01 -40.30 12.08
CA GLN A 561 -10.29 -40.93 13.19
C GLN A 561 -9.91 -39.89 14.25
N GLU A 562 -10.19 -40.22 15.50
CA GLU A 562 -9.76 -39.46 16.66
C GLU A 562 -8.23 -39.57 16.75
N VAL A 563 -7.57 -38.52 17.27
CA VAL A 563 -6.14 -38.60 17.49
C VAL A 563 -5.90 -39.45 18.74
N PRO A 564 -4.67 -39.97 18.98
CA PRO A 564 -4.41 -40.71 20.22
C PRO A 564 -4.76 -39.89 21.47
N LYS A 565 -5.08 -40.66 22.52
CA LYS A 565 -5.47 -40.21 23.86
C LYS A 565 -4.36 -39.37 24.49
N ASP A 566 -3.10 -39.80 24.25
CA ASP A 566 -1.91 -39.20 24.81
C ASP A 566 -1.51 -37.91 24.10
N GLN A 567 -2.10 -37.60 22.92
CA GLN A 567 -1.68 -36.41 22.17
C GLN A 567 -2.03 -35.17 22.98
N SER A 568 -1.06 -34.27 23.17
CA SER A 568 -1.28 -33.01 23.87
C SER A 568 -2.48 -32.28 23.26
N GLU A 569 -3.19 -31.54 24.10
CA GLU A 569 -4.32 -30.78 23.67
C GLU A 569 -3.85 -29.59 22.82
N GLU A 570 -2.60 -29.17 22.98
CA GLU A 570 -2.00 -28.06 22.19
C GLU A 570 -1.45 -28.57 20.83
N ASP A 571 -1.32 -29.88 20.67
CA ASP A 571 -0.94 -30.44 19.37
C ASP A 571 -2.21 -30.66 18.56
N MET A 572 -2.41 -29.81 17.54
CA MET A 572 -3.67 -29.77 16.76
C MET A 572 -3.57 -30.60 15.46
N VAL A 573 -2.40 -31.20 15.18
CA VAL A 573 -2.24 -32.05 14.03
C VAL A 573 -3.19 -33.25 14.19
N GLY A 574 -4.14 -33.34 13.26
CA GLY A 574 -5.08 -34.43 13.23
C GLY A 574 -6.37 -34.07 13.90
N ARG A 575 -6.47 -32.82 14.39
CA ARG A 575 -7.69 -32.33 15.00
C ARG A 575 -8.44 -31.43 14.02
N PRO A 576 -9.80 -31.36 14.12
CA PRO A 576 -10.61 -30.56 13.21
C PRO A 576 -10.63 -29.04 13.48
N LEU A 577 -9.45 -28.40 13.49
CA LEU A 577 -9.35 -26.98 13.70
C LEU A 577 -10.03 -26.25 12.52
N PRO A 578 -10.98 -25.35 12.76
CA PRO A 578 -11.56 -24.54 11.71
C PRO A 578 -10.51 -23.67 11.00
N HIS A 579 -10.75 -23.44 9.72
CA HIS A 579 -9.97 -22.50 8.93
C HIS A 579 -9.65 -21.28 9.78
N LEU A 580 -8.37 -20.90 9.81
CA LEU A 580 -7.92 -19.74 10.60
C LEU A 580 -8.67 -18.45 10.26
N ALA A 581 -9.16 -18.33 9.02
CA ALA A 581 -9.78 -17.07 8.66
C ALA A 581 -11.31 -17.20 8.62
N ALA A 582 -11.89 -18.30 9.10
CA ALA A 582 -13.37 -18.49 8.93
C ALA A 582 -14.19 -17.41 9.64
N ASN A 583 -13.79 -16.97 10.84
CA ASN A 583 -14.54 -15.93 11.53
C ASN A 583 -14.53 -14.64 10.71
N MET A 584 -13.36 -14.26 10.21
CA MET A 584 -13.19 -13.03 9.44
C MET A 584 -13.92 -13.12 8.11
N GLN A 585 -14.00 -14.32 7.54
CA GLN A 585 -14.72 -14.51 6.27
C GLN A 585 -16.23 -14.36 6.50
N ALA A 586 -16.73 -14.91 7.60
CA ALA A 586 -18.17 -14.76 7.96
C ALA A 586 -18.52 -13.31 8.29
N SER A 587 -17.53 -12.51 8.71
CA SER A 587 -17.76 -11.17 9.14
C SER A 587 -17.52 -10.14 8.03
N GLY A 588 -17.00 -10.57 6.89
CA GLY A 588 -16.70 -9.63 5.79
C GLY A 588 -15.45 -8.80 6.05
N GLU A 589 -14.67 -9.17 7.08
CA GLU A 589 -13.47 -8.45 7.44
C GLU A 589 -12.26 -8.99 6.69
N ALA A 590 -12.30 -10.23 6.24
CA ALA A 590 -11.22 -10.80 5.43
C ALA A 590 -11.09 -9.98 4.13
N VAL A 591 -9.83 -9.59 3.84
CA VAL A 591 -9.49 -8.76 2.71
C VAL A 591 -9.09 -9.63 1.50
N TYR A 592 -9.85 -9.50 0.44
CA TYR A 592 -9.47 -9.98 -0.90
C TYR A 592 -9.00 -8.76 -1.68
N CYS A 593 -8.30 -9.03 -2.79
CA CYS A 593 -7.59 -8.04 -3.55
C CYS A 593 -8.40 -6.76 -3.78
N ASP A 594 -9.59 -6.84 -4.39
CA ASP A 594 -10.37 -5.63 -4.71
C ASP A 594 -10.90 -4.93 -3.45
N ASP A 595 -10.81 -5.58 -2.27
CA ASP A 595 -11.22 -4.94 -1.01
C ASP A 595 -10.16 -3.95 -0.53
N ILE A 596 -8.93 -4.09 -1.01
CA ILE A 596 -7.84 -3.20 -0.67
C ILE A 596 -8.24 -1.80 -1.11
N PRO A 597 -8.13 -0.79 -0.22
CA PRO A 597 -8.46 0.57 -0.56
C PRO A 597 -7.60 1.05 -1.73
N ARG A 598 -8.18 1.93 -2.54
CA ARG A 598 -7.51 2.52 -3.70
C ARG A 598 -6.64 3.67 -3.21
N TYR A 599 -5.46 3.83 -3.80
CA TYR A 599 -4.73 5.03 -3.63
C TYR A 599 -5.48 6.17 -4.30
N GLU A 600 -5.26 7.38 -3.79
CA GLU A 600 -5.93 8.57 -4.31
C GLU A 600 -5.63 8.74 -5.81
N ASN A 601 -4.45 8.30 -6.26
CA ASN A 601 -3.98 8.51 -7.64
C ASN A 601 -4.15 7.22 -8.47
N GLU A 602 -4.92 6.24 -7.97
CA GLU A 602 -5.01 4.94 -8.60
C GLU A 602 -5.91 5.03 -9.85
N LEU A 603 -5.51 4.33 -10.91
CA LEU A 603 -6.27 4.21 -12.17
C LEU A 603 -6.87 2.81 -12.33
N SER A 604 -7.85 2.71 -13.24
CA SER A 604 -8.56 1.48 -13.57
C SER A 604 -8.16 1.03 -14.98
N LEU A 605 -8.05 -0.29 -15.19
CA LEU A 605 -7.74 -0.81 -16.50
C LEU A 605 -8.86 -1.74 -16.96
N ARG A 606 -9.20 -1.67 -18.25
CA ARG A 606 -10.09 -2.62 -18.86
C ARG A 606 -9.46 -3.22 -20.11
N LEU A 607 -9.55 -4.54 -20.20
CA LEU A 607 -8.98 -5.28 -21.33
C LEU A 607 -9.89 -5.12 -22.56
N VAL A 608 -9.28 -5.12 -23.74
CA VAL A 608 -10.02 -5.09 -25.03
C VAL A 608 -9.60 -6.34 -25.81
N THR A 609 -10.60 -7.18 -26.17
CA THR A 609 -10.37 -8.53 -26.69
C THR A 609 -10.92 -8.66 -28.11
N SER A 610 -10.39 -9.59 -28.91
CA SER A 610 -10.95 -9.88 -30.29
C SER A 610 -12.35 -10.43 -30.18
N THR A 611 -13.16 -10.01 -31.16
CA THR A 611 -14.45 -10.60 -31.43
C THR A 611 -14.35 -11.57 -32.61
N ARG A 612 -13.13 -11.96 -33.01
CA ARG A 612 -12.89 -12.91 -34.11
C ARG A 612 -11.96 -14.04 -33.67
N ALA A 613 -12.24 -15.25 -34.18
CA ALA A 613 -11.51 -16.47 -33.82
C ALA A 613 -10.12 -16.49 -34.49
N HIS A 614 -10.01 -15.96 -35.70
CA HIS A 614 -8.73 -15.85 -36.40
C HIS A 614 -8.84 -14.75 -37.47
N ALA A 615 -8.00 -13.73 -37.36
CA ALA A 615 -8.10 -12.58 -38.25
C ALA A 615 -6.83 -11.76 -38.15
N LYS A 616 -6.59 -10.99 -39.22
CA LYS A 616 -5.64 -9.92 -39.22
C LYS A 616 -6.28 -8.73 -38.52
N ILE A 617 -5.48 -8.01 -37.73
CA ILE A 617 -5.91 -6.70 -37.27
C ILE A 617 -5.55 -5.69 -38.36
N THR A 618 -6.55 -5.11 -39.06
CA THR A 618 -6.25 -4.20 -40.17
C THR A 618 -6.03 -2.79 -39.59
N SER A 619 -6.81 -2.39 -38.58
CA SER A 619 -6.55 -1.10 -37.95
C SER A 619 -7.28 -1.02 -36.59
N ILE A 620 -6.83 -0.06 -35.78
CA ILE A 620 -7.49 0.26 -34.51
C ILE A 620 -7.81 1.76 -34.49
N ASP A 621 -9.06 2.07 -34.18
CA ASP A 621 -9.51 3.47 -34.07
C ASP A 621 -9.94 3.73 -32.61
N THR A 622 -9.31 4.71 -31.96
CA THR A 622 -9.58 5.03 -30.56
C THR A 622 -10.27 6.38 -30.40
N SER A 623 -10.80 6.95 -31.50
CA SER A 623 -11.50 8.27 -31.53
C SER A 623 -12.51 8.35 -30.42
N GLU A 624 -13.46 7.40 -30.42
CA GLU A 624 -14.56 7.43 -29.44
C GLU A 624 -14.01 7.21 -28.02
N ALA A 625 -13.01 6.35 -27.88
CA ALA A 625 -12.42 6.04 -26.58
C ALA A 625 -11.91 7.34 -25.93
N LYS A 626 -11.20 8.17 -26.72
CA LYS A 626 -10.56 9.42 -26.26
C LYS A 626 -11.57 10.44 -25.72
N LYS A 627 -12.83 10.35 -26.16
CA LYS A 627 -13.86 11.31 -25.73
C LYS A 627 -14.42 10.96 -24.34
N VAL A 628 -14.24 9.72 -23.87
CA VAL A 628 -14.85 9.31 -22.58
C VAL A 628 -14.12 10.10 -21.49
N PRO A 629 -14.85 10.73 -20.56
CA PRO A 629 -14.20 11.46 -19.47
C PRO A 629 -13.29 10.48 -18.70
N GLY A 630 -12.10 10.94 -18.32
CA GLY A 630 -11.18 10.23 -17.47
C GLY A 630 -10.27 9.27 -18.24
N PHE A 631 -10.47 9.15 -19.56
CA PHE A 631 -9.64 8.31 -20.39
C PHE A 631 -8.16 8.74 -20.24
N VAL A 632 -7.27 7.75 -20.11
CA VAL A 632 -5.87 8.06 -19.96
C VAL A 632 -5.10 7.60 -21.20
N CYS A 633 -5.22 6.32 -21.55
CA CYS A 633 -4.52 5.80 -22.71
C CYS A 633 -5.09 4.45 -23.10
N PHE A 634 -4.74 4.03 -24.32
CA PHE A 634 -4.94 2.68 -24.83
C PHE A 634 -3.58 2.02 -25.03
N LEU A 635 -3.29 0.95 -24.28
CA LEU A 635 -2.05 0.21 -24.42
C LEU A 635 -2.25 -0.92 -25.45
N THR A 636 -1.20 -1.14 -26.26
CA THR A 636 -1.16 -2.09 -27.35
C THR A 636 0.26 -2.64 -27.38
N ALA A 637 0.53 -3.59 -28.28
CA ALA A 637 1.86 -4.26 -28.35
C ALA A 637 3.02 -3.27 -28.41
N GLU A 638 2.80 -2.13 -29.06
CA GLU A 638 3.83 -1.08 -29.22
C GLU A 638 4.34 -0.57 -27.86
N ASP A 639 3.49 -0.58 -26.83
CA ASP A 639 3.87 0.08 -25.58
C ASP A 639 4.68 -0.88 -24.72
N VAL A 640 4.84 -2.13 -25.15
CA VAL A 640 5.55 -3.07 -24.34
C VAL A 640 7.03 -2.68 -24.31
N PRO A 641 7.66 -2.41 -23.14
CA PRO A 641 9.05 -1.92 -23.12
C PRO A 641 10.08 -2.93 -23.62
N ASN A 642 9.91 -4.22 -23.31
CA ASN A 642 10.91 -5.21 -23.63
C ASN A 642 10.29 -6.25 -24.56
N SER A 643 9.69 -7.32 -24.02
CA SER A 643 9.25 -8.47 -24.81
C SER A 643 7.72 -8.60 -24.72
N ASN A 644 7.10 -8.77 -25.90
CA ASN A 644 5.69 -9.07 -26.08
C ASN A 644 5.42 -10.59 -26.03
N ALA A 645 6.43 -11.40 -25.77
CA ALA A 645 6.30 -12.85 -25.77
C ALA A 645 6.18 -13.31 -24.29
N THR A 646 5.03 -13.90 -23.92
CA THR A 646 4.79 -14.46 -22.57
C THR A 646 4.27 -15.90 -22.65
N GLY A 647 3.73 -16.34 -21.50
CA GLY A 647 3.14 -17.62 -21.33
C GLY A 647 4.20 -18.60 -20.90
N LEU A 648 3.74 -19.72 -20.33
CA LEU A 648 4.61 -20.74 -19.81
C LEU A 648 5.58 -21.26 -20.89
N PHE A 649 5.14 -21.37 -22.16
CA PHE A 649 6.05 -21.87 -23.23
C PHE A 649 6.40 -20.78 -24.24
N ASN A 650 6.19 -19.51 -23.84
CA ASN A 650 6.72 -18.35 -24.53
C ASN A 650 6.03 -18.20 -25.89
N ASP A 651 4.80 -18.69 -26.07
CA ASP A 651 4.13 -18.68 -27.39
C ASP A 651 2.92 -17.75 -27.37
N GLU A 652 2.83 -16.89 -26.35
CA GLU A 652 1.69 -16.04 -26.16
C GLU A 652 2.16 -14.58 -26.27
N THR A 653 1.27 -13.72 -26.77
CA THR A 653 1.45 -12.30 -26.76
C THR A 653 0.96 -11.74 -25.41
N VAL A 654 1.63 -10.70 -24.91
CA VAL A 654 1.02 -9.82 -23.92
C VAL A 654 -0.22 -9.16 -24.53
N PHE A 655 0.02 -8.49 -25.68
CA PHE A 655 -1.01 -7.84 -26.49
C PHE A 655 -0.88 -8.33 -27.95
N ALA A 656 -2.01 -8.63 -28.59
CA ALA A 656 -2.03 -9.09 -29.96
C ALA A 656 -1.23 -8.12 -30.84
N LYS A 657 -0.41 -8.71 -31.70
CA LYS A 657 0.31 -8.01 -32.75
C LYS A 657 -0.06 -8.63 -34.08
N ASP A 658 -0.69 -7.83 -34.96
CA ASP A 658 -0.96 -8.15 -36.41
C ASP A 658 -2.13 -9.13 -36.57
N GLU A 659 -2.22 -10.18 -35.73
CA GLU A 659 -3.36 -11.12 -35.83
C GLU A 659 -3.91 -11.49 -34.44
N VAL A 660 -5.20 -11.83 -34.43
CA VAL A 660 -5.90 -12.40 -33.29
C VAL A 660 -6.12 -13.88 -33.57
N THR A 661 -6.01 -14.71 -32.53
CA THR A 661 -6.09 -16.12 -32.67
C THR A 661 -7.15 -16.78 -31.75
N CYS A 662 -8.05 -15.98 -31.16
CA CYS A 662 -9.30 -16.49 -30.60
C CYS A 662 -10.23 -15.33 -30.28
N VAL A 663 -11.53 -15.63 -30.17
CA VAL A 663 -12.45 -14.71 -29.56
C VAL A 663 -12.06 -14.69 -28.06
N GLY A 664 -11.61 -13.52 -27.61
CA GLY A 664 -11.11 -13.27 -26.27
C GLY A 664 -9.62 -12.98 -26.24
N HIS A 665 -8.96 -13.05 -27.42
CA HIS A 665 -7.54 -12.68 -27.53
C HIS A 665 -7.39 -11.20 -27.11
N ILE A 666 -6.54 -10.93 -26.11
CA ILE A 666 -6.37 -9.58 -25.59
C ILE A 666 -5.55 -8.78 -26.63
N ILE A 667 -6.17 -7.73 -27.13
CA ILE A 667 -5.56 -6.82 -28.11
C ILE A 667 -4.88 -5.64 -27.39
N GLY A 668 -5.50 -5.15 -26.31
CA GLY A 668 -4.93 -4.04 -25.57
C GLY A 668 -5.68 -3.75 -24.28
N ALA A 669 -5.39 -2.58 -23.71
CA ALA A 669 -6.00 -2.21 -22.45
C ALA A 669 -6.22 -0.70 -22.40
N VAL A 670 -7.46 -0.32 -22.11
CA VAL A 670 -7.82 1.03 -21.74
C VAL A 670 -7.46 1.27 -20.26
N VAL A 671 -6.88 2.44 -19.99
CA VAL A 671 -6.63 3.00 -18.68
C VAL A 671 -7.47 4.25 -18.50
N ALA A 672 -8.21 4.30 -17.42
CA ALA A 672 -9.03 5.50 -17.10
C ALA A 672 -9.09 5.69 -15.58
N ASP A 673 -9.78 6.74 -15.12
CA ASP A 673 -9.82 7.06 -13.70
C ASP A 673 -10.64 6.00 -12.97
N THR A 674 -11.83 5.68 -13.50
CA THR A 674 -12.77 4.76 -12.84
C THR A 674 -13.01 3.53 -13.72
N PRO A 675 -13.51 2.42 -13.14
CA PRO A 675 -13.88 1.25 -13.94
C PRO A 675 -15.00 1.52 -14.97
N GLU A 676 -15.93 2.41 -14.65
CA GLU A 676 -17.02 2.75 -15.55
C GLU A 676 -16.50 3.50 -16.77
N HIS A 677 -15.53 4.40 -16.57
CA HIS A 677 -15.01 5.16 -17.70
C HIS A 677 -14.09 4.28 -18.54
N ALA A 678 -13.52 3.23 -17.91
CA ALA A 678 -12.67 2.33 -18.66
C ALA A 678 -13.54 1.39 -19.50
N GLN A 679 -14.69 0.99 -18.97
CA GLN A 679 -15.62 0.16 -19.71
C GLN A 679 -16.15 0.94 -20.93
N ARG A 680 -16.61 2.16 -20.72
CA ARG A 680 -17.13 3.00 -21.78
C ARG A 680 -16.05 3.25 -22.84
N ALA A 681 -14.85 3.66 -22.40
CA ALA A 681 -13.75 3.89 -23.33
C ALA A 681 -13.45 2.63 -24.13
N ALA A 682 -13.52 1.44 -23.50
CA ALA A 682 -13.20 0.17 -24.17
C ALA A 682 -14.19 -0.12 -25.30
N ARG A 683 -15.45 0.28 -25.09
CA ARG A 683 -16.54 0.25 -26.08
C ARG A 683 -16.18 1.11 -27.32
N GLY A 684 -15.44 2.20 -27.12
CA GLY A 684 -15.08 3.13 -28.17
C GLY A 684 -13.74 2.81 -28.84
N VAL A 685 -13.21 1.61 -28.60
CA VAL A 685 -12.06 1.13 -29.33
C VAL A 685 -12.58 0.22 -30.43
N LYS A 686 -12.52 0.70 -31.69
CA LYS A 686 -13.12 0.02 -32.83
C LYS A 686 -12.01 -0.70 -33.58
N ILE A 687 -12.16 -2.02 -33.73
CA ILE A 687 -11.13 -2.81 -34.39
C ILE A 687 -11.70 -3.27 -35.74
N THR A 688 -10.83 -3.23 -36.76
CA THR A 688 -11.22 -3.75 -38.08
C THR A 688 -10.33 -4.96 -38.39
N TYR A 689 -11.00 -6.01 -38.86
CA TYR A 689 -10.45 -7.30 -39.01
C TYR A 689 -10.58 -7.77 -40.46
N GLU A 690 -9.64 -8.62 -40.89
CA GLU A 690 -9.75 -9.43 -42.10
C GLU A 690 -9.64 -10.91 -41.68
N ASP A 691 -10.73 -11.67 -41.79
CA ASP A 691 -10.77 -13.09 -41.36
C ASP A 691 -9.69 -13.92 -42.08
N LEU A 692 -9.12 -14.85 -41.32
CA LEU A 692 -8.22 -15.89 -41.73
C LEU A 692 -8.86 -17.23 -41.40
N PRO A 693 -8.43 -18.35 -42.03
CA PRO A 693 -9.06 -19.64 -41.80
C PRO A 693 -8.85 -20.07 -40.33
N ALA A 694 -9.95 -20.53 -39.71
CA ALA A 694 -10.04 -20.80 -38.30
C ALA A 694 -10.08 -22.33 -38.05
N ILE A 695 -9.29 -22.78 -37.07
CA ILE A 695 -9.30 -24.17 -36.54
C ILE A 695 -9.96 -24.14 -35.16
N ILE A 696 -11.22 -24.59 -35.06
CA ILE A 696 -12.03 -24.48 -33.85
C ILE A 696 -12.05 -25.82 -33.11
N THR A 697 -12.51 -26.86 -33.79
CA THR A 697 -12.86 -28.13 -33.13
C THR A 697 -11.65 -29.07 -33.11
N ILE A 698 -11.78 -30.12 -32.29
CA ILE A 698 -10.81 -31.18 -32.26
C ILE A 698 -10.71 -31.78 -33.68
N GLN A 699 -11.85 -32.03 -34.32
CA GLN A 699 -11.88 -32.59 -35.69
C GLN A 699 -11.17 -31.63 -36.65
N ASP A 700 -11.54 -30.34 -36.59
CA ASP A 700 -10.88 -29.33 -37.37
C ASP A 700 -9.36 -29.44 -37.18
N ALA A 701 -8.88 -29.70 -35.95
CA ALA A 701 -7.42 -29.66 -35.74
C ALA A 701 -6.73 -30.91 -36.32
N ILE A 702 -7.46 -32.05 -36.25
CA ILE A 702 -7.00 -33.35 -36.74
C ILE A 702 -6.83 -33.23 -38.26
N ASN A 703 -7.87 -32.71 -38.93
CA ASN A 703 -7.91 -32.52 -40.41
C ASN A 703 -6.74 -31.63 -40.84
N ASN A 704 -6.34 -30.69 -39.97
CA ASN A 704 -5.39 -29.64 -40.36
C ASN A 704 -4.00 -29.91 -39.80
N ASN A 705 -3.81 -31.07 -39.14
CA ASN A 705 -2.55 -31.43 -38.49
C ASN A 705 -2.06 -30.29 -37.55
N SER A 706 -2.97 -29.75 -36.75
CA SER A 706 -2.64 -28.57 -35.89
C SER A 706 -2.59 -29.03 -34.43
N PHE A 707 -1.39 -29.30 -33.91
CA PHE A 707 -1.18 -29.86 -32.58
C PHE A 707 -0.05 -29.14 -31.84
N TYR A 708 -0.07 -29.27 -30.50
CA TYR A 708 1.08 -28.80 -29.71
C TYR A 708 2.03 -29.96 -29.57
N GLY A 709 3.13 -29.89 -30.31
CA GLY A 709 4.17 -30.88 -30.27
C GLY A 709 3.68 -32.23 -30.79
N SER A 710 4.46 -33.26 -30.48
CA SER A 710 4.28 -34.56 -31.08
C SER A 710 3.38 -35.44 -30.18
N GLU A 711 3.11 -36.66 -30.66
CA GLU A 711 2.27 -37.61 -29.96
C GLU A 711 2.95 -38.04 -28.65
N ILE A 712 2.13 -38.18 -27.59
CA ILE A 712 2.58 -38.72 -26.29
C ILE A 712 2.07 -40.16 -26.16
N LYS A 713 2.85 -41.06 -25.57
CA LYS A 713 2.51 -42.48 -25.67
C LYS A 713 3.02 -43.26 -24.47
N ILE A 714 2.16 -44.11 -23.92
CA ILE A 714 2.57 -45.14 -23.00
C ILE A 714 2.04 -46.48 -23.54
N GLU A 715 2.91 -47.49 -23.56
CA GLU A 715 2.50 -48.80 -24.01
C GLU A 715 3.33 -49.86 -23.28
N LYS A 716 2.67 -50.97 -22.97
CA LYS A 716 3.25 -52.07 -22.23
C LYS A 716 2.62 -53.37 -22.77
N GLY A 717 3.42 -54.42 -22.83
CA GLY A 717 2.93 -55.73 -23.26
C GLY A 717 2.80 -55.80 -24.77
N ASP A 718 1.89 -56.68 -25.22
CA ASP A 718 1.74 -57.04 -26.61
C ASP A 718 0.27 -56.91 -26.99
N LEU A 719 -0.07 -55.85 -27.73
CA LEU A 719 -1.44 -55.54 -28.05
C LEU A 719 -2.05 -56.58 -28.99
N LYS A 720 -1.27 -56.99 -30.00
CA LYS A 720 -1.80 -57.85 -31.07
C LYS A 720 -2.22 -59.20 -30.47
N LYS A 721 -1.39 -59.70 -29.55
CA LYS A 721 -1.57 -60.92 -28.83
C LYS A 721 -2.76 -60.80 -27.88
N GLY A 722 -2.81 -59.71 -27.10
CA GLY A 722 -3.93 -59.43 -26.18
C GLY A 722 -5.28 -59.50 -26.88
N PHE A 723 -5.40 -58.74 -27.99
CA PHE A 723 -6.62 -58.73 -28.79
C PHE A 723 -6.93 -60.11 -29.43
N SER A 724 -5.91 -60.92 -29.75
CA SER A 724 -6.09 -62.30 -30.32
C SER A 724 -6.72 -63.24 -29.29
N GLU A 725 -6.19 -63.22 -28.07
CA GLU A 725 -6.58 -64.08 -26.96
C GLU A 725 -7.97 -63.68 -26.41
N ALA A 726 -8.42 -62.47 -26.71
CA ALA A 726 -9.66 -61.92 -26.14
C ALA A 726 -10.86 -62.65 -26.70
N ASP A 727 -11.75 -63.10 -25.80
CA ASP A 727 -13.03 -63.63 -26.23
C ASP A 727 -13.82 -62.53 -26.94
N ASN A 728 -13.74 -61.27 -26.45
CA ASN A 728 -14.59 -60.16 -26.94
C ASN A 728 -13.76 -58.87 -27.09
N VAL A 729 -14.16 -58.04 -28.06
CA VAL A 729 -13.51 -56.77 -28.41
C VAL A 729 -14.64 -55.76 -28.65
N VAL A 730 -14.62 -54.66 -27.87
CA VAL A 730 -15.56 -53.55 -27.98
C VAL A 730 -14.78 -52.27 -28.31
N SER A 731 -15.28 -51.55 -29.32
CA SER A 731 -14.75 -50.31 -29.79
C SER A 731 -15.80 -49.23 -29.49
N GLY A 732 -15.33 -47.99 -29.25
CA GLY A 732 -16.22 -46.84 -29.14
C GLY A 732 -15.47 -45.52 -29.05
N GLU A 733 -16.25 -44.43 -28.96
CA GLU A 733 -15.75 -43.10 -28.70
C GLU A 733 -16.45 -42.52 -27.47
N LEU A 734 -15.76 -41.56 -26.81
CA LEU A 734 -16.40 -40.73 -25.78
C LEU A 734 -15.91 -39.28 -25.89
N TYR A 735 -16.87 -38.35 -25.79
CA TYR A 735 -16.59 -36.93 -25.74
C TYR A 735 -16.84 -36.40 -24.31
N ILE A 736 -15.90 -35.62 -23.79
CA ILE A 736 -16.04 -35.01 -22.49
C ILE A 736 -15.91 -33.49 -22.62
N GLY A 737 -16.98 -32.75 -22.29
CA GLY A 737 -16.95 -31.32 -22.29
C GLY A 737 -15.99 -30.78 -21.24
N GLY A 738 -15.51 -29.56 -21.46
CA GLY A 738 -14.62 -28.85 -20.51
C GLY A 738 -15.35 -28.30 -19.29
N GLN A 739 -14.83 -27.23 -18.69
CA GLN A 739 -15.35 -26.76 -17.41
C GLN A 739 -14.74 -25.39 -17.09
N GLU A 740 -15.60 -24.45 -16.69
CA GLU A 740 -15.18 -23.18 -16.13
C GLU A 740 -15.02 -23.33 -14.62
N HIS A 741 -13.89 -22.83 -14.11
CA HIS A 741 -13.54 -22.90 -12.70
C HIS A 741 -14.62 -22.25 -11.82
N PHE A 742 -15.11 -21.08 -12.22
CA PHE A 742 -16.13 -20.30 -11.47
C PHE A 742 -15.65 -20.12 -10.01
N TYR A 743 -14.35 -19.79 -9.82
CA TYR A 743 -13.93 -19.20 -8.56
C TYR A 743 -14.90 -18.04 -8.31
N LEU A 744 -15.40 -17.91 -7.08
CA LEU A 744 -16.32 -16.81 -6.85
C LEU A 744 -15.66 -15.43 -6.93
N GLU A 745 -14.37 -15.34 -6.60
CA GLU A 745 -13.56 -14.16 -6.90
C GLU A 745 -12.85 -14.35 -8.24
N THR A 746 -13.13 -13.45 -9.19
CA THR A 746 -12.52 -13.47 -10.49
C THR A 746 -11.08 -13.00 -10.36
N ASN A 747 -10.35 -13.06 -11.48
CA ASN A 747 -8.96 -12.59 -11.55
C ASN A 747 -8.90 -11.09 -11.24
N CYS A 748 -7.86 -10.71 -10.50
CA CYS A 748 -7.69 -9.35 -10.00
C CYS A 748 -6.19 -9.12 -9.79
N THR A 749 -5.69 -7.95 -10.22
CA THR A 749 -4.35 -7.45 -9.86
C THR A 749 -4.43 -5.95 -9.51
N ILE A 750 -3.65 -5.53 -8.49
CA ILE A 750 -3.25 -4.15 -8.27
C ILE A 750 -1.75 -4.10 -8.45
N ALA A 751 -1.27 -3.17 -9.29
CA ALA A 751 0.17 -3.00 -9.43
C ALA A 751 0.54 -1.60 -8.92
N VAL A 752 1.48 -1.54 -8.01
CA VAL A 752 1.89 -0.31 -7.39
C VAL A 752 3.35 -0.04 -7.79
N PRO A 753 3.60 0.97 -8.65
CA PRO A 753 4.95 1.34 -9.06
C PRO A 753 5.59 2.19 -7.96
N LYS A 754 6.88 2.00 -7.73
CA LYS A 754 7.54 2.68 -6.67
C LYS A 754 8.47 3.80 -7.19
N GLY A 755 8.50 4.05 -8.49
CA GLY A 755 9.21 5.22 -8.99
C GLY A 755 10.73 5.13 -8.97
N GLU A 756 11.30 4.06 -8.41
CA GLU A 756 12.77 3.87 -8.27
C GLU A 756 13.19 2.54 -8.86
N ALA A 757 14.25 2.57 -9.66
CA ALA A 757 14.94 1.37 -10.08
C ALA A 757 13.98 0.35 -10.71
N GLY A 758 12.89 0.82 -11.31
CA GLY A 758 11.85 -0.08 -11.90
C GLY A 758 11.11 -0.97 -10.87
N GLU A 759 11.18 -0.62 -9.58
CA GLU A 759 10.60 -1.41 -8.52
C GLU A 759 9.07 -1.35 -8.63
N MET A 760 8.39 -2.47 -8.43
CA MET A 760 6.93 -2.54 -8.46
C MET A 760 6.48 -3.66 -7.50
N GLU A 761 5.33 -3.47 -6.86
CA GLU A 761 4.68 -4.42 -5.98
C GLU A 761 3.30 -4.73 -6.59
N LEU A 762 2.96 -6.02 -6.70
CA LEU A 762 1.67 -6.43 -7.21
C LEU A 762 0.92 -7.22 -6.13
N PHE A 763 -0.38 -6.91 -6.00
CA PHE A 763 -1.34 -7.65 -5.21
C PHE A 763 -2.28 -8.38 -6.16
N VAL A 764 -2.23 -9.70 -6.08
CA VAL A 764 -2.77 -10.52 -7.13
C VAL A 764 -3.54 -11.67 -6.48
N SER A 765 -4.71 -11.99 -7.04
CA SER A 765 -5.38 -13.26 -6.81
C SER A 765 -4.73 -14.33 -7.71
N THR A 766 -3.63 -14.94 -7.28
CA THR A 766 -2.97 -15.96 -8.05
C THR A 766 -2.47 -17.14 -7.21
N GLN A 767 -2.39 -18.31 -7.84
CA GLN A 767 -1.74 -19.51 -7.32
C GLN A 767 -0.24 -19.54 -7.64
N ASN A 768 0.28 -18.55 -8.39
CA ASN A 768 1.64 -18.62 -8.94
C ASN A 768 2.31 -17.24 -8.89
N THR A 769 2.83 -16.91 -7.72
CA THR A 769 3.53 -15.68 -7.54
C THR A 769 4.80 -15.67 -8.40
N MET A 770 5.47 -16.81 -8.54
CA MET A 770 6.78 -16.89 -9.22
C MET A 770 6.62 -16.53 -10.72
N LYS A 771 5.66 -17.14 -11.41
CA LYS A 771 5.45 -16.85 -12.81
C LYS A 771 4.89 -15.46 -13.01
N THR A 772 4.01 -15.01 -12.11
CA THR A 772 3.53 -13.65 -12.17
C THR A 772 4.72 -12.69 -12.18
N GLN A 773 5.65 -12.86 -11.24
CA GLN A 773 6.82 -12.00 -11.06
C GLN A 773 7.70 -12.06 -12.32
N SER A 774 8.09 -13.27 -12.73
CA SER A 774 8.92 -13.53 -13.95
C SER A 774 8.30 -12.84 -15.18
N PHE A 775 7.00 -13.01 -15.37
CA PHE A 775 6.35 -12.54 -16.61
C PHE A 775 6.26 -11.02 -16.65
N VAL A 776 6.07 -10.41 -15.47
CA VAL A 776 6.02 -8.97 -15.35
C VAL A 776 7.43 -8.40 -15.60
N ALA A 777 8.44 -9.00 -14.97
CA ALA A 777 9.80 -8.57 -15.14
C ALA A 777 10.26 -8.68 -16.60
N LYS A 778 9.94 -9.79 -17.27
CA LYS A 778 10.38 -9.98 -18.68
C LYS A 778 9.71 -8.94 -19.61
N MET A 779 8.45 -8.60 -19.32
CA MET A 779 7.69 -7.73 -20.13
C MET A 779 8.25 -6.31 -20.01
N LEU A 780 8.64 -5.93 -18.79
CA LEU A 780 9.15 -4.59 -18.43
C LEU A 780 10.63 -4.47 -18.80
N GLY A 781 11.32 -5.62 -18.81
CA GLY A 781 12.74 -5.69 -19.09
C GLY A 781 13.55 -5.26 -17.88
N VAL A 782 13.09 -5.66 -16.69
CA VAL A 782 13.84 -5.41 -15.44
C VAL A 782 14.13 -6.74 -14.78
N PRO A 783 15.15 -6.83 -13.93
CA PRO A 783 15.39 -8.06 -13.19
C PRO A 783 14.26 -8.45 -12.20
N ASP A 784 14.24 -9.73 -11.84
CA ASP A 784 13.20 -10.28 -10.99
C ASP A 784 13.26 -9.61 -9.60
N ASN A 785 14.45 -9.15 -9.24
CA ASN A 785 14.69 -8.61 -7.88
C ASN A 785 13.97 -7.27 -7.66
N ARG A 786 13.43 -6.68 -8.73
CA ARG A 786 12.70 -5.42 -8.70
C ARG A 786 11.19 -5.62 -8.44
N ILE A 787 10.68 -6.83 -8.69
CA ILE A 787 9.26 -7.12 -8.77
C ILE A 787 8.87 -8.00 -7.58
N VAL A 788 7.89 -7.52 -6.79
CA VAL A 788 7.38 -8.27 -5.62
C VAL A 788 5.93 -8.60 -5.89
N VAL A 789 5.61 -9.89 -5.74
CA VAL A 789 4.23 -10.35 -5.88
C VAL A 789 3.75 -10.86 -4.53
N ARG A 790 2.61 -10.32 -4.11
CA ARG A 790 2.00 -10.61 -2.81
C ARG A 790 0.60 -11.20 -3.02
N VAL A 791 0.29 -12.28 -2.29
CA VAL A 791 -1.00 -12.91 -2.27
C VAL A 791 -1.40 -13.15 -0.81
N LYS A 792 -2.42 -12.44 -0.33
CA LYS A 792 -2.92 -12.73 0.99
C LYS A 792 -3.83 -13.95 0.89
N ARG A 793 -4.79 -13.90 -0.03
CA ARG A 793 -5.68 -15.00 -0.30
C ARG A 793 -6.42 -14.81 -1.61
N MET A 794 -6.92 -15.94 -2.13
CA MET A 794 -7.81 -15.98 -3.27
C MET A 794 -9.19 -16.43 -2.83
N GLY A 795 -10.21 -15.93 -3.55
CA GLY A 795 -11.60 -16.45 -3.45
C GLY A 795 -11.80 -17.56 -4.46
N GLY A 796 -10.95 -18.57 -4.29
CA GLY A 796 -10.93 -19.75 -5.15
C GLY A 796 -9.90 -19.62 -6.24
N GLY A 797 -9.38 -20.77 -6.67
CA GLY A 797 -8.45 -20.87 -7.75
C GLY A 797 -8.70 -22.08 -8.64
N PHE A 798 -8.55 -23.27 -8.06
CA PHE A 798 -8.95 -24.50 -8.68
C PHE A 798 -8.09 -24.86 -9.91
N GLY A 799 -6.92 -24.22 -10.09
CA GLY A 799 -6.08 -24.39 -11.25
C GLY A 799 -6.18 -23.22 -12.21
N GLY A 800 -7.32 -22.51 -12.21
CA GLY A 800 -7.57 -21.41 -13.14
C GLY A 800 -6.68 -20.21 -12.88
N LYS A 801 -5.97 -20.19 -11.74
CA LYS A 801 -5.15 -19.07 -11.37
C LYS A 801 -3.71 -19.58 -11.25
N GLU A 802 -3.44 -20.76 -11.85
CA GLU A 802 -2.06 -21.35 -11.87
C GLU A 802 -1.14 -20.62 -12.88
N THR A 803 -1.70 -20.16 -14.02
CA THR A 803 -0.97 -19.42 -15.06
C THR A 803 -1.82 -18.28 -15.63
N ARG A 804 -3.13 -18.49 -15.77
CA ARG A 804 -3.95 -17.62 -16.66
C ARG A 804 -4.21 -16.28 -16.00
N SER A 805 -3.90 -16.16 -14.71
CA SER A 805 -4.03 -14.87 -13.99
C SER A 805 -3.01 -13.82 -14.52
N THR A 806 -1.87 -14.29 -15.07
CA THR A 806 -0.75 -13.40 -15.48
C THR A 806 -1.15 -12.47 -16.63
N VAL A 807 -2.19 -12.87 -17.37
CA VAL A 807 -2.71 -12.19 -18.53
C VAL A 807 -3.34 -10.87 -18.08
N VAL A 808 -3.89 -10.83 -16.86
CA VAL A 808 -4.32 -9.59 -16.28
C VAL A 808 -3.14 -8.88 -15.63
N SER A 809 -2.33 -9.63 -14.89
CA SER A 809 -1.25 -9.05 -14.11
C SER A 809 -0.30 -8.24 -15.01
N THR A 810 0.01 -8.77 -16.20
CA THR A 810 1.04 -8.14 -17.03
C THR A 810 0.52 -6.83 -17.59
N ALA A 811 -0.74 -6.80 -17.99
CA ALA A 811 -1.31 -5.63 -18.53
C ALA A 811 -1.38 -4.52 -17.47
N LEU A 812 -1.80 -4.86 -16.25
CA LEU A 812 -1.85 -3.85 -15.17
C LEU A 812 -0.47 -3.34 -14.82
N ALA A 813 0.51 -4.24 -14.77
CA ALA A 813 1.88 -3.88 -14.50
C ALA A 813 2.33 -2.84 -15.53
N LEU A 814 1.98 -3.09 -16.78
CA LEU A 814 2.43 -2.18 -17.84
C LEU A 814 1.83 -0.80 -17.61
N ALA A 815 0.53 -0.76 -17.32
CA ALA A 815 -0.16 0.44 -17.13
C ALA A 815 0.49 1.24 -16.02
N ALA A 816 0.83 0.53 -14.95
CA ALA A 816 1.42 1.13 -13.82
C ALA A 816 2.81 1.70 -14.17
N HIS A 817 3.64 0.95 -14.88
CA HIS A 817 4.96 1.42 -15.28
C HIS A 817 4.84 2.72 -16.11
N LYS A 818 3.94 2.73 -17.10
CA LYS A 818 3.70 3.83 -18.04
C LYS A 818 3.21 5.12 -17.34
N THR A 819 2.21 5.01 -16.46
CA THR A 819 1.64 6.19 -15.78
C THR A 819 2.46 6.60 -14.55
N GLY A 820 3.22 5.68 -13.95
CA GLY A 820 3.76 5.95 -12.64
C GLY A 820 2.71 6.00 -11.52
N ARG A 821 1.52 5.48 -11.80
CA ARG A 821 0.40 5.43 -10.84
C ARG A 821 0.01 3.99 -10.56
N PRO A 822 -0.52 3.71 -9.34
CA PRO A 822 -1.14 2.43 -9.06
C PRO A 822 -2.27 2.24 -10.07
N VAL A 823 -2.42 0.99 -10.52
CA VAL A 823 -3.48 0.58 -11.46
C VAL A 823 -4.06 -0.77 -10.97
N ARG A 824 -5.36 -0.92 -11.17
CA ARG A 824 -6.15 -2.05 -10.69
C ARG A 824 -7.08 -2.53 -11.81
N CYS A 825 -7.29 -3.85 -11.86
CA CYS A 825 -8.23 -4.50 -12.72
C CYS A 825 -8.77 -5.73 -12.01
N MET A 826 -10.08 -5.80 -11.86
CA MET A 826 -10.72 -7.01 -11.49
C MET A 826 -11.66 -7.34 -12.64
N LEU A 827 -11.58 -8.57 -13.14
CA LEU A 827 -12.40 -8.96 -14.25
C LEU A 827 -13.86 -9.09 -13.81
N ASP A 828 -14.76 -8.63 -14.68
CA ASP A 828 -16.15 -9.05 -14.65
C ASP A 828 -16.28 -10.52 -15.01
N ARG A 829 -17.33 -11.17 -14.52
CA ARG A 829 -17.48 -12.61 -14.73
C ARG A 829 -17.48 -12.92 -16.25
N ASP A 830 -18.12 -12.09 -17.08
CA ASP A 830 -18.21 -12.39 -18.54
C ASP A 830 -16.80 -12.34 -19.16
N GLU A 831 -16.04 -11.33 -18.78
CA GLU A 831 -14.67 -11.22 -19.21
C GLU A 831 -13.82 -12.41 -18.76
N ASP A 832 -13.95 -12.75 -17.47
CA ASP A 832 -13.11 -13.82 -16.91
C ASP A 832 -13.40 -15.15 -17.64
N MET A 833 -14.69 -15.48 -17.80
CA MET A 833 -15.07 -16.73 -18.43
C MET A 833 -14.59 -16.83 -19.90
N LEU A 834 -14.56 -15.70 -20.60
CA LEU A 834 -14.13 -15.62 -22.02
C LEU A 834 -12.61 -15.74 -22.13
N ILE A 835 -11.88 -14.99 -21.31
CA ILE A 835 -10.44 -14.78 -21.54
C ILE A 835 -9.60 -15.95 -21.01
N THR A 836 -9.97 -16.48 -19.82
CA THR A 836 -9.04 -17.27 -18.98
C THR A 836 -9.13 -18.77 -19.24
N GLY A 837 -10.02 -19.23 -20.12
CA GLY A 837 -10.09 -20.65 -20.49
C GLY A 837 -10.48 -21.55 -19.31
N GLY A 838 -10.40 -22.88 -19.53
CA GLY A 838 -11.00 -23.80 -18.64
C GLY A 838 -10.36 -25.18 -18.70
N ARG A 839 -11.08 -26.18 -18.19
CA ARG A 839 -10.69 -27.58 -18.35
C ARG A 839 -10.71 -27.96 -19.83
N HIS A 840 -9.82 -28.86 -20.19
CA HIS A 840 -9.67 -29.33 -21.53
C HIS A 840 -10.80 -30.28 -21.90
N PRO A 841 -11.62 -29.97 -22.93
CA PRO A 841 -12.45 -30.98 -23.55
C PRO A 841 -11.59 -32.13 -24.07
N PHE A 842 -12.10 -33.35 -23.96
CA PHE A 842 -11.41 -34.55 -24.42
C PHE A 842 -12.28 -35.31 -25.40
N LEU A 843 -11.64 -35.85 -26.44
CA LEU A 843 -12.27 -36.88 -27.32
C LEU A 843 -11.39 -38.11 -27.24
N ALA A 844 -12.00 -39.28 -27.01
CA ALA A 844 -11.23 -40.50 -26.92
C ALA A 844 -11.84 -41.58 -27.82
N LYS A 845 -10.97 -42.40 -28.40
CA LYS A 845 -11.32 -43.51 -29.29
C LYS A 845 -10.68 -44.76 -28.70
N TYR A 846 -11.50 -45.68 -28.20
CA TYR A 846 -11.00 -46.80 -27.43
C TYR A 846 -11.38 -48.12 -28.09
N LYS A 847 -10.59 -49.14 -27.77
CA LYS A 847 -10.86 -50.46 -28.17
C LYS A 847 -10.39 -51.37 -27.04
N VAL A 848 -11.29 -52.13 -26.45
CA VAL A 848 -10.92 -52.94 -25.29
C VAL A 848 -11.20 -54.40 -25.62
N GLY A 849 -10.25 -55.27 -25.22
CA GLY A 849 -10.36 -56.70 -25.36
C GLY A 849 -10.45 -57.37 -23.99
N PHE A 850 -11.37 -58.33 -23.87
CA PHE A 850 -11.65 -58.93 -22.58
C PHE A 850 -12.21 -60.35 -22.74
N MET A 851 -12.12 -61.10 -21.64
CA MET A 851 -12.67 -62.43 -21.52
C MET A 851 -14.13 -62.36 -21.06
N LYS A 852 -14.83 -63.49 -21.23
CA LYS A 852 -16.20 -63.70 -20.85
C LYS A 852 -16.35 -63.52 -19.33
N THR A 853 -15.28 -63.75 -18.58
CA THR A 853 -15.24 -63.53 -17.14
C THR A 853 -15.23 -62.03 -16.74
N GLY A 854 -15.04 -61.13 -17.70
CA GLY A 854 -14.93 -59.70 -17.43
C GLY A 854 -13.49 -59.23 -17.31
N THR A 855 -12.53 -60.15 -17.24
CA THR A 855 -11.10 -59.82 -17.16
C THR A 855 -10.67 -59.15 -18.45
N VAL A 856 -10.09 -57.94 -18.35
CA VAL A 856 -9.67 -57.23 -19.55
C VAL A 856 -8.20 -57.57 -19.84
N VAL A 857 -7.91 -57.90 -21.10
CA VAL A 857 -6.59 -58.38 -21.50
C VAL A 857 -5.92 -57.36 -22.43
N ALA A 858 -6.68 -56.43 -23.01
CA ALA A 858 -6.06 -55.51 -23.94
C ALA A 858 -6.88 -54.22 -24.06
N LEU A 859 -6.13 -53.11 -24.20
CA LEU A 859 -6.69 -51.81 -24.30
C LEU A 859 -5.78 -50.89 -25.14
N GLU A 860 -6.44 -50.20 -26.06
CA GLU A 860 -5.83 -49.16 -26.86
C GLU A 860 -6.78 -47.94 -26.81
N VAL A 861 -6.23 -46.78 -26.42
CA VAL A 861 -7.00 -45.55 -26.36
C VAL A 861 -6.24 -44.41 -27.01
N ALA A 862 -6.90 -43.71 -27.92
CA ALA A 862 -6.34 -42.53 -28.50
C ALA A 862 -7.11 -41.34 -27.94
N HIS A 863 -6.39 -40.45 -27.25
CA HIS A 863 -6.95 -39.29 -26.61
C HIS A 863 -6.61 -38.02 -27.42
N PHE A 864 -7.60 -37.16 -27.59
CA PHE A 864 -7.41 -35.84 -28.14
C PHE A 864 -7.98 -34.78 -27.18
N SER A 865 -7.21 -33.71 -26.94
CA SER A 865 -7.68 -32.55 -26.12
C SER A 865 -7.71 -31.27 -26.97
N ASN A 866 -8.61 -30.35 -26.60
CA ASN A 866 -8.68 -29.08 -27.25
C ASN A 866 -7.97 -28.05 -26.35
N GLY A 867 -6.76 -27.66 -26.73
CA GLY A 867 -5.82 -26.84 -25.97
C GLY A 867 -6.07 -25.34 -26.12
N GLY A 868 -6.71 -24.96 -27.21
CA GLY A 868 -6.88 -23.57 -27.58
C GLY A 868 -5.58 -22.91 -28.07
N ASN A 869 -5.57 -21.58 -27.92
CA ASN A 869 -4.73 -20.45 -28.47
C ASN A 869 -3.21 -20.59 -28.21
N THR A 870 -2.83 -21.32 -27.15
CA THR A 870 -1.53 -21.17 -26.47
C THR A 870 -1.21 -22.55 -25.87
N GLU A 871 0.05 -22.95 -25.66
CA GLU A 871 0.32 -24.30 -25.12
C GLU A 871 -0.04 -24.39 -23.63
N ASP A 872 0.42 -23.40 -22.84
CA ASP A 872 0.15 -23.36 -21.41
C ASP A 872 0.45 -24.77 -20.86
N LEU A 873 -0.46 -25.36 -20.06
CA LEU A 873 -0.12 -26.61 -19.33
C LEU A 873 -0.64 -27.84 -20.09
N SER A 874 -1.10 -27.64 -21.31
CA SER A 874 -1.83 -28.64 -22.06
C SER A 874 -1.10 -29.99 -22.17
N ARG A 875 0.22 -29.98 -22.36
CA ARG A 875 0.96 -31.20 -22.60
C ARG A 875 1.08 -32.00 -21.29
N SER A 876 1.26 -31.32 -20.16
CA SER A 876 1.35 -31.94 -18.88
C SER A 876 0.02 -32.55 -18.48
N ILE A 877 -1.07 -31.85 -18.83
CA ILE A 877 -2.42 -32.33 -18.56
C ILE A 877 -2.64 -33.67 -19.32
N MET A 878 -2.16 -33.75 -20.56
CA MET A 878 -2.32 -34.96 -21.39
C MET A 878 -1.48 -36.11 -20.79
N GLU A 879 -0.29 -35.78 -20.32
CA GLU A 879 0.51 -36.73 -19.69
C GLU A 879 -0.24 -37.35 -18.51
N ARG A 880 -0.82 -36.50 -17.65
CA ARG A 880 -1.51 -36.98 -16.45
C ARG A 880 -2.72 -37.84 -16.86
N ALA A 881 -3.42 -37.46 -17.92
CA ALA A 881 -4.54 -38.26 -18.36
C ALA A 881 -4.02 -39.65 -18.71
N LEU A 882 -2.90 -39.71 -19.44
CA LEU A 882 -2.32 -40.98 -19.82
C LEU A 882 -1.85 -41.74 -18.59
N PHE A 883 -1.27 -41.05 -17.58
CA PHE A 883 -0.84 -41.75 -16.38
C PHE A 883 -2.04 -42.37 -15.63
N HIS A 884 -3.28 -41.96 -15.97
CA HIS A 884 -4.48 -42.41 -15.24
C HIS A 884 -5.49 -43.14 -16.14
N MET A 885 -5.08 -43.60 -17.32
CA MET A 885 -5.99 -44.29 -18.25
C MET A 885 -6.34 -45.70 -17.75
N ASP A 886 -5.61 -46.18 -16.77
CA ASP A 886 -5.83 -47.45 -16.11
C ASP A 886 -6.94 -47.36 -15.03
N ASN A 887 -7.15 -46.14 -14.50
CA ASN A 887 -7.80 -45.90 -13.22
C ASN A 887 -7.27 -46.92 -12.21
N ALA A 888 -8.12 -47.86 -11.77
CA ALA A 888 -7.75 -48.76 -10.70
C ALA A 888 -7.32 -50.13 -11.25
N TYR A 889 -7.19 -50.29 -12.57
CA TYR A 889 -7.23 -51.63 -13.18
C TYR A 889 -5.88 -52.00 -13.82
N LYS A 890 -5.49 -53.26 -13.55
CA LYS A 890 -4.31 -53.93 -14.11
C LYS A 890 -4.70 -54.44 -15.50
N ILE A 891 -3.99 -53.95 -16.53
CA ILE A 891 -4.22 -54.30 -17.91
C ILE A 891 -2.88 -54.73 -18.50
N PRO A 892 -2.67 -56.05 -18.77
CA PRO A 892 -1.35 -56.54 -19.14
C PRO A 892 -0.83 -56.01 -20.47
N ASN A 893 -1.73 -55.71 -21.41
CA ASN A 893 -1.38 -55.26 -22.74
C ASN A 893 -2.16 -53.96 -23.00
N ILE A 894 -1.44 -52.84 -23.09
CA ILE A 894 -2.04 -51.53 -23.06
C ILE A 894 -1.23 -50.57 -23.93
N ARG A 895 -1.96 -49.74 -24.67
CA ARG A 895 -1.38 -48.66 -25.46
C ARG A 895 -2.29 -47.43 -25.37
N GLY A 896 -1.72 -46.32 -24.87
CA GLY A 896 -2.43 -45.04 -24.84
C GLY A 896 -1.66 -43.97 -25.57
N THR A 897 -2.36 -43.19 -26.39
CA THR A 897 -1.80 -42.02 -27.03
C THR A 897 -2.62 -40.77 -26.70
N GLY A 898 -1.92 -39.64 -26.70
CA GLY A 898 -2.54 -38.35 -26.62
C GLY A 898 -1.96 -37.38 -27.63
N ARG A 899 -2.85 -36.54 -28.13
CA ARG A 899 -2.50 -35.44 -28.99
C ARG A 899 -3.22 -34.21 -28.45
N ILE A 900 -2.51 -33.08 -28.35
CA ILE A 900 -3.14 -31.86 -27.93
C ILE A 900 -3.39 -30.99 -29.16
N CYS A 901 -4.68 -30.67 -29.39
CA CYS A 901 -5.09 -29.86 -30.49
C CYS A 901 -4.82 -28.36 -30.22
N LYS A 902 -4.23 -27.71 -31.23
CA LYS A 902 -3.95 -26.29 -31.24
C LYS A 902 -5.02 -25.62 -32.08
N THR A 903 -5.82 -24.76 -31.45
CA THR A 903 -7.04 -24.27 -32.02
C THR A 903 -7.20 -22.80 -31.73
N ASN A 904 -8.07 -22.13 -32.49
CA ASN A 904 -8.48 -20.73 -32.30
C ASN A 904 -9.62 -20.60 -31.27
N LEU A 905 -9.30 -21.04 -30.05
CA LEU A 905 -10.13 -20.87 -28.88
C LEU A 905 -9.27 -20.29 -27.76
N PRO A 906 -9.86 -19.65 -26.73
CA PRO A 906 -9.10 -19.30 -25.53
C PRO A 906 -8.29 -20.51 -25.04
N SER A 907 -7.06 -20.24 -24.57
CA SER A 907 -6.17 -21.32 -24.14
C SER A 907 -6.76 -22.01 -22.90
N ASN A 908 -6.82 -23.33 -22.93
CA ASN A 908 -7.30 -24.12 -21.78
C ASN A 908 -6.11 -24.42 -20.87
N THR A 909 -6.39 -24.66 -19.58
CA THR A 909 -5.36 -24.73 -18.53
C THR A 909 -5.65 -25.81 -17.49
N ALA A 910 -4.99 -25.66 -16.33
CA ALA A 910 -5.21 -26.47 -15.14
C ALA A 910 -6.63 -26.25 -14.60
N PHE A 911 -7.24 -27.37 -14.22
CA PHE A 911 -8.46 -27.42 -13.45
C PHE A 911 -8.36 -28.69 -12.62
N ARG A 912 -8.39 -28.52 -11.29
CA ARG A 912 -8.48 -29.52 -10.26
C ARG A 912 -8.70 -30.90 -10.89
N GLY A 913 -7.66 -31.72 -10.91
CA GLY A 913 -7.74 -32.97 -11.62
C GLY A 913 -6.67 -33.09 -12.68
N PHE A 914 -6.54 -32.01 -13.47
CA PHE A 914 -5.41 -31.79 -14.32
C PHE A 914 -5.26 -32.95 -15.32
N GLY A 915 -6.35 -33.29 -16.01
CA GLY A 915 -6.32 -34.40 -17.01
C GLY A 915 -6.67 -35.76 -16.42
N GLY A 916 -6.51 -35.92 -15.10
CA GLY A 916 -6.85 -37.20 -14.44
C GLY A 916 -8.32 -37.58 -14.66
N PRO A 917 -9.28 -36.67 -14.34
CA PRO A 917 -10.70 -37.00 -14.46
C PRO A 917 -11.07 -37.48 -15.86
N GLN A 918 -10.49 -36.86 -16.89
CA GLN A 918 -10.81 -37.17 -18.30
C GLN A 918 -10.33 -38.58 -18.61
N GLY A 919 -9.05 -38.85 -18.30
CA GLY A 919 -8.44 -40.14 -18.46
C GLY A 919 -9.26 -41.25 -17.78
N MET A 920 -9.69 -40.99 -16.55
CA MET A 920 -10.33 -42.03 -15.73
C MET A 920 -11.79 -42.22 -16.13
N LEU A 921 -12.47 -41.18 -16.61
CA LEU A 921 -13.82 -41.34 -17.08
C LEU A 921 -13.84 -42.24 -18.33
N ILE A 922 -12.83 -42.12 -19.19
CA ILE A 922 -12.75 -42.98 -20.37
C ILE A 922 -12.59 -44.44 -19.93
N ALA A 923 -11.61 -44.71 -19.04
CA ALA A 923 -11.40 -46.03 -18.46
C ALA A 923 -12.71 -46.61 -17.90
N GLU A 924 -13.41 -45.84 -17.07
CA GLU A 924 -14.68 -46.34 -16.51
C GLU A 924 -15.77 -46.50 -17.59
N TYR A 925 -15.76 -45.66 -18.62
CA TYR A 925 -16.74 -45.75 -19.67
C TYR A 925 -16.63 -47.10 -20.40
N TRP A 926 -15.43 -47.47 -20.85
CA TRP A 926 -15.28 -48.75 -21.57
C TRP A 926 -15.51 -49.90 -20.58
N MET A 927 -15.08 -49.72 -19.31
CA MET A 927 -15.30 -50.71 -18.23
C MET A 927 -16.78 -50.96 -18.04
N SER A 928 -17.60 -49.92 -18.14
CA SER A 928 -19.07 -50.09 -18.00
C SER A 928 -19.55 -51.04 -19.12
N GLU A 929 -18.99 -50.87 -20.31
CA GLU A 929 -19.40 -51.63 -21.48
C GLU A 929 -18.87 -53.07 -21.39
N VAL A 930 -17.72 -53.28 -20.77
CA VAL A 930 -17.19 -54.60 -20.51
C VAL A 930 -18.21 -55.39 -19.67
N ALA A 931 -18.65 -54.78 -18.55
CA ALA A 931 -19.58 -55.43 -17.63
C ALA A 931 -20.86 -55.81 -18.38
N ILE A 932 -21.43 -54.88 -19.14
CA ILE A 932 -22.69 -55.12 -19.83
C ILE A 932 -22.53 -56.18 -20.93
N THR A 933 -21.40 -56.16 -21.66
CA THR A 933 -21.18 -57.16 -22.70
C THR A 933 -21.15 -58.55 -22.04
N CYS A 934 -20.48 -58.68 -20.89
CA CYS A 934 -20.31 -59.96 -20.24
C CYS A 934 -21.60 -60.43 -19.55
N GLY A 935 -22.58 -59.56 -19.31
CA GLY A 935 -23.76 -59.89 -18.47
C GLY A 935 -23.40 -60.17 -17.02
N LEU A 936 -22.36 -59.50 -16.53
CA LEU A 936 -21.90 -59.66 -15.17
C LEU A 936 -22.13 -58.36 -14.38
N PRO A 937 -22.29 -58.44 -13.05
CA PRO A 937 -22.44 -57.22 -12.23
C PRO A 937 -21.19 -56.34 -12.34
N ALA A 938 -21.37 -55.04 -12.63
CA ALA A 938 -20.25 -54.10 -12.84
C ALA A 938 -19.26 -54.13 -11.67
N GLU A 939 -19.83 -54.11 -10.46
CA GLU A 939 -19.17 -54.26 -9.14
C GLU A 939 -18.09 -55.36 -9.20
N GLU A 940 -18.46 -56.54 -9.72
CA GLU A 940 -17.61 -57.75 -9.69
C GLU A 940 -16.55 -57.65 -10.78
N VAL A 941 -16.95 -57.06 -11.91
CA VAL A 941 -16.06 -56.88 -13.04
C VAL A 941 -14.92 -55.91 -12.66
N ARG A 942 -15.28 -54.79 -12.01
CA ARG A 942 -14.29 -53.81 -11.54
C ARG A 942 -13.36 -54.45 -10.51
N ARG A 943 -13.93 -55.12 -9.49
CA ARG A 943 -13.13 -55.67 -8.40
C ARG A 943 -12.13 -56.67 -8.98
N LYS A 944 -12.59 -57.57 -9.88
CA LYS A 944 -11.76 -58.62 -10.56
C LYS A 944 -10.53 -58.01 -11.24
N ASN A 945 -10.72 -56.83 -11.83
CA ASN A 945 -9.69 -56.21 -12.68
C ASN A 945 -8.78 -55.31 -11.85
N MET A 946 -9.16 -55.07 -10.60
CA MET A 946 -8.47 -54.10 -9.78
C MET A 946 -7.02 -54.54 -9.59
N TYR A 947 -6.09 -53.57 -9.56
CA TYR A 947 -4.72 -53.85 -9.12
C TYR A 947 -4.70 -54.52 -7.74
N LYS A 948 -3.58 -55.20 -7.45
CA LYS A 948 -3.18 -55.74 -6.14
C LYS A 948 -1.94 -54.99 -5.63
N GLU A 949 -1.75 -55.01 -4.32
CA GLU A 949 -0.55 -54.52 -3.66
C GLU A 949 0.68 -55.10 -4.36
N GLY A 950 1.60 -54.23 -4.82
CA GLY A 950 2.89 -54.66 -5.37
C GLY A 950 2.88 -54.71 -6.89
N ASP A 951 1.71 -54.61 -7.51
CA ASP A 951 1.64 -54.56 -8.94
C ASP A 951 2.29 -53.28 -9.48
N LEU A 952 2.76 -53.37 -10.74
CA LEU A 952 3.20 -52.21 -11.48
C LEU A 952 2.06 -51.69 -12.37
N THR A 953 2.03 -50.36 -12.51
CA THR A 953 1.13 -49.67 -13.41
C THR A 953 1.61 -49.87 -14.87
N HIS A 954 0.82 -49.42 -15.83
CA HIS A 954 1.23 -49.38 -17.22
C HIS A 954 2.52 -48.54 -17.40
N PHE A 955 2.84 -47.69 -16.42
CA PHE A 955 4.04 -46.86 -16.53
C PHE A 955 5.12 -47.39 -15.57
N ASN A 956 4.93 -48.63 -15.06
CA ASN A 956 5.95 -49.41 -14.36
C ASN A 956 6.28 -48.86 -12.97
N GLN A 957 5.36 -48.10 -12.36
CA GLN A 957 5.52 -47.67 -11.01
C GLN A 957 4.85 -48.73 -10.11
N LYS A 958 5.51 -49.09 -9.03
CA LYS A 958 4.98 -50.06 -8.12
C LYS A 958 3.94 -49.46 -7.17
N LEU A 959 2.85 -50.19 -6.89
CA LEU A 959 1.86 -49.70 -5.96
C LEU A 959 2.14 -50.30 -4.58
N GLU A 960 2.69 -49.47 -3.70
CA GLU A 960 2.92 -49.87 -2.32
C GLU A 960 1.95 -49.09 -1.43
N GLY A 961 1.65 -49.67 -0.27
CA GLY A 961 0.64 -49.11 0.63
C GLY A 961 -0.66 -48.88 -0.14
N PHE A 962 -1.05 -49.91 -0.89
CA PHE A 962 -2.19 -49.93 -1.78
C PHE A 962 -3.50 -50.17 -1.02
N THR A 963 -4.20 -49.08 -0.76
CA THR A 963 -5.25 -49.02 0.23
C THR A 963 -6.63 -49.16 -0.44
N LEU A 964 -6.64 -49.15 -1.78
CA LEU A 964 -7.88 -49.11 -2.54
C LEU A 964 -8.81 -50.27 -2.16
N PRO A 965 -8.35 -51.52 -2.03
CA PRO A 965 -9.26 -52.61 -1.64
C PRO A 965 -9.98 -52.40 -0.31
N ARG A 966 -9.30 -51.85 0.70
CA ARG A 966 -9.96 -51.55 1.96
C ARG A 966 -11.02 -50.46 1.74
N CYS A 967 -10.68 -49.44 0.93
CA CYS A 967 -11.63 -48.34 0.64
C CYS A 967 -12.90 -48.96 0.02
N TRP A 968 -12.69 -49.88 -0.92
CA TRP A 968 -13.74 -50.57 -1.68
C TRP A 968 -14.63 -51.39 -0.75
N ASP A 969 -14.02 -52.27 0.03
CA ASP A 969 -14.76 -53.19 0.96
C ASP A 969 -15.47 -52.39 2.04
N GLU A 970 -14.83 -51.33 2.57
CA GLU A 970 -15.54 -50.47 3.54
C GLU A 970 -16.73 -49.78 2.87
N CYS A 971 -16.51 -49.27 1.66
CA CYS A 971 -17.58 -48.53 1.00
C CYS A 971 -18.74 -49.46 0.62
N ILE A 972 -18.47 -50.62 -0.02
CA ILE A 972 -19.55 -51.56 -0.41
C ILE A 972 -20.35 -51.94 0.85
N ALA A 973 -19.67 -52.13 1.98
CA ALA A 973 -20.33 -52.61 3.20
C ALA A 973 -21.12 -51.47 3.82
N SER A 974 -20.48 -50.31 4.04
CA SER A 974 -21.14 -49.26 4.77
C SER A 974 -22.29 -48.65 3.93
N SER A 975 -22.18 -48.68 2.59
CA SER A 975 -23.26 -48.13 1.74
C SER A 975 -24.42 -49.13 1.59
N GLN A 976 -24.23 -50.38 2.05
CA GLN A 976 -25.19 -51.48 1.81
C GLN A 976 -25.53 -51.54 0.31
N TYR A 977 -24.47 -51.57 -0.52
CA TYR A 977 -24.58 -51.52 -1.95
C TYR A 977 -25.44 -52.68 -2.49
N LEU A 978 -25.21 -53.91 -1.98
CA LEU A 978 -25.91 -55.11 -2.50
C LEU A 978 -27.42 -55.06 -2.19
N ALA A 979 -27.80 -54.69 -0.98
CA ALA A 979 -29.24 -54.66 -0.65
C ALA A 979 -29.92 -53.49 -1.40
N ARG A 980 -29.14 -52.44 -1.69
CA ARG A 980 -29.70 -51.32 -2.41
C ARG A 980 -29.89 -51.68 -3.88
N LYS A 981 -29.02 -52.54 -4.43
CA LYS A 981 -29.13 -53.04 -5.81
C LYS A 981 -30.54 -53.59 -6.02
N ARG A 982 -30.99 -54.40 -5.05
CA ARG A 982 -32.25 -55.10 -5.14
C ARG A 982 -33.41 -54.09 -5.07
N GLU A 983 -33.33 -53.10 -4.16
CA GLU A 983 -34.33 -52.04 -4.07
C GLU A 983 -34.40 -51.26 -5.40
N VAL A 984 -33.23 -50.99 -6.01
CA VAL A 984 -33.21 -50.28 -7.28
C VAL A 984 -33.94 -51.14 -8.35
N GLU A 985 -33.59 -52.42 -8.44
CA GLU A 985 -34.23 -53.36 -9.40
C GLU A 985 -35.77 -53.38 -9.18
N LYS A 986 -36.22 -53.45 -7.93
CA LYS A 986 -37.66 -53.45 -7.59
C LYS A 986 -38.34 -52.15 -8.04
N PHE A 987 -37.75 -51.01 -7.70
CA PHE A 987 -38.25 -49.70 -8.14
C PHE A 987 -38.45 -49.69 -9.67
N ASN A 988 -37.42 -50.17 -10.39
CA ASN A 988 -37.41 -50.14 -11.87
C ASN A 988 -38.53 -51.02 -12.46
N ARG A 989 -38.90 -52.10 -11.77
CA ARG A 989 -39.96 -53.01 -12.20
C ARG A 989 -41.35 -52.44 -11.90
N GLU A 990 -41.47 -51.48 -10.97
CA GLU A 990 -42.75 -50.94 -10.54
C GLU A 990 -42.96 -49.50 -11.05
N ASN A 991 -42.05 -48.97 -11.86
CA ASN A 991 -42.15 -47.57 -12.33
C ASN A 991 -41.75 -47.53 -13.81
N CYS A 992 -42.61 -47.00 -14.67
CA CYS A 992 -42.36 -46.96 -16.13
C CYS A 992 -41.62 -45.69 -16.54
N TRP A 993 -41.84 -44.58 -15.81
CA TRP A 993 -41.41 -43.23 -16.28
C TRP A 993 -40.42 -42.53 -15.32
N LYS A 994 -40.01 -43.21 -14.24
CA LYS A 994 -38.85 -42.90 -13.40
C LYS A 994 -38.00 -44.16 -13.27
N LYS A 995 -36.67 -44.01 -13.23
CA LYS A 995 -35.81 -45.16 -13.04
C LYS A 995 -34.67 -44.75 -12.11
N ARG A 996 -34.27 -45.70 -11.27
CA ARG A 996 -33.11 -45.54 -10.43
C ARG A 996 -31.91 -46.24 -11.06
N GLY A 997 -30.73 -45.73 -10.70
CA GLY A 997 -29.46 -46.36 -10.95
C GLY A 997 -28.55 -46.23 -9.74
N LEU A 998 -27.59 -47.16 -9.64
CA LEU A 998 -26.67 -47.30 -8.53
C LEU A 998 -25.30 -47.76 -9.06
N CYS A 999 -24.23 -47.03 -8.71
CA CYS A 999 -22.92 -47.44 -9.17
C CYS A 999 -21.88 -47.14 -8.10
N ILE A 1000 -20.87 -48.01 -8.02
CA ILE A 1000 -19.71 -47.82 -7.14
C ILE A 1000 -18.43 -47.76 -8.01
N ILE A 1001 -17.67 -46.69 -7.80
CA ILE A 1001 -16.53 -46.32 -8.65
C ILE A 1001 -15.30 -46.12 -7.77
N PRO A 1002 -14.15 -46.73 -8.14
CA PRO A 1002 -12.90 -46.51 -7.43
C PRO A 1002 -12.04 -45.45 -8.10
N THR A 1003 -10.97 -45.02 -7.43
CA THR A 1003 -9.99 -44.12 -8.04
C THR A 1003 -8.61 -44.32 -7.41
N LYS A 1004 -7.61 -44.15 -8.29
CA LYS A 1004 -6.20 -44.06 -7.99
C LYS A 1004 -5.73 -42.72 -8.57
N PHE A 1005 -5.07 -41.89 -7.75
CA PHE A 1005 -4.62 -40.54 -8.22
C PHE A 1005 -3.16 -40.32 -7.79
N GLY A 1006 -2.26 -40.21 -8.77
CA GLY A 1006 -0.84 -40.05 -8.45
C GLY A 1006 -0.54 -38.66 -7.94
N ILE A 1007 0.22 -38.58 -6.85
CA ILE A 1007 0.58 -37.31 -6.22
C ILE A 1007 2.03 -36.91 -6.54
N SER A 1008 2.15 -35.74 -7.19
CA SER A 1008 3.36 -34.97 -7.45
C SER A 1008 3.23 -34.30 -8.83
N PHE A 1009 3.90 -33.15 -9.00
CA PHE A 1009 3.98 -32.55 -10.32
C PHE A 1009 4.67 -33.57 -11.24
N THR A 1010 4.19 -33.69 -12.47
CA THR A 1010 4.76 -34.52 -13.56
C THR A 1010 6.11 -33.94 -14.02
N LEU A 1011 6.33 -32.63 -13.82
CA LEU A 1011 7.69 -32.03 -13.91
C LEU A 1011 8.41 -32.15 -12.56
N PRO A 1012 9.42 -33.04 -12.41
CA PRO A 1012 10.00 -33.32 -11.09
C PRO A 1012 10.46 -32.10 -10.26
N PHE A 1013 11.16 -31.14 -10.88
CA PHE A 1013 11.81 -30.09 -10.11
C PHE A 1013 10.77 -29.16 -9.45
N LEU A 1014 9.51 -29.18 -9.90
CA LEU A 1014 8.47 -28.36 -9.28
C LEU A 1014 8.08 -28.89 -7.90
N ASN A 1015 8.50 -30.12 -7.57
CA ASN A 1015 8.26 -30.74 -6.27
C ASN A 1015 9.30 -30.22 -5.27
N GLN A 1016 9.17 -28.94 -4.94
CA GLN A 1016 10.02 -28.24 -4.01
C GLN A 1016 9.19 -27.16 -3.35
N GLY A 1017 9.55 -26.83 -2.10
CA GLY A 1017 8.92 -25.76 -1.37
C GLY A 1017 9.87 -25.20 -0.33
N GLY A 1018 9.56 -23.97 0.10
CA GLY A 1018 10.36 -23.21 1.01
C GLY A 1018 9.48 -22.48 2.01
N ALA A 1019 10.09 -22.17 3.16
CA ALA A 1019 9.50 -21.41 4.19
C ALA A 1019 10.53 -20.47 4.79
N LEU A 1020 10.01 -19.50 5.53
CA LEU A 1020 10.79 -18.62 6.32
C LEU A 1020 10.06 -18.39 7.65
N VAL A 1021 10.80 -18.51 8.77
CA VAL A 1021 10.20 -18.30 10.08
C VAL A 1021 11.02 -17.28 10.86
N HIS A 1022 10.31 -16.44 11.61
CA HIS A 1022 10.88 -15.57 12.59
C HIS A 1022 10.19 -15.79 13.92
N VAL A 1023 10.98 -15.71 14.98
CA VAL A 1023 10.50 -15.63 16.30
C VAL A 1023 10.93 -14.28 16.87
N TYR A 1024 9.94 -13.47 17.25
CA TYR A 1024 10.20 -12.15 17.80
C TYR A 1024 10.49 -12.33 19.31
N THR A 1025 10.93 -11.26 19.95
CA THR A 1025 11.41 -11.33 21.37
C THR A 1025 10.26 -11.45 22.36
N ASP A 1026 9.00 -11.23 21.93
CA ASP A 1026 7.80 -11.57 22.77
C ASP A 1026 7.47 -13.08 22.65
N GLY A 1027 8.23 -13.86 21.92
CA GLY A 1027 7.92 -15.28 21.70
C GLY A 1027 7.00 -15.55 20.51
N SER A 1028 6.37 -14.51 19.91
CA SER A 1028 5.38 -14.76 18.83
C SER A 1028 6.15 -15.09 17.54
N VAL A 1029 5.56 -15.93 16.72
CA VAL A 1029 6.19 -16.50 15.55
C VAL A 1029 5.45 -16.00 14.29
N LEU A 1030 6.20 -15.42 13.36
CA LEU A 1030 5.67 -15.05 12.05
C LEU A 1030 6.21 -16.05 11.04
N LEU A 1031 5.27 -16.74 10.38
CA LEU A 1031 5.62 -17.77 9.45
C LEU A 1031 5.11 -17.40 8.06
N THR A 1032 5.87 -17.80 7.03
CA THR A 1032 5.43 -17.71 5.68
C THR A 1032 6.01 -18.89 4.92
N HIS A 1033 5.37 -19.25 3.81
CA HIS A 1033 5.80 -20.33 2.95
C HIS A 1033 5.38 -19.99 1.52
N GLY A 1034 5.78 -20.80 0.54
CA GLY A 1034 5.52 -20.47 -0.87
C GLY A 1034 4.07 -20.70 -1.30
N GLY A 1035 3.30 -21.41 -0.47
CA GLY A 1035 1.92 -21.78 -0.77
C GLY A 1035 0.96 -20.61 -0.61
N THR A 1036 -0.07 -20.59 -1.46
CA THR A 1036 -1.06 -19.57 -1.42
C THR A 1036 -2.39 -20.18 -0.92
N GLU A 1037 -3.15 -19.36 -0.17
CA GLU A 1037 -4.45 -19.73 0.40
C GLU A 1037 -5.55 -19.35 -0.61
N MET A 1038 -6.33 -20.35 -1.04
CA MET A 1038 -7.40 -20.16 -1.99
C MET A 1038 -8.67 -20.83 -1.46
N GLY A 1039 -8.67 -21.16 -0.14
CA GLY A 1039 -9.85 -21.71 0.51
C GLY A 1039 -9.67 -23.16 0.91
N GLN A 1040 -8.51 -23.74 0.58
CA GLN A 1040 -8.21 -25.14 0.87
C GLN A 1040 -7.64 -25.32 2.28
N GLY A 1041 -7.47 -24.23 3.05
CA GLY A 1041 -7.04 -24.36 4.44
C GLY A 1041 -5.56 -24.68 4.57
N LEU A 1042 -4.76 -24.22 3.60
CA LEU A 1042 -3.29 -24.47 3.60
C LEU A 1042 -2.62 -23.77 4.79
N HIS A 1043 -2.90 -22.49 5.02
CA HIS A 1043 -2.24 -21.78 6.12
C HIS A 1043 -2.61 -22.44 7.46
N THR A 1044 -3.87 -22.82 7.59
CA THR A 1044 -4.32 -23.50 8.77
C THR A 1044 -3.44 -24.73 9.01
N LYS A 1045 -3.29 -25.58 8.00
CA LYS A 1045 -2.49 -26.77 8.13
C LYS A 1045 -1.04 -26.46 8.48
N MET A 1046 -0.49 -25.37 7.92
CA MET A 1046 0.92 -25.09 8.12
C MET A 1046 1.13 -24.60 9.56
N VAL A 1047 0.15 -23.86 10.09
CA VAL A 1047 0.14 -23.45 11.47
C VAL A 1047 0.01 -24.69 12.39
N GLN A 1048 -0.85 -25.65 12.04
CA GLN A 1048 -0.96 -26.92 12.78
C GLN A 1048 0.41 -27.61 12.84
N VAL A 1049 1.10 -27.63 11.71
CA VAL A 1049 2.37 -28.31 11.56
C VAL A 1049 3.44 -27.60 12.40
N ALA A 1050 3.52 -26.28 12.29
CA ALA A 1050 4.58 -25.56 13.00
C ALA A 1050 4.38 -25.67 14.52
N SER A 1051 3.12 -25.71 14.96
CA SER A 1051 2.77 -25.75 16.32
C SER A 1051 3.25 -27.07 16.96
N ARG A 1052 3.11 -28.15 16.21
CA ARG A 1052 3.63 -29.44 16.63
C ARG A 1052 5.16 -29.39 16.57
N ALA A 1053 5.72 -28.91 15.46
CA ALA A 1053 7.18 -28.97 15.36
C ALA A 1053 7.83 -28.17 16.51
N LEU A 1054 7.30 -26.99 16.85
CA LEU A 1054 7.92 -26.10 17.87
C LEU A 1054 7.45 -26.44 19.28
N LYS A 1055 6.33 -27.17 19.41
CA LYS A 1055 5.70 -27.51 20.68
C LYS A 1055 5.28 -26.24 21.42
N ILE A 1056 4.56 -25.41 20.68
CA ILE A 1056 3.88 -24.28 21.23
C ILE A 1056 2.48 -24.28 20.65
N PRO A 1057 1.53 -23.57 21.30
CA PRO A 1057 0.17 -23.45 20.80
C PRO A 1057 0.07 -22.70 19.49
N THR A 1058 -0.91 -23.07 18.66
CA THR A 1058 -1.14 -22.45 17.38
C THR A 1058 -1.34 -20.94 17.54
N SER A 1059 -1.93 -20.52 18.66
CA SER A 1059 -2.21 -19.15 18.94
C SER A 1059 -0.93 -18.28 18.88
N LYS A 1060 0.26 -18.83 19.08
CA LYS A 1060 1.52 -18.02 19.07
C LYS A 1060 2.09 -17.88 17.65
N ILE A 1061 1.43 -18.52 16.67
CA ILE A 1061 1.98 -18.63 15.32
C ILE A 1061 1.00 -17.92 14.38
N HIS A 1062 1.53 -17.08 13.49
CA HIS A 1062 0.70 -16.30 12.57
C HIS A 1062 1.29 -16.37 11.16
N ILE A 1063 0.41 -16.56 10.17
CA ILE A 1063 0.76 -16.44 8.78
C ILE A 1063 -0.07 -15.30 8.23
N SER A 1064 0.62 -14.32 7.64
CA SER A 1064 0.00 -13.13 7.16
C SER A 1064 -0.23 -13.17 5.64
N GLU A 1065 0.74 -13.63 4.87
CA GLU A 1065 0.59 -13.64 3.42
C GLU A 1065 1.69 -14.48 2.79
N THR A 1066 1.63 -14.58 1.46
CA THR A 1066 2.64 -15.21 0.63
C THR A 1066 3.30 -14.11 -0.20
N SER A 1067 4.64 -14.08 -0.29
CA SER A 1067 5.35 -13.06 -1.08
C SER A 1067 6.66 -13.61 -1.63
N THR A 1068 6.93 -13.22 -2.88
CA THR A 1068 8.16 -13.55 -3.58
C THR A 1068 9.39 -12.96 -2.89
N ASN A 1069 9.23 -11.95 -2.00
CA ASN A 1069 10.43 -11.36 -1.35
C ASN A 1069 10.63 -11.96 0.04
N THR A 1070 9.83 -12.97 0.42
CA THR A 1070 10.17 -13.76 1.65
C THR A 1070 10.54 -15.20 1.30
N VAL A 1071 9.81 -15.83 0.36
CA VAL A 1071 10.21 -17.11 -0.22
C VAL A 1071 10.25 -17.00 -1.73
N PRO A 1072 11.46 -17.16 -2.35
CA PRO A 1072 11.61 -17.04 -3.79
C PRO A 1072 11.40 -18.39 -4.51
N ASN A 1073 11.14 -18.32 -5.82
CA ASN A 1073 11.26 -19.43 -6.73
C ASN A 1073 10.26 -20.56 -6.35
N THR A 1074 9.06 -20.16 -5.97
CA THR A 1074 8.10 -21.11 -5.50
C THR A 1074 7.35 -21.71 -6.69
N SER A 1075 6.98 -22.98 -6.51
CA SER A 1075 6.13 -23.61 -7.46
C SER A 1075 4.72 -23.06 -7.29
N PRO A 1076 3.82 -23.19 -8.28
CA PRO A 1076 2.41 -22.90 -8.04
C PRO A 1076 1.75 -23.76 -6.95
N THR A 1077 0.77 -23.20 -6.27
CA THR A 1077 -0.11 -23.94 -5.43
C THR A 1077 -1.02 -24.79 -6.33
N ALA A 1078 -0.63 -26.05 -6.50
CA ALA A 1078 -1.23 -26.91 -7.50
C ALA A 1078 -0.77 -28.33 -7.27
N ALA A 1079 -1.32 -29.26 -8.05
CA ALA A 1079 -1.02 -30.70 -7.99
C ALA A 1079 -1.31 -31.26 -6.59
N SER A 1080 -2.23 -30.63 -5.86
CA SER A 1080 -2.66 -31.08 -4.53
C SER A 1080 -1.46 -31.16 -3.56
N ALA A 1081 -0.29 -30.69 -3.98
CA ALA A 1081 0.98 -31.08 -3.36
C ALA A 1081 1.41 -30.12 -2.23
N SER A 1082 0.69 -29.00 -2.09
CA SER A 1082 1.22 -27.78 -1.45
C SER A 1082 1.36 -27.94 0.05
N ALA A 1083 0.49 -28.71 0.69
CA ALA A 1083 0.66 -29.00 2.11
C ALA A 1083 1.86 -29.93 2.28
N ASP A 1084 2.02 -30.90 1.36
CA ASP A 1084 3.17 -31.87 1.47
C ASP A 1084 4.51 -31.09 1.42
N LEU A 1085 4.64 -30.20 0.45
CA LEU A 1085 5.88 -29.50 0.14
C LEU A 1085 6.16 -28.44 1.22
N ASN A 1086 5.21 -27.52 1.42
CA ASN A 1086 5.34 -26.41 2.35
C ASN A 1086 5.41 -26.94 3.78
N GLY A 1087 4.65 -28.01 4.07
CA GLY A 1087 4.71 -28.68 5.39
C GLY A 1087 6.10 -29.10 5.80
N GLN A 1088 6.78 -29.86 4.92
CA GLN A 1088 8.17 -30.23 5.09
C GLN A 1088 9.07 -28.97 5.27
N GLY A 1089 8.89 -27.96 4.42
CA GLY A 1089 9.68 -26.67 4.48
C GLY A 1089 9.50 -26.01 5.84
N VAL A 1090 8.25 -25.99 6.31
CA VAL A 1090 7.96 -25.38 7.58
C VAL A 1090 8.61 -26.17 8.72
N TYR A 1091 8.39 -27.49 8.70
CA TYR A 1091 8.95 -28.41 9.67
C TYR A 1091 10.47 -28.16 9.75
N GLU A 1092 11.14 -28.02 8.61
CA GLU A 1092 12.63 -27.92 8.64
C GLU A 1092 13.08 -26.57 9.22
N ALA A 1093 12.35 -25.50 8.90
CA ALA A 1093 12.61 -24.19 9.47
C ALA A 1093 12.44 -24.25 10.98
N CYS A 1094 11.39 -24.95 11.43
CA CYS A 1094 11.08 -25.05 12.86
C CYS A 1094 12.21 -25.82 13.58
N GLN A 1095 12.68 -26.91 12.96
CA GLN A 1095 13.77 -27.77 13.49
C GLN A 1095 15.07 -26.92 13.65
N THR A 1096 15.35 -26.02 12.70
CA THR A 1096 16.51 -25.13 12.85
C THR A 1096 16.35 -24.24 14.08
N ILE A 1097 15.16 -23.63 14.24
CA ILE A 1097 14.93 -22.79 15.38
C ILE A 1097 15.11 -23.60 16.68
N LEU A 1098 14.53 -24.81 16.75
CA LEU A 1098 14.59 -25.66 17.98
C LEU A 1098 16.04 -25.99 18.36
N LYS A 1099 16.82 -26.41 17.39
CA LYS A 1099 18.25 -26.67 17.58
C LYS A 1099 18.98 -25.48 18.23
N ARG A 1100 18.70 -24.26 17.79
CA ARG A 1100 19.34 -23.06 18.34
C ARG A 1100 18.83 -22.77 19.74
N LEU A 1101 17.58 -23.13 20.05
CA LEU A 1101 17.05 -22.86 21.37
C LEU A 1101 17.52 -23.92 22.39
N GLU A 1102 17.97 -25.12 21.98
CA GLU A 1102 18.03 -26.24 22.98
C GLU A 1102 18.97 -25.95 24.16
N PRO A 1103 20.12 -25.25 24.01
CA PRO A 1103 20.95 -24.94 25.18
C PRO A 1103 20.15 -24.17 26.23
N PHE A 1104 19.25 -23.28 25.79
CA PHE A 1104 18.46 -22.47 26.70
C PHE A 1104 17.39 -23.35 27.32
N LYS A 1105 16.92 -24.33 26.56
CA LYS A 1105 15.90 -25.27 27.02
C LYS A 1105 16.53 -26.17 28.10
N LYS A 1106 17.76 -26.62 27.85
CA LYS A 1106 18.56 -27.46 28.76
C LYS A 1106 18.80 -26.74 30.11
N LYS A 1107 19.11 -25.43 30.09
CA LYS A 1107 19.40 -24.66 31.28
C LYS A 1107 18.11 -24.37 32.08
N LYS A 1108 16.96 -24.31 31.40
CA LYS A 1108 15.68 -23.95 32.07
C LYS A 1108 14.55 -24.84 31.54
N PRO A 1109 14.52 -26.14 31.88
CA PRO A 1109 13.70 -27.10 31.13
C PRO A 1109 12.20 -26.89 31.35
N THR A 1110 11.84 -26.14 32.40
CA THR A 1110 10.43 -25.79 32.66
C THR A 1110 10.15 -24.34 32.20
N GLY A 1111 11.05 -23.37 32.51
CA GLY A 1111 10.80 -21.88 32.32
C GLY A 1111 10.23 -21.69 30.94
N PRO A 1112 9.23 -20.81 30.69
CA PRO A 1112 8.42 -20.97 29.50
C PRO A 1112 9.21 -20.67 28.20
N TRP A 1113 8.56 -20.94 27.08
CA TRP A 1113 9.01 -20.61 25.73
C TRP A 1113 9.54 -19.17 25.66
N GLU A 1114 8.78 -18.22 26.19
CA GLU A 1114 9.09 -16.80 26.12
C GLU A 1114 10.43 -16.49 26.81
N ALA A 1115 10.81 -17.28 27.85
CA ALA A 1115 12.10 -17.09 28.51
C ALA A 1115 13.23 -17.66 27.65
N TRP A 1116 13.07 -18.84 27.03
CA TRP A 1116 14.10 -19.37 26.13
C TRP A 1116 14.39 -18.38 24.98
N VAL A 1117 13.32 -17.79 24.47
CA VAL A 1117 13.43 -16.91 23.31
C VAL A 1117 14.22 -15.65 23.71
N MET A 1118 13.85 -15.01 24.81
CA MET A 1118 14.50 -13.82 25.29
C MET A 1118 15.97 -14.13 25.65
N ASP A 1119 16.19 -15.31 26.26
CA ASP A 1119 17.54 -15.77 26.58
C ASP A 1119 18.39 -15.91 25.31
N ALA A 1120 17.82 -16.48 24.23
CA ALA A 1120 18.57 -16.62 22.97
C ALA A 1120 18.89 -15.26 22.34
N TYR A 1121 17.90 -14.35 22.41
CA TYR A 1121 18.05 -13.03 21.85
C TYR A 1121 19.22 -12.33 22.56
N THR A 1122 19.21 -12.34 23.91
CA THR A 1122 20.16 -11.57 24.68
C THR A 1122 21.54 -12.26 24.71
N SER A 1123 21.64 -13.46 24.12
CA SER A 1123 22.90 -14.17 23.87
C SER A 1123 23.30 -14.03 22.40
N ALA A 1124 22.56 -13.19 21.65
CA ALA A 1124 22.81 -12.97 20.22
C ALA A 1124 22.85 -14.29 19.43
N VAL A 1125 21.74 -15.04 19.51
CA VAL A 1125 21.49 -16.19 18.68
C VAL A 1125 20.40 -15.80 17.67
N SER A 1126 20.58 -16.14 16.39
CA SER A 1126 19.60 -15.82 15.34
C SER A 1126 18.27 -16.56 15.60
N LEU A 1127 17.15 -15.82 15.53
CA LEU A 1127 15.83 -16.37 15.66
C LEU A 1127 15.07 -16.29 14.33
N SER A 1128 15.80 -16.41 13.22
CA SER A 1128 15.20 -16.45 11.90
C SER A 1128 15.81 -17.62 11.14
N ALA A 1129 15.00 -18.34 10.38
CA ALA A 1129 15.51 -19.49 9.63
C ALA A 1129 14.68 -19.70 8.37
N THR A 1130 15.35 -20.14 7.30
CA THR A 1130 14.71 -20.67 6.13
C THR A 1130 14.56 -22.17 6.32
N GLY A 1131 13.64 -22.74 5.54
CA GLY A 1131 13.36 -24.16 5.46
C GLY A 1131 13.02 -24.52 4.03
N PHE A 1132 13.38 -25.73 3.60
CA PHE A 1132 13.29 -26.18 2.24
C PHE A 1132 13.11 -27.70 2.19
N TYR A 1133 12.40 -28.16 1.15
CA TYR A 1133 12.17 -29.54 0.88
C TYR A 1133 12.05 -29.77 -0.62
N LYS A 1134 12.66 -30.88 -1.08
CA LYS A 1134 12.42 -31.43 -2.41
C LYS A 1134 11.89 -32.87 -2.25
N THR A 1135 10.85 -33.22 -3.01
CA THR A 1135 10.40 -34.60 -3.07
C THR A 1135 11.47 -35.47 -3.73
N PRO A 1136 12.00 -36.49 -3.01
CA PRO A 1136 13.09 -37.30 -3.56
C PRO A 1136 12.61 -38.37 -4.55
N ASN A 1137 13.50 -38.72 -5.48
CA ASN A 1137 13.49 -39.98 -6.27
C ASN A 1137 12.43 -39.93 -7.38
N LEU A 1138 12.13 -38.74 -7.90
CA LEU A 1138 11.13 -38.61 -8.91
C LEU A 1138 11.84 -38.42 -10.24
N GLY A 1139 11.19 -38.85 -11.31
CA GLY A 1139 11.63 -38.58 -12.65
C GLY A 1139 11.31 -39.75 -13.56
N TYR A 1140 10.26 -39.58 -14.34
CA TYR A 1140 9.79 -40.56 -15.28
C TYR A 1140 10.29 -40.22 -16.68
N SER A 1141 10.64 -41.28 -17.43
CA SER A 1141 11.01 -41.15 -18.84
C SER A 1141 9.93 -41.81 -19.72
N PHE A 1142 9.41 -41.05 -20.68
CA PHE A 1142 8.48 -41.57 -21.69
C PHE A 1142 9.24 -42.49 -22.66
N GLU A 1143 10.55 -42.32 -22.78
CA GLU A 1143 11.37 -43.10 -23.70
C GLU A 1143 11.60 -44.53 -23.14
N THR A 1144 11.96 -44.66 -21.86
CA THR A 1144 12.30 -45.96 -21.31
C THR A 1144 11.11 -46.57 -20.55
N ASN A 1145 10.00 -45.83 -20.40
CA ASN A 1145 8.86 -46.22 -19.53
C ASN A 1145 9.41 -46.70 -18.18
N SER A 1146 10.18 -45.82 -17.52
CA SER A 1146 10.86 -46.15 -16.26
C SER A 1146 11.04 -44.86 -15.43
N GLY A 1147 11.26 -45.04 -14.13
CA GLY A 1147 11.32 -43.98 -13.16
C GLY A 1147 9.92 -43.63 -12.64
N ASN A 1148 9.85 -43.16 -11.39
CA ASN A 1148 8.56 -42.88 -10.73
C ASN A 1148 8.13 -41.46 -11.00
N PRO A 1149 6.97 -41.20 -11.65
CA PRO A 1149 6.47 -39.83 -11.73
C PRO A 1149 5.87 -39.35 -10.40
N PHE A 1150 5.39 -40.28 -9.55
CA PHE A 1150 4.64 -39.91 -8.35
C PHE A 1150 5.38 -40.38 -7.11
N HIS A 1151 5.16 -39.63 -6.02
CA HIS A 1151 5.75 -39.92 -4.72
C HIS A 1151 4.90 -40.99 -4.00
N TYR A 1152 3.58 -40.93 -4.20
CA TYR A 1152 2.64 -41.89 -3.64
C TYR A 1152 1.31 -41.66 -4.35
N PHE A 1153 0.29 -42.47 -4.06
CA PHE A 1153 -0.99 -42.31 -4.69
C PHE A 1153 -2.06 -42.09 -3.62
N SER A 1154 -3.11 -41.36 -4.01
CA SER A 1154 -4.34 -41.25 -3.26
C SER A 1154 -5.30 -42.31 -3.80
N TYR A 1155 -6.16 -42.81 -2.90
CA TYR A 1155 -7.16 -43.82 -3.19
C TYR A 1155 -8.50 -43.42 -2.57
N GLY A 1156 -9.58 -43.83 -3.21
CA GLY A 1156 -10.90 -43.65 -2.68
C GLY A 1156 -11.91 -44.39 -3.51
N VAL A 1157 -13.15 -44.46 -2.97
CA VAL A 1157 -14.27 -45.12 -3.58
C VAL A 1157 -15.54 -44.35 -3.26
N ALA A 1158 -16.41 -44.22 -4.27
CA ALA A 1158 -17.72 -43.64 -4.04
C ALA A 1158 -18.82 -44.51 -4.66
N CYS A 1159 -19.90 -44.64 -3.90
CA CYS A 1159 -21.15 -45.27 -4.31
C CYS A 1159 -22.24 -44.23 -4.37
N SER A 1160 -22.88 -44.10 -5.55
CA SER A 1160 -23.94 -43.11 -5.73
C SER A 1160 -25.19 -43.76 -6.33
N GLU A 1161 -26.34 -43.28 -5.85
CA GLU A 1161 -27.66 -43.65 -6.31
C GLU A 1161 -28.36 -42.42 -6.88
N VAL A 1162 -29.06 -42.60 -8.01
CA VAL A 1162 -29.86 -41.56 -8.67
C VAL A 1162 -31.29 -42.06 -8.99
N GLU A 1163 -32.20 -41.10 -9.15
CA GLU A 1163 -33.50 -41.37 -9.72
C GLU A 1163 -33.70 -40.40 -10.87
N ILE A 1164 -33.76 -40.90 -12.13
CA ILE A 1164 -34.02 -40.04 -13.29
C ILE A 1164 -35.54 -39.95 -13.56
N ASP A 1165 -35.93 -38.83 -14.14
CA ASP A 1165 -37.23 -38.61 -14.74
C ASP A 1165 -37.09 -38.89 -16.24
N CYS A 1166 -37.65 -40.00 -16.69
CA CYS A 1166 -37.46 -40.45 -18.06
C CYS A 1166 -38.19 -39.53 -19.07
N LEU A 1167 -39.17 -38.75 -18.61
CA LEU A 1167 -39.91 -37.84 -19.44
C LEU A 1167 -39.23 -36.46 -19.59
N THR A 1168 -38.40 -36.00 -18.65
CA THR A 1168 -37.82 -34.62 -18.68
C THR A 1168 -36.28 -34.63 -18.76
N GLY A 1169 -35.65 -35.70 -18.32
CA GLY A 1169 -34.21 -35.77 -18.21
C GLY A 1169 -33.66 -35.19 -16.93
N ASP A 1170 -34.52 -34.64 -16.05
CA ASP A 1170 -34.12 -34.21 -14.68
C ASP A 1170 -33.79 -35.48 -13.87
N HIS A 1171 -33.07 -35.30 -12.75
CA HIS A 1171 -32.75 -36.43 -11.89
C HIS A 1171 -32.49 -35.89 -10.50
N LYS A 1172 -32.62 -36.76 -9.51
CA LYS A 1172 -32.22 -36.49 -8.15
C LYS A 1172 -30.97 -37.30 -7.82
N ASN A 1173 -30.05 -36.67 -7.10
CA ASN A 1173 -28.92 -37.36 -6.48
C ASN A 1173 -29.38 -37.83 -5.10
N LEU A 1174 -29.80 -39.10 -5.02
CA LEU A 1174 -30.45 -39.61 -3.81
C LEU A 1174 -29.45 -39.83 -2.67
N ARG A 1175 -28.31 -40.45 -3.00
CA ARG A 1175 -27.40 -40.81 -1.95
C ARG A 1175 -26.01 -41.05 -2.53
N THR A 1176 -25.00 -40.57 -1.79
CA THR A 1176 -23.63 -40.81 -2.07
C THR A 1176 -22.88 -41.16 -0.77
N ASP A 1177 -22.03 -42.19 -0.87
CA ASP A 1177 -21.16 -42.66 0.23
C ASP A 1177 -19.73 -42.69 -0.32
N ILE A 1178 -18.81 -42.03 0.37
CA ILE A 1178 -17.39 -41.93 -0.05
C ILE A 1178 -16.52 -42.47 1.08
N VAL A 1179 -15.56 -43.30 0.72
CA VAL A 1179 -14.44 -43.64 1.62
C VAL A 1179 -13.16 -43.15 0.95
N MET A 1180 -12.41 -42.29 1.65
CA MET A 1180 -11.27 -41.59 1.08
C MET A 1180 -10.04 -41.83 1.96
N ASP A 1181 -8.95 -42.30 1.32
CA ASP A 1181 -7.65 -42.45 1.97
C ASP A 1181 -6.95 -41.10 1.90
N VAL A 1182 -6.90 -40.38 3.04
CA VAL A 1182 -6.11 -39.17 3.13
C VAL A 1182 -4.97 -39.38 4.13
N GLY A 1183 -4.48 -40.62 4.23
CA GLY A 1183 -3.46 -40.98 5.21
C GLY A 1183 -3.92 -40.61 6.61
N SER A 1184 -2.97 -40.24 7.47
CA SER A 1184 -3.32 -39.63 8.75
C SER A 1184 -3.57 -38.13 8.50
N SER A 1185 -4.85 -37.75 8.47
CA SER A 1185 -5.26 -36.40 8.11
C SER A 1185 -4.58 -35.35 9.00
N LEU A 1186 -4.10 -34.26 8.39
CA LEU A 1186 -3.56 -33.13 9.17
C LEU A 1186 -4.73 -32.40 9.87
N ASN A 1187 -5.90 -32.45 9.24
CA ASN A 1187 -7.08 -31.76 9.69
C ASN A 1187 -8.29 -32.37 9.04
N PRO A 1188 -8.99 -33.26 9.77
CA PRO A 1188 -10.13 -33.98 9.20
C PRO A 1188 -11.29 -33.06 8.79
N ALA A 1189 -11.45 -31.91 9.43
CA ALA A 1189 -12.50 -30.99 9.06
C ALA A 1189 -12.23 -30.41 7.65
N ILE A 1190 -11.00 -29.92 7.45
CA ILE A 1190 -10.58 -29.31 6.18
C ILE A 1190 -10.60 -30.44 5.15
N ASP A 1191 -10.13 -31.64 5.53
CA ASP A 1191 -10.02 -32.70 4.54
C ASP A 1191 -11.39 -33.23 4.11
N ILE A 1192 -12.36 -33.35 5.02
CA ILE A 1192 -13.68 -33.79 4.61
C ILE A 1192 -14.32 -32.71 3.72
N GLY A 1193 -14.08 -31.45 4.07
CA GLY A 1193 -14.41 -30.27 3.27
C GLY A 1193 -13.88 -30.37 1.84
N GLN A 1194 -12.62 -30.80 1.71
CA GLN A 1194 -12.00 -30.91 0.39
C GLN A 1194 -12.60 -32.08 -0.37
N VAL A 1195 -12.86 -33.19 0.33
CA VAL A 1195 -13.52 -34.31 -0.35
C VAL A 1195 -14.89 -33.89 -0.89
N GLU A 1196 -15.67 -33.16 -0.09
CA GLU A 1196 -17.04 -32.79 -0.49
C GLU A 1196 -17.02 -31.76 -1.62
N GLY A 1197 -16.10 -30.78 -1.50
CA GLY A 1197 -15.98 -29.68 -2.46
C GLY A 1197 -15.56 -30.24 -3.81
N ALA A 1198 -14.55 -31.10 -3.77
CA ALA A 1198 -14.02 -31.69 -4.98
C ALA A 1198 -15.11 -32.56 -5.61
N PHE A 1199 -15.76 -33.41 -4.80
CA PHE A 1199 -16.82 -34.29 -5.31
C PHE A 1199 -17.89 -33.48 -6.03
N VAL A 1200 -18.32 -32.39 -5.42
CA VAL A 1200 -19.39 -31.57 -5.97
C VAL A 1200 -18.94 -30.85 -7.27
N GLN A 1201 -17.69 -30.37 -7.38
CA GLN A 1201 -17.18 -29.86 -8.66
C GLN A 1201 -17.24 -30.94 -9.77
N GLY A 1202 -16.93 -32.17 -9.38
CA GLY A 1202 -16.98 -33.31 -10.28
C GLY A 1202 -18.40 -33.58 -10.77
N LEU A 1203 -19.33 -33.50 -9.83
CA LEU A 1203 -20.76 -33.60 -10.05
C LEU A 1203 -21.18 -32.59 -11.13
N GLY A 1204 -20.70 -31.33 -11.01
CA GLY A 1204 -20.95 -30.34 -12.01
C GLY A 1204 -20.34 -30.75 -13.35
N LEU A 1205 -19.05 -31.12 -13.33
CA LEU A 1205 -18.34 -31.52 -14.55
C LEU A 1205 -19.08 -32.59 -15.34
N PHE A 1206 -19.59 -33.61 -14.65
CA PHE A 1206 -20.13 -34.78 -15.34
C PHE A 1206 -21.65 -34.72 -15.53
N THR A 1207 -22.35 -33.76 -14.90
CA THR A 1207 -23.79 -33.78 -15.04
C THR A 1207 -24.46 -32.42 -15.27
N MET A 1208 -23.81 -31.27 -15.09
CA MET A 1208 -24.60 -30.02 -15.16
C MET A 1208 -23.87 -28.92 -15.95
N GLU A 1209 -22.54 -28.91 -15.90
CA GLU A 1209 -21.74 -27.82 -16.44
C GLU A 1209 -21.48 -28.05 -17.93
N GLU A 1210 -21.94 -27.10 -18.73
CA GLU A 1210 -21.75 -27.16 -20.16
C GLU A 1210 -21.47 -25.77 -20.76
N LEU A 1211 -20.34 -25.66 -21.46
CA LEU A 1211 -19.99 -24.45 -22.18
C LEU A 1211 -20.41 -24.60 -23.65
N HIS A 1212 -21.01 -23.58 -24.24
CA HIS A 1212 -21.46 -23.64 -25.63
C HIS A 1212 -20.75 -22.53 -26.40
N TYR A 1213 -20.24 -22.86 -27.59
CA TYR A 1213 -19.54 -21.92 -28.50
C TYR A 1213 -20.24 -21.82 -29.86
N SER A 1214 -20.24 -20.64 -30.46
CA SER A 1214 -20.75 -20.48 -31.84
C SER A 1214 -19.87 -21.27 -32.80
N PRO A 1215 -20.35 -21.58 -34.03
CA PRO A 1215 -19.49 -22.24 -35.02
C PRO A 1215 -18.27 -21.39 -35.36
N GLU A 1216 -18.32 -20.06 -35.11
CA GLU A 1216 -17.17 -19.17 -35.35
C GLU A 1216 -16.28 -19.03 -34.10
N GLY A 1217 -16.50 -19.85 -33.06
CA GLY A 1217 -15.58 -19.99 -31.91
C GLY A 1217 -15.80 -18.95 -30.82
N SER A 1218 -17.00 -18.36 -30.76
CA SER A 1218 -17.34 -17.36 -29.75
C SER A 1218 -18.10 -18.04 -28.62
N LEU A 1219 -17.53 -17.96 -27.39
CA LEU A 1219 -18.18 -18.48 -26.18
C LEU A 1219 -19.50 -17.76 -25.98
N HIS A 1220 -20.59 -18.52 -25.97
CA HIS A 1220 -21.88 -18.00 -25.61
C HIS A 1220 -22.08 -17.99 -24.08
N THR A 1221 -21.54 -18.98 -23.37
CA THR A 1221 -21.91 -19.18 -21.96
C THR A 1221 -20.95 -18.38 -21.08
N ARG A 1222 -21.40 -17.23 -20.57
CA ARG A 1222 -20.45 -16.22 -19.96
C ARG A 1222 -20.92 -15.71 -18.58
N GLY A 1223 -21.84 -16.45 -17.95
CA GLY A 1223 -22.29 -16.13 -16.60
C GLY A 1223 -23.17 -17.22 -16.00
N PRO A 1224 -23.53 -17.09 -14.71
CA PRO A 1224 -24.34 -18.13 -14.05
C PRO A 1224 -25.75 -18.31 -14.62
N SER A 1225 -26.29 -17.31 -15.39
CA SER A 1225 -27.59 -17.46 -16.06
C SER A 1225 -27.56 -18.65 -17.02
N THR A 1226 -26.40 -18.90 -17.63
CA THR A 1226 -26.28 -19.95 -18.67
C THR A 1226 -25.32 -21.07 -18.25
N TYR A 1227 -24.47 -20.80 -17.26
CA TYR A 1227 -23.51 -21.77 -16.83
C TYR A 1227 -23.90 -22.21 -15.41
N LYS A 1228 -24.34 -23.47 -15.28
CA LYS A 1228 -25.07 -23.86 -14.13
C LYS A 1228 -24.18 -24.76 -13.27
N ILE A 1229 -23.56 -24.16 -12.26
CA ILE A 1229 -22.72 -24.92 -11.33
C ILE A 1229 -23.62 -25.54 -10.27
N PRO A 1230 -23.18 -26.54 -9.50
CA PRO A 1230 -24.06 -27.09 -8.47
C PRO A 1230 -24.56 -26.01 -7.48
N ALA A 1231 -25.86 -26.08 -7.19
CA ALA A 1231 -26.59 -25.27 -6.22
C ALA A 1231 -26.78 -26.06 -4.92
N PHE A 1232 -27.25 -25.38 -3.87
CA PHE A 1232 -27.52 -26.03 -2.59
C PHE A 1232 -28.35 -27.31 -2.82
N GLY A 1233 -29.32 -27.23 -3.74
CA GLY A 1233 -30.30 -28.26 -3.95
C GLY A 1233 -29.82 -29.34 -4.91
N SER A 1234 -28.56 -29.27 -5.35
CA SER A 1234 -27.99 -30.23 -6.33
C SER A 1234 -27.33 -31.42 -5.63
N ILE A 1235 -26.93 -31.25 -4.37
CA ILE A 1235 -26.01 -32.21 -3.74
C ILE A 1235 -26.76 -33.47 -3.35
N PRO A 1236 -26.07 -34.61 -3.17
CA PRO A 1236 -26.75 -35.83 -2.76
C PRO A 1236 -27.54 -35.60 -1.47
N ILE A 1237 -28.76 -36.14 -1.45
CA ILE A 1237 -29.70 -35.83 -0.40
C ILE A 1237 -29.16 -36.48 0.89
N GLU A 1238 -28.67 -37.70 0.75
CA GLU A 1238 -27.92 -38.36 1.80
C GLU A 1238 -26.45 -38.41 1.36
N PHE A 1239 -25.56 -37.86 2.19
CA PHE A 1239 -24.14 -37.57 1.77
C PHE A 1239 -23.24 -38.03 2.92
N ARG A 1240 -22.58 -39.18 2.73
CA ARG A 1240 -21.72 -39.78 3.75
C ARG A 1240 -20.27 -39.73 3.27
N VAL A 1241 -19.41 -39.16 4.11
CA VAL A 1241 -17.97 -39.16 3.87
C VAL A 1241 -17.28 -39.85 5.06
N SER A 1242 -16.46 -40.87 4.77
CA SER A 1242 -15.55 -41.44 5.77
C SER A 1242 -14.08 -41.28 5.33
N LEU A 1243 -13.21 -40.87 6.25
CA LEU A 1243 -11.78 -40.92 6.01
C LEU A 1243 -11.23 -42.27 6.51
N LEU A 1244 -10.44 -42.97 5.69
CA LEU A 1244 -9.95 -44.26 6.00
C LEU A 1244 -9.14 -44.19 7.30
N ARG A 1245 -9.38 -45.16 8.19
CA ARG A 1245 -8.69 -45.23 9.49
C ARG A 1245 -7.38 -46.02 9.32
N ASP A 1246 -6.39 -45.74 10.17
CA ASP A 1246 -5.17 -46.58 10.31
C ASP A 1246 -4.46 -46.75 8.97
N CYS A 1247 -4.14 -45.63 8.33
CA CYS A 1247 -3.41 -45.70 7.06
C CYS A 1247 -2.36 -44.58 6.98
N PRO A 1248 -1.39 -44.51 7.94
CA PRO A 1248 -0.33 -43.50 7.91
C PRO A 1248 0.52 -43.63 6.62
N ASN A 1249 0.85 -42.49 6.02
CA ASN A 1249 1.65 -42.38 4.82
C ASN A 1249 2.98 -41.71 5.22
N LYS A 1250 3.94 -42.50 5.72
CA LYS A 1250 5.09 -41.92 6.48
C LYS A 1250 5.97 -41.00 5.59
N ARG A 1251 5.87 -41.14 4.27
CA ARG A 1251 6.65 -40.32 3.36
C ARG A 1251 6.10 -38.89 3.10
N ALA A 1252 4.95 -38.50 3.68
CA ALA A 1252 4.54 -37.09 3.64
C ALA A 1252 4.43 -36.58 5.07
N ILE A 1253 4.33 -35.27 5.17
CA ILE A 1253 4.36 -34.55 6.42
C ILE A 1253 3.38 -35.20 7.41
N TYR A 1254 3.94 -35.64 8.55
CA TYR A 1254 3.18 -36.23 9.69
C TYR A 1254 2.18 -37.29 9.21
N ALA A 1255 2.59 -38.05 8.19
CA ALA A 1255 1.97 -39.25 7.66
C ALA A 1255 0.60 -38.95 7.03
N SER A 1256 0.41 -37.72 6.53
CA SER A 1256 -0.77 -37.26 5.80
C SER A 1256 -0.67 -37.66 4.34
N LYS A 1257 -1.78 -37.50 3.63
CA LYS A 1257 -1.77 -37.48 2.16
C LYS A 1257 -2.48 -36.22 1.67
N ALA A 1258 -2.16 -35.85 0.43
CA ALA A 1258 -2.78 -34.72 -0.27
C ALA A 1258 -4.24 -35.07 -0.55
N VAL A 1259 -5.12 -34.07 -0.64
CA VAL A 1259 -6.56 -34.35 -0.71
C VAL A 1259 -7.31 -33.58 -1.80
N GLY A 1260 -6.77 -32.49 -2.37
CA GLY A 1260 -7.59 -31.51 -3.12
C GLY A 1260 -8.21 -32.09 -4.40
N GLU A 1261 -7.39 -32.74 -5.23
CA GLU A 1261 -7.85 -33.22 -6.55
C GLU A 1261 -8.40 -34.65 -6.56
N PRO A 1262 -7.83 -35.63 -5.83
CA PRO A 1262 -8.26 -37.02 -5.99
C PRO A 1262 -9.75 -37.35 -5.89
N PRO A 1263 -10.53 -36.71 -4.99
CA PRO A 1263 -11.95 -37.05 -4.86
C PRO A 1263 -12.87 -36.62 -6.01
N LEU A 1264 -12.43 -35.67 -6.85
CA LEU A 1264 -13.32 -35.06 -7.83
C LEU A 1264 -13.86 -36.13 -8.79
N PHE A 1265 -12.97 -37.01 -9.25
CA PHE A 1265 -13.36 -38.01 -10.21
C PHE A 1265 -14.39 -38.99 -9.66
N LEU A 1266 -14.52 -39.09 -8.33
CA LEU A 1266 -15.50 -40.00 -7.68
C LEU A 1266 -16.96 -39.59 -7.91
N ALA A 1267 -17.20 -38.35 -8.36
CA ALA A 1267 -18.54 -37.94 -8.82
C ALA A 1267 -18.97 -38.68 -10.10
N SER A 1268 -17.99 -39.30 -10.77
CA SER A 1268 -18.17 -40.33 -11.79
C SER A 1268 -19.31 -41.28 -11.43
N SER A 1269 -19.36 -41.61 -10.13
CA SER A 1269 -20.31 -42.60 -9.63
C SER A 1269 -21.74 -42.16 -9.98
N ILE A 1270 -21.97 -40.84 -9.97
CA ILE A 1270 -23.27 -40.30 -10.34
C ILE A 1270 -23.52 -40.46 -11.85
N PHE A 1271 -22.51 -40.13 -12.64
CA PHE A 1271 -22.56 -40.30 -14.12
C PHE A 1271 -22.91 -41.77 -14.45
N PHE A 1272 -22.23 -42.73 -13.82
CA PHE A 1272 -22.49 -44.16 -14.15
C PHE A 1272 -23.81 -44.64 -13.53
N ALA A 1273 -24.27 -44.04 -12.42
CA ALA A 1273 -25.59 -44.34 -11.91
C ALA A 1273 -26.66 -43.88 -12.91
N ILE A 1274 -26.47 -42.69 -13.48
CA ILE A 1274 -27.42 -42.15 -14.46
C ILE A 1274 -27.45 -43.10 -15.68
N LYS A 1275 -26.28 -43.58 -16.07
CA LYS A 1275 -26.14 -44.48 -17.22
C LYS A 1275 -26.90 -45.78 -16.96
N ASP A 1276 -26.82 -46.33 -15.74
CA ASP A 1276 -27.61 -47.52 -15.36
C ASP A 1276 -29.12 -47.22 -15.46
N ALA A 1277 -29.54 -46.05 -14.98
CA ALA A 1277 -30.92 -45.71 -14.97
C ALA A 1277 -31.45 -45.57 -16.41
N ILE A 1278 -30.67 -44.95 -17.30
CA ILE A 1278 -31.03 -44.83 -18.70
C ILE A 1278 -31.13 -46.23 -19.35
N ARG A 1279 -30.20 -47.14 -19.03
CA ARG A 1279 -30.27 -48.51 -19.56
C ARG A 1279 -31.61 -49.12 -19.16
N ALA A 1280 -32.03 -48.94 -17.91
CA ALA A 1280 -33.33 -49.46 -17.43
C ALA A 1280 -34.48 -48.78 -18.17
N ALA A 1281 -34.32 -47.49 -18.50
CA ALA A 1281 -35.36 -46.78 -19.29
C ALA A 1281 -35.46 -47.37 -20.71
N ARG A 1282 -34.34 -47.69 -21.31
CA ARG A 1282 -34.29 -48.18 -22.69
C ARG A 1282 -34.82 -49.62 -22.79
N ALA A 1283 -34.63 -50.44 -21.75
CA ALA A 1283 -35.26 -51.77 -21.72
C ALA A 1283 -36.79 -51.64 -21.59
N GLN A 1284 -37.26 -50.64 -20.85
CA GLN A 1284 -38.68 -50.45 -20.60
C GLN A 1284 -39.41 -50.10 -21.92
N HIS A 1285 -38.82 -49.21 -22.75
CA HIS A 1285 -39.56 -48.46 -23.79
C HIS A 1285 -38.90 -48.44 -25.16
N GLY A 1286 -37.63 -48.77 -25.27
CA GLY A 1286 -36.99 -48.79 -26.58
C GLY A 1286 -37.46 -50.00 -27.38
N ASP A 1287 -37.37 -49.89 -28.70
CA ASP A 1287 -37.72 -50.99 -29.64
C ASP A 1287 -36.60 -52.05 -29.59
N ASN A 1288 -35.81 -52.18 -30.66
CA ASN A 1288 -34.53 -52.90 -30.61
C ASN A 1288 -33.44 -51.87 -30.29
N ALA A 1289 -33.57 -51.22 -29.12
CA ALA A 1289 -32.68 -50.13 -28.70
C ALA A 1289 -31.26 -50.69 -28.60
N LYS A 1290 -30.31 -49.95 -29.18
CA LYS A 1290 -28.88 -50.29 -29.18
C LYS A 1290 -28.44 -50.54 -27.73
N GLN A 1291 -27.68 -51.62 -27.52
CA GLN A 1291 -27.28 -52.10 -26.21
C GLN A 1291 -26.18 -51.22 -25.62
N LEU A 1292 -25.12 -50.95 -26.39
CA LEU A 1292 -24.03 -50.08 -25.93
C LEU A 1292 -24.27 -48.62 -26.37
N PHE A 1293 -25.29 -48.01 -25.80
CA PHE A 1293 -25.71 -46.69 -26.23
C PHE A 1293 -24.70 -45.65 -25.72
N GLN A 1294 -24.74 -44.47 -26.36
CA GLN A 1294 -23.77 -43.43 -26.18
C GLN A 1294 -24.21 -42.51 -25.04
N LEU A 1295 -23.35 -42.33 -24.03
CA LEU A 1295 -23.62 -41.21 -23.12
C LEU A 1295 -22.35 -40.37 -22.97
N ASP A 1296 -22.30 -39.23 -23.67
CA ASP A 1296 -21.20 -38.29 -23.54
C ASP A 1296 -21.35 -37.53 -22.22
N SER A 1297 -20.26 -36.91 -21.78
CA SER A 1297 -20.23 -36.02 -20.58
C SER A 1297 -20.14 -34.57 -21.03
N PRO A 1298 -20.89 -33.66 -20.41
CA PRO A 1298 -21.72 -33.91 -19.25
C PRO A 1298 -23.04 -34.60 -19.62
N ALA A 1299 -23.50 -35.50 -18.75
CA ALA A 1299 -24.84 -36.09 -18.81
C ALA A 1299 -25.88 -35.09 -18.24
N THR A 1300 -26.24 -34.13 -19.10
CA THR A 1300 -27.22 -33.13 -18.86
C THR A 1300 -28.64 -33.66 -19.07
N PRO A 1301 -29.66 -32.92 -18.67
CA PRO A 1301 -31.03 -33.33 -18.95
C PRO A 1301 -31.27 -33.60 -20.45
N GLU A 1302 -30.68 -32.78 -21.33
CA GLU A 1302 -30.81 -33.03 -22.78
C GLU A 1302 -30.34 -34.45 -23.15
N LYS A 1303 -29.11 -34.78 -22.74
CA LYS A 1303 -28.51 -36.07 -23.08
C LYS A 1303 -29.25 -37.22 -22.38
N ILE A 1304 -29.74 -36.99 -21.17
CA ILE A 1304 -30.43 -38.05 -20.47
C ILE A 1304 -31.78 -38.29 -21.17
N ARG A 1305 -32.56 -37.22 -21.38
CA ARG A 1305 -33.87 -37.31 -22.03
C ARG A 1305 -33.72 -37.96 -23.41
N ASN A 1306 -32.74 -37.53 -24.21
CA ASN A 1306 -32.64 -38.00 -25.62
C ASN A 1306 -32.29 -39.49 -25.65
N ALA A 1307 -31.57 -39.97 -24.63
CA ALA A 1307 -31.14 -41.34 -24.57
C ALA A 1307 -32.29 -42.25 -24.08
N CYS A 1308 -33.31 -41.69 -23.42
CA CYS A 1308 -34.48 -42.47 -23.00
C CYS A 1308 -35.47 -42.57 -24.19
N VAL A 1309 -35.07 -43.37 -25.18
CA VAL A 1309 -35.87 -43.50 -26.39
C VAL A 1309 -37.22 -44.11 -26.03
N ASP A 1310 -38.28 -43.51 -26.57
CA ASP A 1310 -39.65 -43.93 -26.31
C ASP A 1310 -40.58 -43.47 -27.45
N GLN A 1311 -41.89 -43.64 -27.25
CA GLN A 1311 -42.91 -43.24 -28.25
C GLN A 1311 -42.82 -41.74 -28.57
N PHE A 1312 -42.25 -40.95 -27.65
CA PHE A 1312 -42.28 -39.50 -27.76
C PHE A 1312 -41.07 -38.98 -28.53
N THR A 1313 -39.88 -39.50 -28.20
CA THR A 1313 -38.66 -39.21 -28.95
C THR A 1313 -38.81 -39.69 -30.40
N THR A 1314 -39.57 -40.77 -30.63
CA THR A 1314 -39.80 -41.37 -31.96
C THR A 1314 -40.40 -40.34 -32.90
N LEU A 1315 -41.45 -39.63 -32.48
CA LEU A 1315 -42.16 -38.63 -33.33
C LEU A 1315 -41.54 -37.22 -33.24
N CYS A 1316 -40.23 -37.08 -32.93
CA CYS A 1316 -39.53 -35.75 -32.76
C CYS A 1316 -38.15 -35.72 -33.43
N VAL A 1317 -37.62 -36.90 -33.82
CA VAL A 1317 -36.24 -37.11 -34.38
C VAL A 1317 -35.97 -36.18 -35.57
N THR A 1318 -36.98 -36.01 -36.45
CA THR A 1318 -36.88 -35.16 -37.67
C THR A 1318 -37.86 -33.98 -37.55
N CYS A 1324 -26.22 -27.51 -42.37
CA CYS A 1324 -25.39 -27.81 -41.19
C CYS A 1324 -24.99 -26.51 -40.47
N LYS A 1325 -25.81 -25.46 -40.66
CA LYS A 1325 -25.66 -24.10 -40.06
C LYS A 1325 -26.49 -24.01 -38.78
N SER A 1326 -25.85 -23.82 -37.62
CA SER A 1326 -26.57 -23.93 -36.33
C SER A 1326 -25.93 -23.04 -35.24
N TRP A 1327 -26.65 -22.91 -34.11
CA TRP A 1327 -26.33 -22.03 -32.97
C TRP A 1327 -24.92 -22.32 -32.39
N SER A 1328 -24.59 -23.62 -32.25
CA SER A 1328 -23.36 -24.07 -31.53
C SER A 1328 -22.69 -25.24 -32.30
N VAL A 1329 -21.42 -25.47 -31.98
CA VAL A 1329 -20.63 -26.58 -32.52
C VAL A 1329 -19.94 -27.31 -31.36
N ARG A 1330 -19.86 -28.65 -31.44
CA ARG A 1330 -19.13 -29.51 -30.50
C ARG A 1330 -17.63 -29.27 -30.72
N ILE A 1331 -16.96 -28.82 -29.65
CA ILE A 1331 -15.60 -28.25 -29.69
C ILE A 1331 -14.59 -29.40 -29.65
N ALA B 3 -11.89 37.80 -12.96
CA ALA B 3 -12.30 36.34 -12.82
C ALA B 3 -11.95 35.79 -11.42
N ASP B 4 -11.42 34.55 -11.42
CA ASP B 4 -11.82 33.51 -10.44
C ASP B 4 -11.23 32.14 -10.82
N GLU B 5 -10.92 31.84 -12.08
CA GLU B 5 -9.96 30.72 -12.36
C GLU B 5 -8.50 31.17 -12.12
N LEU B 6 -7.70 30.28 -11.53
CA LEU B 6 -6.26 30.47 -11.39
C LEU B 6 -5.57 29.62 -12.45
N VAL B 7 -4.72 30.23 -13.24
CA VAL B 7 -4.08 29.57 -14.38
C VAL B 7 -2.55 29.79 -14.35
N PHE B 8 -1.80 28.69 -14.25
CA PHE B 8 -0.33 28.75 -14.29
C PHE B 8 0.17 27.46 -14.90
N PHE B 9 1.48 27.35 -15.12
CA PHE B 9 2.07 26.18 -15.74
C PHE B 9 3.05 25.55 -14.74
N VAL B 10 3.17 24.22 -14.80
CA VAL B 10 4.09 23.47 -14.00
C VAL B 10 4.82 22.50 -14.93
N ASN B 11 6.15 22.63 -15.02
CA ASN B 11 6.94 21.78 -15.87
C ASN B 11 6.37 21.77 -17.29
N GLY B 12 5.93 22.94 -17.78
CA GLY B 12 5.53 23.06 -19.16
C GLY B 12 4.05 22.78 -19.39
N LYS B 13 3.37 22.26 -18.37
CA LYS B 13 1.98 21.84 -18.50
C LYS B 13 1.04 22.86 -17.81
N LYS B 14 -0.03 23.21 -18.49
CA LYS B 14 -1.02 24.14 -18.00
C LYS B 14 -1.84 23.55 -16.84
N VAL B 15 -1.99 24.35 -15.79
CA VAL B 15 -2.81 24.02 -14.65
C VAL B 15 -3.92 25.08 -14.56
N VAL B 16 -5.16 24.58 -14.49
CA VAL B 16 -6.39 25.38 -14.34
C VAL B 16 -7.03 24.98 -13.03
N GLU B 17 -6.94 25.85 -12.04
CA GLU B 17 -7.49 25.61 -10.73
C GLU B 17 -8.72 26.51 -10.58
N LYS B 18 -9.90 25.89 -10.56
CA LYS B 18 -11.17 26.64 -10.55
C LYS B 18 -11.55 27.08 -9.13
N ASN B 19 -10.97 26.50 -8.08
CA ASN B 19 -11.38 26.88 -6.73
C ASN B 19 -10.14 27.00 -5.85
N ALA B 20 -9.26 27.91 -6.23
CA ALA B 20 -8.05 28.14 -5.50
C ALA B 20 -8.42 28.68 -4.13
N ASP B 21 -7.83 28.07 -3.11
CA ASP B 21 -7.90 28.52 -1.74
C ASP B 21 -6.67 29.38 -1.47
N PRO B 22 -6.83 30.64 -0.99
CA PRO B 22 -5.69 31.49 -0.66
C PRO B 22 -4.69 30.94 0.36
N GLU B 23 -5.09 29.95 1.16
CA GLU B 23 -4.24 29.37 2.17
C GLU B 23 -3.37 28.26 1.56
N THR B 24 -3.59 27.88 0.29
CA THR B 24 -2.84 26.81 -0.31
C THR B 24 -1.47 27.33 -0.78
N THR B 25 -0.40 26.70 -0.29
CA THR B 25 0.94 26.99 -0.74
C THR B 25 1.23 26.17 -1.99
N LEU B 26 2.19 26.66 -2.76
CA LEU B 26 2.63 25.96 -3.95
C LEU B 26 3.16 24.58 -3.56
N LEU B 27 3.88 24.50 -2.43
CA LEU B 27 4.47 23.22 -2.02
C LEU B 27 3.37 22.15 -1.85
N VAL B 28 2.32 22.49 -1.11
CA VAL B 28 1.15 21.60 -0.90
C VAL B 28 0.46 21.30 -2.24
N TYR B 29 0.26 22.33 -3.08
CA TYR B 29 -0.33 22.12 -4.38
C TYR B 29 0.48 21.10 -5.21
N LEU B 30 1.81 21.31 -5.31
CA LEU B 30 2.68 20.39 -6.10
C LEU B 30 2.59 18.95 -5.55
N ARG B 31 2.74 18.81 -4.22
CA ARG B 31 2.88 17.49 -3.64
C ARG B 31 1.52 16.77 -3.60
N ARG B 32 0.48 17.44 -3.10
CA ARG B 32 -0.84 16.78 -2.81
C ARG B 32 -1.79 16.88 -4.02
N LYS B 33 -1.75 17.96 -4.79
CA LYS B 33 -2.66 18.07 -5.89
C LYS B 33 -2.06 17.49 -7.17
N LEU B 34 -0.79 17.75 -7.49
CA LEU B 34 -0.23 17.25 -8.75
C LEU B 34 0.57 15.97 -8.54
N GLY B 35 0.83 15.58 -7.28
CA GLY B 35 1.60 14.37 -6.93
C GLY B 35 3.10 14.45 -7.26
N LEU B 36 3.64 15.66 -7.44
CA LEU B 36 5.04 15.89 -7.71
C LEU B 36 5.79 16.10 -6.39
N CYS B 37 6.38 15.03 -5.89
CA CYS B 37 6.90 14.99 -4.52
C CYS B 37 8.43 15.16 -4.48
N GLY B 38 9.07 15.39 -5.64
CA GLY B 38 10.49 15.86 -5.70
C GLY B 38 10.78 17.04 -4.77
N THR B 39 9.88 18.01 -4.76
CA THR B 39 9.95 19.20 -3.91
C THR B 39 9.57 18.84 -2.47
N LYS B 40 10.42 19.17 -1.49
CA LYS B 40 10.24 18.69 -0.13
C LYS B 40 9.93 19.81 0.87
N LEU B 41 9.37 19.36 2.01
CA LEU B 41 9.14 20.16 3.17
C LEU B 41 10.27 19.87 4.14
N GLY B 42 11.02 20.91 4.49
CA GLY B 42 12.14 20.84 5.44
C GLY B 42 11.93 21.71 6.68
N CYS B 43 11.15 22.79 6.55
CA CYS B 43 11.00 23.73 7.67
C CYS B 43 9.72 24.55 7.59
N GLY B 44 9.23 24.85 6.38
CA GLY B 44 8.07 25.69 6.17
C GLY B 44 8.26 27.17 6.51
N GLU B 45 9.49 27.65 6.70
CA GLU B 45 9.66 29.05 7.14
C GLU B 45 10.74 29.78 6.32
N GLY B 46 11.21 29.17 5.22
CA GLY B 46 12.08 29.82 4.30
C GLY B 46 13.57 29.63 4.56
N GLY B 47 13.99 29.02 5.67
CA GLY B 47 15.46 28.91 5.92
C GLY B 47 16.19 27.78 5.18
N CYS B 48 15.50 26.69 4.77
CA CYS B 48 16.23 25.47 4.49
C CYS B 48 16.38 25.20 3.00
N GLY B 49 15.48 25.73 2.16
CA GLY B 49 15.59 25.60 0.72
C GLY B 49 15.17 24.26 0.14
N ALA B 50 14.70 23.31 0.97
CA ALA B 50 14.36 21.95 0.49
C ALA B 50 13.22 22.01 -0.51
N CYS B 51 12.42 23.09 -0.42
CA CYS B 51 11.24 23.31 -1.26
C CYS B 51 11.52 24.26 -2.44
N THR B 52 12.78 24.51 -2.75
CA THR B 52 13.14 25.48 -3.77
C THR B 52 12.65 25.01 -5.15
N VAL B 53 11.97 25.91 -5.88
CA VAL B 53 11.57 25.69 -7.27
C VAL B 53 11.92 26.97 -8.06
N MET B 54 11.83 26.90 -9.39
CA MET B 54 12.02 28.05 -10.27
C MET B 54 10.66 28.53 -10.81
N ILE B 55 10.53 29.85 -10.89
CA ILE B 55 9.45 30.53 -11.52
C ILE B 55 10.04 31.35 -12.69
N SER B 56 9.35 31.19 -13.82
CA SER B 56 9.57 31.87 -15.08
C SER B 56 8.35 32.74 -15.36
N LYS B 57 8.55 33.98 -15.77
CA LYS B 57 7.41 34.77 -16.17
C LYS B 57 7.84 35.85 -17.15
N TYR B 58 6.85 36.44 -17.81
CA TYR B 58 7.14 37.57 -18.70
C TYR B 58 7.07 38.86 -17.93
N ASP B 59 8.17 39.61 -17.87
CA ASP B 59 8.19 40.92 -17.19
C ASP B 59 7.62 41.95 -18.17
N ARG B 60 6.41 42.42 -17.84
CA ARG B 60 5.61 43.31 -18.68
C ARG B 60 6.39 44.60 -18.94
N LEU B 61 7.05 45.10 -17.89
CA LEU B 61 8.02 46.19 -18.00
C LEU B 61 9.01 45.92 -19.15
N GLN B 62 9.93 44.96 -18.96
CA GLN B 62 11.16 44.95 -19.74
C GLN B 62 11.03 44.16 -21.05
N ASN B 63 9.80 43.78 -21.45
CA ASN B 63 9.61 42.91 -22.62
C ASN B 63 10.65 41.75 -22.60
N LYS B 64 10.81 41.08 -21.43
CA LYS B 64 11.67 39.91 -21.34
C LYS B 64 11.18 38.82 -20.36
N ILE B 65 11.66 37.61 -20.65
CA ILE B 65 11.39 36.47 -19.86
C ILE B 65 12.43 36.45 -18.73
N VAL B 66 11.96 36.39 -17.48
CA VAL B 66 12.84 36.28 -16.30
C VAL B 66 12.62 34.92 -15.64
N HIS B 67 13.64 34.49 -14.88
CA HIS B 67 13.65 33.30 -14.08
C HIS B 67 14.23 33.62 -12.70
N PHE B 68 13.61 33.08 -11.65
CA PHE B 68 14.08 33.25 -10.29
C PHE B 68 13.63 32.02 -9.48
N SER B 69 14.36 31.74 -8.40
CA SER B 69 14.00 30.67 -7.48
C SER B 69 13.10 31.23 -6.35
N VAL B 70 12.22 30.37 -5.85
CA VAL B 70 11.39 30.70 -4.75
C VAL B 70 11.32 29.50 -3.79
N ASN B 71 10.93 29.78 -2.55
CA ASN B 71 10.57 28.78 -1.58
C ASN B 71 9.10 28.38 -1.81
N ALA B 72 8.85 27.17 -2.23
CA ALA B 72 7.47 26.80 -2.51
C ALA B 72 6.63 26.73 -1.23
N CYS B 73 7.27 26.58 -0.04
CA CYS B 73 6.56 26.46 1.22
C CYS B 73 5.89 27.80 1.63
N LEU B 74 6.34 28.92 1.07
CA LEU B 74 5.87 30.27 1.43
C LEU B 74 5.12 30.95 0.26
N ALA B 75 5.16 30.37 -0.94
CA ALA B 75 4.49 30.95 -2.13
C ALA B 75 2.99 30.57 -2.16
N PRO B 76 2.06 31.51 -1.96
CA PRO B 76 0.66 31.18 -2.18
C PRO B 76 0.36 30.94 -3.67
N ILE B 77 -0.42 29.91 -3.96
CA ILE B 77 -0.70 29.66 -5.36
C ILE B 77 -1.45 30.84 -5.97
N CYS B 78 -2.20 31.59 -5.15
CA CYS B 78 -3.04 32.67 -5.62
C CYS B 78 -2.18 33.84 -6.14
N SER B 79 -0.89 33.86 -5.79
CA SER B 79 0.07 34.87 -6.26
C SER B 79 0.71 34.44 -7.59
N LEU B 80 0.42 33.24 -8.10
CA LEU B 80 1.17 32.69 -9.18
C LEU B 80 0.40 32.67 -10.52
N HIS B 81 -0.71 33.40 -10.64
CA HIS B 81 -1.44 33.49 -11.90
C HIS B 81 -0.51 33.94 -13.05
N HIS B 82 -0.51 33.16 -14.13
CA HIS B 82 0.21 33.45 -15.40
C HIS B 82 1.74 33.43 -15.23
N VAL B 83 2.21 32.47 -14.42
CA VAL B 83 3.64 32.21 -14.20
C VAL B 83 3.87 30.74 -14.61
N ALA B 84 5.12 30.35 -14.87
CA ALA B 84 5.45 29.00 -15.13
C ALA B 84 6.44 28.52 -14.06
N VAL B 85 6.07 27.42 -13.39
CA VAL B 85 6.83 26.80 -12.35
C VAL B 85 7.65 25.66 -12.95
N THR B 86 8.92 25.52 -12.54
CA THR B 86 9.77 24.37 -12.83
C THR B 86 10.24 23.76 -11.52
N THR B 87 9.96 22.46 -11.37
CA THR B 87 10.43 21.63 -10.24
C THR B 87 11.54 20.70 -10.70
N VAL B 88 12.15 19.98 -9.76
CA VAL B 88 13.21 19.07 -10.04
C VAL B 88 12.80 18.11 -11.16
N GLU B 89 11.54 17.64 -11.17
CA GLU B 89 11.02 16.72 -12.18
C GLU B 89 11.02 17.35 -13.57
N GLY B 90 11.03 18.68 -13.61
CA GLY B 90 10.94 19.42 -14.85
C GLY B 90 12.25 19.52 -15.61
N ILE B 91 13.40 19.25 -14.97
CA ILE B 91 14.68 19.51 -15.67
C ILE B 91 15.31 18.21 -16.17
N GLY B 92 14.89 17.06 -15.58
CA GLY B 92 15.35 15.72 -15.99
C GLY B 92 14.96 14.65 -14.97
N ASN B 93 15.33 13.40 -15.30
CA ASN B 93 15.03 12.26 -14.52
C ASN B 93 16.17 11.27 -14.74
N THR B 94 16.06 10.08 -14.15
CA THR B 94 17.18 9.09 -14.19
C THR B 94 17.41 8.56 -15.62
N GLN B 95 16.40 8.65 -16.48
CA GLN B 95 16.51 8.24 -17.86
C GLN B 95 17.28 9.32 -18.65
N LYS B 96 17.22 10.59 -18.20
CA LYS B 96 18.01 11.67 -18.80
C LYS B 96 18.24 12.80 -17.77
N LEU B 97 19.34 12.69 -17.03
CA LEU B 97 19.63 13.65 -15.99
C LEU B 97 20.11 14.95 -16.62
N HIS B 98 19.70 16.05 -16.00
CA HIS B 98 20.24 17.31 -16.33
C HIS B 98 21.67 17.31 -15.82
N PRO B 99 22.60 18.03 -16.48
CA PRO B 99 23.95 18.19 -15.95
C PRO B 99 24.01 18.54 -14.45
N VAL B 100 23.12 19.39 -13.96
CA VAL B 100 23.13 19.76 -12.55
C VAL B 100 22.91 18.51 -11.71
N GLN B 101 21.94 17.68 -12.12
CA GLN B 101 21.58 16.48 -11.40
C GLN B 101 22.73 15.48 -11.47
N GLU B 102 23.29 15.30 -12.68
CA GLU B 102 24.33 14.31 -12.84
C GLU B 102 25.55 14.66 -11.99
N ARG B 103 25.93 15.96 -11.97
CA ARG B 103 27.17 16.35 -11.34
C ARG B 103 27.04 16.29 -9.81
N ILE B 104 25.87 16.66 -9.26
CA ILE B 104 25.77 16.56 -7.78
C ILE B 104 25.82 15.08 -7.34
N ALA B 105 25.25 14.22 -8.17
CA ALA B 105 25.18 12.81 -7.84
C ALA B 105 26.57 12.15 -7.97
N ARG B 106 27.24 12.40 -9.07
CA ARG B 106 28.51 11.72 -9.32
C ARG B 106 29.65 12.26 -8.45
N SER B 107 29.50 13.48 -7.93
CA SER B 107 30.52 14.07 -7.08
C SER B 107 30.30 13.73 -5.60
N HIS B 108 29.34 12.84 -5.30
CA HIS B 108 29.07 12.45 -3.90
C HIS B 108 28.50 13.62 -3.11
N GLY B 109 27.76 14.49 -3.81
CA GLY B 109 27.13 15.63 -3.19
C GLY B 109 25.74 15.33 -2.62
N SER B 110 25.30 14.06 -2.69
CA SER B 110 23.98 13.63 -2.17
C SER B 110 24.16 12.42 -1.25
N GLN B 111 23.90 12.61 0.07
CA GLN B 111 23.96 11.52 1.04
C GLN B 111 22.51 11.04 1.29
N CYS B 112 21.78 11.63 2.26
CA CYS B 112 20.40 11.21 2.58
C CYS B 112 19.47 11.57 1.41
N GLY B 113 19.84 12.64 0.68
CA GLY B 113 19.18 13.04 -0.54
C GLY B 113 18.07 14.06 -0.36
N PHE B 114 17.72 14.41 0.88
CA PHE B 114 16.48 15.14 1.10
C PHE B 114 16.61 16.61 0.66
N CYS B 115 17.83 17.19 0.80
CA CYS B 115 18.11 18.54 0.36
C CYS B 115 18.44 18.59 -1.14
N THR B 116 18.60 17.44 -1.80
CA THR B 116 19.23 17.46 -3.08
C THR B 116 18.35 18.18 -4.09
N PRO B 117 17.01 17.90 -4.21
CA PRO B 117 16.17 18.63 -5.18
C PRO B 117 16.26 20.14 -5.06
N GLY B 118 16.29 20.64 -3.82
CA GLY B 118 16.31 22.07 -3.57
C GLY B 118 17.62 22.70 -4.01
N ILE B 119 18.72 22.00 -3.75
CA ILE B 119 20.04 22.47 -4.15
C ILE B 119 20.15 22.41 -5.68
N VAL B 120 19.60 21.34 -6.27
CA VAL B 120 19.57 21.23 -7.74
C VAL B 120 18.86 22.43 -8.35
N MET B 121 17.73 22.80 -7.77
CA MET B 121 16.97 23.86 -8.33
C MET B 121 17.65 25.22 -8.12
N SER B 122 18.36 25.46 -7.01
CA SER B 122 19.09 26.67 -6.82
C SER B 122 20.19 26.82 -7.89
N MET B 123 20.91 25.72 -8.17
CA MET B 123 22.02 25.72 -9.14
C MET B 123 21.45 25.87 -10.55
N TYR B 124 20.35 25.16 -10.80
CA TYR B 124 19.72 25.20 -12.05
C TYR B 124 19.26 26.63 -12.37
N THR B 125 18.67 27.31 -11.36
CA THR B 125 18.15 28.65 -11.55
C THR B 125 19.32 29.61 -11.87
N LEU B 126 20.40 29.50 -11.08
CA LEU B 126 21.63 30.28 -11.36
C LEU B 126 22.01 30.12 -12.85
N LEU B 127 22.07 28.89 -13.36
CA LEU B 127 22.57 28.67 -14.69
C LEU B 127 21.62 29.25 -15.74
N ARG B 128 20.31 29.30 -15.47
CA ARG B 128 19.37 29.91 -16.41
C ARG B 128 19.59 31.43 -16.50
N ASN B 129 20.10 32.06 -15.45
CA ASN B 129 20.36 33.50 -15.41
C ASN B 129 21.83 33.81 -15.82
N GLN B 130 22.76 32.89 -15.55
CA GLN B 130 24.21 33.12 -15.73
C GLN B 130 24.84 31.78 -16.13
N PRO B 131 24.90 31.50 -17.45
CA PRO B 131 25.37 30.21 -17.94
C PRO B 131 26.82 29.86 -17.58
N GLU B 132 27.61 30.89 -17.26
CA GLU B 132 29.01 30.78 -16.93
C GLU B 132 29.29 31.58 -15.66
N PRO B 133 28.78 31.13 -14.50
CA PRO B 133 28.92 31.89 -13.25
C PRO B 133 30.34 31.75 -12.68
N THR B 134 30.70 32.70 -11.80
CA THR B 134 31.92 32.62 -11.02
C THR B 134 31.71 31.64 -9.86
N VAL B 135 32.82 31.19 -9.27
CA VAL B 135 32.83 30.40 -8.05
C VAL B 135 32.01 31.12 -6.97
N GLU B 136 32.15 32.45 -6.90
CA GLU B 136 31.50 33.21 -5.85
C GLU B 136 29.98 33.14 -6.03
N GLU B 137 29.53 33.30 -7.27
CA GLU B 137 28.14 33.27 -7.63
C GLU B 137 27.57 31.87 -7.29
N ILE B 138 28.33 30.83 -7.58
CA ILE B 138 27.91 29.47 -7.29
C ILE B 138 27.69 29.30 -5.78
N GLU B 139 28.62 29.76 -4.95
CA GLU B 139 28.39 29.65 -3.50
C GLU B 139 27.14 30.43 -3.06
N ASN B 140 26.96 31.64 -3.60
CA ASN B 140 25.94 32.57 -3.17
C ASN B 140 24.57 32.04 -3.53
N ALA B 141 24.55 31.10 -4.49
CA ALA B 141 23.35 30.50 -4.99
C ALA B 141 22.69 29.69 -3.87
N PHE B 142 23.49 29.32 -2.84
CA PHE B 142 23.01 28.35 -1.85
C PHE B 142 22.90 28.95 -0.46
N GLN B 143 22.85 30.26 -0.36
CA GLN B 143 22.69 30.88 0.96
C GLN B 143 21.37 30.46 1.60
N GLY B 144 20.39 30.09 0.78
CA GLY B 144 19.09 29.64 1.30
C GLY B 144 18.92 28.13 1.29
N ASN B 145 20.01 27.36 1.19
CA ASN B 145 19.90 25.89 1.17
C ASN B 145 20.76 25.29 2.29
N LEU B 146 20.14 24.39 3.07
CA LEU B 146 20.83 23.70 4.14
C LEU B 146 20.95 22.23 3.78
N CYS B 147 22.12 21.65 4.14
CA CYS B 147 22.44 20.21 4.09
C CYS B 147 23.09 19.81 5.42
N ARG B 148 22.57 18.75 6.06
CA ARG B 148 23.01 18.28 7.37
C ARG B 148 24.05 17.14 7.21
N CYS B 149 24.16 16.58 6.02
CA CYS B 149 24.94 15.36 5.83
C CYS B 149 26.33 15.57 5.20
N THR B 150 26.42 16.39 4.14
CA THR B 150 27.56 16.32 3.24
C THR B 150 28.74 17.16 3.75
N GLY B 151 28.46 18.18 4.56
CA GLY B 151 29.49 19.12 4.91
C GLY B 151 29.81 20.03 3.73
N TYR B 152 28.96 20.01 2.70
CA TYR B 152 28.87 21.00 1.59
C TYR B 152 30.02 20.90 0.57
N ARG B 153 31.24 20.59 1.03
CA ARG B 153 32.44 20.50 0.13
C ARG B 153 32.16 19.79 -1.20
N PRO B 154 31.63 18.54 -1.27
CA PRO B 154 31.49 17.85 -2.55
C PRO B 154 30.48 18.53 -3.46
N ILE B 155 29.49 19.21 -2.87
CA ILE B 155 28.49 19.90 -3.67
C ILE B 155 29.15 21.04 -4.46
N LEU B 156 29.90 21.90 -3.78
CA LEU B 156 30.57 23.03 -4.45
C LEU B 156 31.65 22.50 -5.39
N GLN B 157 32.31 21.41 -5.00
CA GLN B 157 33.43 20.90 -5.84
C GLN B 157 32.88 20.37 -7.16
N GLY B 158 31.74 19.68 -7.11
CA GLY B 158 31.12 19.13 -8.32
C GLY B 158 30.58 20.21 -9.24
N PHE B 159 30.08 21.29 -8.64
CA PHE B 159 29.43 22.39 -9.35
C PHE B 159 30.43 23.45 -9.86
N ARG B 160 31.61 23.52 -9.22
CA ARG B 160 32.74 24.34 -9.62
C ARG B 160 33.03 24.11 -11.11
N THR B 161 32.74 22.92 -11.62
CA THR B 161 32.94 22.58 -13.03
C THR B 161 32.13 23.46 -13.97
N PHE B 162 31.03 24.08 -13.51
CA PHE B 162 30.26 25.02 -14.35
C PHE B 162 30.90 26.42 -14.40
N ALA B 163 31.89 26.72 -13.56
CA ALA B 163 32.43 28.09 -13.41
C ALA B 163 33.40 28.44 -14.56
N LYS B 164 33.57 29.75 -14.81
CA LYS B 164 34.69 30.37 -15.61
C LYS B 164 34.64 29.82 -17.04
N PRO B 192 44.60 8.98 -6.68
CA PRO B 192 43.26 8.51 -7.16
C PRO B 192 42.17 9.54 -6.82
N SER B 193 41.17 9.70 -7.72
CA SER B 193 40.13 10.78 -7.70
C SER B 193 38.79 10.24 -7.19
N LEU B 194 38.01 11.08 -6.49
CA LEU B 194 36.70 10.63 -6.00
C LEU B 194 35.69 10.58 -7.15
N PHE B 195 35.90 11.40 -8.17
CA PHE B 195 35.07 11.41 -9.33
C PHE B 195 35.84 11.98 -10.54
N ASN B 196 35.28 11.81 -11.74
CA ASN B 196 35.94 12.26 -12.95
C ASN B 196 35.14 13.34 -13.67
N PRO B 197 35.43 14.64 -13.47
CA PRO B 197 34.68 15.71 -14.15
C PRO B 197 34.73 15.66 -15.69
N GLU B 198 35.72 14.94 -16.26
CA GLU B 198 35.83 14.88 -17.72
C GLU B 198 34.77 13.93 -18.29
N ASP B 199 34.12 13.10 -17.46
CA ASP B 199 33.00 12.24 -17.89
C ASP B 199 31.62 12.94 -17.81
N PHE B 200 31.55 14.12 -17.23
CA PHE B 200 30.27 14.84 -17.10
C PHE B 200 29.79 15.28 -18.48
N LYS B 201 28.52 15.06 -18.78
CA LYS B 201 27.97 15.50 -20.03
C LYS B 201 27.91 17.03 -20.02
N PRO B 202 28.27 17.69 -21.14
CA PRO B 202 28.31 19.15 -21.19
C PRO B 202 26.86 19.68 -21.28
N LEU B 203 26.73 20.93 -20.87
CA LEU B 203 25.49 21.67 -20.82
C LEU B 203 25.29 22.43 -22.13
N ASP B 204 24.15 22.19 -22.78
CA ASP B 204 23.69 22.96 -23.89
C ASP B 204 22.50 23.80 -23.42
N PRO B 205 22.66 25.11 -23.15
CA PRO B 205 21.54 25.93 -22.69
C PRO B 205 20.32 26.02 -23.61
N THR B 206 20.49 25.72 -24.91
CA THR B 206 19.37 25.80 -25.85
C THR B 206 18.39 24.63 -25.64
N GLN B 207 18.80 23.61 -24.87
CA GLN B 207 17.96 22.43 -24.67
C GLN B 207 17.08 22.56 -23.42
N GLU B 208 16.99 23.75 -22.80
CA GLU B 208 16.12 23.92 -21.64
C GLU B 208 14.67 24.09 -22.10
N PRO B 209 13.66 23.86 -21.23
CA PRO B 209 12.26 23.91 -21.65
C PRO B 209 11.89 25.32 -22.14
N ILE B 210 11.07 25.33 -23.21
CA ILE B 210 10.52 26.55 -23.78
C ILE B 210 9.71 27.32 -22.72
N PHE B 211 9.74 28.66 -22.81
CA PHE B 211 8.78 29.44 -22.06
C PHE B 211 7.41 29.19 -22.69
N PRO B 212 6.39 28.73 -21.92
CA PRO B 212 5.10 28.35 -22.51
C PRO B 212 4.55 29.42 -23.46
N PRO B 213 4.39 29.13 -24.78
CA PRO B 213 3.91 30.15 -25.72
C PRO B 213 2.55 30.76 -25.34
N GLU B 214 1.67 30.00 -24.69
CA GLU B 214 0.41 30.57 -24.12
C GLU B 214 0.70 31.84 -23.31
N LEU B 215 1.75 31.85 -22.49
CA LEU B 215 1.98 32.97 -21.58
C LEU B 215 2.55 34.17 -22.34
N LEU B 216 3.18 33.93 -23.49
CA LEU B 216 3.51 35.03 -24.34
C LEU B 216 2.24 35.49 -25.09
N ARG B 217 1.35 34.57 -25.49
CA ARG B 217 0.04 35.00 -26.08
C ARG B 217 -0.73 35.83 -25.03
N LEU B 218 -0.75 35.34 -23.77
CA LEU B 218 -1.63 35.91 -22.72
C LEU B 218 -1.09 37.25 -22.22
N LYS B 219 0.16 37.61 -22.53
CA LYS B 219 0.73 38.89 -22.06
C LYS B 219 0.16 40.08 -22.86
N ASP B 220 -0.51 39.78 -23.99
CA ASP B 220 -1.17 40.80 -24.82
C ASP B 220 -2.45 41.27 -24.12
N THR B 221 -3.33 40.32 -23.73
CA THR B 221 -4.55 40.66 -22.99
C THR B 221 -4.17 41.37 -21.68
N PRO B 222 -4.81 42.50 -21.33
CA PRO B 222 -4.44 43.24 -20.11
C PRO B 222 -4.93 42.48 -18.86
N GLN B 223 -4.19 42.62 -17.76
CA GLN B 223 -4.50 41.88 -16.55
C GLN B 223 -5.68 42.59 -15.87
N LYS B 224 -6.67 41.80 -15.42
CA LYS B 224 -7.76 42.30 -14.61
C LYS B 224 -7.68 41.70 -13.19
N LYS B 225 -8.33 42.39 -12.26
CA LYS B 225 -8.55 42.00 -10.89
C LYS B 225 -9.13 40.57 -10.83
N LEU B 226 -8.55 39.75 -9.96
CA LEU B 226 -9.01 38.40 -9.68
C LEU B 226 -9.42 38.33 -8.21
N ARG B 227 -10.35 37.39 -7.93
CA ARG B 227 -10.83 37.11 -6.60
C ARG B 227 -10.82 35.60 -6.42
N PHE B 228 -10.22 35.16 -5.31
CA PHE B 228 -10.17 33.79 -4.93
C PHE B 228 -10.83 33.66 -3.56
N GLU B 229 -11.64 32.61 -3.40
CA GLU B 229 -12.39 32.46 -2.18
C GLU B 229 -12.10 31.06 -1.59
N GLY B 230 -11.53 31.02 -0.39
CA GLY B 230 -11.24 29.75 0.25
C GLY B 230 -12.20 29.42 1.37
N GLU B 231 -11.79 28.49 2.22
CA GLU B 231 -12.61 28.06 3.29
C GLU B 231 -12.71 29.18 4.34
N ARG B 232 -11.65 29.98 4.50
CA ARG B 232 -11.62 31.02 5.50
C ARG B 232 -11.16 32.38 4.95
N VAL B 233 -10.43 32.38 3.82
CA VAL B 233 -9.72 33.58 3.32
C VAL B 233 -10.23 33.90 1.93
N THR B 234 -10.43 35.21 1.69
CA THR B 234 -10.63 35.79 0.37
C THR B 234 -9.35 36.56 -0.02
N TRP B 235 -8.86 36.34 -1.24
CA TRP B 235 -7.70 36.96 -1.83
C TRP B 235 -8.14 37.76 -3.06
N ILE B 236 -7.78 39.06 -3.12
CA ILE B 236 -7.94 39.91 -4.25
C ILE B 236 -6.57 40.26 -4.82
N GLN B 237 -6.32 39.85 -6.06
CA GLN B 237 -5.16 40.17 -6.79
C GLN B 237 -5.47 41.47 -7.55
N ALA B 238 -5.06 42.62 -6.99
CA ALA B 238 -5.45 43.92 -7.59
C ALA B 238 -4.62 44.20 -8.85
N SER B 239 -5.25 44.82 -9.88
CA SER B 239 -4.57 45.12 -11.13
C SER B 239 -4.10 46.57 -11.17
N THR B 240 -4.71 47.47 -10.40
CA THR B 240 -4.37 48.88 -10.52
C THR B 240 -4.32 49.51 -9.15
N MET B 241 -3.67 50.68 -9.06
CA MET B 241 -3.61 51.46 -7.84
C MET B 241 -5.02 51.88 -7.36
N GLU B 242 -5.93 52.15 -8.31
CA GLU B 242 -7.29 52.60 -7.92
C GLU B 242 -8.05 51.43 -7.24
N GLU B 243 -7.95 50.23 -7.80
CA GLU B 243 -8.53 49.03 -7.18
C GLU B 243 -7.98 48.83 -5.76
N LEU B 244 -6.66 48.97 -5.59
CA LEU B 244 -6.01 48.76 -4.32
C LEU B 244 -6.48 49.79 -3.29
N LEU B 245 -6.45 51.08 -3.66
CA LEU B 245 -6.70 52.14 -2.74
C LEU B 245 -8.20 52.20 -2.42
N ASP B 246 -9.07 51.85 -3.39
CA ASP B 246 -10.52 51.79 -3.11
C ASP B 246 -10.80 50.67 -2.09
N LEU B 247 -10.09 49.54 -2.23
CA LEU B 247 -10.34 48.39 -1.37
C LEU B 247 -9.90 48.75 0.05
N LYS B 248 -8.78 49.45 0.19
CA LYS B 248 -8.26 49.82 1.53
C LYS B 248 -9.11 50.93 2.18
N ALA B 249 -9.78 51.75 1.37
CA ALA B 249 -10.68 52.82 1.87
C ALA B 249 -12.01 52.21 2.36
N GLN B 250 -12.55 51.27 1.60
CA GLN B 250 -13.79 50.56 2.01
C GLN B 250 -13.47 49.52 3.09
N HIS B 251 -12.32 48.85 3.00
CA HIS B 251 -11.95 47.78 4.00
C HIS B 251 -10.50 47.92 4.48
N PRO B 252 -10.21 48.86 5.40
CA PRO B 252 -8.83 49.10 5.84
C PRO B 252 -8.16 47.87 6.47
N ASP B 253 -8.99 46.88 6.83
CA ASP B 253 -8.61 45.61 7.47
C ASP B 253 -8.00 44.66 6.43
N ALA B 254 -8.25 44.88 5.14
CA ALA B 254 -7.65 44.09 4.04
C ALA B 254 -6.12 44.06 4.18
N LYS B 255 -5.58 42.83 4.20
CA LYS B 255 -4.17 42.67 4.50
C LYS B 255 -3.39 42.64 3.20
N LEU B 256 -2.43 43.55 3.02
CA LEU B 256 -1.53 43.44 1.86
C LEU B 256 -0.63 42.24 2.11
N VAL B 257 -0.50 41.44 1.05
CA VAL B 257 0.46 40.39 0.93
C VAL B 257 1.23 40.64 -0.37
N VAL B 258 2.56 40.73 -0.30
CA VAL B 258 3.35 40.80 -1.48
C VAL B 258 4.13 39.49 -1.63
N GLY B 259 5.26 39.32 -0.93
CA GLY B 259 6.11 38.15 -1.03
C GLY B 259 5.63 37.00 -0.15
N ASN B 260 4.81 37.33 0.85
CA ASN B 260 4.29 36.36 1.86
C ASN B 260 5.37 35.81 2.80
N THR B 261 6.55 36.44 2.87
CA THR B 261 7.67 35.94 3.61
C THR B 261 7.53 36.32 5.08
N GLU B 262 6.68 37.29 5.41
CA GLU B 262 6.38 37.56 6.78
C GLU B 262 4.96 37.02 7.09
N ILE B 263 3.99 37.26 6.22
CA ILE B 263 2.60 36.87 6.52
C ILE B 263 2.47 35.35 6.56
N GLY B 264 3.22 34.65 5.70
CA GLY B 264 3.18 33.19 5.63
C GLY B 264 3.58 32.56 6.95
N ILE B 265 4.55 33.18 7.61
CA ILE B 265 5.03 32.81 8.96
C ILE B 265 3.95 33.14 10.01
N GLU B 266 3.37 34.34 9.95
CA GLU B 266 2.27 34.74 10.85
C GLU B 266 1.12 33.72 10.77
N MET B 267 0.74 33.28 9.57
CA MET B 267 -0.39 32.36 9.40
C MET B 267 -0.03 30.94 9.88
N LYS B 268 1.15 30.45 9.50
CA LYS B 268 1.51 29.04 9.69
C LYS B 268 1.91 28.80 11.16
N PHE B 269 2.67 29.72 11.75
CA PHE B 269 3.31 29.50 13.05
C PHE B 269 2.66 30.35 14.16
N LYS B 270 2.02 31.47 13.87
CA LYS B 270 1.43 32.27 14.96
C LYS B 270 -0.10 32.17 14.94
N ASN B 271 -0.63 31.26 14.11
CA ASN B 271 -2.07 31.00 13.88
C ASN B 271 -2.88 32.31 13.77
N MET B 272 -2.31 33.28 13.04
CA MET B 272 -2.97 34.53 12.65
C MET B 272 -3.88 34.22 11.46
N LEU B 273 -5.06 34.82 11.42
CA LEU B 273 -5.92 34.61 10.25
C LEU B 273 -6.37 35.98 9.75
N PHE B 274 -6.04 36.28 8.50
CA PHE B 274 -6.44 37.50 7.86
C PHE B 274 -7.50 37.13 6.83
N PRO B 275 -8.79 37.33 7.16
CA PRO B 275 -9.87 36.83 6.32
C PRO B 275 -9.94 37.47 4.93
N LEU B 276 -9.37 38.67 4.77
CA LEU B 276 -9.32 39.37 3.48
C LEU B 276 -7.88 39.82 3.21
N ILE B 277 -7.31 39.31 2.12
CA ILE B 277 -5.95 39.55 1.68
C ILE B 277 -6.06 40.33 0.37
N VAL B 278 -5.21 41.34 0.16
CA VAL B 278 -5.08 41.93 -1.21
C VAL B 278 -3.59 41.86 -1.60
N CYS B 279 -3.34 41.29 -2.75
CA CYS B 279 -2.01 41.23 -3.29
C CYS B 279 -1.86 42.29 -4.37
N PRO B 280 -1.01 43.32 -4.15
CA PRO B 280 -0.79 44.36 -5.16
C PRO B 280 0.44 44.22 -6.06
N ALA B 281 0.99 43.01 -6.13
CA ALA B 281 2.28 42.77 -6.76
C ALA B 281 2.23 43.13 -8.25
N TRP B 282 1.05 43.11 -8.86
CA TRP B 282 1.00 43.36 -10.28
C TRP B 282 1.08 44.87 -10.58
N ILE B 283 0.82 45.73 -9.59
CA ILE B 283 0.62 47.16 -9.89
C ILE B 283 1.94 47.83 -10.30
N PRO B 284 2.02 48.45 -11.50
CA PRO B 284 3.27 49.05 -11.99
C PRO B 284 3.90 50.11 -11.07
N GLU B 285 3.08 50.98 -10.45
CA GLU B 285 3.58 52.07 -9.62
C GLU B 285 4.28 51.50 -8.37
N LEU B 286 3.92 50.28 -7.93
CA LEU B 286 4.57 49.62 -6.77
C LEU B 286 5.81 48.81 -7.20
N ASN B 287 6.12 48.77 -8.49
CA ASN B 287 7.25 48.00 -9.04
C ASN B 287 8.26 48.90 -9.79
N SER B 288 8.06 50.22 -9.77
CA SER B 288 8.87 51.09 -10.63
C SER B 288 10.16 51.49 -9.89
N VAL B 289 11.15 51.84 -10.69
CA VAL B 289 12.44 52.24 -10.25
C VAL B 289 12.72 53.58 -10.92
N VAL B 290 12.81 54.69 -10.18
CA VAL B 290 12.99 55.94 -10.85
C VAL B 290 14.16 56.70 -10.23
N HIS B 291 15.01 57.25 -11.11
CA HIS B 291 16.16 58.08 -10.72
C HIS B 291 15.72 59.52 -10.52
N GLY B 292 15.99 60.07 -9.35
CA GLY B 292 15.72 61.47 -9.03
C GLY B 292 17.03 62.18 -8.73
N PRO B 293 17.02 63.52 -8.56
CA PRO B 293 18.22 64.22 -8.16
C PRO B 293 18.73 63.75 -6.80
N GLU B 294 17.85 63.31 -5.89
CA GLU B 294 18.29 63.03 -4.50
C GLU B 294 18.61 61.53 -4.31
N GLY B 295 18.24 60.68 -5.28
CA GLY B 295 18.45 59.24 -5.16
C GLY B 295 17.49 58.44 -6.01
N ILE B 296 17.35 57.15 -5.66
CA ILE B 296 16.66 56.18 -6.45
C ILE B 296 15.43 55.75 -5.66
N SER B 297 14.26 55.90 -6.31
CA SER B 297 12.98 55.54 -5.73
C SER B 297 12.63 54.13 -6.18
N PHE B 298 12.35 53.28 -5.19
CA PHE B 298 11.83 51.95 -5.46
C PHE B 298 10.36 51.88 -5.05
N GLY B 299 9.53 51.40 -5.98
CA GLY B 299 8.21 50.92 -5.61
C GLY B 299 8.28 49.94 -4.43
N ALA B 300 7.32 50.08 -3.51
CA ALA B 300 7.32 49.35 -2.25
C ALA B 300 7.21 47.85 -2.47
N SER B 301 6.81 47.41 -3.67
CA SER B 301 6.65 46.00 -3.93
C SER B 301 7.84 45.43 -4.66
N CYS B 302 8.83 46.28 -4.98
CA CYS B 302 10.04 45.79 -5.59
C CYS B 302 10.65 44.73 -4.68
N PRO B 303 10.97 43.54 -5.22
CA PRO B 303 11.76 42.56 -4.48
C PRO B 303 13.20 43.02 -4.20
N LEU B 304 13.74 42.50 -3.09
CA LEU B 304 15.06 42.81 -2.63
C LEU B 304 16.10 42.42 -3.69
N SER B 305 15.82 41.39 -4.52
CA SER B 305 16.79 41.03 -5.57
C SER B 305 16.89 42.13 -6.65
N LEU B 306 15.86 42.96 -6.84
CA LEU B 306 15.84 44.06 -7.81
C LEU B 306 16.54 45.26 -7.19
N VAL B 307 16.21 45.57 -5.93
CA VAL B 307 16.98 46.54 -5.19
C VAL B 307 18.48 46.22 -5.34
N GLU B 308 18.87 44.98 -5.00
CA GLU B 308 20.25 44.54 -5.13
C GLU B 308 20.78 44.78 -6.56
N SER B 309 20.09 44.28 -7.58
CA SER B 309 20.62 44.40 -8.91
C SER B 309 20.73 45.90 -9.33
N VAL B 310 19.77 46.76 -8.99
CA VAL B 310 19.88 48.13 -9.47
C VAL B 310 20.92 48.89 -8.62
N LEU B 311 21.04 48.64 -7.31
CA LEU B 311 22.03 49.35 -6.52
C LEU B 311 23.45 48.91 -6.95
N ALA B 312 23.64 47.62 -7.30
CA ALA B 312 24.95 47.12 -7.73
C ALA B 312 25.41 47.82 -9.01
N GLU B 313 24.52 47.98 -10.00
CA GLU B 313 24.84 48.66 -11.26
C GLU B 313 25.24 50.09 -10.92
N GLU B 314 24.46 50.73 -10.04
CA GLU B 314 24.75 52.10 -9.65
C GLU B 314 26.10 52.20 -8.91
N ILE B 315 26.43 51.27 -8.00
CA ILE B 315 27.68 51.50 -7.30
C ILE B 315 28.88 51.19 -8.23
N ALA B 316 28.66 50.36 -9.27
CA ALA B 316 29.72 50.05 -10.24
C ALA B 316 30.03 51.29 -11.11
N LYS B 317 29.04 52.14 -11.37
CA LYS B 317 29.20 53.17 -12.41
C LYS B 317 29.37 54.57 -11.79
N LEU B 318 28.86 54.81 -10.58
CA LEU B 318 28.85 56.14 -10.01
C LEU B 318 30.12 56.32 -9.20
N PRO B 319 30.56 57.57 -9.00
CA PRO B 319 31.66 57.83 -8.07
C PRO B 319 31.32 57.34 -6.64
N GLU B 320 32.34 56.74 -6.01
CA GLU B 320 32.33 56.25 -4.65
C GLU B 320 31.61 57.27 -3.75
N GLN B 321 31.89 58.57 -3.87
CA GLN B 321 31.36 59.53 -2.92
C GLN B 321 29.82 59.62 -2.96
N LYS B 322 29.17 59.21 -4.06
CA LYS B 322 27.67 59.26 -4.15
C LYS B 322 26.96 57.98 -3.61
N THR B 323 27.70 56.89 -3.35
CA THR B 323 27.09 55.56 -3.20
C THR B 323 27.31 54.97 -1.81
N GLU B 324 27.58 55.83 -0.82
CA GLU B 324 27.84 55.42 0.56
C GLU B 324 26.61 54.69 1.14
N VAL B 325 25.42 55.30 1.02
CA VAL B 325 24.19 54.72 1.48
C VAL B 325 23.88 53.46 0.67
N PHE B 326 24.02 53.49 -0.66
CA PHE B 326 23.78 52.29 -1.43
C PHE B 326 24.62 51.09 -0.92
N ARG B 327 25.92 51.28 -0.65
CA ARG B 327 26.82 50.22 -0.21
C ARG B 327 26.42 49.73 1.20
N GLY B 328 25.89 50.62 2.04
CA GLY B 328 25.29 50.23 3.31
C GLY B 328 24.14 49.24 3.13
N VAL B 329 23.25 49.53 2.18
CA VAL B 329 22.14 48.66 1.89
C VAL B 329 22.70 47.33 1.37
N MET B 330 23.65 47.39 0.41
CA MET B 330 24.13 46.16 -0.20
C MET B 330 24.77 45.25 0.87
N GLU B 331 25.52 45.85 1.82
CA GLU B 331 26.16 45.12 2.91
C GLU B 331 25.10 44.39 3.77
N GLN B 332 24.00 45.05 4.17
CA GLN B 332 22.94 44.38 4.88
C GLN B 332 22.31 43.25 4.05
N LEU B 333 22.14 43.42 2.73
CA LEU B 333 21.51 42.40 1.91
C LEU B 333 22.44 41.21 1.61
N ARG B 334 23.75 41.35 1.77
CA ARG B 334 24.66 40.23 1.57
C ARG B 334 24.32 39.06 2.51
N TRP B 335 23.88 39.41 3.74
CA TRP B 335 23.90 38.54 4.90
C TRP B 335 22.49 38.15 5.31
N PHE B 336 21.65 38.02 4.30
CA PHE B 336 20.26 38.29 4.44
C PHE B 336 19.48 37.25 3.66
N ALA B 337 19.22 36.10 4.30
CA ALA B 337 18.51 35.06 3.60
C ALA B 337 19.25 34.74 2.29
N GLY B 338 18.60 33.92 1.47
CA GLY B 338 19.12 33.45 0.23
C GLY B 338 18.35 34.02 -0.95
N LYS B 339 18.66 33.48 -2.11
CA LYS B 339 18.10 33.95 -3.38
C LYS B 339 16.59 33.82 -3.37
N GLN B 340 16.12 32.67 -2.88
CA GLN B 340 14.69 32.27 -2.83
C GLN B 340 13.85 33.32 -2.09
N VAL B 341 14.33 33.84 -0.97
CA VAL B 341 13.59 34.81 -0.17
C VAL B 341 13.70 36.20 -0.84
N LYS B 342 14.88 36.59 -1.32
CA LYS B 342 15.11 37.94 -1.87
C LYS B 342 14.40 38.15 -3.22
N SER B 343 14.08 37.06 -3.92
CA SER B 343 13.35 37.09 -5.18
C SER B 343 11.90 37.58 -4.99
N VAL B 344 11.31 37.35 -3.83
CA VAL B 344 9.90 37.67 -3.60
C VAL B 344 9.71 38.64 -2.42
N ALA B 345 10.62 38.64 -1.45
CA ALA B 345 10.55 39.56 -0.31
C ALA B 345 10.65 41.01 -0.80
N SER B 346 9.65 41.85 -0.50
CA SER B 346 9.64 43.23 -0.98
C SER B 346 10.34 44.18 0.01
N ILE B 347 10.85 45.32 -0.52
CA ILE B 347 11.46 46.29 0.33
C ILE B 347 10.38 46.79 1.28
N GLY B 348 9.25 47.16 0.69
CA GLY B 348 8.09 47.70 1.43
C GLY B 348 7.66 46.76 2.54
N GLY B 349 7.65 45.47 2.21
CA GLY B 349 7.32 44.42 3.16
C GLY B 349 8.23 44.48 4.38
N ASN B 350 9.55 44.65 4.14
CA ASN B 350 10.49 44.68 5.22
C ASN B 350 10.22 45.92 6.09
N ILE B 351 9.96 47.07 5.46
CA ILE B 351 9.78 48.34 6.18
C ILE B 351 8.54 48.23 7.08
N ILE B 352 7.41 47.79 6.50
CA ILE B 352 6.11 47.85 7.22
C ILE B 352 6.01 46.72 8.26
N THR B 353 6.70 45.60 8.04
CA THR B 353 6.75 44.58 9.07
C THR B 353 7.24 45.22 10.38
N ALA B 354 8.19 46.14 10.27
CA ALA B 354 8.75 46.87 11.40
C ALA B 354 9.25 45.94 12.51
N SER B 355 9.92 44.84 12.13
CA SER B 355 10.54 43.97 13.15
C SER B 355 11.56 44.78 13.94
N PRO B 356 11.69 44.59 15.26
CA PRO B 356 12.81 45.20 15.96
C PRO B 356 14.18 44.89 15.35
N ILE B 357 14.31 43.74 14.68
CA ILE B 357 15.58 43.32 14.17
C ILE B 357 15.64 43.38 12.63
N SER B 358 14.78 44.16 11.98
CA SER B 358 15.00 44.49 10.53
C SER B 358 16.42 45.02 10.35
N ASP B 359 17.13 44.50 9.36
CA ASP B 359 18.46 44.97 9.03
C ASP B 359 18.41 46.21 8.12
N LEU B 360 17.26 46.48 7.50
CA LEU B 360 17.12 47.55 6.55
C LEU B 360 16.61 48.83 7.22
N ASN B 361 15.61 48.72 8.10
CA ASN B 361 15.05 49.91 8.79
C ASN B 361 16.13 50.76 9.44
N PRO B 362 17.16 50.23 10.15
CA PRO B 362 18.18 51.11 10.74
C PRO B 362 18.99 51.89 9.69
N VAL B 363 19.13 51.27 8.52
CA VAL B 363 19.81 51.88 7.40
C VAL B 363 18.97 53.02 6.79
N PHE B 364 17.68 52.77 6.57
CA PHE B 364 16.78 53.74 6.05
C PHE B 364 16.62 54.85 7.06
N MET B 365 16.64 54.52 8.36
CA MET B 365 16.50 55.51 9.37
C MET B 365 17.75 56.39 9.39
N ALA B 366 18.95 55.80 9.34
CA ALA B 366 20.19 56.60 9.51
C ALA B 366 20.42 57.50 8.29
N SER B 367 19.91 57.09 7.13
CA SER B 367 20.01 57.86 5.87
C SER B 367 18.80 58.79 5.65
N GLY B 368 17.80 58.77 6.55
CA GLY B 368 16.58 59.60 6.39
C GLY B 368 15.85 59.32 5.07
N ALA B 369 15.86 58.06 4.59
CA ALA B 369 15.23 57.72 3.29
C ALA B 369 13.78 58.22 3.26
N LYS B 370 13.33 58.69 2.10
CA LYS B 370 12.03 59.36 1.99
C LYS B 370 10.97 58.32 1.60
N LEU B 371 9.89 58.23 2.39
CA LEU B 371 8.82 57.29 2.14
C LEU B 371 7.63 58.07 1.57
N THR B 372 7.02 57.54 0.50
CA THR B 372 5.73 58.11 0.03
C THR B 372 4.58 57.20 0.43
N LEU B 373 3.62 57.73 1.19
CA LEU B 373 2.38 57.07 1.69
C LEU B 373 1.13 57.63 0.98
N VAL B 374 0.27 56.73 0.50
CA VAL B 374 -0.91 57.09 -0.28
C VAL B 374 -2.10 56.34 0.29
N SER B 375 -3.27 56.95 0.05
CA SER B 375 -4.63 56.62 0.43
C SER B 375 -5.46 56.85 -0.84
N ARG B 376 -6.72 56.41 -0.89
CA ARG B 376 -7.59 57.04 -1.87
C ARG B 376 -7.73 58.51 -1.42
N GLY B 377 -7.37 59.42 -2.30
CA GLY B 377 -7.55 60.87 -1.94
C GLY B 377 -6.47 61.53 -1.05
N THR B 378 -5.41 60.81 -0.60
CA THR B 378 -4.23 61.45 0.08
C THR B 378 -2.89 60.90 -0.43
N ARG B 379 -1.87 61.77 -0.34
CA ARG B 379 -0.49 61.49 -0.68
C ARG B 379 0.39 62.32 0.24
N ARG B 380 1.29 61.67 0.99
CA ARG B 380 2.20 62.42 1.83
C ARG B 380 3.58 61.72 1.82
N THR B 381 4.56 62.48 2.30
CA THR B 381 5.95 62.13 2.28
C THR B 381 6.46 62.22 3.72
N VAL B 382 7.33 61.31 4.16
CA VAL B 382 8.01 61.42 5.43
C VAL B 382 9.44 60.92 5.25
N ARG B 383 10.42 61.64 5.81
CA ARG B 383 11.77 61.13 5.91
C ARG B 383 11.75 60.21 7.14
N MET B 384 12.23 58.97 6.97
CA MET B 384 12.18 58.01 8.06
C MET B 384 13.03 58.51 9.23
N ASP B 385 12.45 58.53 10.44
CA ASP B 385 13.16 58.91 11.65
C ASP B 385 12.57 58.11 12.80
N HIS B 386 12.96 58.42 14.04
CA HIS B 386 12.56 57.62 15.20
C HIS B 386 11.02 57.58 15.32
N THR B 387 10.40 58.65 14.84
CA THR B 387 8.91 58.93 14.82
C THR B 387 8.15 57.88 13.98
N PHE B 388 8.81 57.31 12.98
CA PHE B 388 8.12 56.46 12.03
C PHE B 388 7.65 55.15 12.69
N PHE B 389 8.34 54.73 13.75
CA PHE B 389 8.08 53.47 14.45
C PHE B 389 7.70 53.75 15.90
N PRO B 390 6.39 54.00 16.18
CA PRO B 390 5.97 54.53 17.47
C PRO B 390 5.82 53.45 18.54
N GLY B 391 5.89 52.18 18.14
CA GLY B 391 5.70 51.06 19.08
C GLY B 391 5.95 49.74 18.38
N TYR B 392 5.83 48.67 19.16
CA TYR B 392 6.17 47.34 18.75
C TYR B 392 5.40 46.96 17.46
N ARG B 393 6.13 46.74 16.35
CA ARG B 393 5.57 46.39 15.03
C ARG B 393 4.56 47.44 14.51
N LYS B 394 4.66 48.69 14.95
CA LYS B 394 3.78 49.73 14.45
C LYS B 394 4.55 50.69 13.57
N THR B 395 3.82 51.32 12.63
CA THR B 395 4.31 52.46 11.90
C THR B 395 3.31 53.61 12.03
N LEU B 396 3.72 54.78 11.53
CA LEU B 396 2.91 55.98 11.29
C LEU B 396 1.76 55.76 10.29
N LEU B 397 1.80 54.73 9.44
CA LEU B 397 0.78 54.61 8.43
C LEU B 397 -0.60 54.57 9.11
N ARG B 398 -1.56 55.23 8.46
CA ARG B 398 -2.96 55.13 8.84
C ARG B 398 -3.50 53.82 8.29
N PRO B 399 -4.60 53.28 8.83
CA PRO B 399 -5.13 51.98 8.38
C PRO B 399 -5.46 51.90 6.87
N GLU B 400 -5.87 53.01 6.25
CA GLU B 400 -6.26 53.02 4.82
C GLU B 400 -5.10 53.42 3.89
N GLU B 401 -3.94 53.78 4.45
CA GLU B 401 -2.75 54.16 3.67
C GLU B 401 -1.91 52.91 3.31
N ILE B 402 -1.20 52.97 2.19
CA ILE B 402 -0.19 51.98 1.83
C ILE B 402 1.12 52.74 1.54
N LEU B 403 2.24 52.02 1.61
CA LEU B 403 3.52 52.54 1.29
C LEU B 403 3.71 52.39 -0.21
N LEU B 404 3.94 53.52 -0.90
CA LEU B 404 4.01 53.52 -2.32
C LEU B 404 5.46 53.25 -2.75
N SER B 405 6.41 53.92 -2.08
CA SER B 405 7.79 54.00 -2.60
C SER B 405 8.74 54.45 -1.50
N ILE B 406 10.01 54.05 -1.66
CA ILE B 406 11.14 54.49 -0.83
C ILE B 406 12.16 55.09 -1.79
N GLU B 407 12.70 56.25 -1.43
CA GLU B 407 13.85 56.83 -2.10
C GLU B 407 15.12 56.61 -1.27
N ILE B 408 16.04 55.81 -1.80
CA ILE B 408 17.30 55.58 -1.14
C ILE B 408 18.31 56.63 -1.61
N PRO B 409 18.82 57.50 -0.73
CA PRO B 409 19.54 58.70 -1.18
C PRO B 409 20.98 58.44 -1.65
N TYR B 410 21.42 59.28 -2.59
CA TYR B 410 22.83 59.43 -2.88
C TYR B 410 23.47 60.04 -1.64
N SER B 411 24.73 59.69 -1.40
CA SER B 411 25.47 60.35 -0.36
C SER B 411 26.04 61.65 -0.94
N LYS B 412 26.21 62.66 -0.09
CA LYS B 412 26.84 63.94 -0.46
C LYS B 412 28.36 63.89 -0.22
N GLU B 413 29.03 64.94 -0.70
CA GLU B 413 30.43 65.21 -0.43
C GLU B 413 30.64 65.31 1.09
N GLY B 414 31.59 64.55 1.61
CA GLY B 414 31.86 64.55 3.07
C GLY B 414 30.81 63.79 3.88
N GLU B 415 30.06 62.90 3.23
CA GLU B 415 29.03 62.13 3.95
C GLU B 415 29.41 60.65 3.86
N PHE B 416 29.55 60.02 5.04
CA PHE B 416 29.99 58.62 5.06
C PHE B 416 28.96 57.75 5.78
N PHE B 417 28.87 56.49 5.28
CA PHE B 417 27.91 55.54 5.79
C PHE B 417 28.59 54.18 6.03
N SER B 418 28.21 53.54 7.15
CA SER B 418 28.51 52.12 7.37
C SER B 418 27.23 51.40 7.87
N ALA B 419 27.13 50.10 7.55
CA ALA B 419 26.06 49.21 8.10
C ALA B 419 26.74 48.02 8.80
N PHE B 420 26.12 47.53 9.85
CA PHE B 420 26.61 46.39 10.65
C PHE B 420 25.47 45.47 11.09
N LYS B 421 25.81 44.19 11.33
CA LYS B 421 24.85 43.14 11.75
C LYS B 421 25.54 42.10 12.66
N GLN B 422 24.94 41.85 13.82
CA GLN B 422 25.28 40.69 14.73
C GLN B 422 25.31 39.37 13.96
N ALA B 423 26.31 38.54 14.26
CA ALA B 423 26.61 37.27 13.55
C ALA B 423 25.77 36.07 14.10
N SER B 424 24.79 36.35 14.96
CA SER B 424 24.02 35.32 15.60
C SER B 424 22.60 35.84 15.87
N ARG B 425 21.63 34.93 15.81
CA ARG B 425 20.26 35.27 16.16
C ARG B 425 19.61 34.05 16.82
N ARG B 426 19.08 34.32 18.01
CA ARG B 426 18.57 33.36 18.96
C ARG B 426 17.05 33.60 19.21
N GLU B 427 16.56 34.82 18.99
CA GLU B 427 15.10 35.13 19.17
C GLU B 427 14.45 35.49 17.83
N GLU B 428 13.14 35.20 17.73
CA GLU B 428 12.41 35.35 16.47
C GLU B 428 12.54 36.80 15.95
N ASP B 429 12.38 37.80 16.82
CA ASP B 429 12.31 39.15 16.29
C ASP B 429 12.84 40.18 17.29
N ILE B 430 13.64 39.75 18.28
CA ILE B 430 14.28 40.68 19.20
C ILE B 430 15.77 40.32 19.32
N ALA B 431 16.54 41.30 19.80
CA ALA B 431 17.83 41.02 20.49
C ALA B 431 18.91 40.56 19.50
N LYS B 432 18.85 41.00 18.26
CA LYS B 432 19.94 40.89 17.31
C LYS B 432 20.34 42.31 16.89
N VAL B 433 21.56 42.72 17.25
CA VAL B 433 21.98 44.10 17.00
C VAL B 433 22.29 44.26 15.51
N THR B 434 21.70 45.31 14.93
CA THR B 434 21.95 45.68 13.55
C THR B 434 21.95 47.20 13.47
N SER B 435 22.73 47.80 12.57
CA SER B 435 22.93 49.25 12.68
C SER B 435 23.18 49.86 11.31
N GLY B 436 22.64 51.08 11.14
CA GLY B 436 23.11 52.03 10.14
C GLY B 436 23.73 53.25 10.81
N MET B 437 24.86 53.72 10.27
CA MET B 437 25.56 54.88 10.83
C MET B 437 25.99 55.80 9.68
N ARG B 438 25.68 57.09 9.87
CA ARG B 438 25.94 58.14 8.87
C ARG B 438 26.59 59.33 9.58
N VAL B 439 27.62 59.88 8.93
CA VAL B 439 28.16 61.17 9.37
C VAL B 439 28.22 62.07 8.14
N LEU B 440 27.85 63.33 8.35
CA LEU B 440 28.04 64.44 7.35
C LEU B 440 28.95 65.49 7.99
N PHE B 441 30.07 65.78 7.32
CA PHE B 441 31.02 66.82 7.72
C PHE B 441 30.75 68.15 7.01
N LYS B 442 30.84 69.25 7.76
CA LYS B 442 30.98 70.60 7.20
C LYS B 442 32.04 70.56 6.11
N PRO B 443 31.76 71.15 4.91
CA PRO B 443 32.61 70.97 3.73
C PRO B 443 34.05 71.42 4.04
N GLY B 444 35.01 70.66 3.51
CA GLY B 444 36.44 70.81 3.73
C GLY B 444 36.91 70.55 5.17
N THR B 445 36.05 70.08 6.09
CA THR B 445 36.50 69.88 7.46
C THR B 445 36.32 68.42 7.92
N ILE B 446 36.77 68.17 9.15
CA ILE B 446 36.55 66.91 9.85
C ILE B 446 35.60 67.21 11.01
N GLU B 447 34.82 68.28 10.87
CA GLU B 447 33.92 68.74 11.91
C GLU B 447 32.53 68.25 11.56
N VAL B 448 31.81 67.71 12.55
CA VAL B 448 30.53 67.05 12.31
C VAL B 448 29.44 68.10 12.08
N GLN B 449 28.75 67.99 10.94
CA GLN B 449 27.50 68.75 10.67
C GLN B 449 26.31 67.90 11.13
N GLU B 450 26.29 66.62 10.69
CA GLU B 450 25.24 65.65 11.11
C GLU B 450 25.88 64.31 11.55
N LEU B 451 25.18 63.60 12.45
CA LEU B 451 25.57 62.28 12.88
C LEU B 451 24.29 61.53 13.25
N SER B 452 24.13 60.33 12.69
CA SER B 452 22.94 59.48 12.91
C SER B 452 23.42 58.05 13.18
N LEU B 453 23.05 57.52 14.34
CA LEU B 453 23.38 56.18 14.75
C LEU B 453 22.07 55.46 15.13
N CYS B 454 21.68 54.49 14.30
CA CYS B 454 20.42 53.80 14.44
C CYS B 454 20.66 52.30 14.62
N PHE B 455 19.78 51.67 15.38
CA PHE B 455 20.00 50.31 15.87
C PHE B 455 18.68 49.57 15.91
N GLY B 456 18.71 48.35 15.36
CA GLY B 456 17.79 47.27 15.69
C GLY B 456 18.34 46.40 16.82
N GLY B 457 17.48 45.65 17.49
CA GLY B 457 17.85 44.63 18.44
C GLY B 457 18.25 45.17 19.79
N MET B 458 17.97 46.43 20.06
CA MET B 458 18.30 47.07 21.32
C MET B 458 17.05 47.60 22.04
N ALA B 459 15.86 47.25 21.51
CA ALA B 459 14.55 47.72 21.99
C ALA B 459 13.47 46.99 21.18
N ASP B 460 12.19 47.23 21.47
CA ASP B 460 11.08 46.61 20.72
C ASP B 460 10.79 47.36 19.39
N ARG B 461 11.76 48.11 18.87
CA ARG B 461 11.65 48.90 17.63
C ARG B 461 13.06 49.35 17.21
N THR B 462 13.19 49.73 15.92
CA THR B 462 14.39 50.42 15.44
C THR B 462 14.50 51.78 16.16
N ILE B 463 15.65 52.08 16.77
CA ILE B 463 15.85 53.33 17.49
C ILE B 463 17.06 54.09 16.94
N SER B 464 17.11 55.38 17.27
CA SER B 464 18.21 56.28 16.99
C SER B 464 18.83 56.67 18.34
N ALA B 465 20.14 56.80 18.39
CA ALA B 465 20.81 57.23 19.62
C ALA B 465 20.73 58.77 19.74
N LEU B 466 19.50 59.30 19.91
CA LEU B 466 19.18 60.74 19.84
C LEU B 466 19.73 61.55 21.03
N LYS B 467 20.12 60.91 22.13
CA LYS B 467 20.74 61.64 23.26
C LYS B 467 22.24 61.83 23.01
N THR B 468 22.86 60.79 22.44
CA THR B 468 24.33 60.75 22.19
C THR B 468 24.72 61.65 21.00
N THR B 469 24.02 61.55 19.87
CA THR B 469 24.52 62.14 18.63
C THR B 469 24.52 63.68 18.64
N PRO B 470 23.49 64.40 19.13
CA PRO B 470 23.51 65.87 19.05
C PRO B 470 24.73 66.49 19.76
N LYS B 471 25.14 65.91 20.90
CA LYS B 471 26.31 66.36 21.65
C LYS B 471 27.57 66.41 20.79
N GLN B 472 27.61 65.70 19.66
CA GLN B 472 28.84 65.59 18.86
C GLN B 472 28.88 66.65 17.76
N LEU B 473 27.79 67.39 17.58
CA LEU B 473 27.71 68.34 16.47
C LEU B 473 28.79 69.41 16.69
N SER B 474 29.56 69.70 15.63
CA SER B 474 30.67 70.66 15.56
C SER B 474 32.01 70.05 15.93
N LYS B 475 32.04 68.95 16.68
CA LYS B 475 33.30 68.36 17.12
C LYS B 475 34.08 67.80 15.94
N SER B 476 35.40 67.80 16.08
CA SER B 476 36.31 67.20 15.12
C SER B 476 36.25 65.67 15.27
N TRP B 477 36.43 64.96 14.15
CA TRP B 477 36.41 63.51 14.16
C TRP B 477 37.72 62.96 14.73
N ASN B 478 37.81 62.84 16.05
CA ASN B 478 39.05 62.45 16.72
C ASN B 478 38.73 61.59 17.96
N GLU B 479 39.77 61.30 18.73
CA GLU B 479 39.76 60.37 19.84
C GLU B 479 38.78 60.83 20.92
N GLU B 480 38.68 62.15 21.19
CA GLU B 480 37.68 62.65 22.15
C GLU B 480 36.26 62.37 21.59
N LEU B 481 36.06 62.48 20.28
CA LEU B 481 34.74 62.12 19.72
C LEU B 481 34.45 60.63 20.01
N LEU B 482 35.41 59.77 19.68
CA LEU B 482 35.29 58.31 19.93
C LEU B 482 34.80 58.03 21.35
N GLN B 483 35.54 58.59 22.31
CA GLN B 483 35.36 58.30 23.71
C GLN B 483 34.00 58.84 24.14
N SER B 484 33.63 60.00 23.60
CA SER B 484 32.35 60.63 23.99
C SER B 484 31.14 59.81 23.49
N VAL B 485 31.22 59.31 22.24
CA VAL B 485 30.12 58.53 21.67
C VAL B 485 30.01 57.19 22.40
N CYS B 486 31.16 56.53 22.63
CA CYS B 486 31.16 55.29 23.39
C CYS B 486 30.50 55.51 24.76
N ALA B 487 30.91 56.53 25.52
CA ALA B 487 30.32 56.78 26.85
C ALA B 487 28.82 57.04 26.71
N GLY B 488 28.47 57.86 25.73
CA GLY B 488 27.06 58.17 25.44
C GLY B 488 26.23 56.92 25.15
N LEU B 489 26.74 56.04 24.28
CA LEU B 489 26.01 54.79 23.89
C LEU B 489 25.93 53.82 25.08
N ALA B 490 26.99 53.73 25.86
CA ALA B 490 26.99 52.85 27.03
C ALA B 490 25.85 53.24 27.97
N GLU B 491 25.59 54.54 28.12
CA GLU B 491 24.57 55.07 29.05
C GLU B 491 23.18 55.04 28.39
N GLU B 492 23.08 55.53 27.16
CA GLU B 492 21.78 55.66 26.47
C GLU B 492 21.16 54.30 26.09
N LEU B 493 21.96 53.33 25.62
CA LEU B 493 21.42 52.05 25.17
C LEU B 493 21.48 51.03 26.33
N GLN B 494 20.75 51.34 27.39
CA GLN B 494 20.71 50.53 28.61
C GLN B 494 19.81 49.32 28.32
N LEU B 495 20.16 48.23 28.95
CA LEU B 495 19.36 47.05 28.92
C LEU B 495 19.27 46.59 30.38
N ALA B 496 18.03 46.37 30.81
CA ALA B 496 17.76 45.70 32.04
C ALA B 496 18.44 44.34 32.01
N PRO B 497 18.91 43.81 33.16
CA PRO B 497 19.59 42.52 33.17
C PRO B 497 18.63 41.39 32.74
N ASP B 498 17.33 41.61 32.89
CA ASP B 498 16.28 40.71 32.41
C ASP B 498 15.69 41.20 31.06
N ALA B 499 16.41 42.06 30.32
CA ALA B 499 15.91 42.53 29.02
C ALA B 499 15.48 41.36 28.14
N PRO B 500 14.37 41.51 27.38
CA PRO B 500 13.93 40.46 26.46
C PRO B 500 15.08 40.06 25.54
N GLY B 501 15.37 38.77 25.48
CA GLY B 501 16.36 38.22 24.54
C GLY B 501 17.72 37.99 25.16
N GLY B 502 17.99 38.47 26.37
CA GLY B 502 19.29 38.11 26.97
C GLY B 502 20.49 38.73 26.23
N MET B 503 21.66 38.12 26.37
CA MET B 503 22.90 38.58 25.74
C MET B 503 23.13 40.08 25.97
N VAL B 504 22.83 40.62 27.16
CA VAL B 504 22.82 42.06 27.29
C VAL B 504 24.23 42.65 27.22
N GLU B 505 25.25 41.98 27.75
CA GLU B 505 26.62 42.48 27.67
C GLU B 505 27.11 42.48 26.22
N PHE B 506 26.83 41.39 25.51
CA PHE B 506 27.28 41.24 24.15
C PHE B 506 26.64 42.32 23.29
N ARG B 507 25.32 42.49 23.40
CA ARG B 507 24.60 43.44 22.54
C ARG B 507 25.13 44.86 22.78
N ARG B 508 25.28 45.26 24.04
CA ARG B 508 25.76 46.55 24.38
C ARG B 508 27.19 46.71 23.84
N THR B 509 28.02 45.69 24.02
CA THR B 509 29.42 45.71 23.53
C THR B 509 29.44 45.90 22.01
N LEU B 510 28.50 45.25 21.31
CA LEU B 510 28.50 45.34 19.86
C LEU B 510 28.16 46.77 19.43
N THR B 511 27.27 47.46 20.15
CA THR B 511 26.94 48.82 19.74
C THR B 511 28.21 49.68 19.78
N LEU B 512 29.03 49.58 20.83
CA LEU B 512 30.27 50.38 20.90
C LEU B 512 31.25 49.89 19.82
N SER B 513 31.35 48.57 19.67
CA SER B 513 32.36 47.95 18.76
C SER B 513 32.06 48.33 17.32
N PHE B 514 30.76 48.35 16.96
CA PHE B 514 30.28 48.79 15.65
C PHE B 514 30.61 50.28 15.44
N PHE B 515 30.36 51.12 16.44
CA PHE B 515 30.70 52.53 16.36
C PHE B 515 32.22 52.71 16.09
N PHE B 516 33.04 51.97 16.86
CA PHE B 516 34.49 51.99 16.71
C PHE B 516 34.88 51.61 15.29
N LYS B 517 34.29 50.58 14.71
CA LYS B 517 34.57 50.27 13.31
C LYS B 517 34.21 51.45 12.40
N PHE B 518 33.04 52.05 12.64
CA PHE B 518 32.58 53.18 11.85
C PHE B 518 33.59 54.33 12.01
N TYR B 519 33.97 54.62 13.26
CA TYR B 519 34.94 55.67 13.58
C TYR B 519 36.21 55.48 12.75
N LEU B 520 36.80 54.28 12.79
CA LEU B 520 38.05 54.01 12.12
C LEU B 520 37.85 54.11 10.61
N THR B 521 36.70 53.66 10.16
CA THR B 521 36.42 53.60 8.71
C THR B 521 36.32 55.01 8.14
N VAL B 522 35.67 55.91 8.90
CA VAL B 522 35.52 57.31 8.53
C VAL B 522 36.93 57.97 8.51
N LEU B 523 37.80 57.66 9.49
CA LEU B 523 39.18 58.15 9.42
C LEU B 523 39.85 57.71 8.12
N GLN B 524 39.67 56.46 7.71
CA GLN B 524 40.27 56.03 6.44
C GLN B 524 39.72 56.86 5.26
N LYS B 525 38.40 57.11 5.25
CA LYS B 525 37.73 57.78 4.14
C LYS B 525 38.21 59.23 4.11
N LEU B 526 38.29 59.88 5.27
CA LEU B 526 38.82 61.21 5.34
C LEU B 526 40.27 61.25 4.81
N GLY B 527 41.07 60.25 5.14
CA GLY B 527 42.46 60.16 4.65
C GLY B 527 42.56 60.18 3.13
N ARG B 528 41.56 59.63 2.43
CA ARG B 528 41.60 59.57 0.97
C ARG B 528 41.15 60.90 0.33
N ALA B 529 40.61 61.84 1.12
CA ALA B 529 39.95 63.07 0.63
C ALA B 529 40.87 64.30 0.58
N ASP B 530 42.18 64.13 0.82
CA ASP B 530 43.17 65.25 0.86
C ASP B 530 42.51 66.54 1.41
N LEU B 531 42.23 66.55 2.72
CA LEU B 531 41.76 67.74 3.46
C LEU B 531 42.95 68.65 3.76
N GLU B 532 42.65 69.88 4.21
CA GLU B 532 43.67 70.82 4.67
C GLU B 532 44.01 70.54 6.15
N ASP B 533 43.06 70.02 6.93
CA ASP B 533 43.33 69.57 8.30
C ASP B 533 43.61 68.05 8.27
N MET B 534 44.82 67.66 8.70
CA MET B 534 45.27 66.26 8.94
C MET B 534 44.38 65.58 9.97
N CYS B 535 43.81 64.42 9.60
CA CYS B 535 42.69 63.80 10.36
C CYS B 535 43.20 62.94 11.55
N GLY B 536 44.19 62.11 11.30
CA GLY B 536 44.38 60.90 12.14
C GLY B 536 44.57 59.68 11.25
N LYS B 537 45.71 59.01 11.39
CA LYS B 537 46.06 57.84 10.56
C LYS B 537 45.94 56.58 11.41
N LEU B 538 45.52 55.49 10.77
CA LEU B 538 45.44 54.20 11.44
C LEU B 538 46.85 53.67 11.52
N ASP B 539 47.21 53.12 12.67
CA ASP B 539 48.29 52.17 12.71
C ASP B 539 47.94 51.01 11.76
N PRO B 540 48.88 50.45 10.97
CA PRO B 540 48.58 49.24 10.20
C PRO B 540 48.01 48.05 11.00
N THR B 541 48.23 48.00 12.33
CA THR B 541 47.72 46.95 13.22
C THR B 541 46.17 47.07 13.39
N PHE B 542 45.62 48.25 13.12
CA PHE B 542 44.17 48.58 13.26
C PHE B 542 43.43 48.40 11.93
N ALA B 543 44.17 48.33 10.81
CA ALA B 543 43.58 48.36 9.46
C ALA B 543 42.59 47.23 9.23
N SER B 544 42.89 46.05 9.79
CA SER B 544 42.12 44.86 9.48
C SER B 544 40.74 44.95 10.16
N ALA B 545 40.57 45.89 11.09
CA ALA B 545 39.33 46.14 11.80
C ALA B 545 38.25 46.66 10.84
N THR B 546 38.63 47.42 9.79
CA THR B 546 37.64 48.07 8.89
C THR B 546 37.31 47.24 7.64
N LEU B 547 38.04 46.17 7.37
CA LEU B 547 37.81 45.40 6.15
C LEU B 547 36.39 44.82 6.15
N LEU B 548 35.70 44.91 5.01
CA LEU B 548 34.42 44.19 4.77
C LEU B 548 34.75 42.70 4.50
N PHE B 549 33.83 41.80 4.88
CA PHE B 549 34.06 40.33 4.80
C PHE B 549 34.51 39.95 3.39
N GLN B 550 35.65 39.24 3.31
CA GLN B 550 36.25 38.72 2.08
C GLN B 550 36.72 37.28 2.36
N LYS B 551 36.46 36.37 1.42
CA LYS B 551 36.96 34.98 1.48
C LYS B 551 37.77 34.65 0.23
N ASP B 552 38.92 34.00 0.43
CA ASP B 552 39.72 33.45 -0.67
C ASP B 552 38.93 32.30 -1.29
N PRO B 553 39.32 31.78 -2.49
CA PRO B 553 38.61 30.65 -3.07
C PRO B 553 38.87 29.40 -2.22
N PRO B 554 37.96 28.41 -2.20
CA PRO B 554 38.26 27.14 -1.54
C PRO B 554 39.34 26.31 -2.27
N ALA B 555 40.15 25.59 -1.47
CA ALA B 555 41.12 24.63 -1.98
C ALA B 555 41.04 23.35 -1.13
N ASN B 556 40.49 22.29 -1.74
CA ASN B 556 40.18 21.07 -1.05
C ASN B 556 41.03 19.92 -1.60
N VAL B 557 41.48 19.05 -0.71
CA VAL B 557 42.19 17.83 -1.10
C VAL B 557 41.56 16.62 -0.38
N GLN B 558 41.32 15.56 -1.15
CA GLN B 558 40.87 14.31 -0.60
C GLN B 558 41.88 13.23 -1.00
N LEU B 559 42.50 12.59 0.01
CA LEU B 559 43.45 11.55 -0.27
C LEU B 559 42.94 10.22 0.30
N PHE B 560 43.05 9.16 -0.51
CA PHE B 560 42.68 7.80 -0.12
C PHE B 560 43.56 6.80 -0.90
N GLN B 561 43.45 5.53 -0.54
CA GLN B 561 44.29 4.49 -1.07
C GLN B 561 43.57 3.81 -2.25
N GLU B 562 44.30 3.69 -3.36
CA GLU B 562 43.93 2.86 -4.49
C GLU B 562 43.87 1.41 -4.01
N VAL B 563 42.97 0.62 -4.59
CA VAL B 563 42.89 -0.79 -4.31
C VAL B 563 44.03 -1.50 -5.06
N PRO B 564 44.43 -2.74 -4.70
CA PRO B 564 45.49 -3.43 -5.43
C PRO B 564 45.18 -3.53 -6.93
N LYS B 565 46.24 -3.52 -7.75
CA LYS B 565 46.17 -3.55 -9.24
C LYS B 565 45.51 -4.86 -9.69
N ASP B 566 45.77 -5.89 -8.87
CA ASP B 566 45.27 -7.24 -8.91
C ASP B 566 43.75 -7.36 -8.82
N GLN B 567 43.11 -6.42 -8.09
CA GLN B 567 41.68 -6.53 -7.77
C GLN B 567 40.89 -6.40 -9.08
N SER B 568 39.98 -7.34 -9.32
CA SER B 568 39.09 -7.27 -10.48
C SER B 568 38.21 -6.00 -10.43
N GLU B 569 37.83 -5.56 -11.64
CA GLU B 569 37.08 -4.34 -11.90
C GLU B 569 35.66 -4.49 -11.34
N GLU B 570 35.20 -5.75 -11.17
CA GLU B 570 33.84 -6.01 -10.68
C GLU B 570 33.86 -6.02 -9.15
N ASP B 571 35.03 -6.20 -8.53
CA ASP B 571 35.09 -6.13 -7.07
C ASP B 571 35.20 -4.65 -6.67
N MET B 572 34.09 -4.09 -6.14
CA MET B 572 33.97 -2.68 -5.88
C MET B 572 34.37 -2.33 -4.44
N VAL B 573 34.71 -3.31 -3.61
CA VAL B 573 35.10 -3.03 -2.21
C VAL B 573 36.42 -2.24 -2.23
N GLY B 574 36.39 -1.08 -1.60
CA GLY B 574 37.54 -0.19 -1.49
C GLY B 574 37.60 0.82 -2.62
N ARG B 575 36.68 0.70 -3.61
CA ARG B 575 36.53 1.69 -4.71
C ARG B 575 35.46 2.76 -4.40
N PRO B 576 35.57 3.99 -4.97
CA PRO B 576 34.65 5.06 -4.63
C PRO B 576 33.32 5.06 -5.41
N LEU B 577 32.54 4.01 -5.23
CA LEU B 577 31.25 3.88 -5.87
C LEU B 577 30.27 4.91 -5.29
N PRO B 578 29.59 5.74 -6.09
CA PRO B 578 28.61 6.67 -5.55
C PRO B 578 27.43 5.93 -4.92
N HIS B 579 26.85 6.60 -3.94
CA HIS B 579 25.62 6.15 -3.30
C HIS B 579 24.65 5.65 -4.38
N LEU B 580 24.15 4.43 -4.17
CA LEU B 580 23.32 3.77 -5.15
C LEU B 580 22.06 4.60 -5.47
N ALA B 581 21.59 5.45 -4.54
CA ALA B 581 20.39 6.22 -4.84
C ALA B 581 20.70 7.64 -5.26
N ALA B 582 21.97 8.03 -5.47
CA ALA B 582 22.32 9.49 -5.71
C ALA B 582 21.55 10.08 -6.89
N ASN B 583 21.44 9.33 -7.98
CA ASN B 583 20.83 9.81 -9.20
C ASN B 583 19.33 10.12 -8.97
N MET B 584 18.63 9.20 -8.34
CA MET B 584 17.21 9.33 -8.07
C MET B 584 16.98 10.44 -7.05
N GLN B 585 17.94 10.62 -6.13
CA GLN B 585 17.87 11.69 -5.13
C GLN B 585 18.00 13.06 -5.83
N ALA B 586 18.91 13.12 -6.79
CA ALA B 586 19.15 14.36 -7.56
C ALA B 586 17.93 14.68 -8.45
N SER B 587 17.18 13.64 -8.84
CA SER B 587 16.07 13.74 -9.75
C SER B 587 14.71 13.88 -9.03
N GLY B 588 14.69 13.72 -7.71
CA GLY B 588 13.46 13.78 -6.93
C GLY B 588 12.56 12.56 -7.09
N GLU B 589 13.10 11.49 -7.66
CA GLU B 589 12.39 10.23 -7.84
C GLU B 589 12.50 9.34 -6.59
N ALA B 590 13.51 9.54 -5.78
CA ALA B 590 13.66 8.76 -4.53
C ALA B 590 12.46 9.06 -3.63
N VAL B 591 11.84 7.99 -3.12
CA VAL B 591 10.65 8.09 -2.25
C VAL B 591 11.04 8.09 -0.76
N TYR B 592 10.61 9.14 -0.09
CA TYR B 592 10.65 9.23 1.37
C TYR B 592 9.20 9.08 1.83
N CYS B 593 9.01 8.79 3.11
CA CYS B 593 7.73 8.42 3.66
C CYS B 593 6.58 9.26 3.11
N ASP B 594 6.61 10.59 3.32
CA ASP B 594 5.49 11.46 2.96
C ASP B 594 5.28 11.57 1.45
N ASP B 595 6.26 11.11 0.66
CA ASP B 595 6.11 11.07 -0.77
C ASP B 595 5.23 9.91 -1.21
N ILE B 596 5.01 8.91 -0.34
CA ILE B 596 4.17 7.78 -0.67
C ILE B 596 2.75 8.32 -0.89
N PRO B 597 2.07 8.00 -2.01
CA PRO B 597 0.72 8.47 -2.23
C PRO B 597 -0.23 8.04 -1.11
N ARG B 598 -1.18 8.91 -0.79
CA ARG B 598 -2.18 8.65 0.23
C ARG B 598 -3.21 7.69 -0.34
N TYR B 599 -3.72 6.80 0.50
CA TYR B 599 -4.92 6.07 0.18
C TYR B 599 -6.12 7.03 0.13
N GLU B 600 -7.10 6.74 -0.74
CA GLU B 600 -8.31 7.60 -0.81
C GLU B 600 -8.94 7.81 0.59
N ASN B 601 -8.91 6.82 1.48
CA ASN B 601 -9.56 6.82 2.79
C ASN B 601 -8.58 7.20 3.93
N GLU B 602 -7.40 7.74 3.58
CA GLU B 602 -6.31 8.01 4.53
C GLU B 602 -6.66 9.27 5.33
N LEU B 603 -6.33 9.24 6.61
CA LEU B 603 -6.57 10.35 7.55
C LEU B 603 -5.21 10.91 7.98
N SER B 604 -5.24 12.10 8.59
CA SER B 604 -4.11 12.85 9.07
C SER B 604 -4.17 13.01 10.59
N LEU B 605 -3.04 12.88 11.25
CA LEU B 605 -2.95 13.07 12.67
C LEU B 605 -2.05 14.26 13.02
N ARG B 606 -2.42 14.96 14.08
CA ARG B 606 -1.56 15.96 14.71
C ARG B 606 -1.57 15.83 16.23
N LEU B 607 -0.36 15.84 16.80
CA LEU B 607 -0.10 15.69 18.23
C LEU B 607 -0.52 16.98 18.94
N VAL B 608 -1.05 16.82 20.16
CA VAL B 608 -1.34 17.95 21.01
C VAL B 608 -0.41 17.83 22.22
N THR B 609 0.40 18.88 22.47
CA THR B 609 1.45 18.78 23.47
C THR B 609 1.21 19.76 24.63
N SER B 610 1.87 19.47 25.76
CA SER B 610 1.87 20.29 26.95
C SER B 610 2.53 21.64 26.68
N THR B 611 1.90 22.73 27.15
CA THR B 611 2.51 24.04 27.22
C THR B 611 3.03 24.31 28.64
N ARG B 612 3.10 23.30 29.52
CA ARG B 612 3.60 23.46 30.90
C ARG B 612 4.69 22.41 31.19
N ALA B 613 5.73 22.87 31.90
CA ALA B 613 6.90 22.04 32.25
C ALA B 613 6.52 20.93 33.25
N HIS B 614 5.64 21.26 34.20
CA HIS B 614 5.20 20.29 35.18
C HIS B 614 3.87 20.77 35.77
N ALA B 615 2.83 19.95 35.55
CA ALA B 615 1.52 20.36 35.94
C ALA B 615 0.60 19.16 35.97
N LYS B 616 -0.50 19.32 36.72
CA LYS B 616 -1.63 18.41 36.60
C LYS B 616 -2.48 18.86 35.43
N ILE B 617 -3.04 17.91 34.71
CA ILE B 617 -4.09 18.19 33.75
C ILE B 617 -5.41 18.20 34.53
N THR B 618 -6.02 19.38 34.66
CA THR B 618 -7.27 19.44 35.42
C THR B 618 -8.44 19.20 34.47
N SER B 619 -8.40 19.69 33.23
CA SER B 619 -9.43 19.35 32.26
C SER B 619 -8.93 19.56 30.83
N ILE B 620 -9.72 19.02 29.89
CA ILE B 620 -9.54 19.08 28.45
C ILE B 620 -10.91 19.33 27.86
N ASP B 621 -11.01 20.39 27.07
CA ASP B 621 -12.19 20.76 26.40
C ASP B 621 -11.89 20.70 24.90
N THR B 622 -12.74 19.93 24.23
CA THR B 622 -12.57 19.50 22.86
C THR B 622 -13.64 20.20 21.97
N SER B 623 -14.43 21.12 22.58
CA SER B 623 -15.61 21.81 21.92
C SER B 623 -15.24 22.37 20.56
N GLU B 624 -14.24 23.26 20.57
CA GLU B 624 -13.83 24.01 19.41
C GLU B 624 -13.25 23.05 18.36
N ALA B 625 -12.50 22.04 18.80
CA ALA B 625 -11.87 21.09 17.87
C ALA B 625 -12.95 20.40 17.04
N LYS B 626 -14.08 20.06 17.69
CA LYS B 626 -15.18 19.33 17.09
C LYS B 626 -15.89 20.13 16.00
N LYS B 627 -15.71 21.46 15.97
CA LYS B 627 -16.40 22.30 15.00
C LYS B 627 -15.56 22.43 13.72
N VAL B 628 -14.29 22.00 13.76
CA VAL B 628 -13.42 22.08 12.54
C VAL B 628 -13.89 21.05 11.54
N PRO B 629 -14.11 21.43 10.26
CA PRO B 629 -14.51 20.48 9.24
C PRO B 629 -13.50 19.34 9.14
N GLY B 630 -14.02 18.11 8.96
CA GLY B 630 -13.22 16.93 8.76
C GLY B 630 -12.62 16.39 10.06
N PHE B 631 -12.94 17.01 11.21
CA PHE B 631 -12.53 16.45 12.51
C PHE B 631 -13.11 15.06 12.67
N VAL B 632 -12.28 14.09 13.08
CA VAL B 632 -12.70 12.74 13.32
C VAL B 632 -12.71 12.47 14.82
N CYS B 633 -11.57 12.59 15.50
CA CYS B 633 -11.52 12.26 16.95
C CYS B 633 -10.30 12.91 17.62
N PHE B 634 -10.34 12.96 18.95
CA PHE B 634 -9.22 13.30 19.75
C PHE B 634 -8.86 12.07 20.58
N LEU B 635 -7.69 11.46 20.31
CA LEU B 635 -7.16 10.36 21.12
C LEU B 635 -6.45 10.88 22.37
N THR B 636 -6.69 10.21 23.50
CA THR B 636 -6.04 10.47 24.77
C THR B 636 -5.72 9.12 25.41
N ALA B 637 -5.10 9.15 26.60
CA ALA B 637 -4.68 7.88 27.28
C ALA B 637 -5.82 6.86 27.38
N GLU B 638 -7.06 7.31 27.56
CA GLU B 638 -8.22 6.39 27.68
C GLU B 638 -8.42 5.54 26.40
N ASP B 639 -7.99 6.03 25.23
CA ASP B 639 -8.15 5.31 23.96
C ASP B 639 -7.09 4.22 23.79
N VAL B 640 -6.08 4.14 24.67
CA VAL B 640 -5.05 3.14 24.48
C VAL B 640 -5.62 1.75 24.78
N PRO B 641 -5.55 0.73 23.89
CA PRO B 641 -6.20 -0.54 24.18
C PRO B 641 -5.50 -1.37 25.27
N ASN B 642 -4.17 -1.39 25.28
CA ASN B 642 -3.44 -2.24 26.21
C ASN B 642 -2.68 -1.34 27.20
N SER B 643 -1.45 -0.93 26.86
CA SER B 643 -0.59 -0.29 27.87
C SER B 643 -0.23 1.12 27.41
N ASN B 644 -0.26 2.05 28.37
CA ASN B 644 0.12 3.42 28.19
C ASN B 644 1.59 3.61 28.56
N ALA B 645 2.26 2.53 28.97
CA ALA B 645 3.67 2.60 29.36
C ALA B 645 4.52 2.20 28.17
N THR B 646 5.36 3.13 27.69
CA THR B 646 6.28 2.92 26.60
C THR B 646 7.68 3.41 26.97
N GLY B 647 8.53 3.46 25.94
CA GLY B 647 9.88 4.01 26.04
C GLY B 647 10.82 2.87 26.32
N LEU B 648 12.10 3.11 26.11
CA LEU B 648 13.12 2.14 26.26
C LEU B 648 13.13 1.46 27.65
N PHE B 649 12.88 2.24 28.72
CA PHE B 649 12.89 1.75 30.12
C PHE B 649 11.50 1.89 30.76
N ASN B 650 10.46 2.06 29.92
CA ASN B 650 9.09 1.79 30.29
C ASN B 650 8.58 2.88 31.24
N ASP B 651 9.18 4.07 31.18
CA ASP B 651 8.86 5.12 32.13
C ASP B 651 8.22 6.31 31.42
N GLU B 652 7.74 6.07 30.20
CA GLU B 652 7.13 7.08 29.36
C GLU B 652 5.65 6.74 29.17
N THR B 653 4.84 7.77 28.98
CA THR B 653 3.46 7.59 28.58
C THR B 653 3.40 7.64 27.07
N VAL B 654 2.44 6.91 26.50
CA VAL B 654 2.07 7.09 25.11
C VAL B 654 1.38 8.43 25.01
N PHE B 655 0.39 8.64 25.88
CA PHE B 655 -0.27 9.89 26.06
C PHE B 655 -0.30 10.27 27.55
N ALA B 656 0.00 11.55 27.88
CA ALA B 656 -0.02 12.07 29.23
C ALA B 656 -1.26 11.60 29.99
N LYS B 657 -1.07 11.12 31.23
CA LYS B 657 -2.25 10.80 32.11
C LYS B 657 -2.12 11.55 33.45
N ASP B 658 -3.06 12.45 33.71
CA ASP B 658 -3.17 13.16 35.00
C ASP B 658 -2.14 14.27 35.09
N GLU B 659 -0.90 14.08 34.61
CA GLU B 659 0.06 15.15 34.70
C GLU B 659 1.03 15.18 33.52
N VAL B 660 1.57 16.38 33.29
CA VAL B 660 2.54 16.59 32.27
C VAL B 660 3.87 16.92 32.95
N THR B 661 4.97 16.46 32.31
CA THR B 661 6.27 16.54 32.86
C THR B 661 7.30 17.23 31.93
N CYS B 662 6.86 17.89 30.85
CA CYS B 662 7.69 18.83 30.08
C CYS B 662 6.81 19.65 29.16
N VAL B 663 7.29 20.85 28.78
CA VAL B 663 6.75 21.50 27.61
C VAL B 663 7.11 20.66 26.38
N GLY B 664 6.07 20.16 25.70
CA GLY B 664 6.19 19.23 24.54
C GLY B 664 5.72 17.81 24.87
N HIS B 665 5.33 17.55 26.12
CA HIS B 665 4.78 16.23 26.52
C HIS B 665 3.48 15.98 25.75
N ILE B 666 3.40 14.86 25.04
CA ILE B 666 2.27 14.55 24.22
C ILE B 666 1.10 14.16 25.10
N ILE B 667 0.00 14.92 24.99
CA ILE B 667 -1.23 14.72 25.76
C ILE B 667 -2.21 13.91 24.93
N GLY B 668 -2.29 14.20 23.62
CA GLY B 668 -3.19 13.46 22.77
C GLY B 668 -2.87 13.65 21.31
N ALA B 669 -3.81 13.23 20.45
CA ALA B 669 -3.66 13.41 19.01
C ALA B 669 -5.02 13.64 18.39
N VAL B 670 -5.11 14.71 17.60
CA VAL B 670 -6.25 14.92 16.74
C VAL B 670 -6.10 14.06 15.48
N VAL B 671 -7.23 13.49 15.03
CA VAL B 671 -7.37 12.83 13.73
C VAL B 671 -8.40 13.61 12.94
N ALA B 672 -8.03 14.04 11.72
CA ALA B 672 -8.93 14.70 10.79
C ALA B 672 -8.61 14.26 9.36
N ASP B 673 -9.39 14.72 8.39
CA ASP B 673 -9.20 14.33 6.99
C ASP B 673 -7.86 14.88 6.47
N THR B 674 -7.54 16.13 6.74
CA THR B 674 -6.32 16.70 6.18
C THR B 674 -5.43 17.26 7.27
N PRO B 675 -4.14 17.49 6.96
CA PRO B 675 -3.21 18.11 7.89
C PRO B 675 -3.61 19.50 8.39
N GLU B 676 -4.17 20.32 7.49
CA GLU B 676 -4.65 21.70 7.83
C GLU B 676 -5.82 21.60 8.81
N HIS B 677 -6.76 20.68 8.56
CA HIS B 677 -7.91 20.46 9.47
C HIS B 677 -7.42 19.92 10.82
N ALA B 678 -6.41 19.05 10.79
CA ALA B 678 -5.87 18.52 12.05
C ALA B 678 -5.21 19.64 12.85
N GLN B 679 -4.50 20.56 12.18
CA GLN B 679 -3.78 21.63 12.84
C GLN B 679 -4.83 22.58 13.43
N ARG B 680 -5.87 22.93 12.68
CA ARG B 680 -6.93 23.82 13.26
C ARG B 680 -7.61 23.14 14.45
N ALA B 681 -7.93 21.86 14.32
CA ALA B 681 -8.61 21.13 15.37
C ALA B 681 -7.71 21.07 16.63
N ALA B 682 -6.39 20.89 16.45
CA ALA B 682 -5.46 20.83 17.59
C ALA B 682 -5.51 22.13 18.39
N ARG B 683 -5.60 23.27 17.70
CA ARG B 683 -5.71 24.60 18.33
C ARG B 683 -7.01 24.73 19.16
N GLY B 684 -8.04 23.94 18.83
CA GLY B 684 -9.30 23.93 19.56
C GLY B 684 -9.35 22.92 20.71
N VAL B 685 -8.23 22.27 21.03
CA VAL B 685 -8.14 21.43 22.20
C VAL B 685 -7.58 22.29 23.35
N LYS B 686 -8.44 22.64 24.31
CA LYS B 686 -8.08 23.55 25.40
C LYS B 686 -7.78 22.72 26.64
N ILE B 687 -6.57 22.90 27.19
CA ILE B 687 -6.13 22.19 28.36
C ILE B 687 -6.03 23.20 29.51
N THR B 688 -6.54 22.81 30.69
CA THR B 688 -6.37 23.61 31.88
C THR B 688 -5.45 22.79 32.80
N TYR B 689 -4.52 23.50 33.42
CA TYR B 689 -3.44 22.95 34.14
C TYR B 689 -3.40 23.58 35.55
N GLU B 690 -2.82 22.83 36.46
CA GLU B 690 -2.43 23.31 37.78
C GLU B 690 -0.93 23.02 37.94
N ASP B 691 -0.11 24.07 37.94
CA ASP B 691 1.35 23.94 37.98
C ASP B 691 1.82 23.18 39.22
N LEU B 692 2.96 22.52 39.05
CA LEU B 692 3.66 21.76 40.03
C LEU B 692 5.14 22.16 39.96
N PRO B 693 5.86 22.07 41.09
CA PRO B 693 7.27 22.44 41.12
C PRO B 693 8.03 21.75 39.98
N ALA B 694 8.82 22.52 39.21
CA ALA B 694 9.51 22.01 38.03
C ALA B 694 11.02 22.00 38.31
N ILE B 695 11.72 20.99 37.77
CA ILE B 695 13.15 20.81 37.78
C ILE B 695 13.63 20.97 36.33
N ILE B 696 14.30 22.07 36.00
CA ILE B 696 14.62 22.41 34.63
C ILE B 696 16.10 22.16 34.37
N THR B 697 16.97 22.81 35.14
CA THR B 697 18.40 22.79 34.90
C THR B 697 19.09 21.62 35.61
N ILE B 698 20.35 21.39 35.22
CA ILE B 698 21.23 20.46 35.91
C ILE B 698 21.32 20.85 37.40
N GLN B 699 21.47 22.13 37.70
CA GLN B 699 21.60 22.57 39.10
C GLN B 699 20.26 22.40 39.83
N ASP B 700 19.13 22.67 39.19
CA ASP B 700 17.85 22.33 39.83
C ASP B 700 17.83 20.84 40.24
N ALA B 701 18.29 19.96 39.33
CA ALA B 701 18.30 18.52 39.53
C ALA B 701 19.24 18.12 40.68
N ILE B 702 20.46 18.66 40.71
CA ILE B 702 21.42 18.44 41.80
C ILE B 702 20.81 18.90 43.14
N ASN B 703 20.28 20.12 43.18
CA ASN B 703 19.61 20.68 44.37
C ASN B 703 18.43 19.82 44.83
N ASN B 704 17.81 19.05 43.93
CA ASN B 704 16.62 18.27 44.30
C ASN B 704 16.92 16.76 44.30
N ASN B 705 18.19 16.36 44.17
CA ASN B 705 18.54 14.94 44.14
C ASN B 705 17.69 14.20 43.07
N SER B 706 17.54 14.78 41.88
CA SER B 706 16.62 14.25 40.85
C SER B 706 17.47 13.63 39.73
N PHE B 707 17.77 12.34 39.88
CA PHE B 707 18.62 11.63 38.97
C PHE B 707 17.93 10.39 38.39
N TYR B 708 18.47 9.92 37.25
CA TYR B 708 18.15 8.59 36.72
C TYR B 708 19.15 7.58 37.28
N GLY B 709 18.70 6.83 38.30
CA GLY B 709 19.51 5.81 38.90
C GLY B 709 20.69 6.40 39.64
N SER B 710 21.74 5.60 39.83
CA SER B 710 22.81 5.93 40.74
C SER B 710 24.01 6.43 39.94
N GLU B 711 25.00 6.96 40.65
CA GLU B 711 26.22 7.43 40.12
C GLU B 711 26.91 6.30 39.34
N ILE B 712 27.50 6.64 38.19
CA ILE B 712 28.34 5.72 37.42
C ILE B 712 29.77 6.17 37.64
N LYS B 713 30.72 5.23 37.71
CA LYS B 713 32.08 5.62 38.09
C LYS B 713 33.10 4.67 37.49
N ILE B 714 34.21 5.26 37.05
CA ILE B 714 35.40 4.51 36.69
C ILE B 714 36.55 5.16 37.44
N GLU B 715 37.36 4.32 38.08
CA GLU B 715 38.54 4.84 38.78
C GLU B 715 39.64 3.79 38.82
N LYS B 716 40.88 4.28 38.72
CA LYS B 716 42.07 3.54 38.56
C LYS B 716 43.21 4.30 39.24
N GLY B 717 44.08 3.56 39.95
CA GLY B 717 45.31 4.08 40.55
C GLY B 717 44.99 4.79 41.85
N ASP B 718 45.82 5.76 42.23
CA ASP B 718 45.76 6.33 43.60
C ASP B 718 45.68 7.86 43.49
N LEU B 719 44.48 8.40 43.62
CA LEU B 719 44.20 9.81 43.34
C LEU B 719 44.95 10.76 44.29
N LYS B 720 44.81 10.52 45.59
CA LYS B 720 45.38 11.42 46.62
C LYS B 720 46.90 11.42 46.47
N LYS B 721 47.49 10.23 46.24
CA LYS B 721 48.92 10.14 45.90
C LYS B 721 49.22 10.94 44.63
N GLY B 722 48.43 10.73 43.57
CA GLY B 722 48.64 11.48 42.31
C GLY B 722 48.70 12.99 42.49
N PHE B 723 47.69 13.54 43.18
CA PHE B 723 47.58 14.96 43.46
C PHE B 723 48.69 15.41 44.42
N SER B 724 49.02 14.58 45.44
CA SER B 724 50.12 14.81 46.42
C SER B 724 51.45 15.09 45.71
N GLU B 725 51.74 14.32 44.65
CA GLU B 725 53.05 14.28 43.97
C GLU B 725 53.09 15.21 42.75
N ALA B 726 51.95 15.79 42.36
CA ALA B 726 51.89 16.76 41.23
C ALA B 726 52.73 18.00 41.56
N ASP B 727 53.34 18.59 40.53
CA ASP B 727 53.85 19.98 40.63
C ASP B 727 52.70 21.01 40.65
N ASN B 728 51.64 20.77 39.87
CA ASN B 728 50.58 21.75 39.71
C ASN B 728 49.22 21.06 39.76
N VAL B 729 48.22 21.80 40.25
CA VAL B 729 46.87 21.40 40.26
C VAL B 729 46.05 22.53 39.63
N VAL B 730 45.22 22.18 38.64
CA VAL B 730 44.26 23.08 37.99
C VAL B 730 42.84 22.51 38.10
N SER B 731 41.95 23.34 38.63
CA SER B 731 40.54 23.09 38.86
C SER B 731 39.69 23.91 37.88
N GLY B 732 38.45 23.48 37.62
CA GLY B 732 37.55 24.29 36.79
C GLY B 732 36.23 23.59 36.50
N GLU B 733 35.39 24.27 35.69
CA GLU B 733 34.06 23.85 35.35
C GLU B 733 33.87 24.14 33.87
N LEU B 734 33.08 23.29 33.20
CA LEU B 734 32.77 23.44 31.80
C LEU B 734 31.30 23.10 31.58
N TYR B 735 30.59 23.95 30.82
CA TYR B 735 29.28 23.66 30.36
C TYR B 735 29.32 23.47 28.85
N ILE B 736 28.61 22.42 28.41
CA ILE B 736 28.47 22.04 27.00
C ILE B 736 26.98 21.96 26.65
N GLY B 737 26.52 22.89 25.80
CA GLY B 737 25.14 22.89 25.37
C GLY B 737 24.84 21.70 24.47
N GLY B 738 23.55 21.36 24.36
CA GLY B 738 23.08 20.26 23.56
C GLY B 738 23.01 20.60 22.08
N GLN B 739 22.16 19.87 21.35
CA GLN B 739 22.14 19.94 19.90
C GLN B 739 20.88 19.28 19.39
N GLU B 740 20.25 19.95 18.43
CA GLU B 740 19.17 19.38 17.64
C GLU B 740 19.79 18.73 16.41
N HIS B 741 19.29 17.52 16.14
CA HIS B 741 19.70 16.70 14.97
C HIS B 741 19.50 17.45 13.66
N PHE B 742 18.31 17.99 13.44
CA PHE B 742 17.98 18.72 12.25
C PHE B 742 18.24 17.85 11.02
N TYR B 743 17.83 16.57 11.11
CA TYR B 743 17.63 15.72 9.93
C TYR B 743 16.73 16.52 9.00
N LEU B 744 17.03 16.59 7.71
CA LEU B 744 16.20 17.48 6.87
C LEU B 744 14.77 16.92 6.67
N GLU B 745 14.64 15.61 6.78
CA GLU B 745 13.35 14.96 6.88
C GLU B 745 12.99 14.77 8.36
N THR B 746 11.89 15.39 8.79
CA THR B 746 11.42 15.20 10.14
C THR B 746 10.81 13.78 10.30
N ASN B 747 10.47 13.46 11.54
CA ASN B 747 9.78 12.22 11.91
C ASN B 747 8.46 12.11 11.14
N CYS B 748 8.15 10.90 10.71
CA CYS B 748 7.03 10.66 9.82
C CYS B 748 6.66 9.17 9.95
N THR B 749 5.36 8.87 10.08
CA THR B 749 4.85 7.52 10.07
C THR B 749 3.52 7.50 9.29
N ILE B 750 3.37 6.53 8.38
CA ILE B 750 2.10 6.07 7.83
C ILE B 750 1.79 4.70 8.46
N ALA B 751 0.61 4.55 9.07
CA ALA B 751 0.19 3.23 9.54
C ALA B 751 -1.05 2.80 8.73
N VAL B 752 -1.01 1.57 8.21
CA VAL B 752 -2.05 1.02 7.41
C VAL B 752 -2.59 -0.23 8.09
N PRO B 753 -3.83 -0.16 8.62
CA PRO B 753 -4.47 -1.28 9.32
C PRO B 753 -4.96 -2.26 8.25
N LYS B 754 -4.79 -3.56 8.50
CA LYS B 754 -5.20 -4.51 7.50
C LYS B 754 -6.58 -5.13 7.80
N GLY B 755 -7.18 -4.81 8.96
CA GLY B 755 -8.54 -5.23 9.27
C GLY B 755 -8.68 -6.68 9.76
N GLU B 756 -7.62 -7.49 9.69
CA GLU B 756 -7.64 -8.87 10.21
C GLU B 756 -6.52 -9.14 11.22
N ALA B 757 -6.94 -9.78 12.30
CA ALA B 757 -6.04 -10.37 13.31
C ALA B 757 -5.10 -9.31 13.90
N GLY B 758 -5.59 -8.09 14.04
CA GLY B 758 -4.79 -6.90 14.48
C GLY B 758 -3.59 -6.53 13.57
N GLU B 759 -3.56 -7.02 12.32
CA GLU B 759 -2.40 -6.83 11.45
C GLU B 759 -2.33 -5.35 11.04
N MET B 760 -1.10 -4.85 11.00
CA MET B 760 -0.82 -3.45 10.66
C MET B 760 0.59 -3.38 10.06
N GLU B 761 0.72 -2.52 9.06
CA GLU B 761 1.99 -2.28 8.38
C GLU B 761 2.27 -0.78 8.55
N LEU B 762 3.49 -0.42 8.96
CA LEU B 762 3.89 0.95 9.15
C LEU B 762 5.08 1.28 8.24
N PHE B 763 4.99 2.45 7.60
CA PHE B 763 6.08 3.07 6.87
C PHE B 763 6.59 4.24 7.70
N VAL B 764 7.85 4.14 8.08
CA VAL B 764 8.40 4.96 9.11
C VAL B 764 9.78 5.46 8.67
N SER B 765 10.06 6.73 8.97
CA SER B 765 11.40 7.27 9.01
C SER B 765 12.05 6.97 10.37
N THR B 766 12.60 5.75 10.51
CA THR B 766 13.22 5.37 11.73
C THR B 766 14.51 4.59 11.50
N GLN B 767 15.41 4.73 12.48
CA GLN B 767 16.59 3.89 12.57
C GLN B 767 16.29 2.58 13.32
N ASN B 768 15.10 2.41 13.91
CA ASN B 768 14.87 1.29 14.83
C ASN B 768 13.52 0.60 14.55
N THR B 769 13.50 -0.30 13.57
CA THR B 769 12.28 -1.02 13.19
C THR B 769 11.77 -1.90 14.34
N MET B 770 12.71 -2.47 15.10
CA MET B 770 12.37 -3.45 16.13
C MET B 770 11.60 -2.77 17.28
N LYS B 771 12.15 -1.69 17.83
CA LYS B 771 11.48 -0.99 18.93
C LYS B 771 10.18 -0.36 18.43
N THR B 772 10.17 0.15 17.18
CA THR B 772 8.92 0.65 16.62
C THR B 772 7.83 -0.45 16.72
N GLN B 773 8.15 -1.62 16.21
CA GLN B 773 7.26 -2.77 16.16
C GLN B 773 6.83 -3.11 17.60
N SER B 774 7.81 -3.26 18.50
CA SER B 774 7.56 -3.69 19.85
C SER B 774 6.65 -2.69 20.55
N PHE B 775 6.92 -1.38 20.38
CA PHE B 775 6.16 -0.37 21.09
C PHE B 775 4.72 -0.30 20.58
N VAL B 776 4.54 -0.48 19.28
CA VAL B 776 3.24 -0.46 18.66
C VAL B 776 2.43 -1.66 19.15
N ALA B 777 3.02 -2.84 19.09
CA ALA B 777 2.37 -4.09 19.48
C ALA B 777 1.95 -4.06 20.97
N LYS B 778 2.79 -3.53 21.85
CA LYS B 778 2.47 -3.49 23.26
C LYS B 778 1.34 -2.50 23.53
N MET B 779 1.37 -1.36 22.83
CA MET B 779 0.38 -0.36 23.03
C MET B 779 -1.00 -0.92 22.63
N LEU B 780 -1.05 -1.67 21.54
CA LEU B 780 -2.30 -2.19 21.01
C LEU B 780 -2.72 -3.48 21.74
N GLY B 781 -1.75 -4.21 22.29
CA GLY B 781 -2.00 -5.49 22.95
C GLY B 781 -2.07 -6.64 21.95
N VAL B 782 -1.24 -6.61 20.91
CA VAL B 782 -1.19 -7.71 19.94
C VAL B 782 0.23 -8.18 19.86
N PRO B 783 0.45 -9.45 19.43
CA PRO B 783 1.79 -10.01 19.30
C PRO B 783 2.59 -9.26 18.23
N ASP B 784 3.93 -9.31 18.36
CA ASP B 784 4.85 -8.69 17.44
C ASP B 784 4.60 -9.20 16.01
N ASN B 785 4.20 -10.47 15.89
CA ASN B 785 4.03 -11.11 14.54
C ASN B 785 2.90 -10.45 13.71
N ARG B 786 2.09 -9.59 14.30
CA ARG B 786 1.03 -8.89 13.59
C ARG B 786 1.52 -7.56 12.97
N ILE B 787 2.65 -7.05 13.47
CA ILE B 787 3.08 -5.69 13.21
C ILE B 787 4.33 -5.74 12.33
N VAL B 788 4.24 -5.11 11.15
CA VAL B 788 5.35 -4.98 10.22
C VAL B 788 5.78 -3.52 10.15
N VAL B 789 7.10 -3.27 10.26
CA VAL B 789 7.67 -1.94 10.10
C VAL B 789 8.66 -1.99 8.94
N ARG B 790 8.45 -1.07 7.99
CA ARG B 790 9.20 -0.97 6.76
C ARG B 790 9.86 0.42 6.70
N VAL B 791 11.15 0.41 6.36
CA VAL B 791 11.91 1.59 6.16
C VAL B 791 12.62 1.46 4.82
N LYS B 792 12.27 2.34 3.87
CA LYS B 792 13.00 2.40 2.64
C LYS B 792 14.25 3.26 2.87
N ARG B 793 14.05 4.50 3.30
CA ARG B 793 15.12 5.47 3.55
C ARG B 793 14.64 6.54 4.52
N MET B 794 15.58 7.16 5.22
CA MET B 794 15.33 8.35 5.99
C MET B 794 16.09 9.50 5.35
N GLY B 795 15.49 10.70 5.37
CA GLY B 795 16.27 11.94 5.09
C GLY B 795 17.05 12.41 6.32
N GLY B 796 17.95 11.58 6.80
CA GLY B 796 18.72 11.84 8.01
C GLY B 796 18.16 11.16 9.24
N GLY B 797 19.06 10.86 10.17
CA GLY B 797 18.75 10.22 11.45
C GLY B 797 19.60 10.77 12.57
N PHE B 798 20.89 10.46 12.50
CA PHE B 798 21.91 11.01 13.35
C PHE B 798 21.71 10.61 14.81
N GLY B 799 20.90 9.57 15.08
CA GLY B 799 20.63 9.11 16.42
C GLY B 799 19.26 9.54 16.90
N GLY B 800 18.74 10.62 16.32
CA GLY B 800 17.46 11.20 16.71
C GLY B 800 16.25 10.37 16.32
N LYS B 801 16.45 9.35 15.49
CA LYS B 801 15.40 8.42 15.11
C LYS B 801 15.73 7.00 15.60
N GLU B 802 16.62 6.89 16.61
CA GLU B 802 16.99 5.62 17.21
C GLU B 802 15.86 5.20 18.16
N THR B 803 15.26 6.14 18.89
CA THR B 803 14.16 5.82 19.77
C THR B 803 13.01 6.81 19.61
N ARG B 804 13.29 8.12 19.40
CA ARG B 804 12.26 9.14 19.60
C ARG B 804 11.26 9.17 18.43
N SER B 805 11.53 8.48 17.34
CA SER B 805 10.53 8.35 16.28
C SER B 805 9.25 7.65 16.80
N THR B 806 9.35 6.82 17.85
CA THR B 806 8.21 5.88 18.23
C THR B 806 7.03 6.64 18.85
N VAL B 807 7.27 7.86 19.27
CA VAL B 807 6.33 8.72 19.91
C VAL B 807 5.32 9.22 18.86
N VAL B 808 5.77 9.27 17.61
CA VAL B 808 4.91 9.51 16.49
C VAL B 808 4.24 8.20 16.04
N SER B 809 5.04 7.16 15.80
CA SER B 809 4.59 5.83 15.35
C SER B 809 3.43 5.30 16.18
N THR B 810 3.56 5.37 17.51
CA THR B 810 2.56 4.78 18.40
C THR B 810 1.25 5.55 18.30
N ALA B 811 1.33 6.87 18.14
CA ALA B 811 0.09 7.68 18.07
C ALA B 811 -0.64 7.36 16.76
N LEU B 812 0.12 7.28 15.69
CA LEU B 812 -0.50 7.02 14.40
C LEU B 812 -1.07 5.61 14.33
N ALA B 813 -0.35 4.65 14.91
CA ALA B 813 -0.81 3.26 14.98
C ALA B 813 -2.17 3.19 15.67
N LEU B 814 -2.35 3.98 16.74
CA LEU B 814 -3.59 3.93 17.46
C LEU B 814 -4.72 4.49 16.59
N ALA B 815 -4.42 5.55 15.84
CA ALA B 815 -5.43 6.17 15.04
C ALA B 815 -5.90 5.20 13.97
N ALA B 816 -4.94 4.47 13.38
CA ALA B 816 -5.18 3.55 12.36
C ALA B 816 -6.08 2.42 12.89
N HIS B 817 -5.78 1.93 14.10
CA HIS B 817 -6.52 0.84 14.71
C HIS B 817 -7.94 1.31 15.04
N LYS B 818 -8.06 2.50 15.64
CA LYS B 818 -9.34 2.97 16.07
C LYS B 818 -10.27 3.16 14.86
N THR B 819 -9.78 3.81 13.79
CA THR B 819 -10.60 4.13 12.64
C THR B 819 -10.71 3.00 11.63
N GLY B 820 -9.76 2.07 11.65
CA GLY B 820 -9.62 1.09 10.55
C GLY B 820 -9.22 1.71 9.21
N ARG B 821 -8.72 2.95 9.24
CA ARG B 821 -8.22 3.67 8.04
C ARG B 821 -6.71 3.92 8.14
N PRO B 822 -5.99 3.99 7.00
CA PRO B 822 -4.59 4.40 7.02
C PRO B 822 -4.55 5.81 7.61
N VAL B 823 -3.52 6.09 8.40
CA VAL B 823 -3.31 7.38 8.99
C VAL B 823 -1.83 7.73 8.83
N ARG B 824 -1.54 9.01 8.68
CA ARG B 824 -0.22 9.56 8.42
C ARG B 824 -0.02 10.80 9.30
N CYS B 825 1.22 10.98 9.72
CA CYS B 825 1.69 12.16 10.41
C CYS B 825 3.16 12.40 10.06
N MET B 826 3.46 13.58 9.54
CA MET B 826 4.82 14.12 9.38
C MET B 826 4.89 15.35 10.28
N LEU B 827 5.85 15.40 11.20
CA LEU B 827 5.99 16.57 12.07
C LEU B 827 6.48 17.79 11.28
N ASP B 828 5.90 18.95 11.59
CA ASP B 828 6.49 20.24 11.24
C ASP B 828 7.78 20.36 12.04
N ARG B 829 8.70 21.19 11.55
CA ARG B 829 9.97 21.43 12.17
C ARG B 829 9.84 21.84 13.63
N ASP B 830 8.95 22.80 13.91
CA ASP B 830 8.77 23.30 15.27
C ASP B 830 8.34 22.18 16.23
N GLU B 831 7.38 21.36 15.79
CA GLU B 831 6.91 20.21 16.55
C GLU B 831 8.07 19.25 16.83
N ASP B 832 8.78 18.91 15.75
CA ASP B 832 9.85 17.93 15.82
C ASP B 832 10.93 18.41 16.80
N MET B 833 11.33 19.67 16.68
CA MET B 833 12.44 20.14 17.55
C MET B 833 11.96 20.18 19.02
N LEU B 834 10.68 20.49 19.25
CA LEU B 834 10.12 20.54 20.60
C LEU B 834 10.01 19.14 21.22
N ILE B 835 9.43 18.20 20.47
CA ILE B 835 8.97 16.94 21.03
C ILE B 835 10.15 15.97 21.17
N THR B 836 11.09 15.92 20.21
CA THR B 836 11.92 14.72 20.06
C THR B 836 13.30 14.79 20.74
N GLY B 837 13.57 15.87 21.46
CA GLY B 837 14.81 16.03 22.21
C GLY B 837 16.04 16.00 21.33
N GLY B 838 17.21 15.96 21.98
CA GLY B 838 18.47 16.26 21.32
C GLY B 838 19.67 15.65 22.02
N ARG B 839 20.87 16.14 21.66
CA ARG B 839 22.09 15.80 22.41
C ARG B 839 21.95 16.28 23.87
N HIS B 840 22.55 15.52 24.77
CA HIS B 840 22.62 15.84 26.21
C HIS B 840 23.56 17.02 26.49
N PRO B 841 23.10 18.14 27.05
CA PRO B 841 23.97 19.13 27.68
C PRO B 841 24.72 18.45 28.83
N PHE B 842 26.00 18.84 29.04
CA PHE B 842 26.83 18.31 30.10
C PHE B 842 27.30 19.50 30.94
N LEU B 843 27.40 19.27 32.25
CA LEU B 843 28.21 20.10 33.16
C LEU B 843 29.34 19.24 33.72
N ALA B 844 30.57 19.76 33.68
CA ALA B 844 31.67 19.02 34.27
C ALA B 844 32.43 19.88 35.28
N LYS B 845 32.83 19.24 36.40
CA LYS B 845 33.77 19.79 37.33
C LYS B 845 35.01 18.90 37.34
N TYR B 846 36.17 19.51 37.03
CA TYR B 846 37.43 18.81 36.87
C TYR B 846 38.50 19.42 37.82
N LYS B 847 39.48 18.56 38.11
CA LYS B 847 40.71 18.90 38.79
C LYS B 847 41.80 17.98 38.22
N VAL B 848 42.86 18.57 37.69
CA VAL B 848 43.92 17.84 37.08
C VAL B 848 45.25 18.23 37.76
N GLY B 849 46.05 17.20 38.03
CA GLY B 849 47.39 17.35 38.61
C GLY B 849 48.43 16.96 37.59
N PHE B 850 49.45 17.80 37.40
CA PHE B 850 50.44 17.57 36.37
C PHE B 850 51.82 18.05 36.85
N MET B 851 52.87 17.55 36.18
CA MET B 851 54.23 17.96 36.43
C MET B 851 54.57 19.18 35.54
N LYS B 852 55.70 19.83 35.86
CA LYS B 852 56.28 20.97 35.09
C LYS B 852 56.44 20.62 33.61
N THR B 853 56.68 19.35 33.32
CA THR B 853 56.88 18.84 31.96
C THR B 853 55.57 18.81 31.14
N GLY B 854 54.43 18.92 31.84
CA GLY B 854 53.12 18.78 31.20
C GLY B 854 52.51 17.37 31.32
N THR B 855 53.24 16.44 31.96
CA THR B 855 52.82 15.02 32.11
C THR B 855 51.71 15.01 33.16
N VAL B 856 50.52 14.48 32.82
CA VAL B 856 49.45 14.52 33.80
C VAL B 856 49.50 13.24 34.64
N VAL B 857 49.31 13.42 35.97
CA VAL B 857 49.49 12.34 36.91
C VAL B 857 48.20 12.04 37.69
N ALA B 858 47.21 12.93 37.64
CA ALA B 858 45.99 12.78 38.39
C ALA B 858 44.86 13.56 37.70
N LEU B 859 43.64 12.98 37.70
CA LEU B 859 42.47 13.58 37.12
C LEU B 859 41.22 13.05 37.80
N GLU B 860 40.41 14.00 38.25
CA GLU B 860 39.15 13.76 38.84
C GLU B 860 38.15 14.61 38.07
N VAL B 861 37.10 13.96 37.53
CA VAL B 861 36.04 14.67 36.76
C VAL B 861 34.68 14.18 37.23
N ALA B 862 33.84 15.11 37.71
CA ALA B 862 32.41 14.83 37.93
C ALA B 862 31.63 15.41 36.74
N HIS B 863 30.88 14.51 36.07
CA HIS B 863 30.03 14.79 34.95
C HIS B 863 28.57 14.71 35.38
N PHE B 864 27.76 15.63 34.83
CA PHE B 864 26.30 15.67 34.95
C PHE B 864 25.72 15.95 33.56
N SER B 865 24.68 15.18 33.17
CA SER B 865 23.97 15.38 31.93
C SER B 865 22.53 15.78 32.23
N ASN B 866 21.91 16.53 31.30
CA ASN B 866 20.53 16.88 31.40
C ASN B 866 19.75 15.89 30.53
N GLY B 867 19.08 14.94 31.20
CA GLY B 867 18.42 13.83 30.52
C GLY B 867 17.01 14.16 30.06
N GLY B 868 16.34 15.11 30.74
CA GLY B 868 14.97 15.40 30.49
C GLY B 868 14.03 14.38 31.11
N ASN B 869 12.88 14.20 30.43
CA ASN B 869 11.55 13.67 30.82
C ASN B 869 11.47 12.16 31.12
N THR B 870 12.39 11.41 30.53
CA THR B 870 12.32 9.99 30.37
C THR B 870 13.77 9.54 30.42
N GLU B 871 14.06 8.30 30.80
CA GLU B 871 15.40 7.81 30.82
C GLU B 871 15.97 7.67 29.40
N ASP B 872 15.21 7.02 28.52
CA ASP B 872 15.68 6.75 27.17
C ASP B 872 17.12 6.20 27.23
N LEU B 873 18.05 6.69 26.36
CA LEU B 873 19.42 6.18 26.28
C LEU B 873 20.38 6.91 27.22
N SER B 874 19.89 7.81 28.08
CA SER B 874 20.72 8.74 28.86
C SER B 874 21.85 8.01 29.63
N ARG B 875 21.59 6.84 30.22
CA ARG B 875 22.58 6.23 31.10
C ARG B 875 23.72 5.64 30.22
N SER B 876 23.36 5.08 29.06
CA SER B 876 24.37 4.51 28.17
C SER B 876 25.27 5.63 27.59
N ILE B 877 24.67 6.82 27.41
CA ILE B 877 25.37 7.99 26.88
C ILE B 877 26.39 8.43 27.94
N MET B 878 25.98 8.41 29.21
CA MET B 878 26.88 8.82 30.28
C MET B 878 28.04 7.82 30.42
N GLU B 879 27.76 6.53 30.25
CA GLU B 879 28.80 5.51 30.25
C GLU B 879 29.81 5.79 29.14
N ARG B 880 29.33 6.13 27.94
CA ARG B 880 30.27 6.29 26.85
C ARG B 880 31.12 7.58 27.04
N ALA B 881 30.54 8.65 27.60
CA ALA B 881 31.34 9.81 28.00
C ALA B 881 32.46 9.36 28.98
N LEU B 882 32.09 8.54 29.96
CA LEU B 882 33.11 8.07 30.95
C LEU B 882 34.17 7.22 30.27
N PHE B 883 33.77 6.42 29.28
CA PHE B 883 34.73 5.61 28.53
C PHE B 883 35.65 6.49 27.69
N HIS B 884 35.31 7.76 27.48
CA HIS B 884 36.17 8.62 26.64
C HIS B 884 36.72 9.85 27.40
N MET B 885 36.64 9.86 28.74
CA MET B 885 37.15 10.97 29.55
C MET B 885 38.67 11.09 29.42
N ASP B 886 39.30 10.10 28.80
CA ASP B 886 40.75 10.03 28.62
C ASP B 886 41.13 10.66 27.28
N ASN B 887 40.15 10.76 26.38
CA ASN B 887 40.38 10.94 24.97
C ASN B 887 41.56 10.05 24.54
N ALA B 888 42.71 10.66 24.22
CA ALA B 888 43.86 9.95 23.69
C ALA B 888 44.96 9.78 24.75
N TYR B 889 44.69 10.01 26.04
CA TYR B 889 45.80 10.25 26.98
C TYR B 889 45.87 9.19 28.08
N LYS B 890 47.08 8.66 28.33
CA LYS B 890 47.34 7.75 29.47
C LYS B 890 47.45 8.55 30.75
N ILE B 891 46.57 8.25 31.71
CA ILE B 891 46.50 8.96 32.96
C ILE B 891 46.52 7.95 34.11
N PRO B 892 47.60 7.86 34.91
CA PRO B 892 47.74 6.74 35.83
C PRO B 892 46.74 6.76 36.99
N ASN B 893 46.44 7.96 37.53
CA ASN B 893 45.52 8.09 38.67
C ASN B 893 44.28 8.92 38.23
N ILE B 894 43.09 8.32 38.27
CA ILE B 894 41.97 8.86 37.49
C ILE B 894 40.66 8.42 38.12
N ARG B 895 39.71 9.35 38.19
CA ARG B 895 38.37 9.09 38.70
C ARG B 895 37.37 9.96 37.91
N GLY B 896 36.46 9.30 37.19
CA GLY B 896 35.30 9.97 36.63
C GLY B 896 34.02 9.43 37.22
N THR B 897 33.12 10.36 37.57
CA THR B 897 31.81 10.05 37.97
C THR B 897 30.86 10.65 36.95
N GLY B 898 29.69 10.02 36.79
CA GLY B 898 28.59 10.54 35.99
C GLY B 898 27.28 10.42 36.71
N ARG B 899 26.47 11.47 36.64
CA ARG B 899 25.10 11.46 37.14
C ARG B 899 24.18 12.00 36.04
N ILE B 900 23.07 11.31 35.79
CA ILE B 900 22.13 11.78 34.80
C ILE B 900 20.98 12.46 35.51
N CYS B 901 20.73 13.73 35.18
CA CYS B 901 19.70 14.51 35.79
C CYS B 901 18.34 14.23 35.14
N LYS B 902 17.33 14.22 36.00
CA LYS B 902 16.01 13.99 35.63
C LYS B 902 15.25 15.31 35.76
N THR B 903 14.76 15.83 34.64
CA THR B 903 14.25 17.16 34.58
C THR B 903 12.94 17.22 33.80
N ASN B 904 12.27 18.36 33.93
CA ASN B 904 11.05 18.63 33.27
C ASN B 904 11.37 19.29 31.93
N LEU B 905 12.11 18.54 31.09
CA LEU B 905 12.40 18.94 29.74
C LEU B 905 12.13 17.75 28.84
N PRO B 906 11.94 17.99 27.53
CA PRO B 906 11.91 16.90 26.56
C PRO B 906 13.11 16.00 26.78
N SER B 907 12.86 14.70 26.66
CA SER B 907 13.85 13.66 26.88
C SER B 907 14.95 13.75 25.82
N ASN B 908 16.19 13.86 26.29
CA ASN B 908 17.34 13.91 25.39
C ASN B 908 17.76 12.48 25.07
N THR B 909 18.43 12.29 23.93
CA THR B 909 18.62 10.97 23.35
C THR B 909 19.98 10.84 22.68
N ALA B 910 20.11 9.82 21.82
CA ALA B 910 21.28 9.56 20.98
C ALA B 910 21.45 10.70 19.98
N PHE B 911 22.70 11.19 19.87
CA PHE B 911 23.16 12.05 18.80
C PHE B 911 24.59 11.62 18.49
N ARG B 912 24.81 11.12 17.27
CA ARG B 912 26.09 10.89 16.64
C ARG B 912 27.23 11.34 17.57
N GLY B 913 27.86 10.36 18.20
CA GLY B 913 28.86 10.61 19.21
C GLY B 913 28.47 9.97 20.51
N PHE B 914 27.21 10.20 20.91
CA PHE B 914 26.55 9.37 21.96
C PHE B 914 27.34 9.52 23.27
N GLY B 915 27.57 10.77 23.71
CA GLY B 915 28.25 11.09 24.95
C GLY B 915 29.76 11.18 24.79
N GLY B 916 30.32 10.58 23.74
CA GLY B 916 31.75 10.68 23.45
C GLY B 916 32.25 12.13 23.32
N PRO B 917 31.65 12.95 22.43
CA PRO B 917 32.17 14.29 22.21
C PRO B 917 32.17 15.15 23.48
N GLN B 918 31.14 14.99 24.32
CA GLN B 918 31.07 15.71 25.55
C GLN B 918 32.22 15.29 26.47
N GLY B 919 32.44 13.97 26.60
CA GLY B 919 33.50 13.45 27.50
C GLY B 919 34.88 13.92 27.04
N MET B 920 35.05 13.91 25.71
CA MET B 920 36.32 14.25 25.13
C MET B 920 36.54 15.78 25.15
N LEU B 921 35.50 16.59 25.00
CA LEU B 921 35.72 18.03 25.02
C LEU B 921 36.26 18.42 26.40
N ILE B 922 35.75 17.76 27.43
CA ILE B 922 36.15 18.07 28.78
C ILE B 922 37.66 17.75 28.92
N ALA B 923 38.06 16.61 28.37
CA ALA B 923 39.43 16.18 28.37
C ALA B 923 40.30 17.24 27.72
N GLU B 924 39.90 17.69 26.53
CA GLU B 924 40.70 18.60 25.78
C GLU B 924 40.68 19.98 26.44
N TYR B 925 39.67 20.26 27.25
CA TYR B 925 39.60 21.54 27.87
C TYR B 925 40.62 21.62 29.03
N TRP B 926 40.67 20.64 29.92
CA TRP B 926 41.68 20.73 30.99
C TRP B 926 43.08 20.49 30.38
N MET B 927 43.19 19.71 29.31
CA MET B 927 44.48 19.54 28.63
C MET B 927 45.02 20.90 28.13
N SER B 928 44.14 21.73 27.55
CA SER B 928 44.55 23.02 27.06
C SER B 928 45.10 23.84 28.25
N GLU B 929 44.49 23.71 29.41
CA GLU B 929 44.91 24.48 30.57
C GLU B 929 46.26 23.93 31.09
N VAL B 930 46.51 22.62 30.92
CA VAL B 930 47.77 21.99 31.36
C VAL B 930 48.89 22.66 30.59
N ALA B 931 48.70 22.77 29.28
CA ALA B 931 49.71 23.24 28.37
C ALA B 931 50.04 24.70 28.66
N ILE B 932 49.02 25.51 28.92
CA ILE B 932 49.18 26.92 29.16
C ILE B 932 49.84 27.13 30.52
N THR B 933 49.48 26.32 31.51
CA THR B 933 49.99 26.47 32.85
C THR B 933 51.48 26.15 32.85
N CYS B 934 51.88 25.20 32.01
CA CYS B 934 53.26 24.74 31.93
C CYS B 934 54.13 25.64 31.07
N GLY B 935 53.49 26.44 30.20
CA GLY B 935 54.21 27.32 29.31
C GLY B 935 54.88 26.56 28.19
N LEU B 936 54.31 25.40 27.85
CA LEU B 936 54.86 24.50 26.82
C LEU B 936 53.94 24.42 25.61
N PRO B 937 54.46 24.10 24.41
CA PRO B 937 53.61 24.01 23.22
C PRO B 937 52.53 22.92 23.35
N ALA B 938 51.32 23.27 22.92
CA ALA B 938 50.15 22.41 23.18
C ALA B 938 50.30 21.05 22.48
N GLU B 939 50.79 21.01 21.24
CA GLU B 939 50.96 19.72 20.55
C GLU B 939 51.97 18.81 21.30
N GLU B 940 53.00 19.38 21.94
CA GLU B 940 53.98 18.56 22.70
C GLU B 940 53.36 17.98 23.95
N VAL B 941 52.57 18.79 24.67
CA VAL B 941 51.97 18.37 25.86
C VAL B 941 50.99 17.21 25.56
N ARG B 942 50.25 17.35 24.47
CA ARG B 942 49.32 16.29 24.01
C ARG B 942 50.08 15.03 23.59
N ARG B 943 51.08 15.20 22.73
CA ARG B 943 51.83 14.07 22.21
C ARG B 943 52.49 13.31 23.37
N LYS B 944 53.01 13.97 24.40
CA LYS B 944 53.77 13.24 25.45
C LYS B 944 52.81 12.55 26.45
N ASN B 945 51.54 12.95 26.44
CA ASN B 945 50.57 12.31 27.34
C ASN B 945 49.82 11.20 26.61
N MET B 946 50.02 11.11 25.31
CA MET B 946 49.32 10.17 24.46
C MET B 946 49.65 8.74 24.92
N TYR B 947 48.64 7.87 24.86
CA TYR B 947 48.83 6.43 24.94
C TYR B 947 49.88 5.96 23.93
N LYS B 948 50.47 4.79 24.24
CA LYS B 948 51.35 3.99 23.38
C LYS B 948 50.65 2.66 23.13
N GLU B 949 51.01 2.01 22.02
CA GLU B 949 50.61 0.64 21.68
C GLU B 949 50.75 -0.29 22.90
N GLY B 950 49.69 -1.07 23.17
CA GLY B 950 49.68 -2.02 24.25
C GLY B 950 49.30 -1.44 25.60
N ASP B 951 49.19 -0.10 25.75
CA ASP B 951 48.72 0.47 27.03
C ASP B 951 47.27 0.03 27.27
N LEU B 952 46.89 0.00 28.54
CA LEU B 952 45.54 -0.15 29.01
C LEU B 952 44.93 1.24 29.23
N THR B 953 43.65 1.34 28.89
CA THR B 953 42.83 2.50 29.17
C THR B 953 42.51 2.50 30.66
N HIS B 954 41.86 3.59 31.10
CA HIS B 954 41.38 3.74 32.45
C HIS B 954 40.36 2.63 32.79
N PHE B 955 39.69 2.11 31.77
CA PHE B 955 38.73 0.98 31.96
C PHE B 955 39.40 -0.38 31.63
N ASN B 956 40.74 -0.41 31.48
CA ASN B 956 41.60 -1.59 31.41
C ASN B 956 41.43 -2.38 30.11
N GLN B 957 41.04 -1.69 29.02
CA GLN B 957 41.06 -2.33 27.71
C GLN B 957 42.39 -2.02 27.05
N LYS B 958 42.97 -3.04 26.42
CA LYS B 958 44.27 -2.90 25.80
C LYS B 958 44.12 -2.30 24.41
N LEU B 959 44.93 -1.27 24.10
CA LEU B 959 44.96 -0.61 22.79
C LEU B 959 45.92 -1.33 21.83
N GLU B 960 45.35 -2.13 20.94
CA GLU B 960 46.12 -2.85 19.90
C GLU B 960 45.82 -2.21 18.55
N GLY B 961 46.77 -2.31 17.61
CA GLY B 961 46.66 -1.70 16.31
C GLY B 961 46.40 -0.20 16.49
N PHE B 962 47.25 0.40 17.33
CA PHE B 962 47.13 1.74 17.81
C PHE B 962 47.79 2.69 16.81
N THR B 963 46.93 3.30 15.99
CA THR B 963 47.30 3.93 14.75
C THR B 963 47.42 5.45 14.94
N LEU B 964 47.03 5.93 16.12
CA LEU B 964 46.88 7.36 16.38
C LEU B 964 48.20 8.12 16.21
N PRO B 965 49.37 7.60 16.68
CA PRO B 965 50.67 8.24 16.41
C PRO B 965 50.91 8.51 14.92
N ARG B 966 50.56 7.55 14.05
CA ARG B 966 50.74 7.74 12.60
C ARG B 966 49.76 8.82 12.10
N CYS B 967 48.52 8.80 12.59
CA CYS B 967 47.54 9.86 12.19
C CYS B 967 48.10 11.23 12.55
N TRP B 968 48.62 11.34 13.77
CA TRP B 968 49.16 12.52 14.34
C TRP B 968 50.41 13.00 13.57
N ASP B 969 51.42 12.13 13.40
CA ASP B 969 52.63 12.53 12.64
C ASP B 969 52.23 12.85 11.21
N GLU B 970 51.25 12.13 10.61
CA GLU B 970 50.96 12.50 9.22
C GLU B 970 50.27 13.88 9.16
N CYS B 971 49.43 14.17 10.13
CA CYS B 971 48.64 15.39 10.09
C CYS B 971 49.57 16.57 10.38
N ILE B 972 50.48 16.42 11.37
CA ILE B 972 51.45 17.50 11.66
C ILE B 972 52.22 17.81 10.37
N ALA B 973 52.59 16.80 9.57
CA ALA B 973 53.37 17.00 8.34
C ALA B 973 52.51 17.61 7.24
N SER B 974 51.41 16.95 6.87
CA SER B 974 50.64 17.40 5.72
C SER B 974 49.95 18.74 6.03
N SER B 975 49.75 19.11 7.31
CA SER B 975 49.17 20.41 7.65
C SER B 975 50.25 21.51 7.72
N GLN B 976 51.52 21.12 7.84
CA GLN B 976 52.64 22.08 7.98
C GLN B 976 52.41 22.85 9.26
N TYR B 977 52.08 22.10 10.31
CA TYR B 977 51.59 22.68 11.53
C TYR B 977 52.57 23.71 12.09
N LEU B 978 53.87 23.38 12.10
CA LEU B 978 54.87 24.17 12.82
C LEU B 978 55.13 25.50 12.10
N ALA B 979 55.25 25.44 10.77
CA ALA B 979 55.42 26.64 9.95
C ALA B 979 54.18 27.55 10.05
N ARG B 980 53.00 26.92 10.13
CA ARG B 980 51.78 27.67 10.17
C ARG B 980 51.62 28.28 11.56
N LYS B 981 52.04 27.61 12.63
CA LYS B 981 52.07 28.22 13.97
C LYS B 981 52.75 29.62 13.94
N ARG B 982 53.85 29.69 13.21
CA ARG B 982 54.72 30.89 13.15
C ARG B 982 54.01 31.97 12.35
N GLU B 983 53.38 31.56 11.23
CA GLU B 983 52.61 32.49 10.46
C GLU B 983 51.43 33.02 11.30
N VAL B 984 50.81 32.21 12.15
CA VAL B 984 49.72 32.70 12.99
C VAL B 984 50.28 33.73 14.00
N GLU B 985 51.40 33.40 14.65
CA GLU B 985 52.05 34.32 15.60
C GLU B 985 52.34 35.68 14.93
N LYS B 986 52.84 35.63 13.70
CA LYS B 986 53.16 36.83 12.94
C LYS B 986 51.88 37.63 12.65
N PHE B 987 50.83 36.98 12.12
CA PHE B 987 49.55 37.66 11.93
C PHE B 987 49.10 38.39 13.20
N ASN B 988 49.23 37.73 14.33
CA ASN B 988 48.75 38.25 15.56
C ASN B 988 49.57 39.48 16.01
N ARG B 989 50.87 39.51 15.71
CA ARG B 989 51.71 40.67 16.06
C ARG B 989 51.28 41.87 15.22
N GLU B 990 50.88 41.58 13.99
CA GLU B 990 50.51 42.58 12.98
C GLU B 990 49.04 43.04 13.03
N ASN B 991 48.18 42.49 13.90
CA ASN B 991 46.75 42.86 13.82
C ASN B 991 46.18 42.96 15.22
N CYS B 992 45.64 44.12 15.59
CA CYS B 992 45.13 44.30 16.93
C CYS B 992 43.68 43.79 17.05
N TRP B 993 42.87 43.87 15.98
CA TRP B 993 41.40 43.62 16.15
C TRP B 993 40.88 42.38 15.44
N LYS B 994 41.78 41.65 14.79
CA LYS B 994 41.58 40.30 14.25
C LYS B 994 42.71 39.41 14.80
N LYS B 995 42.40 38.15 15.14
CA LYS B 995 43.43 37.25 15.62
C LYS B 995 43.20 35.83 15.06
N ARG B 996 44.31 35.16 14.83
CA ARG B 996 44.26 33.80 14.34
C ARG B 996 44.63 32.83 15.45
N GLY B 997 44.11 31.61 15.32
CA GLY B 997 44.44 30.47 16.17
C GLY B 997 44.55 29.20 15.36
N LEU B 998 45.36 28.27 15.84
CA LEU B 998 45.71 27.03 15.17
C LEU B 998 45.82 25.94 16.23
N CYS B 999 45.05 24.86 16.10
CA CYS B 999 45.11 23.79 17.07
C CYS B 999 44.97 22.43 16.37
N ILE B 1000 45.68 21.44 16.90
CA ILE B 1000 45.65 20.09 16.42
C ILE B 1000 45.18 19.16 17.55
N ILE B 1001 44.13 18.39 17.26
CA ILE B 1001 43.43 17.59 18.26
C ILE B 1001 43.33 16.16 17.77
N PRO B 1002 43.70 15.17 18.62
CA PRO B 1002 43.54 13.74 18.34
C PRO B 1002 42.22 13.20 18.89
N THR B 1003 41.87 11.97 18.52
CA THR B 1003 40.75 11.28 19.13
C THR B 1003 40.93 9.77 19.00
N LYS B 1004 40.42 9.09 20.03
CA LYS B 1004 40.15 7.67 20.09
C LYS B 1004 38.63 7.48 20.34
N PHE B 1005 38.00 6.59 19.56
CA PHE B 1005 36.56 6.34 19.72
C PHE B 1005 36.31 4.83 19.66
N GLY B 1006 35.74 4.29 20.73
CA GLY B 1006 35.49 2.87 20.86
C GLY B 1006 34.25 2.48 20.07
N ILE B 1007 34.41 1.42 19.28
CA ILE B 1007 33.40 0.91 18.38
C ILE B 1007 32.75 -0.36 18.95
N SER B 1008 31.43 -0.22 19.22
CA SER B 1008 30.44 -1.26 19.55
C SER B 1008 29.42 -0.63 20.51
N PHE B 1009 28.19 -1.15 20.51
CA PHE B 1009 27.21 -0.82 21.54
C PHE B 1009 27.79 -1.20 22.93
N THR B 1010 27.57 -0.37 23.95
CA THR B 1010 28.00 -0.61 25.36
C THR B 1010 27.15 -1.70 26.02
N LEU B 1011 25.94 -1.93 25.48
CA LEU B 1011 25.09 -3.10 25.79
C LEU B 1011 25.44 -4.23 24.82
N PRO B 1012 26.19 -5.26 25.27
CA PRO B 1012 26.84 -6.18 24.33
C PRO B 1012 25.92 -6.90 23.32
N PHE B 1013 24.73 -7.36 23.76
CA PHE B 1013 23.90 -8.22 22.90
C PHE B 1013 23.36 -7.42 21.70
N LEU B 1014 23.41 -6.09 21.76
CA LEU B 1014 23.00 -5.24 20.61
C LEU B 1014 23.97 -5.36 19.43
N ASN B 1015 25.18 -5.89 19.67
CA ASN B 1015 26.18 -6.10 18.62
C ASN B 1015 25.85 -7.43 17.92
N GLN B 1016 24.70 -7.45 17.23
CA GLN B 1016 24.29 -8.52 16.38
C GLN B 1016 23.61 -7.92 15.15
N GLY B 1017 23.56 -8.68 14.07
CA GLY B 1017 22.90 -8.32 12.84
C GLY B 1017 22.60 -9.53 11.97
N GLY B 1018 21.59 -9.36 11.11
CA GLY B 1018 21.08 -10.37 10.23
C GLY B 1018 20.80 -9.84 8.84
N ALA B 1019 20.71 -10.79 7.91
CA ALA B 1019 20.49 -10.58 6.53
C ALA B 1019 19.66 -11.73 5.96
N LEU B 1020 19.03 -11.46 4.82
CA LEU B 1020 18.29 -12.42 4.10
C LEU B 1020 18.50 -12.17 2.63
N VAL B 1021 18.89 -13.23 1.91
CA VAL B 1021 19.21 -13.13 0.47
C VAL B 1021 18.37 -14.13 -0.28
N HIS B 1022 17.92 -13.71 -1.45
CA HIS B 1022 17.35 -14.55 -2.44
C HIS B 1022 18.07 -14.36 -3.76
N VAL B 1023 18.23 -15.48 -4.48
CA VAL B 1023 18.57 -15.47 -5.90
C VAL B 1023 17.39 -16.00 -6.70
N TYR B 1024 16.85 -15.16 -7.58
CA TYR B 1024 15.81 -15.54 -8.48
C TYR B 1024 16.42 -16.26 -9.68
N THR B 1025 15.55 -16.85 -10.48
CA THR B 1025 15.98 -17.83 -11.49
C THR B 1025 16.58 -17.13 -12.71
N ASP B 1026 16.43 -15.80 -12.82
CA ASP B 1026 17.17 -15.01 -13.84
C ASP B 1026 18.58 -14.65 -13.33
N GLY B 1027 18.98 -15.16 -12.16
CA GLY B 1027 20.26 -14.81 -11.56
C GLY B 1027 20.27 -13.49 -10.79
N SER B 1028 19.20 -12.68 -10.80
CA SER B 1028 19.20 -11.46 -10.02
C SER B 1028 19.07 -11.81 -8.52
N VAL B 1029 19.67 -10.98 -7.68
CA VAL B 1029 19.73 -11.19 -6.25
C VAL B 1029 19.01 -10.04 -5.53
N LEU B 1030 18.12 -10.38 -4.61
CA LEU B 1030 17.46 -9.44 -3.75
C LEU B 1030 17.97 -9.68 -2.34
N LEU B 1031 18.53 -8.64 -1.77
CA LEU B 1031 19.18 -8.69 -0.52
C LEU B 1031 18.47 -7.75 0.44
N THR B 1032 18.39 -8.16 1.68
CA THR B 1032 17.97 -7.22 2.71
C THR B 1032 18.75 -7.55 3.98
N HIS B 1033 18.86 -6.57 4.87
CA HIS B 1033 19.54 -6.71 6.12
C HIS B 1033 18.86 -5.78 7.11
N GLY B 1034 19.23 -5.85 8.38
CA GLY B 1034 18.58 -5.10 9.43
C GLY B 1034 18.85 -3.61 9.44
N GLY B 1035 19.96 -3.21 8.84
CA GLY B 1035 20.39 -1.84 8.77
C GLY B 1035 19.43 -0.96 7.98
N THR B 1036 19.33 0.31 8.40
CA THR B 1036 18.52 1.28 7.68
C THR B 1036 19.41 2.32 7.00
N GLU B 1037 18.99 2.77 5.81
CA GLU B 1037 19.62 3.86 5.08
C GLU B 1037 19.08 5.24 5.52
N MET B 1038 20.00 6.11 5.97
CA MET B 1038 19.70 7.44 6.38
C MET B 1038 20.65 8.46 5.75
N GLY B 1039 21.33 8.07 4.67
CA GLY B 1039 22.27 8.96 3.95
C GLY B 1039 23.72 8.48 4.03
N GLN B 1040 24.01 7.51 4.92
CA GLN B 1040 25.34 7.11 5.26
C GLN B 1040 25.87 6.10 4.24
N GLY B 1041 25.07 5.71 3.24
CA GLY B 1041 25.51 4.82 2.17
C GLY B 1041 25.68 3.36 2.62
N LEU B 1042 24.86 2.93 3.58
CA LEU B 1042 24.94 1.56 4.11
C LEU B 1042 24.54 0.53 3.03
N HIS B 1043 23.42 0.75 2.32
CA HIS B 1043 22.99 -0.22 1.29
C HIS B 1043 24.09 -0.32 0.24
N THR B 1044 24.67 0.83 -0.15
CA THR B 1044 25.77 0.86 -1.12
C THR B 1044 26.92 -0.04 -0.65
N LYS B 1045 27.35 0.10 0.60
CA LYS B 1045 28.41 -0.74 1.15
C LYS B 1045 28.01 -2.22 1.21
N MET B 1046 26.75 -2.51 1.53
CA MET B 1046 26.30 -3.91 1.64
C MET B 1046 26.22 -4.58 0.25
N VAL B 1047 25.87 -3.82 -0.80
CA VAL B 1047 25.87 -4.31 -2.14
C VAL B 1047 27.30 -4.56 -2.62
N GLN B 1048 28.23 -3.68 -2.24
CA GLN B 1048 29.64 -3.82 -2.57
C GLN B 1048 30.16 -5.11 -1.90
N VAL B 1049 29.85 -5.28 -0.62
CA VAL B 1049 30.24 -6.47 0.13
C VAL B 1049 29.65 -7.74 -0.51
N ALA B 1050 28.35 -7.73 -0.87
CA ALA B 1050 27.70 -8.92 -1.41
C ALA B 1050 28.31 -9.29 -2.75
N SER B 1051 28.58 -8.26 -3.57
CA SER B 1051 29.14 -8.44 -4.89
C SER B 1051 30.54 -9.08 -4.80
N ARG B 1052 31.34 -8.70 -3.81
CA ARG B 1052 32.62 -9.34 -3.63
C ARG B 1052 32.39 -10.78 -3.15
N ALA B 1053 31.55 -10.96 -2.13
CA ALA B 1053 31.28 -12.27 -1.54
C ALA B 1053 30.81 -13.27 -2.60
N LEU B 1054 29.91 -12.85 -3.49
CA LEU B 1054 29.31 -13.73 -4.48
C LEU B 1054 30.13 -13.84 -5.78
N LYS B 1055 31.04 -12.89 -6.01
CA LYS B 1055 31.82 -12.75 -7.24
C LYS B 1055 30.90 -12.53 -8.43
N ILE B 1056 30.01 -11.55 -8.27
CA ILE B 1056 29.13 -11.06 -9.36
C ILE B 1056 29.15 -9.54 -9.31
N PRO B 1057 28.81 -8.84 -10.43
CA PRO B 1057 28.73 -7.39 -10.46
C PRO B 1057 27.66 -6.88 -9.49
N THR B 1058 27.89 -5.67 -8.98
CA THR B 1058 26.92 -4.99 -8.15
C THR B 1058 25.59 -4.85 -8.89
N SER B 1059 25.63 -4.69 -10.21
CA SER B 1059 24.42 -4.46 -11.00
C SER B 1059 23.39 -5.60 -10.83
N LYS B 1060 23.80 -6.77 -10.38
CA LYS B 1060 22.90 -7.96 -10.28
C LYS B 1060 22.28 -8.07 -8.89
N ILE B 1061 22.69 -7.19 -7.98
CA ILE B 1061 22.23 -7.19 -6.60
C ILE B 1061 21.43 -5.90 -6.35
N HIS B 1062 20.27 -6.08 -5.73
CA HIS B 1062 19.40 -4.98 -5.32
C HIS B 1062 19.00 -5.08 -3.84
N ILE B 1063 19.04 -3.92 -3.17
CA ILE B 1063 18.39 -3.73 -1.87
C ILE B 1063 17.25 -2.75 -2.08
N SER B 1064 16.06 -3.15 -1.63
CA SER B 1064 14.89 -2.38 -1.79
C SER B 1064 14.49 -1.64 -0.50
N GLU B 1065 14.59 -2.30 0.66
CA GLU B 1065 14.12 -1.73 1.91
C GLU B 1065 14.60 -2.58 3.09
N THR B 1066 14.28 -2.11 4.30
CA THR B 1066 14.48 -2.77 5.54
C THR B 1066 13.08 -3.07 6.12
N SER B 1067 12.82 -4.31 6.56
CA SER B 1067 11.53 -4.64 7.14
C SER B 1067 11.65 -5.75 8.18
N THR B 1068 10.82 -5.62 9.22
CA THR B 1068 10.83 -6.51 10.34
C THR B 1068 10.37 -7.91 9.93
N ASN B 1069 9.73 -8.06 8.76
CA ASN B 1069 9.19 -9.36 8.36
C ASN B 1069 10.15 -10.08 7.40
N THR B 1070 11.31 -9.47 7.09
CA THR B 1070 12.39 -10.19 6.38
C THR B 1070 13.58 -10.43 7.32
N VAL B 1071 13.93 -9.47 8.17
CA VAL B 1071 14.91 -9.70 9.23
C VAL B 1071 14.39 -9.16 10.56
N PRO B 1072 14.16 -10.07 11.54
CA PRO B 1072 13.59 -9.72 12.82
C PRO B 1072 14.66 -9.36 13.85
N ASN B 1073 14.24 -8.72 14.94
CA ASN B 1073 15.03 -8.50 16.16
C ASN B 1073 16.35 -7.75 15.88
N THR B 1074 16.27 -6.74 15.01
CA THR B 1074 17.42 -5.96 14.60
C THR B 1074 17.70 -4.89 15.64
N SER B 1075 18.99 -4.65 15.80
CA SER B 1075 19.47 -3.57 16.55
C SER B 1075 19.22 -2.30 15.77
N PRO B 1076 19.14 -1.15 16.47
CA PRO B 1076 19.06 0.12 15.77
C PRO B 1076 20.27 0.31 14.86
N THR B 1077 20.07 1.07 13.78
CA THR B 1077 21.17 1.57 12.99
C THR B 1077 21.81 2.71 13.76
N ALA B 1078 22.91 2.39 14.45
CA ALA B 1078 23.55 3.28 15.44
C ALA B 1078 24.93 2.75 15.85
N ALA B 1079 25.58 3.49 16.76
CA ALA B 1079 26.89 3.14 17.29
C ALA B 1079 27.90 2.98 16.15
N SER B 1080 27.61 3.58 14.98
CA SER B 1080 28.49 3.56 13.82
C SER B 1080 28.71 2.14 13.31
N ALA B 1081 28.00 1.17 13.88
CA ALA B 1081 28.45 -0.24 13.78
C ALA B 1081 27.75 -0.97 12.64
N SER B 1082 26.83 -0.33 11.95
CA SER B 1082 25.86 -1.07 11.13
C SER B 1082 26.52 -1.73 9.90
N ALA B 1083 27.59 -1.16 9.35
CA ALA B 1083 28.19 -1.81 8.19
C ALA B 1083 28.98 -3.00 8.71
N ASP B 1084 29.58 -2.87 9.90
CA ASP B 1084 30.34 -3.97 10.49
C ASP B 1084 29.40 -5.20 10.70
N LEU B 1085 28.26 -4.97 11.36
CA LEU B 1085 27.34 -6.02 11.83
C LEU B 1085 26.64 -6.62 10.62
N ASN B 1086 26.03 -5.76 9.77
CA ASN B 1086 25.26 -6.24 8.67
C ASN B 1086 26.19 -6.77 7.56
N GLY B 1087 27.38 -6.19 7.37
CA GLY B 1087 28.35 -6.70 6.40
C GLY B 1087 28.69 -8.17 6.64
N GLN B 1088 28.94 -8.52 7.90
CA GLN B 1088 29.16 -9.92 8.32
C GLN B 1088 27.92 -10.79 8.00
N GLY B 1089 26.73 -10.33 8.44
CA GLY B 1089 25.41 -10.91 8.14
C GLY B 1089 25.31 -11.26 6.66
N VAL B 1090 25.56 -10.25 5.84
CA VAL B 1090 25.40 -10.35 4.42
C VAL B 1090 26.42 -11.36 3.87
N TYR B 1091 27.67 -11.20 4.30
CA TYR B 1091 28.77 -12.08 3.87
C TYR B 1091 28.40 -13.54 4.15
N GLU B 1092 27.93 -13.81 5.37
CA GLU B 1092 27.58 -15.19 5.73
C GLU B 1092 26.45 -15.73 4.85
N ALA B 1093 25.43 -14.91 4.57
CA ALA B 1093 24.32 -15.36 3.76
C ALA B 1093 24.83 -15.71 2.36
N CYS B 1094 25.79 -14.92 1.88
CA CYS B 1094 26.35 -15.10 0.56
C CYS B 1094 27.19 -16.37 0.53
N GLN B 1095 27.88 -16.68 1.64
CA GLN B 1095 28.70 -17.90 1.75
C GLN B 1095 27.79 -19.13 1.66
N THR B 1096 26.61 -19.07 2.29
CA THR B 1096 25.69 -20.18 2.23
C THR B 1096 25.26 -20.42 0.76
N ILE B 1097 24.84 -19.36 0.06
CA ILE B 1097 24.47 -19.47 -1.35
C ILE B 1097 25.63 -20.06 -2.19
N LEU B 1098 26.86 -19.55 -2.01
CA LEU B 1098 28.04 -20.10 -2.74
C LEU B 1098 28.18 -21.61 -2.45
N LYS B 1099 28.11 -22.01 -1.17
CA LYS B 1099 28.26 -23.41 -0.79
C LYS B 1099 27.27 -24.26 -1.59
N ARG B 1100 26.04 -23.77 -1.73
CA ARG B 1100 25.03 -24.49 -2.44
C ARG B 1100 25.28 -24.52 -3.95
N LEU B 1101 25.90 -23.49 -4.52
CA LEU B 1101 26.12 -23.46 -5.94
C LEU B 1101 27.41 -24.23 -6.32
N GLU B 1102 28.27 -24.58 -5.37
CA GLU B 1102 29.61 -25.04 -5.77
C GLU B 1102 29.56 -26.35 -6.58
N PRO B 1103 28.69 -27.35 -6.37
CA PRO B 1103 28.67 -28.50 -7.28
C PRO B 1103 28.39 -28.08 -8.74
N PHE B 1104 27.56 -27.05 -8.93
CA PHE B 1104 27.14 -26.62 -10.28
C PHE B 1104 28.26 -25.83 -10.96
N LYS B 1105 29.04 -25.08 -10.16
CA LYS B 1105 30.25 -24.37 -10.54
C LYS B 1105 31.33 -25.39 -10.94
N LYS B 1106 31.50 -26.45 -10.14
CA LYS B 1106 32.48 -27.51 -10.45
C LYS B 1106 32.21 -28.11 -11.84
N LYS B 1107 30.96 -28.48 -12.14
CA LYS B 1107 30.60 -29.12 -13.41
C LYS B 1107 30.49 -28.12 -14.56
N LYS B 1108 30.60 -26.82 -14.31
CA LYS B 1108 30.53 -25.83 -15.40
C LYS B 1108 31.41 -24.63 -15.04
N PRO B 1109 32.75 -24.77 -15.02
CA PRO B 1109 33.60 -23.82 -14.28
C PRO B 1109 33.65 -22.46 -14.97
N THR B 1110 33.29 -22.38 -16.25
CA THR B 1110 33.32 -21.11 -16.99
C THR B 1110 31.88 -20.62 -17.27
N GLY B 1111 30.92 -21.56 -17.43
CA GLY B 1111 29.49 -21.24 -17.74
C GLY B 1111 29.05 -20.12 -16.84
N PRO B 1112 28.18 -19.18 -17.27
CA PRO B 1112 27.91 -17.98 -16.47
C PRO B 1112 27.13 -18.27 -15.18
N TRP B 1113 27.11 -17.27 -14.29
CA TRP B 1113 26.36 -17.25 -13.06
C TRP B 1113 24.94 -17.78 -13.27
N GLU B 1114 24.27 -17.31 -14.31
CA GLU B 1114 22.91 -17.58 -14.68
C GLU B 1114 22.68 -19.08 -14.88
N ALA B 1115 23.66 -19.79 -15.46
CA ALA B 1115 23.53 -21.19 -15.74
C ALA B 1115 23.63 -21.97 -14.44
N TRP B 1116 24.56 -21.60 -13.56
CA TRP B 1116 24.65 -22.22 -12.26
C TRP B 1116 23.34 -22.10 -11.47
N VAL B 1117 22.73 -20.93 -11.53
CA VAL B 1117 21.53 -20.64 -10.74
C VAL B 1117 20.33 -21.46 -11.25
N MET B 1118 20.13 -21.43 -12.57
CA MET B 1118 19.09 -22.17 -13.20
C MET B 1118 19.33 -23.68 -13.01
N ASP B 1119 20.58 -24.14 -13.01
CA ASP B 1119 20.87 -25.54 -12.75
C ASP B 1119 20.50 -25.86 -11.31
N ALA B 1120 20.84 -24.98 -10.37
CA ALA B 1120 20.52 -25.25 -8.98
C ALA B 1120 18.99 -25.36 -8.80
N TYR B 1121 18.24 -24.47 -9.46
CA TYR B 1121 16.80 -24.37 -9.29
C TYR B 1121 16.16 -25.64 -9.84
N THR B 1122 16.56 -26.05 -11.06
CA THR B 1122 15.99 -27.25 -11.70
C THR B 1122 16.49 -28.54 -11.01
N SER B 1123 17.46 -28.44 -10.08
CA SER B 1123 17.88 -29.55 -9.23
C SER B 1123 17.24 -29.43 -7.85
N ALA B 1124 16.33 -28.46 -7.69
CA ALA B 1124 15.61 -28.26 -6.46
C ALA B 1124 16.57 -28.05 -5.29
N VAL B 1125 17.45 -27.05 -5.51
CA VAL B 1125 18.35 -26.51 -4.51
C VAL B 1125 17.82 -25.13 -4.06
N SER B 1126 17.74 -24.93 -2.75
CA SER B 1126 17.28 -23.66 -2.16
C SER B 1126 18.26 -22.53 -2.53
N LEU B 1127 17.70 -21.44 -3.05
CA LEU B 1127 18.38 -20.23 -3.42
C LEU B 1127 17.99 -19.06 -2.49
N SER B 1128 17.69 -19.37 -1.22
CA SER B 1128 17.43 -18.37 -0.20
C SER B 1128 18.19 -18.75 1.07
N ALA B 1129 18.72 -17.77 1.77
CA ALA B 1129 19.47 -18.04 2.98
C ALA B 1129 19.43 -16.83 3.90
N THR B 1130 19.48 -17.11 5.22
CA THR B 1130 19.72 -16.12 6.19
C THR B 1130 21.23 -16.04 6.43
N GLY B 1131 21.63 -14.92 7.05
CA GLY B 1131 22.97 -14.69 7.54
C GLY B 1131 22.88 -13.93 8.85
N PHE B 1132 23.83 -14.22 9.75
CA PHE B 1132 23.81 -13.63 11.07
C PHE B 1132 25.23 -13.41 11.57
N TYR B 1133 25.41 -12.42 12.46
CA TYR B 1133 26.69 -12.19 13.08
C TYR B 1133 26.48 -11.55 14.45
N LYS B 1134 27.32 -11.98 15.42
CA LYS B 1134 27.40 -11.34 16.71
C LYS B 1134 28.87 -10.95 16.93
N THR B 1135 29.12 -9.74 17.44
CA THR B 1135 30.47 -9.35 17.74
C THR B 1135 30.95 -10.14 18.95
N PRO B 1136 32.08 -10.89 18.87
CA PRO B 1136 32.48 -11.75 19.98
C PRO B 1136 33.27 -11.02 21.09
N ASN B 1137 33.19 -11.55 22.29
CA ASN B 1137 34.15 -11.29 23.36
C ASN B 1137 33.93 -9.91 23.99
N LEU B 1138 32.71 -9.37 23.94
CA LEU B 1138 32.46 -8.08 24.60
C LEU B 1138 31.78 -8.31 25.94
N GLY B 1139 32.06 -7.41 26.89
CA GLY B 1139 31.22 -7.22 28.07
C GLY B 1139 32.03 -6.63 29.20
N TYR B 1140 31.83 -5.34 29.46
CA TYR B 1140 32.55 -4.62 30.49
C TYR B 1140 31.74 -4.70 31.78
N SER B 1141 32.44 -4.77 32.93
CA SER B 1141 31.77 -4.63 34.20
C SER B 1141 32.26 -3.34 34.88
N PHE B 1142 31.32 -2.50 35.32
CA PHE B 1142 31.64 -1.30 36.14
C PHE B 1142 32.11 -1.71 37.54
N GLU B 1143 31.55 -2.82 38.04
CA GLU B 1143 31.94 -3.44 39.32
C GLU B 1143 33.44 -3.76 39.36
N THR B 1144 33.98 -4.52 38.39
CA THR B 1144 35.39 -4.99 38.48
C THR B 1144 36.33 -4.20 37.56
N ASN B 1145 35.80 -3.25 36.79
CA ASN B 1145 36.66 -2.48 35.85
C ASN B 1145 37.45 -3.46 34.96
N SER B 1146 36.74 -4.45 34.38
CA SER B 1146 37.34 -5.46 33.55
C SER B 1146 36.32 -5.82 32.46
N GLY B 1147 36.79 -6.56 31.44
CA GLY B 1147 36.01 -6.90 30.29
C GLY B 1147 36.11 -5.77 29.27
N ASN B 1148 36.10 -6.14 27.99
CA ASN B 1148 36.22 -5.21 26.86
C ASN B 1148 34.85 -4.64 26.46
N PRO B 1149 34.57 -3.34 26.61
CA PRO B 1149 33.33 -2.80 26.03
C PRO B 1149 33.35 -2.73 24.49
N PHE B 1150 34.53 -2.54 23.89
CA PHE B 1150 34.62 -2.28 22.44
C PHE B 1150 35.37 -3.41 21.73
N HIS B 1151 35.05 -3.55 20.43
CA HIS B 1151 35.67 -4.53 19.55
C HIS B 1151 37.04 -3.99 19.06
N TYR B 1152 37.09 -2.69 18.83
CA TYR B 1152 38.28 -1.98 18.41
C TYR B 1152 38.03 -0.47 18.57
N PHE B 1153 38.99 0.35 18.21
CA PHE B 1153 38.85 1.79 18.29
C PHE B 1153 39.10 2.42 16.93
N SER B 1154 38.36 3.49 16.66
CA SER B 1154 38.65 4.43 15.58
C SER B 1154 39.62 5.49 16.11
N TYR B 1155 40.48 5.97 15.23
CA TYR B 1155 41.51 6.96 15.52
C TYR B 1155 41.50 8.05 14.45
N GLY B 1156 41.74 9.29 14.88
CA GLY B 1156 41.89 10.38 13.90
C GLY B 1156 42.49 11.60 14.54
N VAL B 1157 42.88 12.56 13.71
CA VAL B 1157 43.49 13.79 14.12
C VAL B 1157 43.07 14.89 13.15
N ALA B 1158 42.79 16.07 13.73
CA ALA B 1158 42.49 17.24 12.89
C ALA B 1158 43.25 18.46 13.42
N CYS B 1159 43.68 19.28 12.47
CA CYS B 1159 44.34 20.57 12.67
C CYS B 1159 43.50 21.64 12.00
N SER B 1160 43.05 22.63 12.78
CA SER B 1160 42.19 23.70 12.29
C SER B 1160 42.81 25.05 12.66
N GLU B 1161 42.66 25.97 11.71
CA GLU B 1161 43.01 27.36 11.81
C GLU B 1161 41.77 28.24 11.66
N VAL B 1162 41.63 29.22 12.55
CA VAL B 1162 40.55 30.21 12.50
C VAL B 1162 41.14 31.63 12.50
N GLU B 1163 40.34 32.59 12.00
CA GLU B 1163 40.54 34.02 12.25
C GLU B 1163 39.30 34.60 12.91
N ILE B 1164 39.45 35.16 14.12
CA ILE B 1164 38.34 35.77 14.84
C ILE B 1164 38.37 37.28 14.62
N ASP B 1165 37.17 37.88 14.63
CA ASP B 1165 36.99 39.29 14.69
C ASP B 1165 36.74 39.65 16.15
N CYS B 1166 37.74 40.25 16.78
CA CYS B 1166 37.76 40.52 18.16
C CYS B 1166 36.70 41.55 18.53
N LEU B 1167 36.22 42.32 17.56
CA LEU B 1167 35.26 43.40 17.80
C LEU B 1167 33.82 42.90 17.67
N THR B 1168 33.57 41.80 16.96
CA THR B 1168 32.19 41.31 16.76
C THR B 1168 31.94 39.90 17.31
N GLY B 1169 33.00 39.09 17.51
CA GLY B 1169 32.89 37.67 17.91
C GLY B 1169 32.67 36.72 16.73
N ASP B 1170 32.49 37.24 15.52
CA ASP B 1170 32.43 36.43 14.28
C ASP B 1170 33.81 35.80 14.04
N HIS B 1171 33.87 34.73 13.26
CA HIS B 1171 35.16 34.18 12.85
C HIS B 1171 35.04 33.47 11.49
N LYS B 1172 36.19 33.25 10.84
CA LYS B 1172 36.27 32.40 9.69
C LYS B 1172 37.05 31.13 10.05
N ASN B 1173 36.62 29.98 9.50
CA ASN B 1173 37.34 28.73 9.54
C ASN B 1173 38.20 28.69 8.28
N LEU B 1174 39.51 28.90 8.45
CA LEU B 1174 40.39 29.16 7.30
C LEU B 1174 40.82 27.83 6.67
N ARG B 1175 41.14 26.86 7.52
CA ARG B 1175 41.71 25.66 7.05
C ARG B 1175 41.60 24.56 8.11
N THR B 1176 41.29 23.36 7.63
CA THR B 1176 41.21 22.18 8.45
C THR B 1176 41.84 21.03 7.68
N ASP B 1177 42.68 20.27 8.37
CA ASP B 1177 43.33 19.08 7.80
C ASP B 1177 42.99 17.91 8.73
N ILE B 1178 42.47 16.84 8.16
CA ILE B 1178 42.07 15.66 8.92
C ILE B 1178 42.81 14.44 8.36
N VAL B 1179 43.31 13.61 9.28
CA VAL B 1179 43.81 12.31 8.90
C VAL B 1179 43.03 11.30 9.76
N MET B 1180 42.37 10.35 9.09
CA MET B 1180 41.40 9.44 9.71
C MET B 1180 41.73 8.00 9.34
N ASP B 1181 41.82 7.16 10.36
CA ASP B 1181 41.91 5.72 10.25
C ASP B 1181 40.50 5.14 10.10
N VAL B 1182 40.15 4.69 8.88
CA VAL B 1182 38.92 3.95 8.62
C VAL B 1182 39.28 2.54 8.13
N GLY B 1183 40.42 2.02 8.60
CA GLY B 1183 40.90 0.73 8.16
C GLY B 1183 41.01 0.72 6.65
N SER B 1184 40.79 -0.44 6.03
CA SER B 1184 40.70 -0.51 4.59
C SER B 1184 39.25 -0.18 4.25
N SER B 1185 39.02 1.09 3.90
CA SER B 1185 37.70 1.61 3.63
C SER B 1185 36.96 0.67 2.68
N LEU B 1186 35.70 0.38 2.99
CA LEU B 1186 34.79 -0.29 2.04
C LEU B 1186 34.50 0.63 0.84
N ASN B 1187 34.51 1.94 1.08
CA ASN B 1187 34.08 2.91 0.09
C ASN B 1187 34.64 4.27 0.48
N PRO B 1188 35.80 4.64 -0.08
CA PRO B 1188 36.47 5.89 0.30
C PRO B 1188 35.68 7.18 0.01
N ALA B 1189 34.82 7.14 -1.00
CA ALA B 1189 33.96 8.25 -1.34
C ALA B 1189 32.95 8.46 -0.19
N ILE B 1190 32.33 7.36 0.26
CA ILE B 1190 31.35 7.42 1.29
C ILE B 1190 32.02 7.78 2.60
N ASP B 1191 33.15 7.14 2.88
CA ASP B 1191 33.88 7.38 4.12
C ASP B 1191 34.40 8.82 4.22
N ILE B 1192 34.91 9.38 3.13
CA ILE B 1192 35.33 10.80 3.14
C ILE B 1192 34.10 11.68 3.39
N GLY B 1193 32.99 11.39 2.70
CA GLY B 1193 31.68 12.01 2.96
C GLY B 1193 31.29 11.97 4.44
N GLN B 1194 31.46 10.82 5.10
CA GLN B 1194 31.11 10.67 6.51
C GLN B 1194 32.05 11.48 7.39
N VAL B 1195 33.36 11.47 7.05
CA VAL B 1195 34.31 12.32 7.79
C VAL B 1195 33.89 13.80 7.72
N GLU B 1196 33.62 14.29 6.52
CA GLU B 1196 33.32 15.70 6.33
C GLU B 1196 31.99 16.08 6.99
N GLY B 1197 30.98 15.22 6.81
CA GLY B 1197 29.66 15.43 7.39
C GLY B 1197 29.71 15.42 8.90
N ALA B 1198 30.35 14.40 9.46
CA ALA B 1198 30.48 14.30 10.94
C ALA B 1198 31.23 15.53 11.50
N PHE B 1199 32.35 15.86 10.86
CA PHE B 1199 33.16 17.04 11.23
C PHE B 1199 32.28 18.30 11.26
N VAL B 1200 31.50 18.52 10.20
CA VAL B 1200 30.72 19.74 10.10
C VAL B 1200 29.59 19.78 11.14
N GLN B 1201 29.05 18.61 11.53
CA GLN B 1201 28.08 18.60 12.60
C GLN B 1201 28.77 18.97 13.92
N GLY B 1202 29.98 18.49 14.12
CA GLY B 1202 30.80 18.85 15.30
C GLY B 1202 31.09 20.36 15.33
N LEU B 1203 31.37 20.91 14.17
CA LEU B 1203 31.62 22.38 13.99
C LEU B 1203 30.39 23.16 14.47
N GLY B 1204 29.19 22.65 14.15
CA GLY B 1204 27.93 23.27 14.66
C GLY B 1204 27.81 23.16 16.16
N LEU B 1205 27.99 21.95 16.69
CA LEU B 1205 27.89 21.69 18.12
C LEU B 1205 28.75 22.63 18.95
N PHE B 1206 30.00 22.77 18.53
CA PHE B 1206 31.01 23.50 19.29
C PHE B 1206 31.04 25.02 18.97
N THR B 1207 30.41 25.49 17.89
CA THR B 1207 30.56 26.94 17.55
C THR B 1207 29.26 27.71 17.25
N MET B 1208 28.24 27.06 16.69
CA MET B 1208 27.13 27.77 16.09
C MET B 1208 25.80 27.41 16.75
N GLU B 1209 25.59 26.14 17.08
CA GLU B 1209 24.26 25.63 17.41
C GLU B 1209 23.97 25.84 18.89
N GLU B 1210 22.91 26.61 19.15
CA GLU B 1210 22.51 26.96 20.47
C GLU B 1210 20.98 26.83 20.61
N LEU B 1211 20.55 25.95 21.50
CA LEU B 1211 19.16 25.86 21.85
C LEU B 1211 18.93 26.80 23.02
N HIS B 1212 17.77 27.47 23.07
CA HIS B 1212 17.41 28.36 24.19
C HIS B 1212 15.99 28.03 24.67
N TYR B 1213 15.80 28.11 25.99
CA TYR B 1213 14.60 27.75 26.73
C TYR B 1213 14.22 28.95 27.62
N SER B 1214 12.92 29.16 27.80
CA SER B 1214 12.40 30.12 28.73
C SER B 1214 12.78 29.65 30.13
N PRO B 1215 12.67 30.53 31.15
CA PRO B 1215 12.92 30.11 32.53
C PRO B 1215 11.98 28.98 32.99
N GLU B 1216 10.80 28.89 32.38
CA GLU B 1216 9.83 27.87 32.74
C GLU B 1216 9.96 26.63 31.81
N GLY B 1217 11.05 26.47 31.07
CA GLY B 1217 11.39 25.21 30.37
C GLY B 1217 10.78 25.05 28.98
N SER B 1218 10.28 26.15 28.39
CA SER B 1218 9.75 26.11 27.02
C SER B 1218 10.88 26.34 26.02
N LEU B 1219 11.10 25.37 25.12
CA LEU B 1219 12.04 25.57 24.03
C LEU B 1219 11.54 26.73 23.18
N HIS B 1220 12.43 27.69 22.92
CA HIS B 1220 12.12 28.89 22.10
C HIS B 1220 12.72 28.77 20.71
N THR B 1221 13.78 27.98 20.54
CA THR B 1221 14.48 27.91 19.24
C THR B 1221 13.95 26.64 18.54
N ARG B 1222 13.13 26.84 17.51
CA ARG B 1222 12.26 25.81 16.97
C ARG B 1222 12.27 25.77 15.44
N GLY B 1223 13.23 26.46 14.83
CA GLY B 1223 13.38 26.45 13.38
C GLY B 1223 14.70 27.10 12.96
N PRO B 1224 15.05 27.01 11.68
CA PRO B 1224 16.33 27.53 11.20
C PRO B 1224 16.49 29.04 11.35
N SER B 1225 15.40 29.80 11.59
CA SER B 1225 15.48 31.23 11.84
C SER B 1225 16.30 31.48 13.12
N THR B 1226 16.11 30.64 14.14
CA THR B 1226 16.71 30.86 15.47
C THR B 1226 17.75 29.79 15.85
N TYR B 1227 17.85 28.72 15.07
CA TYR B 1227 18.76 27.68 15.35
C TYR B 1227 19.64 27.47 14.13
N LYS B 1228 20.93 27.82 14.25
CA LYS B 1228 21.81 27.99 13.10
C LYS B 1228 22.71 26.76 12.93
N ILE B 1229 22.35 25.88 12.00
CA ILE B 1229 23.24 24.80 11.69
C ILE B 1229 24.24 25.34 10.68
N PRO B 1230 25.36 24.64 10.42
CA PRO B 1230 26.33 25.10 9.44
C PRO B 1230 25.69 25.26 8.05
N ALA B 1231 26.05 26.39 7.44
CA ALA B 1231 25.65 26.76 6.09
C ALA B 1231 26.80 26.41 5.13
N PHE B 1232 26.55 26.52 3.82
CA PHE B 1232 27.58 26.36 2.80
C PHE B 1232 28.82 27.20 3.12
N GLY B 1233 28.60 28.46 3.58
CA GLY B 1233 29.66 29.44 3.87
C GLY B 1233 30.36 29.21 5.21
N SER B 1234 29.94 28.18 5.96
CA SER B 1234 30.46 27.97 7.32
C SER B 1234 31.73 27.09 7.30
N ILE B 1235 31.91 26.34 6.22
CA ILE B 1235 32.85 25.26 6.25
C ILE B 1235 34.27 25.81 6.10
N PRO B 1236 35.28 25.02 6.50
CA PRO B 1236 36.68 25.45 6.33
C PRO B 1236 36.95 25.74 4.86
N ILE B 1237 37.58 26.90 4.62
CA ILE B 1237 37.81 27.43 3.30
C ILE B 1237 38.75 26.49 2.57
N GLU B 1238 39.79 26.02 3.24
CA GLU B 1238 40.57 24.93 2.71
C GLU B 1238 40.30 23.71 3.57
N PHE B 1239 39.86 22.64 2.95
CA PHE B 1239 39.30 21.49 3.67
C PHE B 1239 39.99 20.25 3.09
N ARG B 1240 40.82 19.61 3.90
CA ARG B 1240 41.63 18.52 3.43
C ARG B 1240 41.36 17.30 4.30
N VAL B 1241 41.09 16.18 3.65
CA VAL B 1241 40.84 14.97 4.37
C VAL B 1241 41.73 13.89 3.75
N SER B 1242 42.37 13.10 4.61
CA SER B 1242 43.16 11.93 4.17
C SER B 1242 42.71 10.72 4.95
N LEU B 1243 42.43 9.62 4.24
CA LEU B 1243 42.21 8.35 4.87
C LEU B 1243 43.56 7.67 5.07
N LEU B 1244 43.84 7.19 6.28
CA LEU B 1244 45.10 6.54 6.60
C LEU B 1244 45.30 5.33 5.67
N ARG B 1245 46.52 5.24 5.11
CA ARG B 1245 46.98 4.13 4.21
C ARG B 1245 47.49 2.93 5.03
N ASP B 1246 47.33 1.73 4.47
CA ASP B 1246 47.93 0.48 4.98
C ASP B 1246 47.60 0.30 6.47
N CYS B 1247 46.32 0.22 6.80
CA CYS B 1247 45.94 -0.03 8.14
C CYS B 1247 44.73 -0.96 8.19
N PRO B 1248 44.84 -2.19 7.63
CA PRO B 1248 43.74 -3.15 7.70
C PRO B 1248 43.38 -3.47 9.15
N ASN B 1249 42.07 -3.54 9.41
CA ASN B 1249 41.50 -3.92 10.67
C ASN B 1249 40.75 -5.24 10.48
N LYS B 1250 41.48 -6.36 10.58
CA LYS B 1250 41.07 -7.76 10.25
C LYS B 1250 39.71 -8.18 10.85
N ARG B 1251 39.42 -7.69 12.05
CA ARG B 1251 38.30 -8.11 12.87
C ARG B 1251 36.96 -7.41 12.48
N ALA B 1252 36.98 -6.54 11.46
CA ALA B 1252 35.72 -6.09 10.86
C ALA B 1252 35.73 -6.47 9.41
N ILE B 1253 34.55 -6.40 8.80
CA ILE B 1253 34.31 -6.85 7.45
C ILE B 1253 35.33 -6.26 6.46
N TYR B 1254 35.99 -7.18 5.74
CA TYR B 1254 37.00 -6.90 4.71
C TYR B 1254 37.97 -5.82 5.18
N ALA B 1255 38.27 -5.85 6.49
CA ALA B 1255 39.35 -5.10 7.14
C ALA B 1255 39.01 -3.61 7.28
N SER B 1256 37.72 -3.26 7.22
CA SER B 1256 37.26 -1.89 7.35
C SER B 1256 37.19 -1.50 8.83
N LYS B 1257 36.99 -0.21 9.02
CA LYS B 1257 36.53 0.29 10.28
C LYS B 1257 35.29 1.14 10.06
N ALA B 1258 34.45 1.18 11.10
CA ALA B 1258 33.34 2.10 11.24
C ALA B 1258 33.83 3.56 11.14
N VAL B 1259 32.97 4.43 10.62
CA VAL B 1259 33.35 5.82 10.28
C VAL B 1259 32.36 6.87 10.81
N GLY B 1260 31.12 6.49 11.13
CA GLY B 1260 30.01 7.45 11.35
C GLY B 1260 30.29 8.54 12.38
N GLU B 1261 30.60 8.11 13.60
CA GLU B 1261 30.64 8.99 14.76
C GLU B 1261 32.05 9.53 15.06
N PRO B 1262 33.13 8.74 14.93
CA PRO B 1262 34.44 9.17 15.40
C PRO B 1262 34.92 10.53 14.91
N PRO B 1263 34.69 10.95 13.66
CA PRO B 1263 35.22 12.23 13.21
C PRO B 1263 34.57 13.46 13.87
N LEU B 1264 33.36 13.31 14.46
CA LEU B 1264 32.61 14.48 14.90
C LEU B 1264 33.42 15.33 15.89
N PHE B 1265 33.95 14.67 16.91
CA PHE B 1265 34.71 15.33 17.97
C PHE B 1265 35.91 16.11 17.41
N LEU B 1266 36.46 15.72 16.25
CA LEU B 1266 37.65 16.37 15.72
C LEU B 1266 37.39 17.86 15.38
N ALA B 1267 36.12 18.31 15.34
CA ALA B 1267 35.81 19.73 15.10
C ALA B 1267 36.10 20.58 16.34
N SER B 1268 36.35 19.89 17.46
CA SER B 1268 37.05 20.32 18.67
C SER B 1268 38.17 21.31 18.30
N SER B 1269 38.89 20.93 17.27
CA SER B 1269 40.07 21.63 16.82
C SER B 1269 39.72 23.09 16.45
N ILE B 1270 38.49 23.34 15.98
CA ILE B 1270 38.05 24.71 15.69
C ILE B 1270 37.76 25.43 17.00
N PHE B 1271 37.13 24.73 17.96
CA PHE B 1271 36.87 25.31 19.27
C PHE B 1271 38.19 25.72 19.92
N PHE B 1272 39.25 24.89 19.86
CA PHE B 1272 40.48 25.20 20.61
C PHE B 1272 41.34 26.19 19.83
N ALA B 1273 41.20 26.25 18.51
CA ALA B 1273 41.81 27.28 17.71
C ALA B 1273 41.19 28.64 18.08
N ILE B 1274 39.86 28.67 18.27
CA ILE B 1274 39.17 29.84 18.66
C ILE B 1274 39.69 30.27 20.04
N LYS B 1275 39.83 29.32 20.97
CA LYS B 1275 40.29 29.64 22.29
C LYS B 1275 41.70 30.26 22.23
N ASP B 1276 42.59 29.74 21.38
CA ASP B 1276 43.93 30.30 21.21
C ASP B 1276 43.87 31.73 20.63
N ALA B 1277 43.00 31.95 19.65
CA ALA B 1277 42.81 33.32 19.11
C ALA B 1277 42.34 34.28 20.20
N ILE B 1278 41.41 33.82 21.04
CA ILE B 1278 40.91 34.63 22.11
C ILE B 1278 42.05 34.97 23.09
N ARG B 1279 42.88 33.99 23.43
CA ARG B 1279 44.00 34.20 24.30
C ARG B 1279 44.88 35.32 23.75
N ALA B 1280 45.22 35.24 22.46
CA ALA B 1280 46.03 36.26 21.77
C ALA B 1280 45.32 37.62 21.84
N ALA B 1281 43.98 37.65 21.76
CA ALA B 1281 43.24 38.92 21.82
C ALA B 1281 43.35 39.49 23.23
N ARG B 1282 43.28 38.62 24.25
CA ARG B 1282 43.31 39.07 25.61
C ARG B 1282 44.73 39.60 25.93
N ALA B 1283 45.77 38.96 25.40
CA ALA B 1283 47.15 39.39 25.70
C ALA B 1283 47.41 40.77 25.08
N GLN B 1284 46.74 41.07 23.96
CA GLN B 1284 46.79 42.37 23.28
C GLN B 1284 46.31 43.46 24.25
N HIS B 1285 45.34 43.15 25.13
CA HIS B 1285 44.78 44.11 26.18
C HIS B 1285 45.00 43.58 27.61
N GLN B 1291 44.50 34.60 32.79
CA GLN B 1291 45.31 33.53 32.10
C GLN B 1291 44.39 32.33 31.78
N LEU B 1292 43.79 31.64 32.76
CA LEU B 1292 42.84 30.53 32.40
C LEU B 1292 41.38 31.00 32.31
N PHE B 1293 41.02 31.68 31.23
CA PHE B 1293 39.66 32.28 31.11
C PHE B 1293 38.63 31.21 30.70
N GLN B 1294 37.36 31.48 30.98
CA GLN B 1294 36.29 30.58 30.68
C GLN B 1294 35.87 30.68 29.17
N LEU B 1295 35.81 29.51 28.51
CA LEU B 1295 35.04 29.37 27.28
C LEU B 1295 34.17 28.10 27.30
N ASP B 1296 32.86 28.30 27.51
CA ASP B 1296 31.84 27.24 27.44
C ASP B 1296 31.56 26.89 25.97
N SER B 1297 30.92 25.75 25.78
CA SER B 1297 30.49 25.28 24.49
C SER B 1297 28.98 25.42 24.40
N PRO B 1298 28.47 25.94 23.27
CA PRO B 1298 29.19 26.31 22.07
C PRO B 1298 29.86 27.69 22.15
N ALA B 1299 30.99 27.82 21.50
CA ALA B 1299 31.74 29.11 21.44
C ALA B 1299 31.10 29.98 20.35
N THR B 1300 30.00 30.64 20.71
CA THR B 1300 29.20 31.44 19.80
C THR B 1300 29.84 32.83 19.67
N PRO B 1301 29.38 33.69 18.71
CA PRO B 1301 29.83 35.08 18.68
C PRO B 1301 29.71 35.77 20.05
N GLU B 1302 28.64 35.50 20.79
CA GLU B 1302 28.44 36.08 22.09
C GLU B 1302 29.61 35.73 23.02
N LYS B 1303 29.93 34.43 23.13
CA LYS B 1303 30.94 33.95 24.08
C LYS B 1303 32.34 34.41 23.62
N ILE B 1304 32.56 34.41 22.30
CA ILE B 1304 33.87 34.85 21.77
C ILE B 1304 34.07 36.34 22.06
N ARG B 1305 33.09 37.18 21.70
CA ARG B 1305 33.23 38.62 21.89
C ARG B 1305 33.38 38.97 23.38
N ASN B 1306 32.59 38.32 24.24
CA ASN B 1306 32.58 38.68 25.65
C ASN B 1306 33.95 38.38 26.27
N ALA B 1307 34.66 37.37 25.74
CA ALA B 1307 35.90 36.89 26.29
C ALA B 1307 37.08 37.74 25.79
N CYS B 1308 36.90 38.46 24.67
CA CYS B 1308 37.89 39.40 24.14
C CYS B 1308 37.77 40.74 24.88
N VAL B 1309 38.15 40.72 26.16
CA VAL B 1309 38.01 41.83 27.03
C VAL B 1309 38.87 42.98 26.54
N ASP B 1310 38.29 44.18 26.57
CA ASP B 1310 38.96 45.36 26.01
C ASP B 1310 38.33 46.62 26.62
N GLN B 1311 38.62 47.78 26.04
CA GLN B 1311 38.05 49.04 26.57
C GLN B 1311 36.53 49.07 26.36
N PHE B 1312 35.99 48.36 25.35
CA PHE B 1312 34.56 48.37 25.07
C PHE B 1312 33.80 47.48 26.07
N THR B 1313 34.26 46.23 26.24
CA THR B 1313 33.63 45.32 27.22
C THR B 1313 33.70 45.94 28.63
N THR B 1314 34.84 46.58 28.95
CA THR B 1314 35.04 47.13 30.30
C THR B 1314 34.06 48.29 30.55
N LEU B 1315 34.01 49.26 29.65
CA LEU B 1315 33.06 50.38 29.80
C LEU B 1315 31.62 49.86 29.91
N CYS B 1316 31.28 48.86 29.10
CA CYS B 1316 29.93 48.31 29.02
C CYS B 1316 29.48 47.57 30.31
N VAL B 1317 30.35 46.73 30.87
CA VAL B 1317 30.04 45.82 32.03
C VAL B 1317 30.17 46.60 33.35
N THR B 1318 31.34 47.16 33.59
CA THR B 1318 31.53 48.32 34.47
C THR B 1318 31.08 49.44 33.52
N GLY B 1319 30.67 50.64 33.91
CA GLY B 1319 31.31 51.54 34.84
C GLY B 1319 32.33 52.39 34.05
N VAL B 1320 33.57 51.89 33.86
CA VAL B 1320 34.80 52.66 33.50
C VAL B 1320 34.43 53.96 32.77
FE1 FES C . -15.46 -20.39 -1.72
FE2 FES C . -18.05 -20.53 -0.94
S1 FES C . -16.23 -20.97 0.33
S2 FES C . -17.30 -19.88 -2.97
FE1 FES D . -24.83 -9.88 -7.38
FE2 FES D . -23.63 -12.20 -8.25
S1 FES D . -25.78 -11.86 -7.68
S2 FES D . -22.66 -10.21 -7.78
CA CA E . -3.56 -24.48 -23.61
PA FAD F . -37.55 -4.23 -14.47
O1A FAD F . -36.24 -4.81 -14.84
O2A FAD F . -37.65 -3.13 -13.46
O5B FAD F . -38.44 -3.92 -15.81
C5B FAD F . -38.42 -4.88 -16.90
C4B FAD F . -39.34 -4.45 -18.07
O4B FAD F . -40.70 -4.29 -17.75
C3B FAD F . -38.97 -3.08 -18.57
O3B FAD F . -39.19 -3.07 -19.96
C2B FAD F . -39.86 -2.11 -17.90
O2B FAD F . -39.92 -0.86 -18.64
C1B FAD F . -41.11 -2.93 -17.92
N9A FAD F . -42.15 -2.66 -16.88
C8A FAD F . -42.06 -2.95 -15.59
N7A FAD F . -43.21 -2.63 -14.97
C5A FAD F . -44.08 -2.20 -15.89
C6A FAD F . -45.48 -1.74 -15.89
N6A FAD F . -46.24 -1.66 -14.77
N1A FAD F . -46.00 -1.36 -17.07
C2A FAD F . -45.27 -1.42 -18.21
N3A FAD F . -43.99 -1.83 -18.29
C4A FAD F . -43.36 -2.22 -17.15
N1 FAD F . -37.67 -14.82 -15.21
C2 FAD F . -38.40 -15.93 -15.39
O2 FAD F . -39.49 -15.86 -16.04
N3 FAD F . -38.03 -17.10 -14.89
C4 FAD F . -36.94 -17.29 -14.14
O4 FAD F . -36.62 -18.44 -13.72
C4X FAD F . -36.08 -16.14 -13.90
N5 FAD F . -34.93 -16.21 -13.20
C5X FAD F . -34.20 -15.10 -13.02
C6 FAD F . -33.04 -15.19 -12.31
C7 FAD F . -32.23 -14.10 -12.11
C7M FAD F . -30.96 -14.29 -11.31
C8 FAD F . -32.64 -12.80 -12.65
C8M FAD F . -31.80 -11.57 -12.45
C9 FAD F . -33.81 -12.70 -13.37
C9A FAD F . -34.62 -13.81 -13.58
N10 FAD F . -35.81 -13.75 -14.34
C10 FAD F . -36.54 -14.89 -14.50
C1' FAD F . -36.32 -12.50 -14.90
C2' FAD F . -37.07 -11.77 -13.76
O2' FAD F . -38.29 -12.44 -13.33
C3' FAD F . -37.58 -10.50 -14.33
O3' FAD F . -36.27 -9.89 -14.49
C4' FAD F . -38.52 -9.71 -13.41
O4' FAD F . -39.85 -10.23 -13.19
C5' FAD F . -38.65 -8.34 -13.99
O5' FAD F . -39.30 -7.52 -13.04
P FAD F . -38.57 -6.18 -12.56
O1P FAD F . -39.57 -5.48 -11.67
O2P FAD F . -37.16 -6.50 -12.11
O3P FAD F . -38.44 -5.54 -14.04
FE1 FES G . 21.00 14.87 3.79
FE2 FES G . 21.73 17.04 2.38
S1 FES G . 22.21 14.96 1.88
S2 FES G . 20.37 17.03 4.18
FE1 FES H . 10.67 25.89 2.43
FE2 FES H . 12.42 24.97 4.40
S1 FES H . 12.55 26.83 3.08
S2 FES H . 10.56 23.95 3.54
CA CA I . 16.58 10.95 28.31
PA FAD J . 4.64 40.22 3.20
O1A FAD J . 4.98 39.08 4.13
O2A FAD J . 3.89 39.99 1.95
O5B FAD J . 3.99 41.42 4.05
C5B FAD J . 4.69 41.89 5.21
C4B FAD J . 4.00 43.08 5.85
O4B FAD J . 4.13 44.35 5.12
C3B FAD J . 2.53 42.76 5.97
O3B FAD J . 1.95 43.33 7.17
C2B FAD J . 1.96 43.48 4.75
O2B FAD J . 0.58 43.80 4.91
C1B FAD J . 2.80 44.73 4.71
N9A FAD J . 2.99 45.36 3.40
C8A FAD J . 3.59 44.85 2.34
N7A FAD J . 3.64 45.80 1.30
C5A FAD J . 3.05 46.90 1.77
C6A FAD J . 2.87 48.24 1.27
N6A FAD J . 3.24 48.50 0.03
N1A FAD J . 2.23 49.14 2.03
C2A FAD J . 1.88 48.81 3.27
N3A FAD J . 2.05 47.60 3.86
C4A FAD J . 2.62 46.64 3.13
N1 FAD J . 14.53 40.52 7.31
C2 FAD J . 15.68 41.19 7.64
O2 FAD J . 15.62 42.41 7.94
N3 FAD J . 16.90 40.61 7.72
C4 FAD J . 17.10 39.33 7.45
O4 FAD J . 18.25 38.83 7.55
C4X FAD J . 15.92 38.53 7.04
N5 FAD J . 16.05 37.22 6.74
C5X FAD J . 15.02 36.46 6.43
C6 FAD J . 15.17 35.11 6.18
C7 FAD J . 14.06 34.33 5.77
C7M FAD J . 14.25 32.84 5.51
C8 FAD J . 12.75 34.95 5.66
C8M FAD J . 11.55 34.15 5.31
C9 FAD J . 12.59 36.28 5.97
C9A FAD J . 13.67 37.10 6.33
N10 FAD J . 13.55 38.51 6.59
C10 FAD J . 14.64 39.23 6.95
C1' FAD J . 12.26 39.17 6.53
C2' FAD J . 12.02 39.56 5.06
O2' FAD J . 12.79 40.71 4.54
C3' FAD J . 10.68 40.17 5.08
O3' FAD J . 9.91 39.03 5.50
C4' FAD J . 10.26 40.69 3.73
O4' FAD J . 10.99 41.85 3.33
C5' FAD J . 8.78 40.99 3.83
O5' FAD J . 8.37 41.38 2.52
P FAD J . 7.20 40.59 1.85
O1P FAD J . 6.89 41.22 0.51
O2P FAD J . 7.55 39.15 1.91
O3P FAD J . 6.04 41.00 2.88
#